data_7B1S
#
_entry.id   7B1S
#
_cell.length_a   83.736
_cell.length_b   146.927
_cell.length_c   113.128
_cell.angle_alpha   90.000
_cell.angle_beta   106.980
_cell.angle_gamma   90.000
#
_symmetry.space_group_name_H-M   'P 1 21 1'
#
loop_
_entity.id
_entity.type
_entity.pdbx_description
1 polymer 'Ethyl-Coenzyme M reductase alpha subunit'
2 polymer 'Ethyl-Coenzyme M reductase beta subunit'
3 polymer 'Ethyl-Coenzyme M reductase gamma subunit'
4 non-polymer GLYCEROL
5 non-polymer 'Coenzyme B'
6 non-polymer 'MANGANESE (II) ION'
7 non-polymer 'POTASSIUM ION'
8 non-polymer 'CHLORIDE ION'
9 non-polymer 2-AMINO-2-HYDROXYMETHYL-PROPANE-1,3-DIOL
10 non-polymer 'Dimethylated-F430 cofactor'
11 non-polymer '1-THIOETHANESULFONIC ACID'
12 non-polymer (2S)-2-{[(2S)-2-{[(2S)-2-hydroxypropyl]oxy}propyl]oxy}propan-1-ol
13 water water
#
loop_
_entity_poly.entity_id
_entity_poly.type
_entity_poly.pdbx_seq_one_letter_code
_entity_poly.pdbx_strand_id
1 'polypeptide(L)'
;MVKYPKQLFLESKNSKMNSIEMKYGQDPAINRAEFHVYGGVRQSKRKSEAWEAAKRITKERGIPNYNPDLHLKGAQMGQK
VLQTYRITGLDREWAGGEDTPAHKGWKPGTDIAGLEMDDLNYENNPAMQQCYDDMRRTAINGLSIAHETIERRFGKEVTP
ETINLYFEMLNHNIGAGAIMMEHTAETNPELVKDSYAKCFTGNDELADALDQRFLIDINKMFPKYQADQIKAEVGDRIFQ
VARIPTMAVRTSDGGLSRAWVGQQASLAFLCAYDIPAGDAVTSDFVFTIK(MHS)GDVVFMGTQLPYR(AGM)AQRNNSA
GGIALGYYSDCNQTSRTPEALEGLDGGIDPVKVIVEALTPG(SMC)VITDQGWLHNYLAGGSSGWSNY(I2M)ISVYTDE
VLEDYGYHGAIYAMDKWKCGVGEVPNTYENMMTIAEEVSRWSQKNYDEYPGLMEAHFGGS(MGN)RYSIQAAASGAAVGA
MTGDPDLGNAAWHYNTPLCKEHYLRLGFY(GL3)(HIC)DLQDQQNMGHTYSYRSDQGIPYELKGPNYPDFAMNVGHMGG
YIGIIAGAAHARGAAYSTNPIIKAAFADPNLQFDFRYPRREFGIGGLRQFMPAGERDAVIPPH
;
A,D
2 'polypeptide(L)'
;MAYLTEKIDLYGDNGKVLESDIPLEAVTPVQNPAVRELASIFKRSVAVNLGGAQKALSTGHYANEYIHFPDIPNKDKLGI
KSSPGGKYPPKSVKVRTMDLPLVDDADDIAARLKERLQVNPDDGTEVRVMKKGNVLYVKISEQLANTGVEYTTALTTTAQ
AMTDLVMEKYDLDFHASPLVHCAFYGRYPQTYEFMGGNVISLLAASCANEGPGFAMRNIMANHIVAATRKRTLEAVALSS
TLEAIGHVEMGDAIGRWRRWQALVHACQGLNANNVVYDLVKEAGHGCTGDVVAATVGRALEDGIISVKKTLPSGYKFYTA
NDPSMWNAYVCAGLVAAVIVNQGAARAAQGVSSTLLYFNDLIEHETGLPHAGYGDGMGNGVSFSFFSHAIYGGGSPGIFS
GNHIVTRHSKGFAIPVIAAAVSLDSGTAVYGPEATSGLVGDIFGEVDLIRRPMEAIASAAAEIKDKF
;
B,E
3 'polypeptide(L)'
;MVYQRQFLPADDRVTKNRKKVVDPSVKLEKIRTLSDKDFLTLIGHRHLGEAYRSVNPPLAEIGEPEDPIRELVPPTEGAK
AGDRVCTIIMTDSVYNPPIAHYTRAWMYHNRFRGIDNGVYSGRVTLEMRERDLEEACRTLFETEICDASRDQVRQYTCTG
HSCRLDPDGMMFDPIERCIMSGGNVVYQKDSFGNPVDTPINMGKPLSEEELIERTVVYRTDRGEPMTREGDPGAPDEEVR
EALQWSRRIQWLRMLGNMVPDKIKGM
;
C,F
#
# COMPACT_ATOMS: atom_id res chain seq x y z
N PRO A 5 13.89 -48.75 16.96
CA PRO A 5 12.70 -47.93 16.66
C PRO A 5 12.72 -47.44 15.21
N LYS A 6 11.72 -47.86 14.47
CA LYS A 6 11.57 -47.50 13.03
C LYS A 6 11.39 -45.97 12.86
N GLN A 7 11.82 -45.44 11.72
CA GLN A 7 11.56 -44.05 11.38
C GLN A 7 10.07 -43.76 11.46
N LEU A 8 9.73 -42.53 11.87
CA LEU A 8 8.32 -42.19 12.06
C LEU A 8 7.54 -42.24 10.76
N PHE A 9 8.19 -42.02 9.61
CA PHE A 9 7.50 -42.06 8.32
C PHE A 9 7.20 -43.48 7.85
N LEU A 10 7.79 -44.48 8.50
CA LEU A 10 7.44 -45.87 8.26
C LEU A 10 6.55 -46.45 9.35
N GLU A 11 6.51 -45.83 10.53
CA GLU A 11 5.70 -46.35 11.62
C GLU A 11 5.39 -45.18 12.55
N SER A 12 4.19 -44.64 12.46
CA SER A 12 3.79 -43.60 13.39
C SER A 12 3.82 -44.17 14.81
N LYS A 13 4.09 -43.31 15.79
CA LYS A 13 4.49 -43.81 17.11
C LYS A 13 3.41 -44.62 17.78
N ASN A 14 2.15 -44.18 17.69
CA ASN A 14 1.05 -44.83 18.38
C ASN A 14 0.14 -45.63 17.48
N SER A 15 -0.25 -45.08 16.32
CA SER A 15 -1.16 -45.80 15.43
C SER A 15 -0.43 -46.78 14.53
N LYS A 16 0.90 -46.69 14.47
CA LYS A 16 1.74 -47.66 13.71
C LYS A 16 1.44 -47.64 12.20
N MET A 17 0.95 -46.52 11.69
CA MET A 17 0.72 -46.39 10.25
C MET A 17 2.04 -46.17 9.53
N ASN A 18 2.14 -46.72 8.33
CA ASN A 18 3.31 -46.55 7.48
C ASN A 18 2.93 -45.51 6.43
N SER A 19 3.27 -44.26 6.68
CA SER A 19 2.76 -43.17 5.86
C SER A 19 3.26 -43.25 4.43
N ILE A 20 4.48 -43.73 4.21
CA ILE A 20 5.00 -43.79 2.85
C ILE A 20 4.45 -45.02 2.12
N GLU A 21 4.42 -46.16 2.79
N GLU A 21 4.42 -46.16 2.79
CA GLU A 21 3.93 -47.40 2.12
CA GLU A 21 3.94 -47.40 2.13
C GLU A 21 2.46 -47.26 1.74
C GLU A 21 2.48 -47.21 1.71
N MET A 22 1.69 -46.51 2.54
N MET A 22 1.71 -46.48 2.52
CA MET A 22 0.23 -46.30 2.30
CA MET A 22 0.25 -46.35 2.27
C MET A 22 -0.01 -45.59 0.96
C MET A 22 0.00 -45.62 0.94
N LYS A 23 0.98 -44.84 0.46
CA LYS A 23 0.79 -44.16 -0.80
C LYS A 23 0.79 -45.11 -1.97
N TYR A 24 1.42 -46.27 -1.83
CA TYR A 24 1.74 -47.11 -2.97
C TYR A 24 1.21 -48.54 -2.85
N GLY A 25 1.02 -49.04 -1.64
CA GLY A 25 0.77 -50.46 -1.49
C GLY A 25 1.96 -51.31 -1.87
N GLN A 26 3.16 -50.75 -1.77
CA GLN A 26 4.41 -51.42 -2.10
C GLN A 26 5.47 -50.94 -1.13
N ASP A 27 6.42 -51.82 -0.83
CA ASP A 27 7.54 -51.52 0.05
C ASP A 27 8.27 -50.28 -0.48
N PRO A 28 8.36 -49.20 0.29
CA PRO A 28 9.01 -47.98 -0.22
C PRO A 28 10.52 -48.09 -0.37
N ALA A 29 11.14 -49.20 0.06
CA ALA A 29 12.55 -49.41 -0.20
C ALA A 29 12.83 -49.90 -1.62
N ILE A 30 11.81 -50.31 -2.37
CA ILE A 30 11.99 -50.91 -3.68
C ILE A 30 12.05 -49.82 -4.76
N ASN A 31 13.11 -49.85 -5.56
CA ASN A 31 13.25 -48.90 -6.66
C ASN A 31 12.66 -49.45 -7.94
N ARG A 32 11.33 -49.51 -7.95
CA ARG A 32 10.61 -50.00 -9.11
C ARG A 32 9.19 -49.49 -9.04
N ALA A 33 8.67 -49.03 -10.17
CA ALA A 33 7.27 -48.66 -10.27
C ALA A 33 6.82 -48.85 -11.71
N GLU A 34 5.53 -49.14 -11.86
CA GLU A 34 4.89 -49.07 -13.16
C GLU A 34 4.31 -47.68 -13.36
N PHE A 35 4.36 -47.22 -14.60
CA PHE A 35 3.83 -45.90 -14.94
C PHE A 35 2.83 -46.05 -16.07
N HIS A 36 1.97 -45.04 -16.22
CA HIS A 36 0.98 -44.97 -17.29
C HIS A 36 -0.12 -46.02 -17.15
N VAL A 37 -0.37 -46.50 -15.93
CA VAL A 37 -1.32 -47.58 -15.67
C VAL A 37 -2.39 -47.19 -14.67
N TYR A 38 -2.53 -45.90 -14.35
CA TYR A 38 -3.41 -45.46 -13.28
C TYR A 38 -4.70 -44.81 -13.79
N GLY A 39 -4.89 -44.72 -15.10
CA GLY A 39 -6.06 -44.05 -15.63
C GLY A 39 -6.00 -42.54 -15.56
N GLY A 40 -4.82 -41.93 -15.47
CA GLY A 40 -4.72 -40.49 -15.46
C GLY A 40 -5.38 -39.92 -14.23
N VAL A 41 -6.25 -38.93 -14.44
CA VAL A 41 -6.89 -38.29 -13.29
C VAL A 41 -7.98 -39.14 -12.69
N ARG A 42 -8.36 -40.24 -13.35
CA ARG A 42 -9.43 -41.04 -12.79
CA ARG A 42 -9.41 -41.10 -12.82
C ARG A 42 -9.01 -41.71 -11.49
N GLN A 43 -7.72 -41.79 -11.19
CA GLN A 43 -7.28 -42.30 -9.91
C GLN A 43 -7.60 -41.35 -8.76
N SER A 44 -7.95 -40.09 -9.05
CA SER A 44 -8.22 -39.07 -8.05
C SER A 44 -9.71 -38.85 -7.90
N LYS A 45 -10.20 -38.98 -6.66
N LYS A 45 -10.20 -38.98 -6.66
CA LYS A 45 -11.64 -38.71 -6.41
CA LYS A 45 -11.64 -38.71 -6.41
C LYS A 45 -11.95 -37.22 -6.64
C LYS A 45 -11.94 -37.22 -6.65
N ARG A 46 -11.07 -36.33 -6.17
CA ARG A 46 -11.36 -34.92 -6.30
C ARG A 46 -11.29 -34.46 -7.75
N LYS A 47 -10.28 -34.91 -8.49
CA LYS A 47 -10.16 -34.46 -9.87
C LYS A 47 -11.24 -35.08 -10.75
N SER A 48 -11.64 -36.31 -10.47
CA SER A 48 -12.72 -36.91 -11.22
C SER A 48 -14.05 -36.21 -10.94
N GLU A 49 -14.33 -35.90 -9.67
CA GLU A 49 -15.54 -35.15 -9.33
C GLU A 49 -15.49 -33.77 -9.97
N ALA A 50 -14.30 -33.16 -9.99
CA ALA A 50 -14.13 -31.83 -10.57
C ALA A 50 -14.47 -31.85 -12.05
N TRP A 51 -14.08 -32.91 -12.76
CA TRP A 51 -14.36 -32.96 -14.19
C TRP A 51 -15.86 -33.04 -14.44
N GLU A 52 -16.58 -33.83 -13.64
CA GLU A 52 -18.01 -33.91 -13.78
C GLU A 52 -18.68 -32.56 -13.48
N ALA A 53 -18.25 -31.90 -12.41
CA ALA A 53 -18.81 -30.59 -12.08
C ALA A 53 -18.54 -29.59 -13.19
N ALA A 54 -17.33 -29.64 -13.75
CA ALA A 54 -16.94 -28.70 -14.79
C ALA A 54 -17.84 -28.80 -15.99
N LYS A 55 -18.27 -30.01 -16.34
CA LYS A 55 -19.15 -30.16 -17.49
C LYS A 55 -20.48 -29.45 -17.25
N ARG A 56 -21.00 -29.53 -16.03
CA ARG A 56 -22.23 -28.82 -15.71
C ARG A 56 -22.02 -27.32 -15.76
N ILE A 57 -20.89 -26.84 -15.21
CA ILE A 57 -20.58 -25.42 -15.21
C ILE A 57 -20.50 -24.89 -16.64
N THR A 58 -19.82 -25.62 -17.52
CA THR A 58 -19.72 -25.20 -18.91
C THR A 58 -21.10 -25.06 -19.55
N LYS A 59 -21.96 -26.03 -19.30
CA LYS A 59 -23.32 -26.01 -19.83
C LYS A 59 -24.07 -24.79 -19.34
N GLU A 60 -23.98 -24.52 -18.04
N GLU A 60 -23.98 -24.54 -18.03
CA GLU A 60 -24.72 -23.39 -17.42
CA GLU A 60 -24.69 -23.42 -17.35
C GLU A 60 -24.22 -22.00 -17.85
C GLU A 60 -24.22 -22.01 -17.77
N ARG A 61 -22.91 -21.82 -17.99
CA ARG A 61 -22.38 -20.47 -18.20
C ARG A 61 -21.97 -20.21 -19.65
N GLY A 62 -21.85 -21.24 -20.48
CA GLY A 62 -21.50 -21.06 -21.88
C GLY A 62 -20.04 -20.85 -22.19
N ILE A 63 -19.16 -21.19 -21.25
CA ILE A 63 -17.71 -21.05 -21.44
C ILE A 63 -17.09 -22.29 -20.82
N PRO A 64 -16.21 -22.99 -21.51
CA PRO A 64 -15.57 -24.17 -20.92
C PRO A 64 -14.67 -23.75 -19.78
N ASN A 65 -14.38 -24.72 -18.91
CA ASN A 65 -13.53 -24.50 -17.76
C ASN A 65 -12.60 -25.71 -17.59
N TYR A 66 -12.61 -26.35 -16.44
CA TYR A 66 -11.71 -27.46 -16.18
C TYR A 66 -11.90 -28.58 -17.19
N ASN A 67 -10.80 -29.02 -17.78
CA ASN A 67 -10.80 -30.07 -18.80
C ASN A 67 -9.46 -30.79 -18.78
N PRO A 68 -9.33 -31.85 -17.99
CA PRO A 68 -8.07 -32.61 -17.91
C PRO A 68 -7.50 -33.08 -19.24
N ASP A 69 -8.32 -33.22 -20.27
CA ASP A 69 -7.80 -33.66 -21.57
C ASP A 69 -7.03 -32.57 -22.31
N LEU A 70 -6.94 -31.36 -21.77
CA LEU A 70 -6.03 -30.37 -22.34
C LEU A 70 -4.59 -30.60 -21.97
N HIS A 71 -4.30 -31.51 -21.02
CA HIS A 71 -2.93 -31.68 -20.55
C HIS A 71 -2.02 -32.03 -21.73
N LEU A 72 -0.81 -31.47 -21.69
N LEU A 72 -0.82 -31.47 -21.69
CA LEU A 72 0.07 -31.41 -22.89
CA LEU A 72 0.06 -31.42 -22.89
C LEU A 72 0.34 -32.74 -23.58
C LEU A 72 0.32 -32.75 -23.58
N LYS A 73 0.20 -32.71 -24.91
CA LYS A 73 0.64 -33.81 -25.78
CA LYS A 73 0.65 -33.80 -25.78
C LYS A 73 -0.06 -35.12 -25.45
N GLY A 74 -1.33 -35.03 -25.08
CA GLY A 74 -2.16 -36.20 -24.89
C GLY A 74 -1.88 -36.98 -23.63
N ALA A 75 -1.08 -36.46 -22.71
CA ALA A 75 -0.76 -37.14 -21.46
C ALA A 75 -1.56 -36.45 -20.35
N GLN A 76 -2.64 -37.09 -19.91
CA GLN A 76 -3.35 -36.57 -18.75
C GLN A 76 -2.41 -36.55 -17.55
N MET A 77 -2.67 -35.64 -16.62
CA MET A 77 -2.03 -35.75 -15.32
C MET A 77 -2.35 -37.12 -14.74
N GLY A 78 -1.43 -37.64 -13.93
CA GLY A 78 -1.62 -38.94 -13.33
C GLY A 78 -1.02 -40.08 -14.10
N GLN A 79 0.09 -39.84 -14.81
CA GLN A 79 0.86 -40.92 -15.38
C GLN A 79 1.69 -41.66 -14.32
N LYS A 80 1.86 -41.04 -13.16
CA LYS A 80 2.41 -41.70 -11.96
C LYS A 80 1.31 -41.65 -10.90
N VAL A 81 1.57 -42.27 -9.76
CA VAL A 81 0.64 -42.18 -8.64
C VAL A 81 0.50 -40.74 -8.21
N LEU A 82 -0.74 -40.28 -8.09
CA LEU A 82 -1.10 -39.01 -7.47
C LEU A 82 -1.33 -39.34 -6.00
N GLN A 83 -0.32 -39.09 -5.17
CA GLN A 83 -0.29 -39.66 -3.82
C GLN A 83 -1.30 -39.00 -2.90
N THR A 84 -1.73 -39.77 -1.91
CA THR A 84 -2.45 -39.21 -0.78
C THR A 84 -1.49 -38.96 0.36
N TYR A 85 -1.99 -38.26 1.38
CA TYR A 85 -1.19 -37.75 2.48
C TYR A 85 -1.85 -38.03 3.83
N ARG A 86 -1.00 -38.20 4.84
CA ARG A 86 -1.42 -38.36 6.24
C ARG A 86 -0.85 -37.19 7.04
N ILE A 87 -1.72 -36.53 7.82
CA ILE A 87 -1.24 -35.42 8.66
C ILE A 87 -0.28 -35.96 9.71
N THR A 88 0.89 -35.34 9.83
CA THR A 88 1.87 -35.79 10.81
C THR A 88 1.35 -35.64 12.24
N GLY A 89 1.59 -36.67 13.04
CA GLY A 89 1.61 -36.53 14.48
C GLY A 89 0.28 -36.56 15.20
N LEU A 90 -0.83 -36.70 14.48
CA LEU A 90 -2.12 -36.63 15.12
C LEU A 90 -2.35 -37.78 16.09
N ASP A 91 -1.68 -38.91 15.88
CA ASP A 91 -1.80 -40.05 16.78
C ASP A 91 -1.07 -39.83 18.09
N ARG A 92 -0.27 -38.77 18.21
CA ARG A 92 0.46 -38.45 19.42
C ARG A 92 -0.15 -37.30 20.21
N GLU A 93 -1.29 -36.79 19.80
CA GLU A 93 -2.01 -35.78 20.56
C GLU A 93 -2.93 -36.45 21.56
N TRP A 94 -3.11 -35.81 22.72
CA TRP A 94 -4.03 -36.30 23.72
C TRP A 94 -4.93 -35.22 24.29
N ALA A 95 -4.73 -33.95 23.93
CA ALA A 95 -5.53 -32.86 24.48
C ALA A 95 -6.16 -32.07 23.33
N GLY A 96 -6.90 -31.03 23.70
CA GLY A 96 -7.54 -30.20 22.70
C GLY A 96 -8.84 -30.73 22.14
N GLY A 97 -9.60 -31.48 22.92
CA GLY A 97 -10.83 -32.08 22.48
C GLY A 97 -12.07 -31.23 22.62
N GLU A 98 -11.92 -29.94 22.90
CA GLU A 98 -13.06 -29.06 23.10
C GLU A 98 -13.77 -28.76 21.78
N ASP A 99 -15.10 -28.59 21.84
CA ASP A 99 -15.80 -28.04 20.70
C ASP A 99 -15.20 -26.67 20.36
N THR A 100 -15.12 -26.35 19.07
CA THR A 100 -14.65 -25.04 18.66
C THR A 100 -15.73 -24.37 17.83
N PRO A 101 -15.56 -23.09 17.48
CA PRO A 101 -16.57 -22.44 16.62
C PRO A 101 -16.67 -23.05 15.24
N ALA A 102 -15.64 -23.76 14.80
CA ALA A 102 -15.59 -24.30 13.44
C ALA A 102 -15.94 -25.77 13.36
N HIS A 103 -15.91 -26.50 14.46
CA HIS A 103 -16.18 -27.94 14.41
C HIS A 103 -16.41 -28.47 15.81
N LYS A 104 -17.14 -29.58 15.85
N LYS A 104 -17.14 -29.58 15.86
CA LYS A 104 -17.32 -30.32 17.12
CA LYS A 104 -17.33 -30.31 17.12
C LYS A 104 -15.95 -30.87 17.53
C LYS A 104 -15.94 -30.81 17.54
N GLY A 105 -15.77 -31.05 18.83
CA GLY A 105 -14.48 -31.45 19.37
C GLY A 105 -13.83 -32.60 18.62
N TRP A 106 -12.57 -32.43 18.26
CA TRP A 106 -11.77 -33.52 17.72
C TRP A 106 -11.50 -34.53 18.84
N LYS A 107 -11.47 -35.81 18.49
N LYS A 107 -11.46 -35.82 18.49
CA LYS A 107 -11.10 -36.83 19.51
CA LYS A 107 -11.10 -36.83 19.51
C LYS A 107 -9.57 -36.92 19.44
C LYS A 107 -9.57 -36.94 19.44
N PRO A 108 -8.83 -36.38 20.42
CA PRO A 108 -7.37 -36.35 20.31
C PRO A 108 -6.80 -37.75 20.14
N GLY A 109 -5.85 -37.86 19.22
CA GLY A 109 -5.22 -39.12 18.88
C GLY A 109 -5.72 -39.73 17.60
N THR A 110 -6.77 -39.16 17.02
CA THR A 110 -7.35 -39.68 15.78
C THR A 110 -6.53 -39.20 14.59
N ASP A 111 -6.17 -40.11 13.71
CA ASP A 111 -5.41 -39.80 12.51
C ASP A 111 -6.32 -39.20 11.42
N ILE A 112 -5.68 -38.47 10.51
CA ILE A 112 -6.30 -38.03 9.26
C ILE A 112 -5.36 -38.46 8.15
N ALA A 113 -5.74 -39.51 7.44
CA ALA A 113 -4.92 -40.11 6.39
C ALA A 113 -5.75 -40.20 5.12
N GLY A 114 -5.07 -40.42 4.01
CA GLY A 114 -5.74 -40.51 2.73
C GLY A 114 -6.24 -39.22 2.15
N LEU A 115 -5.76 -38.07 2.63
CA LEU A 115 -6.13 -36.80 2.01
C LEU A 115 -5.50 -36.69 0.63
N GLU A 116 -6.28 -36.15 -0.31
N GLU A 116 -6.28 -36.14 -0.30
CA GLU A 116 -5.70 -35.86 -1.64
CA GLU A 116 -5.71 -35.85 -1.64
C GLU A 116 -5.04 -34.48 -1.62
C GLU A 116 -5.04 -34.48 -1.63
N MET A 117 -4.14 -34.27 -2.57
CA MET A 117 -3.44 -32.99 -2.67
C MET A 117 -4.43 -31.84 -2.73
N ASP A 118 -5.55 -32.01 -3.42
CA ASP A 118 -6.49 -30.90 -3.59
C ASP A 118 -7.20 -30.56 -2.29
N ASP A 119 -7.28 -31.49 -1.34
CA ASP A 119 -7.87 -31.20 -0.04
C ASP A 119 -7.00 -30.28 0.80
N LEU A 120 -5.72 -30.16 0.46
CA LEU A 120 -4.76 -29.34 1.18
C LEU A 120 -4.28 -28.17 0.32
N ASN A 121 -5.07 -27.80 -0.67
CA ASN A 121 -4.88 -26.58 -1.43
C ASN A 121 -5.57 -25.43 -0.69
N TYR A 122 -4.82 -24.36 -0.43
CA TYR A 122 -5.38 -23.15 0.21
C TYR A 122 -6.68 -22.71 -0.44
N GLU A 123 -6.79 -22.81 -1.77
CA GLU A 123 -8.02 -22.38 -2.42
C GLU A 123 -9.21 -23.23 -2.00
N ASN A 124 -8.99 -24.51 -1.72
CA ASN A 124 -10.05 -25.45 -1.40
C ASN A 124 -10.23 -25.67 0.09
N ASN A 125 -9.43 -25.04 0.95
CA ASN A 125 -9.35 -25.44 2.36
C ASN A 125 -9.69 -24.26 3.26
N PRO A 126 -10.93 -24.19 3.76
CA PRO A 126 -11.34 -23.04 4.57
C PRO A 126 -10.65 -22.94 5.91
N ALA A 127 -10.07 -24.02 6.44
CA ALA A 127 -9.31 -23.89 7.68
C ALA A 127 -8.07 -23.02 7.46
N MET A 128 -7.42 -23.18 6.30
CA MET A 128 -6.24 -22.38 5.99
C MET A 128 -6.62 -20.92 5.79
N GLN A 129 -7.68 -20.67 5.02
CA GLN A 129 -8.13 -19.30 4.82
C GLN A 129 -8.51 -18.65 6.14
N GLN A 130 -9.22 -19.39 6.99
CA GLN A 130 -9.67 -18.82 8.26
C GLN A 130 -8.52 -18.53 9.20
N CYS A 131 -7.48 -19.37 9.19
CA CYS A 131 -6.28 -19.09 9.96
C CYS A 131 -5.76 -17.68 9.63
N TYR A 132 -5.58 -17.37 8.35
CA TYR A 132 -5.13 -16.03 7.97
C TYR A 132 -6.17 -14.98 8.36
N ASP A 133 -7.45 -15.23 8.09
CA ASP A 133 -8.46 -14.22 8.40
C ASP A 133 -8.47 -13.89 9.88
N ASP A 134 -8.29 -14.89 10.76
CA ASP A 134 -8.26 -14.62 12.20
C ASP A 134 -7.07 -13.75 12.57
N MET A 135 -5.92 -13.97 11.94
CA MET A 135 -4.77 -13.11 12.18
C MET A 135 -5.09 -11.68 11.81
N ARG A 136 -5.60 -11.48 10.60
CA ARG A 136 -5.66 -10.14 10.05
C ARG A 136 -6.85 -9.32 10.53
N ARG A 137 -7.90 -9.97 11.04
CA ARG A 137 -9.05 -9.27 11.59
C ARG A 137 -8.87 -8.90 13.06
N THR A 138 -7.68 -9.16 13.63
CA THR A 138 -7.38 -8.87 15.02
C THR A 138 -6.79 -7.46 15.18
N ALA A 139 -7.31 -6.73 16.16
CA ALA A 139 -6.80 -5.43 16.56
C ALA A 139 -6.52 -5.48 18.06
N ILE A 140 -5.35 -4.99 18.46
CA ILE A 140 -4.86 -5.07 19.83
C ILE A 140 -4.46 -3.68 20.29
N ASN A 141 -4.89 -3.29 21.49
CA ASN A 141 -4.60 -1.96 21.99
C ASN A 141 -4.43 -1.96 23.49
N GLY A 142 -3.54 -1.11 23.98
CA GLY A 142 -3.60 -0.72 25.38
C GLY A 142 -4.74 0.28 25.57
N LEU A 143 -5.45 0.15 26.70
CA LEU A 143 -6.53 1.08 27.01
C LEU A 143 -6.14 2.18 27.99
N SER A 144 -4.89 2.17 28.48
N SER A 144 -4.90 2.18 28.47
CA SER A 144 -4.53 3.13 29.55
CA SER A 144 -4.52 3.13 29.55
C SER A 144 -4.76 4.59 29.14
C SER A 144 -4.75 4.59 29.14
N ILE A 145 -4.40 4.96 27.91
CA ILE A 145 -4.57 6.38 27.49
C ILE A 145 -6.04 6.77 27.37
N ALA A 146 -6.86 5.87 26.86
CA ALA A 146 -8.29 6.17 26.77
C ALA A 146 -8.87 6.38 28.16
N HIS A 147 -8.47 5.54 29.12
CA HIS A 147 -8.96 5.70 30.47
C HIS A 147 -8.42 6.98 31.10
N GLU A 148 -7.15 7.32 30.82
CA GLU A 148 -6.57 8.55 31.34
C GLU A 148 -7.31 9.78 30.82
N THR A 149 -7.61 9.78 29.52
N THR A 149 -7.64 9.76 29.52
CA THR A 149 -8.33 10.94 28.96
CA THR A 149 -8.37 10.89 28.86
C THR A 149 -9.74 11.07 29.58
C THR A 149 -9.74 11.05 29.53
N ILE A 150 -10.43 9.94 29.80
CA ILE A 150 -11.74 10.00 30.44
C ILE A 150 -11.63 10.58 31.84
N GLU A 151 -10.63 10.13 32.60
CA GLU A 151 -10.52 10.58 33.99
C GLU A 151 -10.10 12.05 34.07
N ARG A 152 -9.17 12.49 33.22
CA ARG A 152 -8.65 13.85 33.35
C ARG A 152 -9.36 14.87 32.47
N ARG A 153 -9.51 14.60 31.17
CA ARG A 153 -10.11 15.60 30.29
C ARG A 153 -11.62 15.66 30.49
N PHE A 154 -12.27 14.49 30.56
CA PHE A 154 -13.71 14.46 30.66
C PHE A 154 -14.17 14.58 32.10
N GLY A 155 -13.48 13.92 33.03
CA GLY A 155 -13.74 14.03 34.44
C GLY A 155 -14.64 12.94 35.01
N LYS A 156 -14.48 11.69 34.57
CA LYS A 156 -15.28 10.58 35.06
C LYS A 156 -14.38 9.42 35.45
N GLU A 157 -14.72 8.74 36.55
CA GLU A 157 -13.90 7.63 37.05
C GLU A 157 -14.12 6.36 36.24
N VAL A 158 -13.03 5.64 36.00
CA VAL A 158 -13.06 4.32 35.35
C VAL A 158 -12.97 3.26 36.43
N THR A 159 -13.91 2.31 36.40
CA THR A 159 -14.01 1.23 37.39
C THR A 159 -14.22 -0.09 36.69
N PRO A 160 -14.13 -1.21 37.40
CA PRO A 160 -14.48 -2.48 36.76
C PRO A 160 -15.89 -2.47 36.17
N GLU A 161 -16.83 -1.80 36.84
CA GLU A 161 -18.19 -1.74 36.35
C GLU A 161 -18.30 -0.95 35.05
N THR A 162 -17.59 0.19 34.93
CA THR A 162 -17.64 0.92 33.67
C THR A 162 -16.92 0.17 32.56
N ILE A 163 -15.84 -0.54 32.88
CA ILE A 163 -15.15 -1.37 31.89
C ILE A 163 -16.06 -2.50 31.40
N ASN A 164 -16.79 -3.13 32.32
CA ASN A 164 -17.73 -4.17 31.91
C ASN A 164 -18.80 -3.61 30.98
N LEU A 165 -19.33 -2.42 31.28
CA LEU A 165 -20.35 -1.84 30.41
C LEU A 165 -19.75 -1.52 29.05
N TYR A 166 -18.55 -0.94 29.06
CA TYR A 166 -17.83 -0.65 27.81
C TYR A 166 -17.71 -1.91 26.96
N PHE A 167 -17.28 -3.03 27.56
CA PHE A 167 -17.14 -4.26 26.79
C PHE A 167 -18.48 -4.85 26.34
N GLU A 168 -19.52 -4.72 27.15
N GLU A 168 -19.53 -4.71 27.16
CA GLU A 168 -20.85 -5.20 26.71
CA GLU A 168 -20.85 -5.20 26.72
C GLU A 168 -21.29 -4.38 25.50
C GLU A 168 -21.29 -4.38 25.50
N MET A 169 -21.06 -3.07 25.51
CA MET A 169 -21.43 -2.21 24.39
C MET A 169 -20.57 -2.48 23.16
N LEU A 170 -19.26 -2.68 23.35
CA LEU A 170 -18.39 -3.00 22.22
C LEU A 170 -18.76 -4.34 21.61
N ASN A 171 -19.20 -5.31 22.42
CA ASN A 171 -19.63 -6.57 21.84
C ASN A 171 -20.97 -6.47 21.12
N HIS A 172 -21.78 -5.48 21.47
CA HIS A 172 -23.00 -5.19 20.72
C HIS A 172 -22.69 -4.50 19.39
N ASN A 173 -21.77 -3.53 19.39
CA ASN A 173 -21.55 -2.72 18.19
C ASN A 173 -20.43 -3.21 17.28
N ILE A 174 -19.54 -4.10 17.72
CA ILE A 174 -18.38 -4.39 16.88
C ILE A 174 -18.81 -5.09 15.60
N GLY A 175 -19.82 -5.94 15.70
CA GLY A 175 -20.37 -6.61 14.54
C GLY A 175 -21.71 -6.06 14.11
N ALA A 176 -22.65 -5.93 15.04
CA ALA A 176 -24.07 -5.83 14.71
C ALA A 176 -24.73 -4.48 14.89
N GLY A 177 -24.57 -3.80 16.03
CA GLY A 177 -25.57 -2.87 16.49
C GLY A 177 -25.10 -1.43 16.66
N ALA A 178 -26.08 -0.58 16.98
CA ALA A 178 -25.94 0.83 17.30
C ALA A 178 -26.50 1.11 18.71
N ILE A 179 -26.02 2.18 19.33
CA ILE A 179 -26.32 2.49 20.73
C ILE A 179 -26.79 3.92 20.94
N MET A 180 -26.14 4.87 20.29
CA MET A 180 -26.36 6.30 20.55
CA MET A 180 -26.40 6.28 20.57
C MET A 180 -27.44 6.91 19.67
N MET A 181 -27.56 6.47 18.42
CA MET A 181 -28.35 7.17 17.43
C MET A 181 -29.69 6.54 17.11
N GLU A 182 -30.63 7.40 16.80
CA GLU A 182 -31.90 7.01 16.21
C GLU A 182 -31.67 6.62 14.74
N HIS A 183 -32.58 5.80 14.22
CA HIS A 183 -32.72 5.50 12.78
C HIS A 183 -31.39 5.18 12.10
N THR A 184 -30.74 4.14 12.61
CA THR A 184 -29.40 3.72 12.19
C THR A 184 -29.40 2.28 11.70
N ALA A 185 -28.81 2.07 10.53
CA ALA A 185 -28.71 0.73 9.98
C ALA A 185 -27.76 -0.12 10.81
N GLU A 186 -28.00 -1.41 10.77
CA GLU A 186 -27.29 -2.39 11.58
C GLU A 186 -27.01 -3.62 10.73
N THR A 187 -26.09 -4.47 11.19
CA THR A 187 -25.70 -5.67 10.45
C THR A 187 -26.40 -6.90 11.03
N ASN A 188 -26.80 -7.80 10.15
CA ASN A 188 -27.41 -9.06 10.55
C ASN A 188 -26.47 -9.81 11.48
N PRO A 189 -26.87 -10.11 12.73
CA PRO A 189 -25.95 -10.78 13.65
C PRO A 189 -25.39 -12.09 13.13
N GLU A 190 -26.14 -12.80 12.28
CA GLU A 190 -25.66 -14.09 11.80
CA GLU A 190 -25.68 -14.08 11.77
C GLU A 190 -24.41 -13.91 10.94
N LEU A 191 -24.27 -12.77 10.26
CA LEU A 191 -23.11 -12.53 9.41
C LEU A 191 -21.85 -12.19 10.19
N VAL A 192 -21.96 -11.86 11.48
CA VAL A 192 -20.86 -11.30 12.25
C VAL A 192 -20.70 -12.00 13.60
N LYS A 193 -21.21 -13.23 13.72
CA LYS A 193 -21.17 -13.95 14.99
C LYS A 193 -19.76 -14.32 15.42
N ASP A 194 -18.79 -14.21 14.53
CA ASP A 194 -17.37 -14.44 14.80
C ASP A 194 -16.66 -13.19 15.30
N SER A 195 -17.34 -12.05 15.37
CA SER A 195 -16.73 -10.79 15.76
C SER A 195 -17.09 -10.49 17.22
N TYR A 196 -16.11 -10.09 18.00
CA TYR A 196 -16.27 -9.87 19.44
C TYR A 196 -15.02 -9.15 19.94
N ALA A 197 -15.05 -8.77 21.23
CA ALA A 197 -13.92 -8.10 21.86
C ALA A 197 -13.74 -8.58 23.29
N LYS A 198 -12.48 -8.71 23.69
CA LYS A 198 -12.10 -9.14 25.02
C LYS A 198 -10.93 -8.28 25.50
N CYS A 199 -10.51 -8.51 26.75
CA CYS A 199 -9.32 -7.87 27.27
C CYS A 199 -8.54 -8.86 28.12
N PHE A 200 -7.31 -8.49 28.42
CA PHE A 200 -6.50 -9.21 29.39
C PHE A 200 -5.69 -8.21 30.21
N THR A 201 -5.21 -8.69 31.36
CA THR A 201 -4.47 -7.84 32.29
C THR A 201 -3.57 -8.73 33.14
N GLY A 202 -2.46 -8.17 33.58
CA GLY A 202 -1.62 -8.82 34.56
C GLY A 202 -2.05 -8.64 35.99
N ASN A 203 -3.07 -7.82 36.23
CA ASN A 203 -3.59 -7.51 37.57
C ASN A 203 -4.70 -8.52 37.86
N ASP A 204 -4.41 -9.52 38.71
CA ASP A 204 -5.36 -10.59 38.97
C ASP A 204 -6.61 -10.08 39.67
N GLU A 205 -6.49 -9.07 40.52
CA GLU A 205 -7.67 -8.52 41.19
CA GLU A 205 -7.67 -8.52 41.18
C GLU A 205 -8.61 -7.88 40.18
N LEU A 206 -8.07 -7.14 39.21
CA LEU A 206 -8.89 -6.57 38.15
C LEU A 206 -9.50 -7.67 37.29
N ALA A 207 -8.70 -8.67 36.90
CA ALA A 207 -9.23 -9.74 36.08
C ALA A 207 -10.42 -10.39 36.77
N ASP A 208 -10.33 -10.61 38.08
CA ASP A 208 -11.40 -11.28 38.82
C ASP A 208 -12.63 -10.39 39.01
N ALA A 209 -12.50 -9.09 38.84
CA ALA A 209 -13.64 -8.18 38.97
C ALA A 209 -14.41 -7.99 37.67
N LEU A 210 -13.87 -8.42 36.54
CA LEU A 210 -14.53 -8.24 35.27
C LEU A 210 -15.47 -9.42 34.96
N ASP A 211 -16.42 -9.15 34.09
CA ASP A 211 -17.29 -10.19 33.53
C ASP A 211 -16.41 -11.10 32.68
N GLN A 212 -16.34 -12.34 33.13
CA GLN A 212 -15.30 -13.23 32.46
CA GLN A 212 -15.38 -13.28 32.50
C GLN A 212 -15.56 -13.57 30.97
N ARG A 213 -16.82 -13.32 30.54
CA ARG A 213 -17.10 -13.49 29.12
C ARG A 213 -16.24 -12.57 28.28
N PHE A 214 -15.79 -11.46 28.85
CA PHE A 214 -14.99 -10.46 28.15
C PHE A 214 -13.50 -10.60 28.41
N LEU A 215 -13.06 -11.66 29.08
CA LEU A 215 -11.68 -11.80 29.54
C LEU A 215 -10.96 -12.91 28.80
N ILE A 216 -9.77 -12.61 28.29
CA ILE A 216 -8.78 -13.62 27.96
C ILE A 216 -8.03 -13.89 29.26
N ASP A 217 -8.19 -15.09 29.79
CA ASP A 217 -7.76 -15.41 31.13
C ASP A 217 -6.37 -16.05 31.05
N ILE A 218 -5.34 -15.24 31.33
CA ILE A 218 -3.97 -15.73 31.24
C ILE A 218 -3.72 -16.87 32.22
N ASN A 219 -4.27 -16.78 33.42
CA ASN A 219 -4.06 -17.82 34.41
C ASN A 219 -4.66 -19.14 33.97
N LYS A 220 -5.80 -19.09 33.29
CA LYS A 220 -6.45 -20.32 32.84
C LYS A 220 -5.78 -20.89 31.60
N MET A 221 -5.42 -20.03 30.66
N MET A 221 -5.45 -20.04 30.64
CA MET A 221 -4.92 -20.51 29.34
CA MET A 221 -4.94 -20.52 29.34
C MET A 221 -3.49 -21.06 29.38
C MET A 221 -3.50 -21.06 29.39
N PHE A 222 -2.68 -20.55 30.30
CA PHE A 222 -1.25 -20.86 30.29
C PHE A 222 -0.84 -21.63 31.53
N PRO A 223 0.18 -22.48 31.43
CA PRO A 223 0.74 -23.07 32.64
C PRO A 223 1.37 -21.99 33.49
N LYS A 224 1.54 -22.31 34.78
CA LYS A 224 1.95 -21.31 35.76
C LYS A 224 3.19 -20.54 35.32
N TYR A 225 4.24 -21.23 34.91
CA TYR A 225 5.48 -20.51 34.64
C TYR A 225 5.31 -19.55 33.47
N GLN A 226 4.50 -19.92 32.49
CA GLN A 226 4.26 -19.05 31.34
C GLN A 226 3.35 -17.90 31.71
N ALA A 227 2.30 -18.17 32.49
CA ALA A 227 1.45 -17.09 32.97
C ALA A 227 2.25 -16.07 33.76
N ASP A 228 3.15 -16.54 34.62
CA ASP A 228 3.99 -15.63 35.39
C ASP A 228 4.79 -14.71 34.47
N GLN A 229 5.43 -15.34 33.49
CA GLN A 229 6.18 -14.59 32.43
CA GLN A 229 6.21 -14.55 32.52
C GLN A 229 5.43 -13.46 31.68
N ILE A 230 4.22 -13.89 31.28
CA ILE A 230 3.38 -12.98 30.49
C ILE A 230 2.81 -11.89 31.37
N LYS A 231 2.32 -12.26 32.56
CA LYS A 231 1.77 -11.26 33.45
C LYS A 231 2.83 -10.25 33.90
N ALA A 232 4.09 -10.69 34.08
CA ALA A 232 5.14 -9.76 34.46
C ALA A 232 5.36 -8.69 33.39
N GLU A 233 5.22 -9.07 32.12
CA GLU A 233 5.36 -8.11 31.03
C GLU A 233 4.13 -7.23 30.89
N VAL A 234 2.93 -7.82 30.98
CA VAL A 234 1.72 -7.02 30.86
C VAL A 234 1.61 -6.04 32.02
N GLY A 235 1.89 -6.51 33.23
CA GLY A 235 1.80 -5.70 34.41
C GLY A 235 0.37 -5.26 34.71
N ASP A 236 0.31 -4.14 35.44
CA ASP A 236 -0.95 -3.56 35.88
CA ASP A 236 -0.95 -3.56 35.88
C ASP A 236 -1.50 -2.66 34.78
N ARG A 237 -1.79 -3.31 33.65
CA ARG A 237 -2.32 -2.67 32.45
C ARG A 237 -3.40 -3.56 31.87
N ILE A 238 -4.32 -2.93 31.14
CA ILE A 238 -5.35 -3.66 30.42
CA ILE A 238 -5.38 -3.63 30.41
C ILE A 238 -5.10 -3.50 28.93
N PHE A 239 -5.13 -4.63 28.23
CA PHE A 239 -5.05 -4.70 26.78
C PHE A 239 -6.35 -5.24 26.22
N GLN A 240 -6.83 -4.60 25.17
CA GLN A 240 -8.01 -5.04 24.44
C GLN A 240 -7.60 -5.83 23.22
N VAL A 241 -8.33 -6.93 22.97
CA VAL A 241 -8.16 -7.75 21.77
C VAL A 241 -9.53 -7.82 21.13
N ALA A 242 -9.65 -7.25 19.94
CA ALA A 242 -10.91 -7.17 19.23
C ALA A 242 -10.76 -7.91 17.92
N ARG A 243 -11.78 -8.68 17.55
N ARG A 243 -11.78 -8.68 17.55
CA ARG A 243 -11.74 -9.38 16.25
CA ARG A 243 -11.74 -9.38 16.25
C ARG A 243 -12.90 -8.84 15.43
C ARG A 243 -12.91 -8.82 15.44
N ILE A 244 -12.61 -8.18 14.32
CA ILE A 244 -13.67 -7.65 13.47
C ILE A 244 -14.23 -8.78 12.62
N PRO A 245 -15.36 -8.59 11.94
CA PRO A 245 -15.93 -9.69 11.18
C PRO A 245 -14.99 -10.23 10.10
N THR A 246 -14.92 -11.55 10.02
CA THR A 246 -14.24 -12.20 8.90
C THR A 246 -14.80 -11.71 7.56
N MET A 247 -16.12 -11.59 7.47
CA MET A 247 -16.72 -11.12 6.23
C MET A 247 -16.18 -9.75 5.86
N ALA A 248 -15.96 -8.88 6.85
CA ALA A 248 -15.50 -7.53 6.58
C ALA A 248 -14.10 -7.52 5.98
N VAL A 249 -13.14 -8.27 6.55
CA VAL A 249 -11.81 -8.26 5.94
C VAL A 249 -11.84 -8.87 4.55
N ARG A 250 -12.77 -9.80 4.28
CA ARG A 250 -12.89 -10.42 2.98
C ARG A 250 -13.49 -9.48 1.93
N THR A 251 -14.04 -8.33 2.35
CA THR A 251 -14.43 -7.26 1.42
C THR A 251 -13.33 -6.23 1.23
N SER A 252 -12.21 -6.38 1.94
CA SER A 252 -11.22 -5.31 1.97
CA SER A 252 -11.28 -5.32 2.18
C SER A 252 -9.87 -5.87 2.39
N ASP A 253 -9.28 -5.44 3.51
CA ASP A 253 -7.95 -5.87 3.91
C ASP A 253 -7.88 -5.89 5.43
N GLY A 254 -6.78 -6.44 5.95
CA GLY A 254 -6.58 -6.45 7.38
C GLY A 254 -6.34 -5.07 7.96
N GLY A 255 -5.96 -4.11 7.12
CA GLY A 255 -5.85 -2.74 7.57
C GLY A 255 -7.16 -2.15 8.03
N LEU A 256 -8.27 -2.75 7.64
CA LEU A 256 -9.57 -2.33 8.15
C LEU A 256 -9.64 -2.47 9.65
N SER A 257 -8.97 -3.47 10.21
CA SER A 257 -9.22 -3.84 11.60
C SER A 257 -8.97 -2.70 12.58
N ARG A 258 -7.82 -2.02 12.49
CA ARG A 258 -7.59 -0.94 13.46
C ARG A 258 -8.54 0.23 13.21
N ALA A 259 -8.89 0.49 11.96
CA ALA A 259 -9.84 1.56 11.66
C ALA A 259 -11.21 1.23 12.22
N TRP A 260 -11.68 0.01 11.99
CA TRP A 260 -13.01 -0.44 12.39
C TRP A 260 -13.14 -0.41 13.92
N VAL A 261 -12.15 -0.98 14.60
CA VAL A 261 -12.15 -0.94 16.06
C VAL A 261 -12.00 0.50 16.54
N GLY A 262 -11.28 1.35 15.80
CA GLY A 262 -11.24 2.76 16.15
C GLY A 262 -12.63 3.35 16.23
N GLN A 263 -13.47 3.07 15.22
CA GLN A 263 -14.83 3.59 15.24
C GLN A 263 -15.61 3.03 16.43
N GLN A 264 -15.59 1.71 16.56
CA GLN A 264 -16.54 1.05 17.45
C GLN A 264 -16.14 1.18 18.91
N ALA A 265 -14.84 1.11 19.19
CA ALA A 265 -14.36 1.37 20.54
C ALA A 265 -14.61 2.82 20.93
N SER A 266 -14.39 3.77 20.02
CA SER A 266 -14.70 5.16 20.34
C SER A 266 -16.17 5.30 20.74
N LEU A 267 -17.06 4.69 19.96
CA LEU A 267 -18.49 4.73 20.30
C LEU A 267 -18.78 4.08 21.65
N ALA A 268 -18.16 2.94 21.93
CA ALA A 268 -18.40 2.29 23.20
C ALA A 268 -17.93 3.16 24.36
N PHE A 269 -16.82 3.88 24.20
CA PHE A 269 -16.40 4.83 25.22
C PHE A 269 -17.43 5.94 25.39
N LEU A 270 -17.89 6.52 24.28
CA LEU A 270 -18.86 7.62 24.38
C LEU A 270 -20.11 7.15 25.12
N CYS A 271 -20.54 5.92 24.82
CA CYS A 271 -21.82 5.43 25.31
C CYS A 271 -21.71 4.88 26.73
N ALA A 272 -20.58 4.28 27.08
CA ALA A 272 -20.44 3.79 28.45
C ALA A 272 -20.19 4.90 29.45
N TYR A 273 -19.62 6.03 29.00
CA TYR A 273 -19.25 7.12 29.88
C TYR A 273 -20.09 8.37 29.69
N ASP A 274 -21.12 8.31 28.83
CA ASP A 274 -22.05 9.41 28.61
C ASP A 274 -21.34 10.70 28.20
N ILE A 275 -20.54 10.60 27.14
CA ILE A 275 -19.77 11.73 26.63
C ILE A 275 -20.58 12.43 25.54
N PRO A 276 -20.69 13.76 25.54
CA PRO A 276 -21.47 14.44 24.50
C PRO A 276 -20.95 14.15 23.11
N ALA A 277 -21.90 14.06 22.17
CA ALA A 277 -21.59 13.79 20.77
C ALA A 277 -20.88 14.98 20.14
N GLY A 278 -19.59 14.83 19.84
CA GLY A 278 -18.77 15.92 19.35
C GLY A 278 -17.83 16.53 20.35
N ASP A 279 -17.78 16.01 21.57
CA ASP A 279 -16.76 16.46 22.51
C ASP A 279 -15.38 16.18 21.95
N ALA A 280 -14.45 17.09 22.19
CA ALA A 280 -13.09 16.95 21.68
C ALA A 280 -12.39 15.68 22.15
N VAL A 281 -12.77 15.24 23.36
CA VAL A 281 -12.09 13.94 23.81
CA VAL A 281 -12.12 13.97 23.82
C VAL A 281 -12.24 12.70 22.85
N THR A 282 -13.29 12.79 22.02
CA THR A 282 -13.56 11.67 21.12
C THR A 282 -12.35 11.33 20.26
N SER A 283 -11.65 12.35 19.78
CA SER A 283 -10.54 12.12 18.86
C SER A 283 -9.38 11.40 19.53
N ASP A 284 -9.24 11.51 20.86
CA ASP A 284 -8.23 10.74 21.57
C ASP A 284 -8.50 9.25 21.49
N PHE A 285 -9.77 8.83 21.46
CA PHE A 285 -10.07 7.41 21.43
C PHE A 285 -9.63 6.80 20.12
N VAL A 286 -10.07 7.37 18.99
CA VAL A 286 -9.71 6.78 17.70
C VAL A 286 -8.20 6.88 17.48
N PHE A 287 -7.58 8.00 17.87
CA PHE A 287 -6.14 8.11 17.68
C PHE A 287 -5.40 7.05 18.50
N THR A 288 -5.83 6.80 19.74
CA THR A 288 -5.21 5.76 20.55
C THR A 288 -5.32 4.40 19.88
N ILE A 289 -6.50 4.09 19.34
CA ILE A 289 -6.74 2.78 18.75
C ILE A 289 -5.95 2.60 17.46
N LYS A 290 -5.89 3.64 16.62
CA LYS A 290 -5.24 3.52 15.31
C LYS A 290 -3.73 3.74 15.33
N GLY A 292 -1.86 5.54 18.71
CA GLY A 292 -1.21 5.90 19.96
C GLY A 292 -0.80 4.78 20.88
N ASP A 293 -1.56 3.68 20.92
CA ASP A 293 -1.21 2.57 21.80
C ASP A 293 -1.77 1.30 21.14
N VAL A 294 -1.06 0.84 20.12
CA VAL A 294 -1.56 -0.17 19.21
C VAL A 294 -0.48 -1.20 18.94
N VAL A 295 -0.90 -2.46 18.86
CA VAL A 295 -0.06 -3.56 18.42
C VAL A 295 -0.72 -4.13 17.17
N PHE A 296 0.06 -4.26 16.11
CA PHE A 296 -0.46 -4.80 14.87
C PHE A 296 0.10 -6.20 14.64
N MET A 297 -0.66 -7.01 13.91
N MET A 297 -0.62 -6.96 13.84
CA MET A 297 -0.02 -8.28 13.49
CA MET A 297 0.02 -8.23 13.41
C MET A 297 1.05 -7.97 12.42
C MET A 297 1.09 -7.92 12.35
N GLY A 298 0.77 -7.03 11.52
CA GLY A 298 1.69 -6.71 10.43
C GLY A 298 1.90 -5.23 10.26
N THR A 299 3.14 -4.87 9.94
CA THR A 299 3.52 -3.50 9.61
C THR A 299 3.33 -3.24 8.10
N GLN A 300 3.29 -1.96 7.73
CA GLN A 300 3.08 -1.57 6.35
C GLN A 300 4.23 -2.00 5.46
N LEU A 301 3.93 -2.12 4.17
CA LEU A 301 4.88 -2.54 3.16
C LEU A 301 5.09 -1.45 2.12
N PRO A 302 6.29 -1.42 1.49
CA PRO A 302 6.64 -0.39 0.50
C PRO A 302 5.95 -0.58 -0.84
N TYR A 303 6.16 0.38 -1.73
CA TYR A 303 5.22 0.62 -2.83
C TYR A 303 5.07 -0.57 -3.76
N ARG A 304 6.18 -1.28 -4.05
CA ARG A 304 6.02 -2.34 -5.07
C ARG A 304 5.01 -3.38 -4.57
N ALA A 306 2.70 -2.69 -1.94
CA ALA A 306 2.09 -1.77 -0.99
C ALA A 306 0.97 -2.40 -0.18
N GLN A 307 1.06 -2.25 1.14
CA GLN A 307 -0.02 -2.65 2.03
C GLN A 307 -0.06 -1.75 3.25
N ARG A 308 -1.27 -1.56 3.74
CA ARG A 308 -1.51 -1.05 5.08
C ARG A 308 -1.13 -2.13 6.11
N ASN A 309 -1.35 -1.83 7.39
CA ASN A 309 -1.10 -2.79 8.45
C ASN A 309 -1.90 -4.06 8.22
N ASN A 310 -1.41 -5.15 8.82
CA ASN A 310 -2.15 -6.40 8.94
C ASN A 310 -2.34 -7.15 7.61
N SER A 311 -1.36 -7.03 6.72
CA SER A 311 -1.20 -8.01 5.65
C SER A 311 -0.18 -9.05 6.08
N ALA A 312 -0.30 -10.25 5.49
CA ALA A 312 0.63 -11.34 5.82
C ALA A 312 2.07 -10.92 5.59
N GLY A 313 2.34 -10.09 4.59
CA GLY A 313 3.71 -9.72 4.30
C GLY A 313 4.35 -8.82 5.35
N GLY A 314 3.52 -8.13 6.12
CA GLY A 314 4.01 -7.29 7.19
C GLY A 314 4.21 -7.97 8.52
N ILE A 315 3.81 -9.24 8.63
CA ILE A 315 3.86 -9.95 9.91
C ILE A 315 5.28 -10.46 10.12
N ALA A 316 5.91 -10.01 11.20
CA ALA A 316 7.25 -10.49 11.56
C ALA A 316 7.21 -11.98 11.82
N LEU A 317 8.32 -12.64 11.50
CA LEU A 317 8.40 -14.09 11.73
C LEU A 317 8.04 -14.44 13.17
N GLY A 318 8.55 -13.67 14.14
CA GLY A 318 8.29 -13.96 15.54
C GLY A 318 6.85 -13.69 15.96
N TYR A 319 6.12 -12.85 15.22
CA TYR A 319 4.70 -12.70 15.47
C TYR A 319 3.92 -13.91 14.95
N TYR A 320 4.31 -14.46 13.80
CA TYR A 320 3.77 -15.76 13.40
C TYR A 320 4.09 -16.82 14.44
N SER A 321 5.31 -16.80 15.00
CA SER A 321 5.67 -17.76 16.02
C SER A 321 4.74 -17.64 17.22
N ASP A 322 4.50 -16.41 17.67
CA ASP A 322 3.82 -16.20 18.93
C ASP A 322 2.31 -16.26 18.83
N CYS A 323 1.75 -16.08 17.63
N CYS A 323 1.75 -16.07 17.63
CA CYS A 323 0.29 -16.28 17.46
CA CYS A 323 0.28 -16.29 17.50
C CYS A 323 -0.01 -17.79 17.62
C CYS A 323 0.00 -17.79 17.65
N ASN A 324 0.89 -18.65 17.12
CA ASN A 324 0.75 -20.08 17.38
C ASN A 324 0.65 -20.32 18.88
N GLN A 325 -0.19 -21.29 19.25
CA GLN A 325 -0.50 -21.54 20.65
C GLN A 325 -0.09 -22.94 21.08
N THR A 326 0.69 -23.64 20.26
CA THR A 326 1.15 -24.97 20.64
C THR A 326 2.03 -24.92 21.89
N SER A 327 2.72 -23.79 22.11
CA SER A 327 3.57 -23.61 23.27
C SER A 327 2.87 -23.81 24.61
N ARG A 328 1.55 -23.65 24.67
CA ARG A 328 0.82 -23.81 25.93
C ARG A 328 0.03 -25.12 25.98
N THR A 329 0.27 -26.06 25.04
CA THR A 329 -0.45 -27.33 25.08
C THR A 329 0.25 -28.36 25.93
N PRO A 330 -0.50 -29.33 26.45
CA PRO A 330 0.14 -30.44 27.17
C PRO A 330 1.19 -31.14 26.35
N GLU A 331 0.94 -31.30 25.05
CA GLU A 331 1.89 -31.99 24.18
C GLU A 331 3.25 -31.28 24.16
N ALA A 332 3.24 -29.94 24.18
CA ALA A 332 4.48 -29.18 24.19
C ALA A 332 5.08 -29.07 25.58
N LEU A 333 4.30 -29.28 26.63
CA LEU A 333 4.77 -29.11 27.98
C LEU A 333 5.30 -30.40 28.59
N GLU A 334 4.78 -31.54 28.14
CA GLU A 334 5.17 -32.83 28.76
C GLU A 334 5.44 -33.94 27.74
N GLY A 335 5.52 -33.62 26.45
CA GLY A 335 5.55 -34.66 25.44
C GLY A 335 6.86 -35.40 25.27
N LEU A 336 7.98 -34.87 25.76
CA LEU A 336 9.26 -35.59 25.71
C LEU A 336 9.47 -36.33 27.03
N ASP A 337 8.74 -37.43 27.18
CA ASP A 337 8.78 -38.25 28.40
C ASP A 337 8.73 -37.38 29.65
N GLY A 338 7.75 -36.49 29.68
CA GLY A 338 7.53 -35.62 30.80
C GLY A 338 8.21 -34.28 30.70
N GLY A 339 9.16 -34.13 29.78
CA GLY A 339 9.82 -32.87 29.55
C GLY A 339 9.14 -32.06 28.46
N ILE A 340 9.48 -30.77 28.44
CA ILE A 340 8.96 -29.91 27.38
C ILE A 340 9.43 -30.44 26.03
N ASP A 341 8.59 -30.23 25.01
CA ASP A 341 8.87 -30.71 23.65
C ASP A 341 8.91 -29.53 22.70
N PRO A 342 10.06 -28.87 22.55
CA PRO A 342 10.15 -27.78 21.57
C PRO A 342 10.01 -28.25 20.16
N VAL A 343 10.25 -29.53 19.86
CA VAL A 343 10.05 -30.01 18.49
C VAL A 343 8.58 -29.94 18.10
N LYS A 344 7.68 -30.35 18.99
CA LYS A 344 6.24 -30.22 18.74
C LYS A 344 5.88 -28.76 18.45
N VAL A 345 6.45 -27.83 19.22
CA VAL A 345 6.20 -26.42 18.98
C VAL A 345 6.68 -26.01 17.59
N ILE A 346 7.91 -26.41 17.23
CA ILE A 346 8.46 -26.04 15.93
C ILE A 346 7.59 -26.54 14.80
N VAL A 347 7.23 -27.82 14.84
CA VAL A 347 6.60 -28.44 13.68
C VAL A 347 5.16 -28.00 13.53
N GLU A 348 4.54 -27.60 14.63
CA GLU A 348 3.18 -27.02 14.54
C GLU A 348 3.27 -25.55 14.11
N ALA A 349 4.14 -24.74 14.72
CA ALA A 349 4.21 -23.33 14.36
C ALA A 349 4.61 -23.14 12.90
N LEU A 350 5.47 -24.01 12.38
CA LEU A 350 5.86 -23.89 10.98
C LEU A 350 4.72 -24.22 10.02
N THR A 351 3.66 -24.90 10.50
CA THR A 351 2.56 -25.29 9.57
C THR A 351 1.81 -24.04 9.10
N PRO A 352 1.18 -23.21 9.97
CA PRO A 352 0.61 -21.95 9.52
C PRO A 352 1.74 -21.06 8.97
N GLY A 353 2.93 -21.13 9.59
CA GLY A 353 4.01 -20.26 9.09
C GLY A 353 4.27 -20.51 7.61
N VAL A 355 2.15 -22.33 5.41
CA VAL A 355 0.94 -22.20 4.59
C VAL A 355 0.52 -20.75 4.42
N ILE A 356 0.57 -19.95 5.49
CA ILE A 356 0.12 -18.57 5.34
C ILE A 356 1.14 -17.76 4.54
N THR A 357 2.44 -17.88 4.83
CA THR A 357 3.40 -17.07 4.07
C THR A 357 3.49 -17.51 2.62
N ASP A 358 3.44 -18.82 2.34
CA ASP A 358 3.64 -19.29 0.97
C ASP A 358 2.35 -19.35 0.17
N GLN A 359 1.28 -19.92 0.74
CA GLN A 359 0.02 -20.04 0.02
C GLN A 359 -0.83 -18.79 0.21
N GLY A 360 -0.97 -18.34 1.45
CA GLY A 360 -1.81 -17.18 1.70
C GLY A 360 -1.25 -15.90 1.14
N TRP A 361 0.08 -15.75 1.12
CA TRP A 361 0.73 -14.48 0.82
C TRP A 361 1.50 -14.54 -0.50
N LEU A 362 2.56 -15.34 -0.61
CA LEU A 362 3.30 -15.35 -1.86
C LEU A 362 2.40 -15.76 -3.01
N HIS A 363 1.55 -16.77 -2.81
CA HIS A 363 0.63 -17.21 -3.85
C HIS A 363 -0.57 -16.29 -3.96
N ASN A 364 -1.39 -16.20 -2.89
CA ASN A 364 -2.65 -15.49 -2.99
C ASN A 364 -2.55 -13.97 -2.91
N TYR A 365 -1.37 -13.39 -2.74
CA TYR A 365 -1.17 -11.97 -3.03
C TYR A 365 -0.19 -11.72 -4.16
N LEU A 366 0.98 -12.35 -4.16
CA LEU A 366 2.03 -11.90 -5.07
C LEU A 366 2.02 -12.62 -6.42
N ALA A 367 1.39 -13.78 -6.54
CA ALA A 367 1.46 -14.54 -7.77
C ALA A 367 0.09 -15.17 -8.06
N GLY A 368 -0.07 -16.46 -7.80
CA GLY A 368 -1.40 -17.05 -7.80
C GLY A 368 -1.63 -18.13 -8.82
N GLY A 369 -2.89 -18.43 -9.07
CA GLY A 369 -3.28 -19.49 -9.97
C GLY A 369 -3.99 -20.62 -9.23
N SER A 370 -4.28 -21.67 -9.98
CA SER A 370 -5.21 -22.69 -9.51
C SER A 370 -4.58 -23.73 -8.59
N SER A 371 -3.25 -23.76 -8.46
CA SER A 371 -2.61 -24.86 -7.74
C SER A 371 -2.41 -24.61 -6.27
N GLY A 372 -2.34 -23.36 -5.83
CA GLY A 372 -1.93 -23.08 -4.47
C GLY A 372 -0.51 -23.49 -4.13
N TRP A 373 0.29 -23.92 -5.12
CA TRP A 373 1.61 -24.48 -4.87
C TRP A 373 1.57 -25.54 -3.77
N SER A 374 0.49 -26.34 -3.78
CA SER A 374 0.11 -27.08 -2.57
C SER A 374 1.07 -28.21 -2.25
N ASN A 375 1.45 -29.02 -3.24
CA ASN A 375 2.34 -30.14 -2.91
C ASN A 375 3.68 -29.67 -2.36
N TYR A 376 4.19 -28.53 -2.81
CA TYR A 376 5.42 -27.99 -2.23
C TYR A 376 5.34 -27.99 -0.71
N ILE A 378 2.60 -29.03 1.42
CA ILE A 378 2.03 -30.20 2.08
C ILE A 378 3.14 -31.06 2.70
N SER A 379 4.27 -31.15 2.00
CA SER A 379 5.36 -32.02 2.39
C SER A 379 5.92 -31.71 3.78
N VAL A 380 5.73 -30.50 4.32
CA VAL A 380 6.35 -30.15 5.60
C VAL A 380 5.51 -30.52 6.81
N TYR A 381 4.27 -30.98 6.62
CA TYR A 381 3.41 -31.30 7.75
C TYR A 381 2.70 -32.63 7.58
N THR A 382 3.18 -33.48 6.67
CA THR A 382 2.58 -34.77 6.42
C THR A 382 3.61 -35.90 6.48
N ASP A 383 3.10 -37.08 6.78
CA ASP A 383 3.80 -38.35 6.62
C ASP A 383 5.00 -38.54 7.55
N GLU A 384 5.15 -37.65 8.54
CA GLU A 384 6.17 -37.75 9.59
C GLU A 384 7.60 -37.65 9.07
N VAL A 385 7.81 -37.09 7.88
CA VAL A 385 9.16 -37.09 7.31
C VAL A 385 10.02 -36.04 7.99
N LEU A 386 9.62 -34.76 7.88
CA LEU A 386 10.32 -33.72 8.61
C LEU A 386 10.35 -34.03 10.09
N GLU A 387 9.26 -34.60 10.61
CA GLU A 387 9.16 -34.96 12.02
C GLU A 387 10.29 -35.90 12.41
N ASP A 388 10.48 -36.96 11.63
CA ASP A 388 11.52 -37.93 11.94
C ASP A 388 12.89 -37.27 11.95
N TYR A 389 13.16 -36.42 10.96
CA TYR A 389 14.48 -35.83 10.83
C TYR A 389 14.75 -34.86 11.97
N GLY A 390 13.73 -34.09 12.38
CA GLY A 390 13.91 -33.14 13.47
C GLY A 390 14.15 -33.84 14.80
N TYR A 391 13.33 -34.84 15.12
CA TYR A 391 13.56 -35.58 16.36
C TYR A 391 14.90 -36.30 16.32
N HIS A 392 15.31 -36.79 15.16
CA HIS A 392 16.62 -37.43 15.06
C HIS A 392 17.70 -36.49 15.53
N GLY A 393 17.67 -35.24 15.07
CA GLY A 393 18.69 -34.29 15.47
C GLY A 393 18.66 -33.99 16.96
N ALA A 394 17.46 -33.84 17.53
CA ALA A 394 17.35 -33.59 18.96
C ALA A 394 17.90 -34.75 19.77
N ILE A 395 17.52 -35.98 19.42
CA ILE A 395 17.99 -37.16 20.16
C ILE A 395 19.50 -37.28 20.04
N TYR A 396 20.03 -37.08 18.83
CA TYR A 396 21.48 -37.11 18.60
C TYR A 396 22.18 -36.11 19.53
N ALA A 397 21.64 -34.89 19.59
CA ALA A 397 22.31 -33.84 20.36
C ALA A 397 22.20 -34.06 21.85
N MET A 398 21.03 -34.49 22.35
CA MET A 398 20.89 -34.76 23.77
C MET A 398 21.87 -35.83 24.21
N ASP A 399 22.02 -36.87 23.38
N ASP A 399 22.02 -36.87 23.38
CA ASP A 399 22.97 -37.97 23.68
CA ASP A 399 22.97 -37.98 23.67
C ASP A 399 24.43 -37.50 23.62
C ASP A 399 24.43 -37.49 23.63
N LYS A 400 24.76 -36.61 22.68
CA LYS A 400 26.15 -36.22 22.45
C LYS A 400 26.61 -35.20 23.47
N TRP A 401 25.77 -34.21 23.78
CA TRP A 401 26.12 -33.16 24.72
C TRP A 401 25.64 -33.44 26.14
N LYS A 402 24.94 -34.54 26.37
CA LYS A 402 24.50 -34.93 27.73
C LYS A 402 23.78 -33.77 28.42
N CYS A 403 22.75 -33.26 27.76
CA CYS A 403 21.99 -32.15 28.29
C CYS A 403 20.58 -32.24 27.73
N GLY A 404 19.72 -31.35 28.23
CA GLY A 404 18.37 -31.24 27.74
C GLY A 404 18.24 -30.21 26.63
N VAL A 405 16.99 -29.98 26.22
CA VAL A 405 16.72 -29.01 25.18
C VAL A 405 17.14 -27.62 25.66
N GLY A 406 17.58 -26.79 24.72
CA GLY A 406 17.96 -25.42 25.03
C GLY A 406 19.29 -25.25 25.70
N GLU A 407 20.11 -26.31 25.80
CA GLU A 407 21.27 -26.30 26.67
C GLU A 407 22.60 -26.62 25.98
N VAL A 408 22.59 -27.00 24.72
CA VAL A 408 23.85 -27.17 24.00
C VAL A 408 24.49 -25.80 23.82
N PRO A 409 25.76 -25.61 24.14
CA PRO A 409 26.34 -24.27 23.96
C PRO A 409 26.15 -23.78 22.54
N ASN A 410 25.77 -22.50 22.41
CA ASN A 410 25.39 -21.93 21.12
C ASN A 410 26.60 -21.44 20.33
N THR A 411 27.54 -22.37 20.10
CA THR A 411 28.72 -22.05 19.31
C THR A 411 28.47 -22.35 17.85
N TYR A 412 29.23 -21.68 16.99
CA TYR A 412 29.12 -21.93 15.57
C TYR A 412 29.50 -23.37 15.25
N GLU A 413 30.56 -23.80 15.95
CA GLU A 413 30.97 -25.25 15.77
CA GLU A 413 30.98 -25.21 15.77
C GLU A 413 29.84 -26.26 16.06
N ASN A 414 29.12 -26.00 17.17
CA ASN A 414 28.06 -26.94 17.54
C ASN A 414 26.91 -26.88 16.53
N MET A 415 26.60 -25.69 16.03
CA MET A 415 25.60 -25.57 14.97
C MET A 415 25.99 -26.39 13.76
N MET A 416 27.24 -26.29 13.34
CA MET A 416 27.67 -26.99 12.14
C MET A 416 27.64 -28.50 12.33
N THR A 417 28.00 -28.97 13.53
CA THR A 417 27.96 -30.40 13.81
C THR A 417 26.55 -30.95 13.71
N ILE A 418 25.59 -30.30 14.36
CA ILE A 418 24.22 -30.77 14.33
C ILE A 418 23.68 -30.73 12.91
N ALA A 419 23.92 -29.62 12.19
CA ALA A 419 23.47 -29.51 10.80
C ALA A 419 24.05 -30.64 9.95
N GLU A 420 25.34 -30.93 10.10
CA GLU A 420 25.94 -32.00 9.32
C GLU A 420 25.25 -33.34 9.58
N GLU A 421 24.90 -33.61 10.83
CA GLU A 421 24.25 -34.87 11.16
C GLU A 421 22.83 -34.94 10.62
N VAL A 422 22.04 -33.86 10.77
CA VAL A 422 20.67 -33.90 10.31
C VAL A 422 20.59 -33.94 8.79
N SER A 423 21.45 -33.17 8.12
CA SER A 423 21.57 -33.28 6.67
C SER A 423 21.88 -34.72 6.28
N ARG A 424 22.85 -35.33 6.98
CA ARG A 424 23.23 -36.71 6.69
C ARG A 424 22.05 -37.65 6.82
N TRP A 425 21.30 -37.53 7.92
CA TRP A 425 20.17 -38.40 8.17
C TRP A 425 19.08 -38.21 7.13
N SER A 426 18.78 -36.96 6.78
CA SER A 426 17.79 -36.67 5.74
C SER A 426 18.17 -37.35 4.44
N GLN A 427 19.42 -37.18 4.04
CA GLN A 427 19.91 -37.76 2.78
C GLN A 427 19.93 -39.28 2.84
N LYS A 428 20.28 -39.84 3.99
CA LYS A 428 20.25 -41.29 4.15
C LYS A 428 18.86 -41.83 3.83
N ASN A 429 17.84 -41.18 4.35
CA ASN A 429 16.48 -41.68 4.17
C ASN A 429 15.95 -41.45 2.76
N TYR A 430 16.20 -40.27 2.18
CA TYR A 430 15.79 -40.08 0.80
C TYR A 430 16.52 -41.04 -0.13
N ASP A 431 17.77 -41.36 0.16
CA ASP A 431 18.54 -42.26 -0.69
C ASP A 431 18.12 -43.71 -0.51
N GLU A 432 17.75 -44.10 0.71
CA GLU A 432 17.44 -45.49 1.00
C GLU A 432 15.99 -45.88 0.73
N TYR A 433 15.09 -44.91 0.54
CA TYR A 433 13.68 -45.18 0.33
C TYR A 433 13.21 -44.55 -0.97
N PRO A 434 13.35 -45.26 -2.10
CA PRO A 434 12.86 -44.72 -3.37
C PRO A 434 11.41 -44.26 -3.34
N GLY A 435 10.55 -44.90 -2.56
CA GLY A 435 9.19 -44.43 -2.45
C GLY A 435 9.07 -43.08 -1.75
N LEU A 436 9.97 -42.79 -0.81
CA LEU A 436 10.00 -41.48 -0.16
C LEU A 436 10.57 -40.43 -1.11
N MET A 437 11.62 -40.78 -1.84
N MET A 437 11.61 -40.79 -1.85
CA MET A 437 12.21 -39.87 -2.84
CA MET A 437 12.21 -39.87 -2.84
C MET A 437 11.14 -39.50 -3.88
C MET A 437 11.14 -39.51 -3.89
N GLU A 438 10.30 -40.47 -4.29
CA GLU A 438 9.25 -40.18 -5.25
C GLU A 438 8.10 -39.39 -4.61
N ALA A 439 7.81 -39.63 -3.33
CA ALA A 439 6.76 -38.87 -2.66
C ALA A 439 7.12 -37.40 -2.62
N HIS A 440 8.35 -37.08 -2.19
CA HIS A 440 8.86 -35.72 -2.18
C HIS A 440 9.65 -35.48 -3.46
N PHE A 441 8.91 -35.53 -4.57
CA PHE A 441 9.52 -35.57 -5.89
C PHE A 441 10.21 -34.27 -6.28
N GLY A 442 9.82 -33.14 -5.70
CA GLY A 442 10.48 -31.88 -6.01
C GLY A 442 11.70 -31.70 -5.14
N GLY A 443 12.81 -31.36 -5.76
CA GLY A 443 14.02 -31.10 -4.98
C GLY A 443 13.81 -30.07 -3.89
N SER A 444 12.98 -29.06 -4.14
CA SER A 444 12.77 -28.04 -3.12
C SER A 444 12.27 -28.62 -1.82
N ARG A 446 12.70 -31.64 -0.64
CA ARG A 446 13.75 -32.40 0.04
C ARG A 446 14.84 -31.51 0.65
N TYR A 447 15.13 -30.42 -0.06
CA TYR A 447 16.14 -29.44 0.36
C TYR A 447 15.63 -28.63 1.54
N SER A 448 14.43 -28.06 1.42
CA SER A 448 13.83 -27.37 2.57
C SER A 448 13.69 -28.29 3.76
N ILE A 449 13.33 -29.55 3.55
CA ILE A 449 13.12 -30.43 4.68
C ILE A 449 14.43 -30.70 5.43
N GLN A 450 15.54 -30.94 4.72
CA GLN A 450 16.78 -31.15 5.46
C GLN A 450 17.23 -29.88 6.16
N ALA A 451 17.03 -28.72 5.52
CA ALA A 451 17.38 -27.44 6.13
C ALA A 451 16.51 -27.15 7.34
N ALA A 452 15.20 -27.39 7.21
CA ALA A 452 14.26 -27.16 8.31
C ALA A 452 14.57 -28.08 9.48
N ALA A 453 14.81 -29.36 9.21
CA ALA A 453 15.10 -30.29 10.30
C ALA A 453 16.38 -29.90 11.02
N SER A 454 17.38 -29.44 10.26
CA SER A 454 18.64 -29.01 10.86
C SER A 454 18.43 -27.80 11.75
N GLY A 455 17.71 -26.80 11.23
CA GLY A 455 17.47 -25.61 12.00
C GLY A 455 16.59 -25.90 13.20
N ALA A 456 15.62 -26.80 13.05
CA ALA A 456 14.79 -27.22 14.17
C ALA A 456 15.65 -27.81 15.27
N ALA A 457 16.56 -28.72 14.89
CA ALA A 457 17.42 -29.36 15.89
C ALA A 457 18.31 -28.33 16.58
N VAL A 458 18.95 -27.45 15.81
CA VAL A 458 19.84 -26.47 16.41
C VAL A 458 19.08 -25.49 17.28
N GLY A 459 17.94 -25.00 16.80
CA GLY A 459 17.15 -24.07 17.61
C GLY A 459 16.64 -24.71 18.88
N ALA A 460 16.09 -25.92 18.76
CA ALA A 460 15.58 -26.62 19.94
C ALA A 460 16.70 -26.93 20.92
N MET A 461 17.90 -27.26 20.41
CA MET A 461 18.94 -27.74 21.30
C MET A 461 19.80 -26.63 21.88
N THR A 462 19.85 -25.45 21.25
CA THR A 462 20.64 -24.35 21.78
C THR A 462 19.79 -23.22 22.35
N GLY A 463 18.52 -23.14 22.02
CA GLY A 463 17.72 -22.00 22.42
C GLY A 463 18.00 -20.72 21.66
N ASP A 464 18.85 -20.75 20.64
CA ASP A 464 19.31 -19.56 19.95
C ASP A 464 18.64 -19.50 18.59
N PRO A 465 17.72 -18.56 18.36
CA PRO A 465 16.95 -18.56 17.11
C PRO A 465 17.76 -18.14 15.90
N ASP A 466 18.72 -17.24 16.06
CA ASP A 466 19.54 -16.85 14.92
C ASP A 466 20.48 -17.98 14.54
N LEU A 467 21.03 -18.70 15.53
CA LEU A 467 21.93 -19.81 15.24
C LEU A 467 21.14 -20.99 14.66
N GLY A 468 19.92 -21.22 15.15
CA GLY A 468 19.09 -22.26 14.55
C GLY A 468 18.86 -21.99 13.07
N ASN A 469 18.55 -20.73 12.72
CA ASN A 469 18.32 -20.41 11.32
C ASN A 469 19.62 -20.36 10.52
N ALA A 470 20.75 -20.06 11.16
CA ALA A 470 22.03 -20.20 10.48
C ALA A 470 22.22 -21.63 9.98
N ALA A 471 21.78 -22.60 10.76
CA ALA A 471 21.92 -24.00 10.36
C ALA A 471 21.13 -24.31 9.10
N TRP A 472 19.97 -23.65 8.92
CA TRP A 472 19.22 -23.79 7.68
C TRP A 472 20.11 -23.52 6.48
N HIS A 473 20.76 -22.35 6.47
CA HIS A 473 21.51 -21.92 5.29
C HIS A 473 22.76 -22.77 5.08
N TYR A 474 23.36 -23.29 6.15
CA TYR A 474 24.52 -24.15 5.99
C TYR A 474 24.15 -25.42 5.24
N ASN A 475 22.88 -25.83 5.25
CA ASN A 475 22.49 -26.99 4.47
C ASN A 475 22.68 -26.83 2.97
N THR A 476 22.91 -25.62 2.46
CA THR A 476 23.05 -25.42 1.02
C THR A 476 24.18 -26.24 0.45
N PRO A 477 25.44 -26.10 0.88
CA PRO A 477 26.48 -26.95 0.31
C PRO A 477 26.31 -28.40 0.67
N LEU A 478 25.80 -28.68 1.87
CA LEU A 478 25.63 -30.07 2.30
C LEU A 478 24.66 -30.82 1.39
N CYS A 479 23.64 -30.12 0.90
CA CYS A 479 22.67 -30.69 -0.04
C CYS A 479 23.24 -30.73 -1.46
N LYS A 480 23.76 -29.59 -1.91
CA LYS A 480 24.19 -29.45 -3.29
C LYS A 480 25.34 -30.37 -3.62
N GLU A 481 26.32 -30.51 -2.72
CA GLU A 481 27.50 -31.30 -3.02
C GLU A 481 27.24 -32.79 -2.90
N HIS A 482 26.14 -33.20 -2.28
CA HIS A 482 25.74 -34.60 -2.23
C HIS A 482 24.97 -34.99 -3.49
N TYR A 483 23.84 -34.33 -3.75
CA TYR A 483 22.95 -34.67 -4.84
C TYR A 483 23.33 -34.02 -6.17
N LEU A 484 24.06 -32.90 -6.16
CA LEU A 484 24.27 -32.09 -7.36
C LEU A 484 22.96 -31.54 -7.94
N ARG A 485 21.97 -31.33 -7.07
CA ARG A 485 20.77 -30.59 -7.40
C ARG A 485 20.25 -30.02 -6.08
N LEU A 486 19.49 -28.94 -6.16
CA LEU A 486 18.92 -28.29 -4.98
C LEU A 486 17.40 -28.27 -5.15
N GLY A 487 16.81 -27.11 -5.39
CA GLY A 487 15.39 -26.98 -5.53
C GLY A 487 15.00 -26.40 -6.86
N PHE A 488 13.85 -25.72 -6.90
CA PHE A 488 13.42 -25.03 -8.10
C PHE A 488 14.45 -23.93 -8.43
N TYR A 489 14.30 -23.38 -9.65
CA TYR A 489 15.29 -22.46 -10.23
C TYR A 489 15.74 -21.40 -9.23
N ASP A 492 17.39 -21.04 -3.98
CA ASP A 492 18.50 -20.72 -3.10
C ASP A 492 19.01 -19.28 -3.13
N LEU A 493 18.20 -18.32 -3.60
CA LEU A 493 18.53 -16.92 -3.38
C LEU A 493 18.85 -16.68 -1.91
N GLN A 494 17.89 -16.97 -1.04
CA GLN A 494 18.06 -16.59 0.36
C GLN A 494 19.04 -17.50 1.07
N ASP A 495 19.10 -18.77 0.67
CA ASP A 495 20.01 -19.70 1.32
C ASP A 495 21.46 -19.30 1.05
N GLN A 496 21.78 -19.04 -0.22
CA GLN A 496 23.14 -18.60 -0.55
C GLN A 496 23.50 -17.33 0.20
N GLN A 497 22.60 -16.34 0.15
CA GLN A 497 22.86 -15.01 0.72
CA GLN A 497 23.01 -15.06 0.70
C GLN A 497 23.00 -15.07 2.23
N ASN A 498 22.14 -15.87 2.87
CA ASN A 498 22.09 -15.86 4.31
C ASN A 498 23.17 -16.70 4.97
N MET A 499 23.91 -17.48 4.18
CA MET A 499 25.19 -17.98 4.66
C MET A 499 26.09 -16.83 5.09
N GLY A 500 25.97 -15.67 4.44
CA GLY A 500 26.66 -14.46 4.84
C GLY A 500 25.82 -13.46 5.65
N HIS A 501 24.54 -13.30 5.34
CA HIS A 501 23.79 -12.22 5.97
C HIS A 501 23.42 -12.50 7.42
N THR A 502 23.39 -13.75 7.85
CA THR A 502 22.84 -14.04 9.17
C THR A 502 23.52 -13.24 10.26
N TYR A 503 24.84 -13.10 10.18
CA TYR A 503 25.60 -12.36 11.18
C TYR A 503 26.30 -11.13 10.60
N SER A 504 25.75 -10.61 9.51
CA SER A 504 26.09 -9.30 9.00
C SER A 504 25.34 -8.21 9.78
N TYR A 505 25.90 -7.00 9.79
CA TYR A 505 25.17 -5.85 10.29
C TYR A 505 25.05 -4.73 9.24
N ARG A 506 25.25 -5.05 7.96
CA ARG A 506 25.03 -4.06 6.93
C ARG A 506 23.55 -3.65 6.91
N SER A 507 23.26 -2.51 6.28
CA SER A 507 22.00 -1.80 6.50
C SER A 507 20.77 -2.70 6.41
N ASP A 508 20.57 -3.34 5.26
CA ASP A 508 19.41 -4.18 4.99
C ASP A 508 19.75 -5.66 5.05
N GLN A 509 20.87 -5.99 5.68
CA GLN A 509 21.28 -7.38 5.90
C GLN A 509 21.05 -7.83 7.33
N GLY A 510 21.51 -7.06 8.31
CA GLY A 510 21.38 -7.48 9.69
C GLY A 510 20.00 -7.17 10.26
N ILE A 511 19.50 -8.11 11.07
CA ILE A 511 18.20 -7.98 11.76
C ILE A 511 17.96 -9.30 12.48
N PRO A 512 17.49 -9.31 13.75
N PRO A 512 17.49 -9.31 13.75
CA PRO A 512 17.28 -10.58 14.41
CA PRO A 512 17.27 -10.58 14.42
C PRO A 512 16.13 -11.36 13.75
C PRO A 512 16.13 -11.35 13.75
N TYR A 513 16.22 -12.68 13.78
CA TYR A 513 15.20 -13.49 13.12
C TYR A 513 13.80 -13.17 13.62
N GLU A 514 13.64 -12.88 14.92
CA GLU A 514 12.32 -12.58 15.45
C GLU A 514 11.62 -11.48 14.66
N LEU A 515 12.39 -10.50 14.16
CA LEU A 515 11.81 -9.32 13.54
C LEU A 515 11.99 -9.28 12.03
N LYS A 516 12.68 -10.27 11.45
CA LYS A 516 12.60 -10.50 10.03
C LYS A 516 11.16 -10.82 9.67
N GLY A 517 10.89 -10.91 8.38
CA GLY A 517 9.57 -11.20 7.88
C GLY A 517 9.60 -11.21 6.36
N PRO A 518 8.42 -11.26 5.75
CA PRO A 518 8.34 -11.36 4.28
C PRO A 518 8.78 -10.09 3.56
N ASN A 519 9.11 -9.01 4.27
CA ASN A 519 9.65 -7.82 3.65
C ASN A 519 11.16 -7.71 3.83
N TYR A 520 11.78 -8.58 4.62
CA TYR A 520 13.22 -8.70 4.57
C TYR A 520 13.54 -9.09 3.12
N PRO A 521 14.42 -8.37 2.42
CA PRO A 521 14.41 -8.49 0.96
C PRO A 521 14.76 -9.88 0.47
N ASP A 522 15.61 -10.60 1.20
CA ASP A 522 16.02 -11.95 0.83
C ASP A 522 14.83 -12.90 0.81
N PHE A 523 13.81 -12.63 1.64
CA PHE A 523 12.70 -13.55 1.87
C PHE A 523 11.45 -13.16 1.08
N ALA A 524 11.50 -12.09 0.30
CA ALA A 524 10.28 -11.46 -0.18
C ALA A 524 9.61 -12.20 -1.34
N MET A 525 10.26 -13.21 -1.91
CA MET A 525 9.78 -13.83 -3.15
C MET A 525 9.48 -15.31 -3.10
N ASN A 526 10.14 -16.10 -2.27
CA ASN A 526 10.25 -17.53 -2.55
C ASN A 526 9.63 -18.44 -1.49
N VAL A 527 8.98 -19.50 -1.98
CA VAL A 527 8.35 -20.52 -1.16
C VAL A 527 9.36 -21.36 -0.41
N GLY A 528 8.86 -22.09 0.58
CA GLY A 528 9.61 -23.17 1.18
C GLY A 528 10.58 -22.80 2.28
N HIS A 529 10.48 -21.59 2.84
CA HIS A 529 11.48 -21.11 3.78
C HIS A 529 10.88 -20.47 5.04
N MET A 530 10.07 -19.44 4.87
CA MET A 530 9.76 -18.56 6.00
C MET A 530 9.10 -19.31 7.15
N GLY A 531 8.19 -20.23 6.84
CA GLY A 531 7.54 -20.97 7.90
C GLY A 531 8.50 -21.81 8.72
N GLY A 532 9.55 -22.34 8.09
CA GLY A 532 10.56 -23.05 8.84
C GLY A 532 11.23 -22.16 9.87
N TYR A 533 11.62 -20.97 9.44
CA TYR A 533 12.23 -20.01 10.37
C TYR A 533 11.28 -19.70 11.52
N ILE A 534 10.00 -19.52 11.20
CA ILE A 534 8.96 -19.24 12.19
C ILE A 534 8.92 -20.35 13.24
N GLY A 535 8.91 -21.60 12.79
CA GLY A 535 8.90 -22.70 13.75
C GLY A 535 10.15 -22.70 14.62
N ILE A 536 11.30 -22.48 14.00
CA ILE A 536 12.59 -22.50 14.71
C ILE A 536 12.61 -21.41 15.80
N ILE A 537 12.11 -20.22 15.49
CA ILE A 537 12.05 -19.14 16.47
C ILE A 537 11.19 -19.55 17.66
N ALA A 538 10.02 -20.12 17.39
CA ALA A 538 9.12 -20.54 18.46
C ALA A 538 9.77 -21.60 19.33
N GLY A 539 10.40 -22.60 18.71
CA GLY A 539 10.98 -23.70 19.47
C GLY A 539 12.21 -23.30 20.26
N ALA A 540 13.03 -22.40 19.71
CA ALA A 540 14.20 -21.91 20.44
C ALA A 540 13.78 -21.24 21.74
N ALA A 541 12.73 -20.43 21.69
CA ALA A 541 12.26 -19.77 22.90
C ALA A 541 11.67 -20.79 23.87
N HIS A 542 10.88 -21.73 23.36
CA HIS A 542 10.29 -22.76 24.22
C HIS A 542 11.37 -23.54 24.94
N ALA A 543 12.44 -23.89 24.23
CA ALA A 543 13.47 -24.75 24.75
C ALA A 543 14.25 -24.10 25.88
N ARG A 544 14.44 -22.78 25.84
CA ARG A 544 15.18 -22.09 26.88
C ARG A 544 14.31 -21.66 28.05
N GLY A 545 13.04 -22.04 28.05
CA GLY A 545 12.15 -21.82 29.17
C GLY A 545 11.23 -20.62 29.06
N ALA A 546 11.13 -20.01 27.88
CA ALA A 546 10.30 -18.84 27.69
C ALA A 546 8.89 -19.20 27.23
N ALA A 547 7.96 -18.29 27.48
CA ALA A 547 6.55 -18.46 27.14
C ALA A 547 6.21 -17.93 25.75
N TYR A 548 7.15 -17.28 25.09
CA TYR A 548 6.94 -16.62 23.80
C TYR A 548 8.34 -16.24 23.31
N SER A 549 8.41 -15.85 22.04
CA SER A 549 9.68 -15.50 21.43
C SER A 549 9.91 -14.01 21.22
N THR A 550 8.84 -13.24 21.01
CA THR A 550 8.97 -11.93 20.39
C THR A 550 8.05 -10.90 21.01
N ASN A 551 6.82 -11.27 21.34
CA ASN A 551 5.87 -10.28 21.81
C ASN A 551 4.84 -10.93 22.73
N PRO A 552 4.92 -10.68 24.04
CA PRO A 552 3.99 -11.34 24.97
C PRO A 552 2.56 -10.93 24.75
N ILE A 553 2.34 -9.74 24.20
CA ILE A 553 0.98 -9.27 23.94
C ILE A 553 0.36 -10.11 22.83
N ILE A 554 1.13 -10.42 21.78
CA ILE A 554 0.65 -11.30 20.72
C ILE A 554 0.34 -12.68 21.27
N LYS A 555 1.26 -13.25 22.08
CA LYS A 555 1.03 -14.58 22.62
C LYS A 555 -0.28 -14.64 23.40
N ALA A 556 -0.49 -13.68 24.30
CA ALA A 556 -1.72 -13.67 25.08
C ALA A 556 -2.94 -13.42 24.21
N ALA A 557 -2.81 -12.56 23.19
CA ALA A 557 -3.96 -12.17 22.39
C ALA A 557 -4.54 -13.32 21.59
N PHE A 558 -3.77 -14.36 21.34
CA PHE A 558 -4.26 -15.51 20.59
C PHE A 558 -4.62 -16.69 21.48
N ALA A 559 -4.61 -16.53 22.80
CA ALA A 559 -5.02 -17.57 23.75
C ALA A 559 -6.51 -17.44 24.04
N ASP A 560 -7.31 -17.83 23.05
CA ASP A 560 -8.71 -17.41 23.01
C ASP A 560 -9.56 -18.48 22.34
N PRO A 561 -10.37 -19.22 23.11
CA PRO A 561 -11.15 -20.32 22.51
CA PRO A 561 -11.17 -20.31 22.54
C PRO A 561 -12.25 -19.86 21.57
N ASN A 562 -12.58 -18.57 21.53
CA ASN A 562 -13.58 -18.07 20.60
C ASN A 562 -13.03 -17.80 19.21
N LEU A 563 -11.71 -17.91 19.01
CA LEU A 563 -11.16 -17.83 17.67
C LEU A 563 -11.73 -18.93 16.79
N GLN A 564 -11.95 -18.62 15.51
CA GLN A 564 -12.56 -19.59 14.60
C GLN A 564 -11.61 -20.73 14.32
N PHE A 565 -10.33 -20.43 14.16
CA PHE A 565 -9.27 -21.40 13.94
C PHE A 565 -8.61 -21.74 15.28
N ASP A 566 -8.28 -23.01 15.48
CA ASP A 566 -7.65 -23.48 16.73
C ASP A 566 -6.14 -23.33 16.57
N PHE A 567 -5.61 -22.22 17.07
CA PHE A 567 -4.19 -21.92 16.95
C PHE A 567 -3.29 -22.86 17.75
N ARG A 568 -3.86 -23.72 18.60
CA ARG A 568 -3.07 -24.68 19.35
C ARG A 568 -2.64 -25.88 18.50
N TYR A 569 -3.47 -26.28 17.53
CA TYR A 569 -3.30 -27.55 16.82
C TYR A 569 -3.49 -27.33 15.32
N PRO A 570 -2.60 -26.55 14.69
CA PRO A 570 -2.84 -26.17 13.29
C PRO A 570 -2.74 -27.32 12.29
N ARG A 571 -1.85 -28.29 12.50
CA ARG A 571 -1.80 -29.42 11.55
C ARG A 571 -3.14 -30.14 11.54
N ARG A 572 -3.67 -30.43 12.72
CA ARG A 572 -4.99 -31.01 12.86
C ARG A 572 -6.06 -30.17 12.16
N GLU A 573 -6.06 -28.86 12.42
CA GLU A 573 -7.08 -27.99 11.82
C GLU A 573 -7.03 -28.03 10.30
N PHE A 574 -5.83 -27.98 9.73
CA PHE A 574 -5.73 -28.03 8.28
C PHE A 574 -6.25 -29.37 7.75
N GLY A 575 -5.97 -30.46 8.48
CA GLY A 575 -6.55 -31.75 8.12
C GLY A 575 -8.06 -31.78 8.20
N ILE A 576 -8.63 -31.14 9.22
CA ILE A 576 -10.09 -31.05 9.35
C ILE A 576 -10.68 -30.28 8.17
N GLY A 577 -10.01 -29.20 7.74
CA GLY A 577 -10.42 -28.53 6.53
C GLY A 577 -10.30 -29.42 5.30
N GLY A 578 -9.28 -30.28 5.27
CA GLY A 578 -9.12 -31.24 4.18
C GLY A 578 -10.23 -32.26 4.12
N LEU A 579 -10.84 -32.58 5.26
CA LEU A 579 -12.03 -33.43 5.33
C LEU A 579 -13.31 -32.66 5.04
N ARG A 580 -13.23 -31.36 4.75
CA ARG A 580 -14.40 -30.52 4.54
C ARG A 580 -15.25 -30.44 5.80
N GLN A 581 -14.60 -30.50 6.96
CA GLN A 581 -15.28 -30.50 8.25
C GLN A 581 -15.02 -29.22 9.04
N PHE A 582 -14.37 -28.23 8.43
CA PHE A 582 -14.11 -26.95 9.10
C PHE A 582 -15.11 -25.92 8.59
N MET A 583 -15.97 -25.41 9.48
CA MET A 583 -16.89 -24.36 9.09
C MET A 583 -16.22 -23.00 9.31
N PRO A 584 -15.88 -22.26 8.25
CA PRO A 584 -15.27 -20.95 8.42
C PRO A 584 -16.33 -19.93 8.81
N ALA A 585 -15.84 -18.76 9.22
CA ALA A 585 -16.65 -17.58 9.36
C ALA A 585 -16.69 -16.85 8.03
N GLY A 586 -17.53 -15.81 7.96
CA GLY A 586 -17.54 -14.89 6.85
C GLY A 586 -18.46 -15.25 5.70
N GLU A 587 -19.13 -16.41 5.74
CA GLU A 587 -20.05 -16.77 4.67
C GLU A 587 -21.33 -15.96 4.78
N ARG A 588 -22.05 -15.86 3.66
CA ARG A 588 -23.15 -14.92 3.53
C ARG A 588 -24.51 -15.62 3.45
N ASP A 589 -24.58 -16.83 3.99
CA ASP A 589 -25.80 -17.63 3.97
C ASP A 589 -27.05 -16.89 4.42
N ALA A 590 -26.92 -16.04 5.45
CA ALA A 590 -28.10 -15.39 6.02
C ALA A 590 -28.83 -14.50 5.03
N VAL A 591 -28.15 -14.01 3.99
CA VAL A 591 -28.68 -12.98 3.11
C VAL A 591 -28.65 -13.37 1.63
N ILE A 592 -28.51 -14.67 1.35
CA ILE A 592 -28.49 -15.15 -0.04
C ILE A 592 -29.53 -16.25 -0.21
N PRO A 593 -29.88 -16.57 -1.45
CA PRO A 593 -30.92 -17.59 -1.68
C PRO A 593 -30.52 -18.95 -1.13
N PRO A 594 -31.53 -19.80 -0.90
CA PRO A 594 -31.25 -21.18 -0.49
C PRO A 594 -30.33 -21.87 -1.46
N HIS A 595 -29.49 -22.73 -0.91
N HIS A 595 -29.39 -22.70 -0.99
CA HIS A 595 -28.55 -23.50 -1.69
CA HIS A 595 -28.45 -23.13 -2.05
C HIS A 595 -28.13 -24.71 -0.86
C HIS A 595 -27.66 -24.39 -1.74
N ALA B 2 39.37 7.42 7.98
CA ALA B 2 40.66 7.87 7.44
C ALA B 2 40.63 7.72 5.93
N TYR B 3 41.48 8.47 5.24
CA TYR B 3 41.44 8.47 3.79
C TYR B 3 41.89 7.12 3.23
N LEU B 4 41.28 6.77 2.10
CA LEU B 4 41.63 5.57 1.34
C LEU B 4 42.80 5.96 0.44
N THR B 5 44.00 5.88 0.97
CA THR B 5 45.18 6.42 0.31
C THR B 5 45.80 5.49 -0.73
N GLU B 6 45.41 4.22 -0.78
CA GLU B 6 46.07 3.30 -1.70
C GLU B 6 45.85 3.76 -3.14
N LYS B 7 46.93 3.67 -3.91
N LYS B 7 46.93 3.66 -3.92
CA LYS B 7 46.92 4.16 -5.32
CA LYS B 7 46.92 4.16 -5.32
C LYS B 7 46.44 3.10 -6.30
C LYS B 7 46.44 3.10 -6.30
N ILE B 8 45.62 3.56 -7.25
CA ILE B 8 45.15 2.77 -8.38
C ILE B 8 45.42 3.56 -9.64
N ASP B 9 45.48 2.85 -10.77
CA ASP B 9 45.49 3.48 -12.07
C ASP B 9 44.12 3.31 -12.71
N LEU B 10 43.64 4.36 -13.39
CA LEU B 10 42.35 4.32 -14.06
C LEU B 10 42.58 4.17 -15.55
N TYR B 11 42.02 3.11 -16.14
CA TYR B 11 42.19 2.78 -17.55
C TYR B 11 40.87 2.97 -18.30
N GLY B 12 40.99 3.40 -19.55
CA GLY B 12 39.83 3.53 -20.42
C GLY B 12 39.43 2.18 -21.01
N ASP B 13 38.34 2.22 -21.78
CA ASP B 13 37.79 0.98 -22.32
C ASP B 13 38.58 0.43 -23.51
N ASN B 14 39.62 1.14 -23.95
CA ASN B 14 40.57 0.61 -24.92
C ASN B 14 41.80 0.00 -24.25
N GLY B 15 41.79 -0.10 -22.92
CA GLY B 15 42.88 -0.74 -22.23
C GLY B 15 44.13 0.10 -22.08
N LYS B 16 44.01 1.41 -22.28
CA LYS B 16 45.12 2.33 -22.09
C LYS B 16 44.83 3.26 -20.93
N VAL B 17 45.89 3.68 -20.25
CA VAL B 17 45.73 4.43 -19.01
C VAL B 17 45.13 5.81 -19.29
N LEU B 18 44.19 6.20 -18.46
CA LEU B 18 43.66 7.56 -18.41
C LEU B 18 44.40 8.42 -17.40
N GLU B 19 44.50 7.92 -16.16
CA GLU B 19 45.20 8.62 -15.08
C GLU B 19 45.88 7.60 -14.19
N SER B 20 47.12 7.90 -13.83
N SER B 20 47.11 7.91 -13.80
CA SER B 20 47.92 7.02 -12.95
CA SER B 20 47.89 6.99 -12.94
C SER B 20 48.03 7.60 -11.54
C SER B 20 48.11 7.61 -11.56
N ASP B 21 48.27 6.71 -10.59
CA ASP B 21 48.62 7.10 -9.22
C ASP B 21 47.49 7.90 -8.55
N ILE B 22 46.29 7.36 -8.66
CA ILE B 22 45.09 7.99 -8.11
C ILE B 22 44.78 7.34 -6.77
N PRO B 23 44.71 8.08 -5.63
N PRO B 23 44.66 8.09 -5.66
CA PRO B 23 44.27 7.46 -4.39
CA PRO B 23 44.26 7.48 -4.40
C PRO B 23 42.80 7.02 -4.55
C PRO B 23 42.80 7.03 -4.52
N LEU B 24 42.50 5.83 -4.04
CA LEU B 24 41.14 5.30 -4.09
C LEU B 24 40.12 6.32 -3.61
N GLU B 25 40.48 7.08 -2.56
CA GLU B 25 39.60 8.13 -2.02
C GLU B 25 39.05 9.04 -3.12
N ALA B 26 39.85 9.31 -4.15
CA ALA B 26 39.52 10.32 -5.14
C ALA B 26 38.47 9.89 -6.16
N VAL B 27 38.09 8.61 -6.21
CA VAL B 27 36.98 8.17 -7.05
C VAL B 27 35.69 7.99 -6.27
N THR B 28 35.72 8.15 -4.94
CA THR B 28 34.53 7.84 -4.16
C THR B 28 33.46 8.91 -4.36
N PRO B 29 32.19 8.55 -4.22
CA PRO B 29 31.12 9.55 -4.40
C PRO B 29 31.21 10.70 -3.42
N VAL B 30 31.76 10.48 -2.23
CA VAL B 30 31.82 11.56 -1.25
C VAL B 30 32.88 12.59 -1.59
N GLN B 31 33.76 12.31 -2.56
CA GLN B 31 34.83 13.22 -2.96
C GLN B 31 34.79 13.65 -4.41
N ASN B 32 34.50 12.75 -5.34
CA ASN B 32 34.83 12.99 -6.75
C ASN B 32 33.85 13.96 -7.37
N PRO B 33 34.30 15.10 -7.90
CA PRO B 33 33.33 16.08 -8.43
C PRO B 33 32.49 15.60 -9.59
N ALA B 34 33.02 14.72 -10.46
CA ALA B 34 32.23 14.22 -11.58
C ALA B 34 31.14 13.26 -11.10
N VAL B 35 31.47 12.38 -10.16
CA VAL B 35 30.45 11.50 -9.58
C VAL B 35 29.34 12.33 -8.96
N ARG B 36 29.71 13.36 -8.21
CA ARG B 36 28.72 14.19 -7.54
C ARG B 36 27.89 14.98 -8.55
N GLU B 37 28.52 15.46 -9.63
N GLU B 37 28.52 15.44 -9.63
CA GLU B 37 27.77 16.16 -10.69
CA GLU B 37 27.78 16.16 -10.69
C GLU B 37 26.77 15.20 -11.35
C GLU B 37 26.77 15.20 -11.33
N LEU B 38 27.15 13.94 -11.52
CA LEU B 38 26.23 12.97 -12.11
C LEU B 38 24.94 12.89 -11.28
N ALA B 39 25.08 12.72 -9.96
CA ALA B 39 23.89 12.74 -9.10
C ALA B 39 23.11 14.04 -9.28
N SER B 40 23.82 15.17 -9.31
CA SER B 40 23.16 16.46 -9.39
C SER B 40 22.38 16.61 -10.69
N ILE B 41 22.93 16.12 -11.80
CA ILE B 41 22.24 16.22 -13.08
C ILE B 41 21.00 15.33 -13.12
N PHE B 42 21.07 14.13 -12.53
CA PHE B 42 19.88 13.29 -12.46
C PHE B 42 18.81 13.98 -11.65
N LYS B 43 19.20 14.62 -10.55
CA LYS B 43 18.25 15.33 -9.70
C LYS B 43 17.62 16.52 -10.41
N ARG B 44 18.40 17.30 -11.15
CA ARG B 44 17.98 18.61 -11.62
C ARG B 44 17.43 18.62 -13.04
N SER B 45 17.55 17.49 -13.76
N SER B 45 17.53 17.49 -13.75
CA SER B 45 17.16 17.44 -15.18
CA SER B 45 17.15 17.50 -15.18
C SER B 45 15.81 16.78 -15.41
C SER B 45 15.84 16.75 -15.46
N VAL B 46 15.01 17.38 -16.29
CA VAL B 46 13.79 16.75 -16.74
C VAL B 46 13.62 17.06 -18.23
N ALA B 47 12.71 16.34 -18.86
CA ALA B 47 12.34 16.58 -20.25
C ALA B 47 10.86 16.93 -20.28
N VAL B 48 10.51 17.94 -21.08
CA VAL B 48 9.12 18.29 -21.33
C VAL B 48 8.76 17.82 -22.72
N ASN B 49 7.76 16.95 -22.82
CA ASN B 49 7.33 16.43 -24.11
C ASN B 49 6.20 17.32 -24.62
N LEU B 50 6.59 18.41 -25.31
CA LEU B 50 5.60 19.31 -25.88
C LEU B 50 4.75 18.62 -26.94
N GLY B 51 5.35 17.75 -27.75
CA GLY B 51 4.56 17.04 -28.74
C GLY B 51 3.51 16.17 -28.09
N GLY B 52 3.87 15.51 -27.00
CA GLY B 52 2.91 14.66 -26.30
C GLY B 52 1.81 15.46 -25.63
N ALA B 53 2.16 16.60 -25.03
CA ALA B 53 1.14 17.44 -24.40
C ALA B 53 0.17 17.98 -25.45
N GLN B 54 0.70 18.45 -26.58
CA GLN B 54 -0.13 18.99 -27.64
C GLN B 54 -1.09 17.94 -28.18
N LYS B 55 -0.59 16.72 -28.41
N LYS B 55 -0.59 16.72 -28.41
CA LYS B 55 -1.44 15.63 -28.95
CA LYS B 55 -1.44 15.63 -28.95
C LYS B 55 -2.55 15.26 -27.96
C LYS B 55 -2.55 15.27 -27.96
N ALA B 56 -2.22 15.21 -26.67
CA ALA B 56 -3.22 14.84 -25.66
C ALA B 56 -4.36 15.85 -25.67
N LEU B 57 -4.03 17.14 -25.65
CA LEU B 57 -5.04 18.18 -25.68
C LEU B 57 -5.88 18.11 -26.96
N SER B 58 -5.24 17.85 -28.10
CA SER B 58 -5.94 17.91 -29.36
C SER B 58 -6.92 16.76 -29.53
N THR B 59 -6.52 15.54 -29.15
CA THR B 59 -7.29 14.35 -29.43
C THR B 59 -8.10 13.85 -28.25
N GLY B 60 -7.79 14.33 -27.04
CA GLY B 60 -8.41 13.81 -25.84
C GLY B 60 -7.78 12.54 -25.31
N HIS B 61 -6.69 12.09 -25.94
CA HIS B 61 -5.95 10.92 -25.41
C HIS B 61 -4.99 11.39 -24.32
N TYR B 62 -5.57 11.76 -23.18
CA TYR B 62 -4.82 12.17 -22.02
C TYR B 62 -4.22 10.98 -21.31
N ALA B 63 -3.14 11.22 -20.58
CA ALA B 63 -2.55 10.25 -19.66
C ALA B 63 -2.23 8.95 -20.39
N ASN B 64 -2.43 7.81 -19.74
CA ASN B 64 -1.99 6.50 -20.22
C ASN B 64 -3.20 5.56 -20.34
N GLU B 65 -2.93 4.27 -20.47
CA GLU B 65 -3.96 3.22 -20.37
CA GLU B 65 -3.95 3.22 -20.38
C GLU B 65 -5.04 3.32 -21.43
N TYR B 66 -4.75 3.95 -22.57
CA TYR B 66 -5.73 4.08 -23.64
C TYR B 66 -6.88 5.01 -23.26
N ILE B 67 -6.67 5.87 -22.26
CA ILE B 67 -7.66 6.88 -21.90
C ILE B 67 -8.00 7.74 -23.10
N HIS B 68 -9.27 8.11 -23.19
CA HIS B 68 -9.76 8.99 -24.24
C HIS B 68 -10.98 9.72 -23.73
N PHE B 69 -10.89 11.05 -23.64
CA PHE B 69 -12.08 11.86 -23.30
C PHE B 69 -12.69 12.21 -24.67
N PRO B 70 -13.84 11.64 -25.06
CA PRO B 70 -14.35 11.87 -26.40
C PRO B 70 -15.14 13.16 -26.65
N ASP B 71 -14.72 13.84 -27.72
CA ASP B 71 -15.51 14.95 -28.30
C ASP B 71 -16.08 14.39 -29.60
N ILE B 72 -17.35 14.66 -29.82
CA ILE B 72 -18.13 14.03 -30.87
C ILE B 72 -18.56 15.12 -31.85
N PRO B 73 -17.90 15.22 -33.01
CA PRO B 73 -18.19 16.34 -33.92
C PRO B 73 -19.32 16.08 -34.89
N ASN B 74 -19.89 14.89 -34.88
CA ASN B 74 -20.87 14.45 -35.86
C ASN B 74 -22.14 13.92 -35.17
N LYS B 75 -22.59 14.61 -34.12
CA LYS B 75 -23.68 14.10 -33.31
C LYS B 75 -24.96 13.90 -34.13
N ASP B 76 -25.19 14.72 -35.16
CA ASP B 76 -26.40 14.57 -35.95
C ASP B 76 -26.34 13.40 -36.93
N LYS B 77 -25.23 12.67 -37.00
CA LYS B 77 -25.07 11.54 -37.90
C LYS B 77 -25.11 10.20 -37.18
N LEU B 78 -25.43 10.19 -35.90
CA LEU B 78 -25.31 8.99 -35.07
C LEU B 78 -26.56 8.13 -35.03
N GLY B 79 -27.68 8.57 -35.60
CA GLY B 79 -28.91 7.83 -35.50
C GLY B 79 -29.62 8.00 -34.19
N ILE B 80 -29.25 9.01 -33.41
CA ILE B 80 -29.88 9.25 -32.11
C ILE B 80 -30.68 10.53 -32.20
N LYS B 81 -31.64 10.61 -31.27
CA LYS B 81 -32.41 11.86 -31.02
C LYS B 81 -31.93 12.36 -29.66
N SER B 82 -31.61 13.65 -29.59
CA SER B 82 -31.14 14.20 -28.31
C SER B 82 -32.19 15.13 -27.73
N SER B 83 -33.32 15.19 -28.40
CA SER B 83 -34.42 16.02 -27.89
C SER B 83 -35.63 15.10 -27.80
N PRO B 84 -36.44 15.12 -26.73
CA PRO B 84 -37.62 14.25 -26.68
C PRO B 84 -38.46 14.44 -27.94
N GLY B 85 -38.86 13.33 -28.53
CA GLY B 85 -39.61 13.33 -29.78
C GLY B 85 -38.84 13.90 -30.96
N GLY B 86 -37.55 14.14 -30.80
CA GLY B 86 -36.79 14.76 -31.87
C GLY B 86 -37.15 16.20 -32.15
N LYS B 87 -37.62 16.92 -31.13
CA LYS B 87 -38.05 18.30 -31.31
C LYS B 87 -36.96 19.15 -31.97
N TYR B 88 -35.72 19.04 -31.49
CA TYR B 88 -34.60 19.80 -32.00
C TYR B 88 -33.52 18.88 -32.54
N PRO B 89 -32.94 19.17 -33.71
CA PRO B 89 -31.93 18.27 -34.27
C PRO B 89 -30.66 18.30 -33.44
N PRO B 90 -29.87 17.22 -33.44
CA PRO B 90 -28.70 17.17 -32.56
C PRO B 90 -27.62 18.15 -33.00
N LYS B 91 -27.05 18.82 -31.99
N LYS B 91 -27.04 18.81 -31.98
CA LYS B 91 -25.93 19.79 -32.19
CA LYS B 91 -25.95 19.81 -32.16
C LYS B 91 -24.71 19.30 -31.42
C LYS B 91 -24.71 19.30 -31.42
N SER B 92 -23.58 19.24 -32.11
CA SER B 92 -22.33 18.79 -31.50
C SER B 92 -21.71 19.90 -30.66
N VAL B 93 -20.99 19.49 -29.62
CA VAL B 93 -20.21 20.40 -28.79
C VAL B 93 -18.78 19.89 -28.74
N LYS B 94 -17.88 20.77 -28.30
N LYS B 94 -17.88 20.78 -28.32
CA LYS B 94 -16.44 20.41 -28.15
CA LYS B 94 -16.45 20.42 -28.15
C LYS B 94 -16.03 20.93 -26.76
C LYS B 94 -16.10 20.93 -26.75
N VAL B 95 -15.86 20.00 -25.83
CA VAL B 95 -15.73 20.41 -24.43
C VAL B 95 -14.54 19.79 -23.69
N ARG B 96 -13.80 18.85 -24.30
CA ARG B 96 -12.70 18.18 -23.61
C ARG B 96 -11.35 18.35 -24.29
N THR B 97 -11.29 19.05 -25.44
CA THR B 97 -10.12 19.07 -26.29
C THR B 97 -9.89 20.46 -26.84
N MET B 98 -8.66 20.73 -27.24
CA MET B 98 -8.30 22.01 -27.84
C MET B 98 -6.98 21.84 -28.59
N ASP B 99 -6.79 22.71 -29.59
N ASP B 99 -6.79 22.70 -29.59
CA ASP B 99 -5.54 22.69 -30.39
CA ASP B 99 -5.53 22.67 -30.38
C ASP B 99 -4.68 23.90 -30.00
C ASP B 99 -4.67 23.89 -30.02
N LEU B 100 -3.54 23.61 -29.36
CA LEU B 100 -2.57 24.64 -29.03
C LEU B 100 -1.28 24.37 -29.79
N PRO B 101 -0.65 25.40 -30.35
CA PRO B 101 0.54 25.19 -31.19
C PRO B 101 1.84 25.12 -30.37
N LEU B 102 1.89 24.17 -29.44
CA LEU B 102 3.00 24.13 -28.49
C LEU B 102 4.32 23.84 -29.18
N VAL B 103 4.35 22.87 -30.09
CA VAL B 103 5.58 22.53 -30.78
C VAL B 103 6.02 23.69 -31.68
N ASP B 104 5.08 24.28 -32.42
CA ASP B 104 5.44 25.41 -33.26
C ASP B 104 6.03 26.55 -32.45
N ASP B 105 5.56 26.73 -31.22
CA ASP B 105 5.95 27.81 -30.33
C ASP B 105 7.03 27.39 -29.32
N ALA B 106 7.72 26.28 -29.57
CA ALA B 106 8.64 25.74 -28.58
C ALA B 106 9.70 26.73 -28.15
N ASP B 107 10.20 27.56 -29.07
CA ASP B 107 11.28 28.47 -28.72
C ASP B 107 10.80 29.55 -27.74
N ASP B 108 9.63 30.13 -27.98
CA ASP B 108 9.12 31.11 -27.03
C ASP B 108 8.72 30.45 -25.72
N ILE B 109 8.12 29.27 -25.80
CA ILE B 109 7.79 28.52 -24.58
C ILE B 109 9.03 28.24 -23.76
N ALA B 110 10.12 27.82 -24.41
CA ALA B 110 11.37 27.55 -23.71
C ALA B 110 11.88 28.78 -22.98
N ALA B 111 11.80 29.94 -23.63
CA ALA B 111 12.24 31.18 -22.99
C ALA B 111 11.36 31.52 -21.78
N ARG B 112 10.05 31.37 -21.91
CA ARG B 112 9.17 31.64 -20.78
C ARG B 112 9.42 30.64 -19.66
N LEU B 113 9.65 29.38 -20.00
CA LEU B 113 9.90 28.36 -18.98
C LEU B 113 11.17 28.68 -18.21
N LYS B 114 12.23 29.03 -18.94
N LYS B 114 12.22 29.02 -18.95
CA LYS B 114 13.52 29.33 -18.27
CA LYS B 114 13.51 29.31 -18.27
C LYS B 114 13.34 30.50 -17.30
C LYS B 114 13.32 30.50 -17.31
N GLU B 115 12.58 31.52 -17.71
CA GLU B 115 12.39 32.67 -16.83
CA GLU B 115 12.39 32.67 -16.83
C GLU B 115 11.62 32.29 -15.57
N ARG B 116 10.62 31.42 -15.69
CA ARG B 116 9.86 31.00 -14.51
C ARG B 116 10.68 30.13 -13.57
N LEU B 117 11.59 29.31 -14.11
CA LEU B 117 12.40 28.43 -13.28
C LEU B 117 13.57 29.15 -12.65
N GLN B 118 14.11 30.14 -13.37
N GLN B 118 14.11 30.13 -13.36
CA GLN B 118 15.30 30.85 -12.87
CA GLN B 118 15.31 30.86 -12.88
C GLN B 118 15.02 31.58 -11.54
C GLN B 118 15.04 31.61 -11.57
N VAL B 119 15.97 31.49 -10.62
CA VAL B 119 15.93 32.22 -9.37
C VAL B 119 16.71 33.53 -9.47
N ASN B 120 17.91 33.49 -10.02
CA ASN B 120 18.72 34.66 -10.28
C ASN B 120 19.36 34.53 -11.65
N PRO B 121 19.65 35.64 -12.33
CA PRO B 121 20.21 35.54 -13.69
C PRO B 121 21.45 34.68 -13.82
N ASP B 122 22.32 34.63 -12.82
CA ASP B 122 23.56 33.89 -13.00
C ASP B 122 23.49 32.45 -12.52
N ASP B 123 22.29 31.88 -12.37
CA ASP B 123 22.18 30.68 -11.55
C ASP B 123 22.37 29.37 -12.30
N GLY B 124 22.54 29.39 -13.62
CA GLY B 124 22.80 28.17 -14.35
C GLY B 124 21.60 27.42 -14.86
N THR B 125 20.39 27.93 -14.68
CA THR B 125 19.19 27.31 -15.25
C THR B 125 19.40 27.14 -16.75
N GLU B 126 19.02 25.95 -17.25
N GLU B 126 19.01 25.96 -17.25
CA GLU B 126 19.14 25.66 -18.69
CA GLU B 126 19.15 25.65 -18.69
C GLU B 126 17.83 25.11 -19.24
C GLU B 126 17.85 25.08 -19.26
N VAL B 127 17.43 25.60 -20.41
CA VAL B 127 16.33 25.01 -21.16
C VAL B 127 16.75 24.94 -22.62
N ARG B 128 16.71 23.75 -23.22
CA ARG B 128 17.16 23.54 -24.58
C ARG B 128 16.03 22.93 -25.40
N VAL B 129 15.83 23.46 -26.61
CA VAL B 129 14.82 22.96 -27.52
C VAL B 129 15.43 21.82 -28.33
N MET B 130 14.75 20.68 -28.35
CA MET B 130 15.21 19.48 -29.02
C MET B 130 14.09 18.91 -29.89
N LYS B 131 14.47 17.98 -30.77
CA LYS B 131 13.51 17.22 -31.57
C LYS B 131 12.55 18.14 -32.32
N LYS B 132 13.11 19.20 -32.93
CA LYS B 132 12.31 20.14 -33.78
C LYS B 132 11.16 20.78 -32.99
N GLY B 133 11.39 20.96 -31.69
CA GLY B 133 10.40 21.59 -30.84
C GLY B 133 9.51 20.63 -30.09
N ASN B 134 9.65 19.33 -30.33
CA ASN B 134 8.80 18.37 -29.64
C ASN B 134 9.20 18.13 -28.19
N VAL B 135 10.46 18.38 -27.84
CA VAL B 135 10.96 18.11 -26.50
C VAL B 135 11.81 19.27 -26.03
N LEU B 136 11.65 19.65 -24.76
CA LEU B 136 12.57 20.56 -24.09
C LEU B 136 13.39 19.78 -23.07
N TYR B 137 14.70 19.99 -23.08
CA TYR B 137 15.55 19.54 -22.00
C TYR B 137 15.68 20.67 -20.99
N VAL B 138 15.46 20.36 -19.72
CA VAL B 138 15.45 21.34 -18.64
C VAL B 138 16.46 20.90 -17.59
N LYS B 139 17.30 21.83 -17.17
N LYS B 139 17.29 21.84 -17.17
CA LYS B 139 18.13 21.60 -15.98
CA LYS B 139 18.14 21.60 -15.97
C LYS B 139 17.93 22.80 -15.05
C LYS B 139 17.93 22.80 -15.05
N ILE B 140 17.31 22.56 -13.89
CA ILE B 140 17.12 23.66 -12.97
C ILE B 140 18.43 24.00 -12.29
N SER B 141 18.50 25.21 -11.75
CA SER B 141 19.68 25.66 -11.03
C SER B 141 19.87 24.90 -9.74
N GLU B 142 21.12 24.89 -9.28
N GLU B 142 21.11 24.91 -9.27
CA GLU B 142 21.40 24.35 -7.93
CA GLU B 142 21.40 24.35 -7.93
C GLU B 142 20.62 25.22 -6.93
C GLU B 142 20.63 25.23 -6.92
N GLN B 143 20.58 26.54 -7.15
CA GLN B 143 19.87 27.42 -6.23
C GLN B 143 18.44 26.93 -6.01
N LEU B 144 17.69 26.71 -7.08
CA LEU B 144 16.33 26.22 -6.92
C LEU B 144 16.32 24.82 -6.31
N ALA B 145 17.15 23.92 -6.84
CA ALA B 145 17.08 22.50 -6.47
C ALA B 145 17.39 22.28 -5.00
N ASN B 146 18.29 23.17 -4.51
N ASN B 146 18.26 23.12 -4.45
CA ASN B 146 18.71 22.95 -3.12
CA ASN B 146 18.74 22.97 -3.04
C ASN B 146 17.90 23.78 -2.12
C ASN B 146 17.85 23.70 -2.03
N THR B 147 16.73 24.28 -2.46
CA THR B 147 15.90 25.08 -1.57
C THR B 147 15.45 24.28 -0.37
N GLY B 148 14.84 23.12 -0.61
CA GLY B 148 14.38 22.25 0.46
C GLY B 148 15.22 21.02 0.60
N VAL B 149 14.58 19.86 0.75
CA VAL B 149 15.29 18.63 1.06
C VAL B 149 15.11 17.55 0.00
N GLU B 150 14.26 17.76 -1.01
CA GLU B 150 13.84 16.69 -1.89
C GLU B 150 14.53 16.76 -3.24
N TYR B 151 14.52 15.65 -3.99
CA TYR B 151 15.11 15.61 -5.31
CA TYR B 151 15.11 15.58 -5.31
C TYR B 151 14.12 15.87 -6.43
N THR B 152 12.85 16.05 -6.12
CA THR B 152 11.76 16.15 -7.10
C THR B 152 11.47 17.57 -7.56
N THR B 153 12.26 18.57 -7.14
CA THR B 153 11.90 19.96 -7.41
C THR B 153 11.93 20.29 -8.90
N ALA B 154 12.88 19.73 -9.66
CA ALA B 154 12.86 19.96 -11.10
C ALA B 154 11.56 19.46 -11.73
N LEU B 155 11.12 18.28 -11.33
CA LEU B 155 9.87 17.72 -11.84
C LEU B 155 8.68 18.60 -11.50
N THR B 156 8.55 18.97 -10.24
CA THR B 156 7.34 19.66 -9.81
C THR B 156 7.29 21.09 -10.32
N THR B 157 8.42 21.80 -10.27
CA THR B 157 8.42 23.18 -10.74
C THR B 157 8.20 23.25 -12.25
N THR B 158 8.81 22.32 -12.99
CA THR B 158 8.65 22.35 -14.44
C THR B 158 7.20 22.08 -14.83
N ALA B 159 6.54 21.12 -14.19
CA ALA B 159 5.16 20.84 -14.53
C ALA B 159 4.26 22.05 -14.26
N GLN B 160 4.44 22.70 -13.11
CA GLN B 160 3.61 23.85 -12.79
C GLN B 160 3.94 25.03 -13.69
N ALA B 161 5.23 25.26 -13.95
CA ALA B 161 5.60 26.37 -14.81
C ALA B 161 5.06 26.21 -16.21
N MET B 162 5.14 24.98 -16.75
CA MET B 162 4.57 24.73 -18.07
C MET B 162 3.07 24.99 -18.10
N THR B 163 2.37 24.51 -17.07
CA THR B 163 0.93 24.68 -17.01
C THR B 163 0.56 26.15 -16.96
N ASP B 164 1.17 26.88 -16.04
CA ASP B 164 0.91 28.32 -15.89
C ASP B 164 1.25 29.08 -17.17
N LEU B 165 2.43 28.83 -17.74
CA LEU B 165 2.84 29.64 -18.89
C LEU B 165 1.96 29.36 -20.10
N VAL B 166 1.49 28.12 -20.29
CA VAL B 166 0.59 27.83 -21.40
C VAL B 166 -0.77 28.50 -21.18
N MET B 167 -1.32 28.40 -19.97
CA MET B 167 -2.57 29.10 -19.66
C MET B 167 -2.44 30.59 -19.95
N GLU B 168 -1.30 31.17 -19.61
CA GLU B 168 -1.10 32.61 -19.80
C GLU B 168 -0.87 32.96 -21.27
N LYS B 169 0.02 32.22 -21.92
CA LYS B 169 0.46 32.60 -23.27
C LYS B 169 -0.72 32.63 -24.23
N TYR B 170 -1.61 31.65 -24.12
CA TYR B 170 -2.76 31.53 -25.01
C TYR B 170 -4.02 32.14 -24.41
N ASP B 171 -3.90 32.77 -23.24
CA ASP B 171 -5.01 33.45 -22.56
C ASP B 171 -6.24 32.55 -22.51
N LEU B 172 -6.05 31.36 -22.00
CA LEU B 172 -7.08 30.33 -22.05
C LEU B 172 -8.16 30.59 -21.00
N ASP B 173 -9.35 30.08 -21.29
CA ASP B 173 -10.50 30.26 -20.40
C ASP B 173 -10.46 29.25 -19.25
N PHE B 174 -11.41 29.41 -18.32
CA PHE B 174 -11.41 28.61 -17.11
C PHE B 174 -11.50 27.13 -17.42
N HIS B 175 -12.24 26.74 -18.48
CA HIS B 175 -12.41 25.34 -18.82
C HIS B 175 -11.08 24.66 -19.05
N ALA B 176 -10.09 25.41 -19.51
CA ALA B 176 -8.82 24.83 -19.90
C ALA B 176 -7.96 24.41 -18.72
N SER B 177 -8.14 25.02 -17.54
CA SER B 177 -7.27 24.76 -16.40
C SER B 177 -7.04 23.27 -16.14
N PRO B 178 -8.10 22.46 -15.96
CA PRO B 178 -7.86 21.04 -15.68
C PRO B 178 -7.19 20.32 -16.84
N LEU B 179 -7.52 20.71 -18.06
CA LEU B 179 -7.05 19.99 -19.24
C LEU B 179 -5.59 20.27 -19.49
N VAL B 180 -5.18 21.54 -19.38
CA VAL B 180 -3.76 21.87 -19.52
C VAL B 180 -2.96 21.26 -18.37
N HIS B 181 -3.50 21.30 -17.14
CA HIS B 181 -2.83 20.60 -16.05
C HIS B 181 -2.62 19.14 -16.41
N CYS B 182 -3.66 18.48 -16.92
CA CYS B 182 -3.56 17.06 -17.27
C CYS B 182 -2.50 16.84 -18.37
N ALA B 183 -2.43 17.76 -19.33
CA ALA B 183 -1.45 17.62 -20.40
C ALA B 183 -0.03 17.48 -19.86
N PHE B 184 0.30 18.17 -18.76
CA PHE B 184 1.64 18.07 -18.20
C PHE B 184 1.77 17.08 -17.06
N TYR B 185 0.79 17.03 -16.16
CA TYR B 185 0.85 16.22 -14.95
C TYR B 185 0.24 14.84 -15.11
N GLY B 186 -0.49 14.58 -16.19
CA GLY B 186 -1.19 13.31 -16.31
C GLY B 186 -2.27 13.17 -15.25
N ARG B 187 -2.22 12.06 -14.51
CA ARG B 187 -3.25 11.73 -13.53
C ARG B 187 -2.95 12.25 -12.13
N TYR B 188 -1.90 13.04 -11.95
CA TYR B 188 -1.63 13.65 -10.66
C TYR B 188 -2.71 14.69 -10.34
N PRO B 189 -3.25 14.72 -9.10
CA PRO B 189 -2.84 14.00 -7.90
C PRO B 189 -3.66 12.75 -7.58
N GLN B 190 -4.54 12.30 -8.46
CA GLN B 190 -5.15 10.99 -8.20
C GLN B 190 -4.10 9.89 -8.11
N THR B 191 -3.03 10.00 -8.89
CA THR B 191 -1.82 9.20 -8.75
C THR B 191 -0.72 10.05 -8.11
N TYR B 192 0.16 9.41 -7.33
CA TYR B 192 1.33 10.12 -6.81
C TYR B 192 2.27 10.51 -7.95
N GLU B 193 2.43 9.60 -8.90
CA GLU B 193 3.20 9.84 -10.11
C GLU B 193 2.49 10.89 -10.97
N PHE B 194 3.27 11.58 -11.81
CA PHE B 194 2.70 12.39 -12.89
C PHE B 194 2.36 11.44 -14.05
N MET B 195 1.43 10.53 -13.77
CA MET B 195 1.28 9.32 -14.56
C MET B 195 0.66 9.64 -15.91
N GLY B 196 1.35 9.27 -16.98
CA GLY B 196 0.91 9.60 -18.30
C GLY B 196 1.07 11.05 -18.68
N GLY B 197 1.79 11.82 -17.87
CA GLY B 197 2.07 13.21 -18.14
C GLY B 197 3.20 13.39 -19.14
N ASN B 198 3.70 14.62 -19.20
CA ASN B 198 4.67 15.01 -20.21
C ASN B 198 5.85 15.77 -19.61
N VAL B 199 6.14 15.49 -18.34
CA VAL B 199 7.37 15.96 -17.70
C VAL B 199 8.05 14.72 -17.13
N ILE B 200 9.26 14.43 -17.63
CA ILE B 200 9.92 13.14 -17.42
CA ILE B 200 9.92 13.14 -17.44
C ILE B 200 11.24 13.37 -16.69
N SER B 201 11.48 12.57 -15.66
CA SER B 201 12.73 12.52 -14.93
C SER B 201 13.41 11.16 -15.15
N LEU B 202 14.75 11.14 -15.10
CA LEU B 202 15.48 9.87 -15.05
C LEU B 202 15.21 9.10 -13.78
N LEU B 203 14.82 9.82 -12.72
CA LEU B 203 14.52 9.19 -11.40
C LEU B 203 13.05 8.77 -11.36
N ALA B 204 12.78 7.73 -10.60
CA ALA B 204 11.43 7.30 -10.35
C ALA B 204 10.68 8.24 -9.41
N ALA B 205 9.37 8.04 -9.31
CA ALA B 205 8.59 8.81 -8.35
C ALA B 205 9.10 8.54 -6.93
N SER B 206 8.99 9.55 -6.09
CA SER B 206 9.62 9.49 -4.77
C SER B 206 8.82 8.66 -3.76
N CYS B 207 7.74 8.00 -4.19
CA CYS B 207 7.03 7.00 -3.40
C CYS B 207 7.63 5.61 -3.56
N ALA B 208 8.57 5.39 -4.48
CA ALA B 208 8.82 4.05 -4.99
C ALA B 208 10.06 3.35 -4.43
N ASN B 209 10.78 3.95 -3.49
CA ASN B 209 11.98 3.31 -2.96
C ASN B 209 11.66 2.01 -2.24
N GLU B 210 12.62 1.08 -2.27
CA GLU B 210 12.57 -0.10 -1.42
C GLU B 210 13.04 0.20 0.00
N GLY B 211 13.85 1.23 0.18
CA GLY B 211 14.32 1.65 1.48
C GLY B 211 14.91 3.03 1.38
N PRO B 212 15.30 3.61 2.50
CA PRO B 212 15.92 4.94 2.47
C PRO B 212 17.26 4.88 1.75
N GLY B 213 17.46 5.82 0.82
CA GLY B 213 18.71 5.90 0.08
C GLY B 213 18.71 5.18 -1.24
N PHE B 214 17.59 4.60 -1.66
CA PHE B 214 17.52 3.79 -2.87
C PHE B 214 17.22 4.57 -4.15
N ALA B 215 17.04 5.89 -4.11
CA ALA B 215 16.59 6.59 -5.32
C ALA B 215 17.55 6.43 -6.50
N MET B 216 18.86 6.54 -6.26
CA MET B 216 19.82 6.38 -7.36
CA MET B 216 19.80 6.39 -7.37
C MET B 216 19.93 4.94 -7.82
N ARG B 217 19.25 4.02 -7.15
CA ARG B 217 19.20 2.64 -7.56
C ARG B 217 17.97 2.31 -8.37
N ASN B 218 16.96 3.17 -8.37
CA ASN B 218 15.71 2.89 -9.06
C ASN B 218 15.75 3.42 -10.49
N ILE B 219 16.72 2.90 -11.24
CA ILE B 219 17.04 3.31 -12.61
C ILE B 219 17.30 2.01 -13.39
N MET B 220 16.45 1.70 -14.36
CA MET B 220 16.60 0.40 -14.98
CA MET B 220 16.54 0.44 -15.09
C MET B 220 17.84 0.33 -15.87
N ALA B 221 18.36 -0.87 -16.01
CA ALA B 221 19.52 -1.08 -16.87
C ALA B 221 19.26 -0.58 -18.28
N ASN B 222 18.03 -0.73 -18.80
CA ASN B 222 17.74 -0.21 -20.13
C ASN B 222 17.95 1.30 -20.23
N HIS B 223 17.60 2.05 -19.17
CA HIS B 223 17.85 3.49 -19.20
C HIS B 223 19.34 3.78 -19.30
N ILE B 224 20.14 3.04 -18.54
CA ILE B 224 21.59 3.23 -18.51
C ILE B 224 22.20 2.90 -19.87
N VAL B 225 21.77 1.79 -20.48
CA VAL B 225 22.28 1.39 -21.77
C VAL B 225 21.85 2.38 -22.85
N ALA B 226 20.60 2.87 -22.78
CA ALA B 226 20.15 3.85 -23.75
C ALA B 226 20.94 5.13 -23.65
N ALA B 227 21.21 5.58 -22.42
CA ALA B 227 21.90 6.85 -22.22
C ALA B 227 23.38 6.79 -22.62
N THR B 228 23.99 5.61 -22.54
CA THR B 228 25.38 5.41 -22.95
C THR B 228 25.47 4.82 -24.36
N ARG B 229 24.34 4.69 -25.03
CA ARG B 229 24.28 4.24 -26.43
C ARG B 229 25.05 2.94 -26.64
N LYS B 230 24.90 2.03 -25.68
CA LYS B 230 25.37 0.64 -25.79
CA LYS B 230 25.37 0.64 -25.79
C LYS B 230 26.89 0.50 -25.80
N ARG B 231 27.64 1.51 -25.38
CA ARG B 231 29.09 1.36 -25.28
C ARG B 231 29.39 0.68 -23.96
N THR B 232 29.72 -0.62 -24.04
CA THR B 232 29.68 -1.54 -22.90
C THR B 232 30.26 -0.97 -21.62
N LEU B 233 31.54 -0.60 -21.62
CA LEU B 233 32.15 -0.20 -20.34
C LEU B 233 31.68 1.16 -19.85
N GLU B 234 31.14 2.01 -20.74
CA GLU B 234 30.52 3.24 -20.27
C GLU B 234 29.20 2.94 -19.57
N ALA B 235 28.43 1.99 -20.10
CA ALA B 235 27.23 1.52 -19.42
C ALA B 235 27.59 0.93 -18.07
N VAL B 236 28.65 0.12 -18.02
CA VAL B 236 29.13 -0.44 -16.76
C VAL B 236 29.48 0.67 -15.79
N ALA B 237 30.25 1.66 -16.25
CA ALA B 237 30.70 2.75 -15.38
C ALA B 237 29.53 3.57 -14.87
N LEU B 238 28.55 3.87 -15.72
CA LEU B 238 27.38 4.63 -15.29
C LEU B 238 26.60 3.84 -14.24
N SER B 239 26.30 2.57 -14.54
CA SER B 239 25.58 1.74 -13.58
C SER B 239 26.34 1.61 -12.26
N SER B 240 27.65 1.30 -12.36
CA SER B 240 28.43 1.11 -11.13
C SER B 240 28.49 2.38 -10.31
N THR B 241 28.60 3.53 -10.97
CA THR B 241 28.68 4.80 -10.26
C THR B 241 27.34 5.15 -9.61
N LEU B 242 26.23 4.92 -10.32
CA LEU B 242 24.91 5.11 -9.71
C LEU B 242 24.75 4.19 -8.50
N GLU B 243 25.17 2.93 -8.62
CA GLU B 243 25.15 2.03 -7.48
C GLU B 243 26.04 2.55 -6.36
N ALA B 244 27.20 3.11 -6.70
CA ALA B 244 28.11 3.58 -5.66
C ALA B 244 27.50 4.74 -4.89
N ILE B 245 26.88 5.68 -5.61
CA ILE B 245 26.18 6.79 -4.96
C ILE B 245 25.06 6.24 -4.08
N GLY B 246 24.27 5.31 -4.63
CA GLY B 246 23.19 4.71 -3.87
C GLY B 246 23.66 4.07 -2.59
N HIS B 247 24.78 3.35 -2.63
CA HIS B 247 25.26 2.69 -1.41
C HIS B 247 25.78 3.69 -0.38
N VAL B 248 26.31 4.84 -0.80
CA VAL B 248 26.57 5.90 0.18
C VAL B 248 25.26 6.33 0.83
N GLU B 249 24.25 6.61 0.00
CA GLU B 249 22.98 7.09 0.54
C GLU B 249 22.27 6.04 1.39
N MET B 250 22.51 4.75 1.14
CA MET B 250 21.97 3.70 2.00
C MET B 250 22.68 3.59 3.33
N GLY B 251 23.82 4.24 3.48
CA GLY B 251 24.60 4.17 4.70
C GLY B 251 25.64 3.06 4.74
N ASP B 252 25.89 2.40 3.62
CA ASP B 252 26.75 1.23 3.61
C ASP B 252 28.19 1.49 3.19
N ALA B 253 28.55 2.72 2.87
CA ALA B 253 29.95 3.06 2.57
C ALA B 253 30.60 3.72 3.80
N ILE B 254 30.52 2.96 4.89
CA ILE B 254 30.83 3.50 6.24
C ILE B 254 31.73 2.53 7.00
N GLY B 255 32.68 3.12 7.73
CA GLY B 255 33.39 2.35 8.72
C GLY B 255 34.16 1.19 8.10
N ARG B 256 34.06 0.03 8.74
CA ARG B 256 34.82 -1.15 8.33
C ARG B 256 34.35 -1.73 7.01
N TRP B 257 33.26 -1.21 6.44
CA TRP B 257 32.80 -1.59 5.10
C TRP B 257 33.16 -0.59 4.01
N ARG B 258 33.71 0.58 4.35
CA ARG B 258 33.85 1.63 3.34
C ARG B 258 34.84 1.24 2.25
N ARG B 259 36.00 0.70 2.63
CA ARG B 259 37.00 0.31 1.63
C ARG B 259 36.46 -0.76 0.69
N TRP B 260 35.79 -1.76 1.26
CA TRP B 260 35.17 -2.82 0.45
C TRP B 260 34.24 -2.23 -0.59
N GLN B 261 33.39 -1.28 -0.16
CA GLN B 261 32.40 -0.71 -1.04
C GLN B 261 33.05 0.17 -2.11
N ALA B 262 34.09 0.91 -1.74
CA ALA B 262 34.81 1.76 -2.69
C ALA B 262 35.53 0.93 -3.75
N LEU B 263 36.07 -0.22 -3.34
CA LEU B 263 36.78 -1.08 -4.28
C LEU B 263 35.85 -1.76 -5.28
N VAL B 264 34.62 -2.08 -4.88
CA VAL B 264 33.67 -2.60 -5.85
C VAL B 264 33.53 -1.62 -7.00
N HIS B 265 33.30 -0.35 -6.67
CA HIS B 265 33.12 0.70 -7.67
C HIS B 265 34.37 0.86 -8.54
N ALA B 266 35.53 0.97 -7.91
CA ALA B 266 36.74 1.23 -8.67
C ALA B 266 37.09 0.06 -9.60
N CYS B 267 37.05 -1.15 -9.06
CA CYS B 267 37.53 -2.31 -9.82
C CYS B 267 36.52 -2.80 -10.83
N GLN B 268 35.24 -2.86 -10.46
CA GLN B 268 34.25 -3.34 -11.42
C GLN B 268 33.79 -2.23 -12.35
N GLY B 269 33.68 -1.01 -11.84
CA GLY B 269 33.04 0.06 -12.57
C GLY B 269 33.96 0.97 -13.32
N LEU B 270 35.22 1.11 -12.87
CA LEU B 270 36.15 2.07 -13.44
C LEU B 270 37.40 1.40 -14.00
N ASN B 271 37.35 0.09 -14.26
CA ASN B 271 38.46 -0.61 -14.89
C ASN B 271 39.78 -0.29 -14.19
N ALA B 272 39.73 -0.23 -12.86
CA ALA B 272 40.94 0.08 -12.10
C ALA B 272 42.02 -0.94 -12.40
N ASN B 273 43.23 -0.45 -12.61
CA ASN B 273 44.40 -1.27 -12.91
C ASN B 273 44.23 -2.12 -14.15
N ASN B 274 43.27 -1.76 -15.00
CA ASN B 274 42.97 -2.47 -16.25
C ASN B 274 42.50 -3.90 -16.04
N VAL B 275 42.03 -4.25 -14.83
CA VAL B 275 41.71 -5.65 -14.56
C VAL B 275 40.59 -6.15 -15.48
N VAL B 276 39.48 -5.40 -15.57
CA VAL B 276 38.37 -5.86 -16.40
C VAL B 276 38.83 -6.05 -17.83
N TYR B 277 39.51 -5.05 -18.40
CA TYR B 277 39.95 -5.15 -19.78
C TYR B 277 40.90 -6.32 -19.96
N ASP B 278 41.87 -6.47 -19.06
CA ASP B 278 42.86 -7.53 -19.17
C ASP B 278 42.20 -8.90 -19.11
N LEU B 279 41.20 -9.07 -18.25
CA LEU B 279 40.51 -10.35 -18.16
C LEU B 279 39.74 -10.68 -19.44
N VAL B 280 39.05 -9.69 -20.01
CA VAL B 280 38.33 -9.93 -21.26
C VAL B 280 39.32 -10.24 -22.37
N LYS B 281 40.44 -9.52 -22.39
N LYS B 281 40.44 -9.53 -22.39
CA LYS B 281 41.44 -9.76 -23.46
CA LYS B 281 41.45 -9.75 -23.46
C LYS B 281 41.99 -11.19 -23.37
C LYS B 281 42.03 -11.17 -23.37
N GLU B 282 42.33 -11.65 -22.16
CA GLU B 282 42.89 -12.98 -22.00
C GLU B 282 41.89 -14.05 -22.40
N ALA B 283 40.63 -13.90 -22.00
CA ALA B 283 39.65 -14.96 -22.04
C ALA B 283 38.61 -14.81 -23.12
N GLY B 284 38.67 -13.73 -23.92
CA GLY B 284 37.56 -13.37 -24.79
C GLY B 284 37.24 -14.38 -25.88
N HIS B 285 38.23 -15.17 -26.30
CA HIS B 285 37.98 -16.20 -27.29
C HIS B 285 37.42 -17.48 -26.67
N GLY B 286 37.21 -17.50 -25.37
CA GLY B 286 36.74 -18.68 -24.67
C GLY B 286 35.38 -18.54 -24.03
N CYS B 287 35.25 -19.13 -22.86
CA CYS B 287 34.00 -19.35 -22.16
C CYS B 287 34.07 -18.68 -20.78
N THR B 288 32.95 -18.71 -20.07
CA THR B 288 32.94 -18.22 -18.69
C THR B 288 34.12 -18.78 -17.89
N GLY B 289 34.40 -20.07 -18.03
CA GLY B 289 35.44 -20.69 -17.23
C GLY B 289 36.82 -20.15 -17.52
N ASP B 290 37.04 -19.68 -18.75
CA ASP B 290 38.32 -19.06 -19.05
C ASP B 290 38.48 -17.74 -18.30
N VAL B 291 37.38 -17.05 -18.04
CA VAL B 291 37.44 -15.86 -17.21
C VAL B 291 37.71 -16.24 -15.75
N VAL B 292 37.14 -17.36 -15.29
CA VAL B 292 37.47 -17.85 -13.95
C VAL B 292 38.97 -18.04 -13.82
N ALA B 293 39.57 -18.75 -14.78
CA ALA B 293 41.01 -18.97 -14.76
C ALA B 293 41.77 -17.65 -14.76
N ALA B 294 41.36 -16.70 -15.61
CA ALA B 294 42.07 -15.43 -15.69
C ALA B 294 41.97 -14.64 -14.40
N THR B 295 40.80 -14.70 -13.73
CA THR B 295 40.60 -13.96 -12.49
C THR B 295 41.47 -14.52 -11.37
N VAL B 296 41.46 -15.84 -11.20
CA VAL B 296 42.30 -16.44 -10.16
C VAL B 296 43.76 -16.17 -10.45
N GLY B 297 44.16 -16.31 -11.71
CA GLY B 297 45.54 -16.03 -12.07
C GLY B 297 45.96 -14.61 -11.76
N ARG B 298 45.10 -13.65 -12.08
CA ARG B 298 45.42 -12.25 -11.81
C ARG B 298 45.47 -11.97 -10.31
N ALA B 299 44.55 -12.55 -9.54
CA ALA B 299 44.60 -12.39 -8.10
C ALA B 299 45.91 -12.95 -7.53
N LEU B 300 46.36 -14.09 -8.04
CA LEU B 300 47.64 -14.65 -7.61
C LEU B 300 48.79 -13.74 -8.02
N GLU B 301 48.78 -13.29 -9.26
N GLU B 301 48.78 -13.29 -9.26
CA GLU B 301 49.90 -12.47 -9.80
CA GLU B 301 49.89 -12.45 -9.81
C GLU B 301 50.05 -11.18 -8.97
C GLU B 301 50.04 -11.18 -8.98
N ASP B 302 48.94 -10.59 -8.55
CA ASP B 302 48.96 -9.35 -7.80
C ASP B 302 49.10 -9.54 -6.29
N GLY B 303 49.23 -10.78 -5.82
CA GLY B 303 49.43 -11.03 -4.40
C GLY B 303 48.18 -10.95 -3.56
N ILE B 304 47.00 -10.90 -4.19
CA ILE B 304 45.75 -10.75 -3.46
C ILE B 304 45.39 -12.03 -2.71
N ILE B 305 45.72 -13.17 -3.31
CA ILE B 305 45.47 -14.47 -2.72
C ILE B 305 46.76 -15.28 -2.81
N SER B 306 46.83 -16.31 -1.98
N SER B 306 46.82 -16.31 -1.99
CA SER B 306 47.97 -17.23 -1.94
CA SER B 306 47.97 -17.24 -2.00
C SER B 306 47.47 -18.63 -1.56
C SER B 306 47.50 -18.61 -1.53
N VAL B 307 48.27 -19.63 -1.86
CA VAL B 307 47.92 -20.97 -1.40
C VAL B 307 47.95 -21.01 0.12
N LYS B 308 46.88 -21.53 0.73
CA LYS B 308 46.78 -21.70 2.18
C LYS B 308 47.15 -23.11 2.63
N LYS B 309 46.63 -24.12 1.94
CA LYS B 309 46.74 -25.52 2.36
C LYS B 309 46.56 -26.36 1.12
N THR B 310 47.32 -27.44 1.01
CA THR B 310 47.11 -28.44 -0.03
C THR B 310 46.53 -29.69 0.61
N LEU B 311 45.35 -30.08 0.18
CA LEU B 311 44.70 -31.26 0.71
C LEU B 311 45.36 -32.50 0.13
N PRO B 312 45.12 -33.67 0.74
CA PRO B 312 45.80 -34.88 0.26
C PRO B 312 45.56 -35.20 -1.21
N SER B 313 44.41 -34.86 -1.78
CA SER B 313 44.17 -35.08 -3.20
C SER B 313 45.01 -34.19 -4.10
N GLY B 314 45.63 -33.14 -3.55
CA GLY B 314 46.30 -32.15 -4.34
C GLY B 314 45.50 -30.87 -4.55
N TYR B 315 44.22 -30.88 -4.17
CA TYR B 315 43.41 -29.67 -4.22
C TYR B 315 43.95 -28.63 -3.24
N LYS B 316 44.02 -27.39 -3.71
CA LYS B 316 44.57 -26.30 -2.88
C LYS B 316 43.50 -25.31 -2.43
N PHE B 317 43.40 -25.10 -1.13
CA PHE B 317 42.65 -23.96 -0.61
C PHE B 317 43.51 -22.71 -0.77
N TYR B 318 42.90 -21.64 -1.25
CA TYR B 318 43.55 -20.34 -1.29
C TYR B 318 43.04 -19.46 -0.14
N THR B 319 43.91 -18.59 0.34
CA THR B 319 43.56 -17.58 1.33
C THR B 319 43.60 -16.19 0.70
N ALA B 320 42.75 -15.32 1.21
CA ALA B 320 42.75 -13.93 0.79
C ALA B 320 43.70 -13.14 1.68
N ASN B 321 44.81 -12.68 1.09
CA ASN B 321 45.69 -11.77 1.80
C ASN B 321 45.07 -10.39 1.95
N ASP B 322 44.14 -10.03 1.06
CA ASP B 322 43.41 -8.78 1.13
C ASP B 322 41.96 -9.11 0.78
N PRO B 323 41.13 -9.44 1.79
CA PRO B 323 39.74 -9.86 1.54
C PRO B 323 38.91 -8.89 0.72
N SER B 324 38.97 -7.58 1.01
CA SER B 324 38.18 -6.63 0.24
C SER B 324 38.68 -6.54 -1.20
N MET B 325 39.97 -6.65 -1.41
CA MET B 325 40.48 -6.60 -2.78
C MET B 325 40.16 -7.89 -3.54
N TRP B 326 40.21 -9.04 -2.85
CA TRP B 326 39.73 -10.29 -3.46
C TRP B 326 38.29 -10.15 -3.91
N ASN B 327 37.42 -9.64 -3.03
CA ASN B 327 36.04 -9.44 -3.43
C ASN B 327 35.94 -8.58 -4.67
N ALA B 328 36.72 -7.49 -4.70
CA ALA B 328 36.65 -6.58 -5.85
C ALA B 328 37.16 -7.24 -7.12
N TYR B 329 38.19 -8.08 -7.01
CA TYR B 329 38.66 -8.83 -8.18
C TYR B 329 37.60 -9.80 -8.67
N VAL B 330 36.87 -10.45 -7.76
CA VAL B 330 35.76 -11.29 -8.22
C VAL B 330 34.70 -10.44 -8.93
N CYS B 331 34.42 -9.23 -8.43
CA CYS B 331 33.46 -8.36 -9.09
C CYS B 331 33.93 -7.94 -10.48
N ALA B 332 35.23 -7.65 -10.62
CA ALA B 332 35.78 -7.35 -11.94
C ALA B 332 35.71 -8.55 -12.86
N GLY B 333 36.07 -9.73 -12.36
CA GLY B 333 35.93 -10.94 -13.15
C GLY B 333 34.49 -11.22 -13.55
N LEU B 334 33.57 -10.87 -12.67
CA LEU B 334 32.13 -11.10 -12.97
C LEU B 334 31.68 -10.28 -14.18
N VAL B 335 32.04 -9.00 -14.24
CA VAL B 335 31.65 -8.23 -15.41
C VAL B 335 32.41 -8.71 -16.66
N ALA B 336 33.69 -9.05 -16.51
CA ALA B 336 34.42 -9.64 -17.63
C ALA B 336 33.77 -10.93 -18.12
N ALA B 337 33.28 -11.76 -17.20
CA ALA B 337 32.67 -13.03 -17.58
C ALA B 337 31.40 -12.81 -18.38
N VAL B 338 30.59 -11.83 -18.00
CA VAL B 338 29.39 -11.50 -18.76
C VAL B 338 29.77 -10.98 -20.14
N ILE B 339 30.79 -10.14 -20.20
CA ILE B 339 31.24 -9.62 -21.49
C ILE B 339 31.67 -10.76 -22.41
N VAL B 340 32.42 -11.74 -21.88
CA VAL B 340 32.86 -12.87 -22.70
C VAL B 340 31.70 -13.77 -23.09
N ASN B 341 30.85 -14.13 -22.13
CA ASN B 341 29.81 -15.11 -22.39
C ASN B 341 28.65 -14.51 -23.17
N GLN B 342 28.06 -13.42 -22.66
CA GLN B 342 26.97 -12.77 -23.38
C GLN B 342 27.50 -12.05 -24.62
N GLY B 343 28.75 -11.62 -24.59
CA GLY B 343 29.34 -11.03 -25.80
C GLY B 343 29.49 -12.05 -26.92
N ALA B 344 29.89 -13.28 -26.59
CA ALA B 344 30.02 -14.29 -27.64
C ALA B 344 28.68 -14.54 -28.31
N ALA B 345 27.60 -14.63 -27.53
CA ALA B 345 26.28 -14.85 -28.07
C ALA B 345 25.65 -13.59 -28.65
N ARG B 346 26.19 -12.42 -28.31
CA ARG B 346 25.55 -11.13 -28.56
C ARG B 346 24.07 -11.18 -28.15
N ALA B 347 23.81 -11.77 -26.99
CA ALA B 347 22.45 -11.98 -26.50
C ALA B 347 22.49 -11.87 -24.99
N ALA B 348 21.65 -11.01 -24.43
CA ALA B 348 21.78 -10.67 -23.03
C ALA B 348 21.27 -11.74 -22.07
N GLN B 349 20.37 -12.64 -22.50
CA GLN B 349 19.59 -13.41 -21.53
C GLN B 349 20.46 -14.24 -20.58
N GLY B 350 21.59 -14.75 -21.04
CA GLY B 350 22.42 -15.59 -20.18
C GLY B 350 23.16 -14.85 -19.09
N VAL B 351 23.03 -13.52 -19.02
CA VAL B 351 23.69 -12.75 -17.97
C VAL B 351 23.37 -13.32 -16.59
N SER B 352 22.12 -13.74 -16.37
CA SER B 352 21.74 -14.24 -15.05
C SER B 352 22.47 -15.54 -14.71
N SER B 353 22.68 -16.40 -15.71
CA SER B 353 23.42 -17.64 -15.54
C SER B 353 24.90 -17.36 -15.27
N THR B 354 25.49 -16.41 -16.01
CA THR B 354 26.87 -16.06 -15.76
C THR B 354 27.05 -15.49 -14.36
N LEU B 355 26.12 -14.65 -13.92
CA LEU B 355 26.21 -14.11 -12.58
C LEU B 355 26.26 -15.22 -11.54
N LEU B 356 25.40 -16.21 -11.69
N LEU B 356 25.40 -16.22 -11.68
CA LEU B 356 25.41 -17.35 -10.75
CA LEU B 356 25.39 -17.37 -10.74
C LEU B 356 26.66 -18.24 -10.87
C LEU B 356 26.63 -18.28 -10.86
N TYR B 357 26.99 -18.67 -12.10
CA TYR B 357 28.00 -19.71 -12.23
C TYR B 357 29.43 -19.19 -12.29
N PHE B 358 29.68 -17.95 -12.70
CA PHE B 358 31.01 -17.41 -12.48
C PHE B 358 31.38 -17.46 -11.00
N ASN B 359 30.46 -17.01 -10.15
CA ASN B 359 30.68 -17.03 -8.70
C ASN B 359 30.79 -18.46 -8.17
N ASP B 360 29.93 -19.38 -8.63
CA ASP B 360 29.97 -20.77 -8.16
C ASP B 360 31.28 -21.42 -8.56
N LEU B 361 31.70 -21.21 -9.80
CA LEU B 361 32.96 -21.77 -10.27
C LEU B 361 34.14 -21.19 -9.48
N ILE B 362 34.12 -19.90 -9.19
CA ILE B 362 35.17 -19.28 -8.40
C ILE B 362 35.33 -19.99 -7.06
N GLU B 363 34.22 -20.23 -6.36
CA GLU B 363 34.31 -20.87 -5.04
C GLU B 363 34.84 -22.29 -5.16
N HIS B 364 34.32 -23.06 -6.12
CA HIS B 364 34.80 -24.42 -6.30
C HIS B 364 36.27 -24.46 -6.70
N GLU B 365 36.73 -23.44 -7.43
CA GLU B 365 38.11 -23.36 -7.88
C GLU B 365 39.08 -22.99 -6.76
N THR B 366 38.64 -22.21 -5.76
CA THR B 366 39.57 -21.57 -4.82
C THR B 366 39.35 -21.92 -3.36
N GLY B 367 38.13 -22.27 -2.94
CA GLY B 367 37.86 -22.34 -1.53
C GLY B 367 37.73 -20.99 -0.86
N LEU B 368 37.53 -19.94 -1.65
CA LEU B 368 37.29 -18.59 -1.16
C LEU B 368 35.87 -18.14 -1.49
N PRO B 369 35.31 -17.24 -0.67
CA PRO B 369 33.93 -16.80 -0.91
C PRO B 369 33.83 -15.88 -2.12
N HIS B 370 32.73 -16.01 -2.83
CA HIS B 370 32.46 -15.23 -4.02
C HIS B 370 31.99 -13.81 -3.65
N ALA B 371 31.65 -13.04 -4.68
CA ALA B 371 31.26 -11.64 -4.51
C ALA B 371 30.07 -11.49 -3.56
N GLY B 372 30.26 -10.66 -2.53
CA GLY B 372 29.19 -10.42 -1.59
C GLY B 372 28.85 -11.58 -0.66
N TYR B 373 29.73 -12.58 -0.55
CA TYR B 373 29.60 -13.60 0.49
C TYR B 373 28.30 -14.38 0.40
N GLY B 374 27.74 -14.51 -0.80
CA GLY B 374 26.45 -15.13 -0.98
C GLY B 374 25.53 -14.37 -1.89
N ASP B 375 25.68 -13.03 -1.95
CA ASP B 375 24.76 -12.21 -2.75
C ASP B 375 24.96 -12.44 -4.25
N GLY B 376 26.19 -12.63 -4.70
CA GLY B 376 26.38 -12.82 -6.14
C GLY B 376 25.68 -14.06 -6.65
N MET B 377 25.85 -15.19 -5.97
CA MET B 377 25.12 -16.39 -6.35
C MET B 377 23.64 -16.24 -6.06
N GLY B 378 23.29 -15.63 -4.93
CA GLY B 378 21.88 -15.49 -4.61
C GLY B 378 21.14 -14.72 -5.69
N ASN B 379 21.71 -13.59 -6.11
CA ASN B 379 21.07 -12.83 -7.19
C ASN B 379 21.21 -13.52 -8.54
N GLY B 380 22.28 -14.29 -8.78
CA GLY B 380 22.26 -15.14 -9.96
C GLY B 380 21.04 -16.04 -9.98
N VAL B 381 20.73 -16.62 -8.82
CA VAL B 381 19.55 -17.49 -8.69
C VAL B 381 18.26 -16.71 -8.91
N SER B 382 18.06 -15.61 -8.16
CA SER B 382 16.78 -14.90 -8.24
C SER B 382 16.58 -14.28 -9.62
N PHE B 383 17.62 -13.67 -10.16
CA PHE B 383 17.54 -13.03 -11.46
C PHE B 383 17.34 -14.04 -12.57
N SER B 384 18.01 -15.19 -12.49
CA SER B 384 17.78 -16.24 -13.48
C SER B 384 16.31 -16.66 -13.44
N PHE B 385 15.81 -17.00 -12.25
CA PHE B 385 14.44 -17.44 -12.08
C PHE B 385 13.45 -16.43 -12.65
N PHE B 386 13.59 -15.17 -12.24
CA PHE B 386 12.63 -14.12 -12.60
C PHE B 386 12.89 -13.51 -13.96
N SER B 387 13.77 -14.11 -14.78
CA SER B 387 13.87 -13.75 -16.19
C SER B 387 13.56 -14.94 -17.10
N HIS B 388 13.07 -16.05 -16.53
CA HIS B 388 12.77 -17.25 -17.31
C HIS B 388 11.57 -18.03 -16.77
N ALA B 389 10.66 -17.39 -16.04
CA ALA B 389 9.57 -18.09 -15.39
C ALA B 389 8.27 -17.29 -15.48
N ILE B 390 7.18 -17.90 -15.01
CA ILE B 390 5.87 -17.27 -15.10
C ILE B 390 5.59 -16.25 -14.02
N TYR B 391 6.43 -16.18 -12.98
CA TYR B 391 6.01 -15.55 -11.70
C TYR B 391 6.05 -14.04 -11.65
N GLY B 392 6.98 -13.44 -12.38
CA GLY B 392 7.22 -12.01 -12.29
C GLY B 392 8.50 -11.72 -13.06
N GLY B 393 9.06 -10.53 -12.84
CA GLY B 393 10.31 -10.19 -13.50
C GLY B 393 10.12 -9.73 -14.93
N GLY B 394 11.00 -10.16 -15.81
CA GLY B 394 11.00 -9.66 -17.17
C GLY B 394 12.37 -9.86 -17.80
N SER B 395 12.58 -9.17 -18.91
CA SER B 395 13.87 -9.32 -19.54
CA SER B 395 13.83 -9.13 -19.66
C SER B 395 14.94 -8.53 -18.78
N PRO B 396 16.22 -8.86 -19.04
CA PRO B 396 17.30 -8.29 -18.20
C PRO B 396 17.24 -6.79 -18.03
N GLY B 397 16.91 -6.04 -19.09
CA GLY B 397 17.02 -4.61 -19.05
C GLY B 397 16.01 -3.91 -18.17
N ILE B 398 14.97 -4.62 -17.70
CA ILE B 398 13.96 -3.92 -16.85
C ILE B 398 14.34 -3.97 -15.35
N PHE B 399 15.41 -4.68 -15.01
CA PHE B 399 15.86 -4.75 -13.63
C PHE B 399 16.70 -3.51 -13.26
N SER B 400 16.84 -3.31 -11.96
CA SER B 400 17.54 -2.16 -11.39
C SER B 400 17.97 -2.52 -9.98
N GLY B 401 18.77 -1.64 -9.39
CA GLY B 401 19.16 -1.81 -8.00
C GLY B 401 18.04 -1.66 -6.99
N ASN B 402 16.89 -1.13 -7.40
CA ASN B 402 15.70 -1.04 -6.55
C ASN B 402 14.68 -2.13 -6.85
N HIS B 403 14.89 -2.96 -7.87
CA HIS B 403 13.96 -4.04 -8.15
C HIS B 403 14.12 -5.10 -7.07
N ILE B 404 13.01 -5.61 -6.54
CA ILE B 404 13.07 -6.62 -5.48
C ILE B 404 13.90 -7.82 -5.88
N VAL B 405 13.94 -8.18 -7.16
CA VAL B 405 14.66 -9.39 -7.57
C VAL B 405 16.17 -9.21 -7.48
N THR B 406 16.66 -7.99 -7.77
CA THR B 406 18.07 -7.74 -8.02
C THR B 406 18.72 -6.75 -7.05
N ARG B 407 18.00 -6.30 -6.00
CA ARG B 407 18.52 -5.25 -5.14
C ARG B 407 19.62 -5.72 -4.20
N HIS B 408 19.73 -7.02 -3.91
CA HIS B 408 20.44 -7.45 -2.71
C HIS B 408 21.92 -7.21 -2.82
N SER B 409 22.52 -7.54 -3.96
CA SER B 409 23.96 -7.41 -4.09
C SER B 409 24.37 -5.97 -3.82
N LYS B 410 25.49 -5.81 -3.11
CA LYS B 410 25.95 -4.49 -2.68
C LYS B 410 26.78 -3.84 -3.79
N GLY B 411 26.10 -3.60 -4.93
CA GLY B 411 26.58 -2.69 -5.94
C GLY B 411 27.24 -3.30 -7.15
N PHE B 412 27.38 -4.62 -7.20
CA PHE B 412 28.14 -5.30 -8.24
C PHE B 412 27.29 -6.13 -9.20
N ALA B 413 25.98 -6.09 -9.07
CA ALA B 413 25.11 -6.89 -9.95
C ALA B 413 24.58 -6.08 -11.13
N ILE B 414 23.97 -4.92 -10.90
CA ILE B 414 23.37 -4.19 -12.03
C ILE B 414 24.40 -3.87 -13.10
N PRO B 415 25.65 -3.53 -12.79
CA PRO B 415 26.58 -3.21 -13.88
C PRO B 415 26.77 -4.34 -14.88
N VAL B 416 26.66 -5.61 -14.44
CA VAL B 416 26.81 -6.68 -15.41
C VAL B 416 25.58 -6.80 -16.29
N ILE B 417 24.41 -6.45 -15.77
CA ILE B 417 23.22 -6.36 -16.61
C ILE B 417 23.41 -5.30 -17.67
N ALA B 418 23.93 -4.14 -17.28
CA ALA B 418 24.21 -3.08 -18.25
C ALA B 418 25.17 -3.55 -19.33
N ALA B 419 26.19 -4.32 -18.94
CA ALA B 419 27.11 -4.85 -19.94
C ALA B 419 26.41 -5.77 -20.91
N ALA B 420 25.60 -6.71 -20.38
CA ALA B 420 24.96 -7.69 -21.24
C ALA B 420 23.98 -7.05 -22.20
N VAL B 421 23.17 -6.12 -21.71
CA VAL B 421 22.19 -5.47 -22.56
C VAL B 421 22.89 -4.60 -23.61
N SER B 422 24.03 -3.99 -23.26
CA SER B 422 24.80 -3.24 -24.26
C SER B 422 25.21 -4.13 -25.43
N LEU B 423 25.59 -5.38 -25.15
CA LEU B 423 26.11 -6.30 -26.15
C LEU B 423 25.03 -7.01 -26.95
N ASP B 424 23.77 -6.86 -26.56
CA ASP B 424 22.68 -7.60 -27.18
C ASP B 424 22.39 -7.07 -28.59
N SER B 425 22.18 -7.99 -29.52
CA SER B 425 22.01 -7.66 -30.94
C SER B 425 20.56 -7.37 -31.32
N GLY B 426 19.64 -7.30 -30.37
CA GLY B 426 18.23 -7.08 -30.65
C GLY B 426 17.40 -8.33 -30.42
N THR B 427 17.70 -9.08 -29.38
CA THR B 427 16.98 -10.33 -29.12
C THR B 427 15.77 -10.13 -28.23
N ALA B 428 15.60 -8.94 -27.65
CA ALA B 428 14.55 -8.63 -26.70
C ALA B 428 13.40 -7.89 -27.37
N VAL B 429 12.22 -8.02 -26.77
N VAL B 429 12.23 -8.00 -26.72
CA VAL B 429 11.10 -7.15 -27.09
CA VAL B 429 11.08 -7.13 -27.12
C VAL B 429 11.18 -5.92 -26.19
C VAL B 429 10.92 -5.98 -26.11
N TYR B 430 11.50 -6.10 -24.92
CA TYR B 430 11.56 -4.99 -23.96
C TYR B 430 13.02 -4.55 -23.80
N GLY B 431 13.62 -4.17 -24.92
CA GLY B 431 14.97 -3.66 -24.92
C GLY B 431 15.00 -2.16 -24.70
N PRO B 432 16.20 -1.56 -24.75
CA PRO B 432 16.31 -0.12 -24.46
C PRO B 432 15.48 0.75 -25.38
N GLU B 433 15.37 0.33 -26.65
N GLU B 433 15.37 0.33 -26.65
CA GLU B 433 14.59 1.09 -27.66
CA GLU B 433 14.59 1.10 -27.65
C GLU B 433 13.12 1.15 -27.24
C GLU B 433 13.12 1.15 -27.23
N ALA B 434 12.63 0.06 -26.65
CA ALA B 434 11.22 -0.05 -26.29
C ALA B 434 10.89 0.70 -25.01
N THR B 435 11.75 0.60 -23.99
CA THR B 435 11.44 1.16 -22.68
C THR B 435 12.06 2.52 -22.43
N SER B 436 13.09 2.88 -23.19
CA SER B 436 13.98 3.97 -22.80
C SER B 436 14.41 4.82 -23.99
N GLY B 437 13.64 4.82 -25.08
CA GLY B 437 14.06 5.53 -26.28
C GLY B 437 14.21 7.03 -26.06
N LEU B 438 13.20 7.66 -25.49
CA LEU B 438 13.29 9.09 -25.24
CA LEU B 438 13.27 9.09 -25.23
C LEU B 438 14.40 9.40 -24.25
N VAL B 439 14.51 8.61 -23.19
CA VAL B 439 15.59 8.78 -22.22
C VAL B 439 16.94 8.76 -22.92
N GLY B 440 17.17 7.78 -23.78
CA GLY B 440 18.45 7.67 -24.45
C GLY B 440 18.70 8.83 -25.39
N ASP B 441 17.67 9.23 -26.13
CA ASP B 441 17.82 10.30 -27.12
C ASP B 441 18.07 11.65 -26.46
N ILE B 442 17.41 11.92 -25.34
CA ILE B 442 17.48 13.24 -24.72
C ILE B 442 18.61 13.28 -23.70
N PHE B 443 18.52 12.46 -22.66
CA PHE B 443 19.52 12.52 -21.59
C PHE B 443 20.87 11.98 -22.06
N GLY B 444 20.90 11.11 -23.07
CA GLY B 444 22.16 10.65 -23.60
C GLY B 444 22.96 11.71 -24.29
N GLU B 445 22.37 12.88 -24.57
CA GLU B 445 23.14 13.99 -25.09
C GLU B 445 23.99 14.67 -24.02
N VAL B 446 23.72 14.42 -22.76
CA VAL B 446 24.54 14.97 -21.68
C VAL B 446 25.85 14.18 -21.61
N ASP B 447 26.97 14.86 -21.88
CA ASP B 447 28.25 14.18 -22.03
C ASP B 447 28.62 13.39 -20.78
N LEU B 448 28.35 13.93 -19.59
CA LEU B 448 28.74 13.25 -18.36
C LEU B 448 27.97 11.95 -18.16
N ILE B 449 26.69 11.92 -18.56
CA ILE B 449 25.89 10.70 -18.47
C ILE B 449 26.35 9.68 -19.50
N ARG B 450 26.60 10.13 -20.73
CA ARG B 450 26.91 9.23 -21.82
C ARG B 450 28.33 8.67 -21.71
N ARG B 451 29.27 9.47 -21.23
CA ARG B 451 30.69 9.11 -21.21
CA ARG B 451 30.68 9.09 -21.20
C ARG B 451 31.29 9.41 -19.84
N PRO B 452 30.81 8.75 -18.78
CA PRO B 452 31.32 9.06 -17.44
C PRO B 452 32.78 8.66 -17.19
N MET B 453 33.34 7.65 -17.86
CA MET B 453 34.64 7.13 -17.43
C MET B 453 35.72 8.21 -17.42
N GLU B 454 35.90 8.90 -18.54
CA GLU B 454 36.97 9.89 -18.60
CA GLU B 454 36.97 9.89 -18.59
C GLU B 454 36.67 11.07 -17.68
N ALA B 455 35.40 11.42 -17.51
CA ALA B 455 35.07 12.53 -16.62
C ALA B 455 35.45 12.20 -15.18
N ILE B 456 35.15 10.98 -14.73
CA ILE B 456 35.48 10.57 -13.38
C ILE B 456 36.99 10.54 -13.19
N ALA B 457 37.72 10.01 -14.18
CA ALA B 457 39.17 9.93 -14.06
C ALA B 457 39.81 11.33 -14.03
N SER B 458 39.34 12.23 -14.90
CA SER B 458 39.89 13.59 -14.90
CA SER B 458 39.88 13.59 -14.91
C SER B 458 39.60 14.29 -13.59
N ALA B 459 38.38 14.13 -13.06
CA ALA B 459 38.05 14.77 -11.79
C ALA B 459 38.89 14.19 -10.65
N ALA B 460 39.16 12.88 -10.69
CA ALA B 460 39.99 12.27 -9.66
C ALA B 460 41.41 12.83 -9.71
N ALA B 461 41.93 13.03 -10.91
CA ALA B 461 43.29 13.57 -11.05
C ALA B 461 43.37 14.98 -10.51
N GLU B 462 42.30 15.76 -10.65
CA GLU B 462 42.27 17.14 -10.13
C GLU B 462 42.41 17.16 -8.61
N ILE B 463 41.88 16.17 -7.91
CA ILE B 463 41.87 16.19 -6.44
C ILE B 463 42.87 15.21 -5.83
N LYS B 464 43.72 14.58 -6.65
CA LYS B 464 44.51 13.47 -6.14
C LYS B 464 45.47 13.90 -5.03
N ASP B 465 45.99 15.10 -5.09
CA ASP B 465 46.98 15.52 -4.11
C ASP B 465 46.35 15.91 -2.77
N LYS B 466 45.02 15.84 -2.64
CA LYS B 466 44.37 16.11 -1.37
C LYS B 466 44.53 14.98 -0.37
N PHE B 467 44.84 13.78 -0.86
CA PHE B 467 44.79 12.57 -0.01
C PHE B 467 46.15 11.88 0.14
N VAL C 2 48.90 -19.24 -18.67
CA VAL C 2 47.66 -18.96 -17.95
C VAL C 2 47.52 -19.90 -16.76
N TYR C 3 46.76 -19.46 -15.76
CA TYR C 3 46.55 -20.25 -14.55
C TYR C 3 45.85 -21.56 -14.90
N GLN C 4 46.33 -22.66 -14.32
CA GLN C 4 45.78 -23.98 -14.59
C GLN C 4 44.74 -24.33 -13.53
N ARG C 5 43.49 -24.47 -13.96
CA ARG C 5 42.40 -24.69 -13.02
C ARG C 5 42.45 -26.09 -12.41
N GLN C 6 41.99 -26.17 -11.16
CA GLN C 6 41.79 -27.44 -10.47
C GLN C 6 40.30 -27.81 -10.36
N PHE C 7 39.39 -26.86 -10.60
CA PHE C 7 37.95 -27.07 -10.76
C PHE C 7 37.18 -27.33 -9.46
N LEU C 8 37.54 -28.36 -8.71
CA LEU C 8 36.83 -28.72 -7.49
C LEU C 8 37.64 -29.83 -6.78
N PRO C 9 37.42 -30.02 -5.50
CA PRO C 9 38.15 -31.10 -4.80
C PRO C 9 37.74 -32.45 -5.36
N ALA C 10 38.73 -33.27 -5.71
CA ALA C 10 38.48 -34.58 -6.34
C ALA C 10 39.30 -35.65 -5.59
N ASP C 11 38.78 -36.09 -4.44
CA ASP C 11 39.47 -37.01 -3.55
C ASP C 11 38.99 -38.44 -3.65
N ASP C 12 38.00 -38.72 -4.49
CA ASP C 12 37.42 -40.05 -4.57
C ASP C 12 36.84 -40.24 -5.98
N ARG C 13 36.28 -41.42 -6.22
CA ARG C 13 35.79 -41.72 -7.56
C ARG C 13 34.69 -40.76 -7.98
N VAL C 14 33.75 -40.46 -7.08
CA VAL C 14 32.60 -39.61 -7.41
C VAL C 14 33.08 -38.23 -7.84
N THR C 15 33.96 -37.62 -7.04
CA THR C 15 34.38 -36.27 -7.36
C THR C 15 35.39 -36.23 -8.50
N LYS C 16 36.13 -37.32 -8.68
N LYS C 16 36.13 -37.33 -8.68
CA LYS C 16 37.01 -37.39 -9.87
CA LYS C 16 37.01 -37.40 -9.88
C LYS C 16 36.10 -37.42 -11.11
C LYS C 16 36.11 -37.43 -11.12
N ASN C 17 34.99 -38.16 -11.04
CA ASN C 17 34.06 -38.15 -12.16
C ASN C 17 33.52 -36.74 -12.43
N ARG C 18 33.23 -35.97 -11.37
CA ARG C 18 32.81 -34.58 -11.56
C ARG C 18 33.89 -33.77 -12.28
N LYS C 19 35.14 -33.92 -11.86
CA LYS C 19 36.20 -33.13 -12.44
C LYS C 19 36.37 -33.46 -13.92
N LYS C 20 36.25 -34.73 -14.29
CA LYS C 20 36.35 -35.10 -15.70
CA LYS C 20 36.34 -35.11 -15.69
C LYS C 20 35.27 -34.41 -16.52
N VAL C 21 34.03 -34.38 -16.00
CA VAL C 21 32.93 -33.79 -16.74
C VAL C 21 33.17 -32.31 -16.99
N VAL C 22 33.66 -31.59 -15.98
CA VAL C 22 33.73 -30.13 -16.07
C VAL C 22 35.02 -29.60 -16.67
N ASP C 23 36.06 -30.41 -16.76
CA ASP C 23 37.37 -29.97 -17.24
C ASP C 23 37.38 -29.99 -18.77
N PRO C 24 37.42 -28.83 -19.43
CA PRO C 24 37.31 -28.80 -20.88
C PRO C 24 38.49 -29.41 -21.61
N SER C 25 39.61 -29.65 -20.92
CA SER C 25 40.74 -30.32 -21.55
C SER C 25 40.56 -31.82 -21.64
N VAL C 26 39.52 -32.37 -21.03
CA VAL C 26 39.28 -33.82 -21.04
C VAL C 26 38.22 -34.12 -22.09
N LYS C 27 38.59 -34.91 -23.08
N LYS C 27 38.59 -34.92 -23.09
CA LYS C 27 37.61 -35.27 -24.14
CA LYS C 27 37.62 -35.26 -24.14
C LYS C 27 36.59 -36.25 -23.59
C LYS C 27 36.58 -36.26 -23.61
N LEU C 28 35.32 -35.94 -23.82
CA LEU C 28 34.24 -36.85 -23.46
C LEU C 28 34.05 -37.86 -24.57
N GLU C 29 34.13 -39.14 -24.23
CA GLU C 29 34.12 -40.21 -25.22
C GLU C 29 32.76 -40.32 -25.90
N LYS C 30 32.79 -40.47 -27.21
CA LYS C 30 31.57 -40.70 -27.98
C LYS C 30 31.15 -42.15 -27.82
N ILE C 31 29.90 -42.38 -27.44
CA ILE C 31 29.38 -43.73 -27.18
C ILE C 31 28.22 -44.10 -28.07
N ARG C 32 27.75 -43.19 -28.92
CA ARG C 32 26.69 -43.51 -29.87
C ARG C 32 26.80 -42.56 -31.04
N THR C 33 26.20 -42.97 -32.16
CA THR C 33 26.17 -42.20 -33.39
C THR C 33 24.71 -41.88 -33.70
N LEU C 34 24.44 -40.63 -34.05
CA LEU C 34 23.12 -40.20 -34.49
C LEU C 34 23.23 -39.58 -35.87
N SER C 35 22.35 -39.99 -36.77
CA SER C 35 22.29 -39.33 -38.07
C SER C 35 21.87 -37.87 -37.87
N ASP C 36 22.25 -37.04 -38.85
CA ASP C 36 21.89 -35.63 -38.76
C ASP C 36 20.37 -35.45 -38.70
N LYS C 37 19.64 -36.24 -39.49
CA LYS C 37 18.18 -36.17 -39.48
CA LYS C 37 18.18 -36.17 -39.48
C LYS C 37 17.61 -36.54 -38.11
N ASP C 38 18.08 -37.65 -37.53
CA ASP C 38 17.57 -38.09 -36.23
C ASP C 38 17.94 -37.10 -35.14
N PHE C 39 19.17 -36.60 -35.18
CA PHE C 39 19.64 -35.62 -34.21
C PHE C 39 18.75 -34.39 -34.20
N LEU C 40 18.51 -33.80 -35.38
CA LEU C 40 17.68 -32.61 -35.45
C LEU C 40 16.23 -32.91 -35.10
N THR C 41 15.74 -34.10 -35.46
CA THR C 41 14.38 -34.48 -35.10
C THR C 41 14.23 -34.54 -33.59
N LEU C 42 15.22 -35.10 -32.90
CA LEU C 42 15.14 -35.20 -31.45
C LEU C 42 15.07 -33.82 -30.80
N ILE C 43 15.95 -32.91 -31.22
CA ILE C 43 15.94 -31.54 -30.70
C ILE C 43 14.57 -30.91 -30.92
N GLY C 44 14.07 -30.99 -32.14
CA GLY C 44 12.70 -30.61 -32.42
C GLY C 44 12.49 -29.16 -32.78
N HIS C 45 13.57 -28.38 -32.97
CA HIS C 45 13.45 -26.97 -33.34
C HIS C 45 13.49 -26.74 -34.84
N ARG C 46 14.17 -27.60 -35.59
CA ARG C 46 14.41 -27.43 -37.01
C ARG C 46 14.69 -28.82 -37.56
N HIS C 47 14.22 -29.10 -38.78
CA HIS C 47 14.48 -30.38 -39.43
CA HIS C 47 14.52 -30.38 -39.38
C HIS C 47 15.58 -30.23 -40.48
N LEU C 48 16.18 -31.35 -40.84
CA LEU C 48 17.28 -31.36 -41.80
C LEU C 48 16.87 -30.64 -43.08
N GLY C 49 17.75 -29.74 -43.54
CA GLY C 49 17.52 -28.99 -44.76
C GLY C 49 16.71 -27.73 -44.60
N GLU C 50 16.08 -27.54 -43.44
N GLU C 50 16.09 -27.54 -43.44
CA GLU C 50 15.27 -26.32 -43.20
CA GLU C 50 15.27 -26.32 -43.17
C GLU C 50 16.20 -25.12 -42.90
C GLU C 50 16.20 -25.12 -42.90
N ALA C 51 15.83 -23.95 -43.42
CA ALA C 51 16.61 -22.74 -43.17
C ALA C 51 16.50 -22.34 -41.70
N TYR C 52 17.58 -21.74 -41.20
CA TYR C 52 17.56 -21.23 -39.84
C TYR C 52 16.67 -20.00 -39.76
N ARG C 53 15.83 -19.94 -38.71
CA ARG C 53 15.07 -18.75 -38.39
C ARG C 53 15.98 -17.73 -37.71
N SER C 54 15.61 -16.46 -37.81
CA SER C 54 16.39 -15.36 -37.25
CA SER C 54 16.39 -15.39 -37.21
C SER C 54 15.54 -14.59 -36.24
N VAL C 55 16.20 -14.10 -35.18
CA VAL C 55 15.57 -13.15 -34.27
C VAL C 55 16.00 -11.72 -34.57
N ASN C 56 17.14 -11.53 -35.22
CA ASN C 56 17.57 -10.20 -35.62
C ASN C 56 18.39 -10.33 -36.90
N PRO C 57 18.68 -9.21 -37.57
CA PRO C 57 19.45 -9.29 -38.82
C PRO C 57 20.88 -9.77 -38.55
N PRO C 58 21.59 -10.20 -39.59
CA PRO C 58 22.99 -10.61 -39.39
C PRO C 58 23.77 -9.52 -38.67
N LEU C 59 24.69 -9.95 -37.79
CA LEU C 59 25.38 -9.02 -36.92
C LEU C 59 26.06 -7.90 -37.69
N ALA C 60 26.63 -8.22 -38.85
CA ALA C 60 27.34 -7.22 -39.65
C ALA C 60 26.43 -6.10 -40.14
N GLU C 61 25.10 -6.28 -40.05
CA GLU C 61 24.16 -5.31 -40.59
C GLU C 61 23.50 -4.44 -39.52
N ILE C 62 23.68 -4.74 -38.23
CA ILE C 62 22.93 -4.04 -37.19
C ILE C 62 23.63 -2.78 -36.70
N GLY C 63 24.82 -2.47 -37.19
CA GLY C 63 25.52 -1.26 -36.79
C GLY C 63 25.96 -1.25 -35.35
N GLU C 64 26.72 -2.26 -34.94
CA GLU C 64 27.26 -2.26 -33.57
C GLU C 64 28.04 -0.97 -33.34
N PRO C 65 27.95 -0.39 -32.15
CA PRO C 65 28.66 0.88 -31.91
C PRO C 65 30.15 0.67 -31.74
N GLU C 66 30.90 1.75 -31.93
CA GLU C 66 32.30 1.77 -31.52
C GLU C 66 32.40 1.36 -30.06
N ASP C 67 33.19 0.35 -29.79
CA ASP C 67 33.20 -0.28 -28.48
C ASP C 67 34.43 -1.17 -28.40
N PRO C 68 35.56 -0.64 -27.91
CA PRO C 68 36.80 -1.42 -27.95
C PRO C 68 36.73 -2.75 -27.23
N ILE C 69 35.92 -2.87 -26.17
CA ILE C 69 35.89 -4.13 -25.43
C ILE C 69 35.26 -5.22 -26.29
N ARG C 70 34.29 -4.86 -27.14
CA ARG C 70 33.59 -5.82 -27.98
C ARG C 70 34.54 -6.54 -28.92
N GLU C 71 35.58 -5.83 -29.38
CA GLU C 71 36.51 -6.38 -30.34
C GLU C 71 37.31 -7.53 -29.76
N LEU C 72 37.32 -7.68 -28.43
CA LEU C 72 38.06 -8.75 -27.77
C LEU C 72 37.27 -10.05 -27.71
N VAL C 73 35.99 -10.02 -28.04
CA VAL C 73 35.10 -11.16 -27.88
C VAL C 73 34.51 -11.52 -29.23
N PRO C 74 35.08 -12.47 -29.95
N PRO C 74 35.10 -12.49 -29.97
CA PRO C 74 34.54 -12.84 -31.26
CA PRO C 74 34.56 -12.83 -31.28
C PRO C 74 33.15 -13.44 -31.10
C PRO C 74 33.16 -13.43 -31.10
N PRO C 75 32.20 -13.06 -31.96
CA PRO C 75 30.87 -13.66 -31.89
C PRO C 75 30.89 -15.11 -32.36
N THR C 76 29.98 -15.90 -31.82
CA THR C 76 29.79 -17.25 -32.34
C THR C 76 29.20 -17.18 -33.75
N GLU C 77 29.23 -18.31 -34.46
CA GLU C 77 28.60 -18.33 -35.77
C GLU C 77 27.11 -18.04 -35.69
N GLY C 78 26.44 -18.54 -34.65
CA GLY C 78 25.03 -18.24 -34.50
C GLY C 78 24.76 -16.78 -34.26
N ALA C 79 25.64 -16.11 -33.50
CA ALA C 79 25.51 -14.67 -33.29
C ALA C 79 25.76 -13.90 -34.59
N LYS C 80 26.74 -14.32 -35.36
CA LYS C 80 26.99 -13.66 -36.64
C LYS C 80 25.76 -13.75 -37.55
N ALA C 81 25.06 -14.87 -37.52
CA ALA C 81 23.93 -15.09 -38.41
C ALA C 81 22.65 -14.45 -37.91
N GLY C 82 22.56 -14.09 -36.63
CA GLY C 82 21.31 -13.61 -36.07
C GLY C 82 20.31 -14.68 -35.74
N ASP C 83 20.75 -15.92 -35.51
CA ASP C 83 19.84 -17.01 -35.18
C ASP C 83 18.99 -16.68 -33.95
N ARG C 84 17.81 -17.28 -33.92
CA ARG C 84 17.02 -17.16 -32.67
C ARG C 84 17.77 -17.98 -31.61
N VAL C 85 17.53 -17.62 -30.35
CA VAL C 85 18.08 -18.31 -29.19
C VAL C 85 17.08 -19.40 -28.81
N CYS C 86 17.52 -20.65 -28.87
CA CYS C 86 16.67 -21.80 -28.66
C CYS C 86 17.10 -22.55 -27.39
N THR C 87 16.14 -23.25 -26.79
CA THR C 87 16.35 -23.97 -25.54
C THR C 87 16.32 -25.48 -25.76
N ILE C 88 17.25 -26.18 -25.13
CA ILE C 88 17.18 -27.63 -24.99
C ILE C 88 17.24 -27.97 -23.51
N ILE C 89 16.49 -29.00 -23.12
CA ILE C 89 16.32 -29.37 -21.72
C ILE C 89 16.63 -30.86 -21.55
N MET C 90 17.43 -31.17 -20.54
CA MET C 90 17.70 -32.54 -20.15
C MET C 90 17.47 -32.71 -18.67
N THR C 91 17.21 -33.96 -18.30
CA THR C 91 16.96 -34.37 -16.92
C THR C 91 17.81 -35.59 -16.61
N ASP C 92 18.48 -35.59 -15.46
CA ASP C 92 19.27 -36.70 -14.98
C ASP C 92 18.60 -37.28 -13.75
N SER C 93 18.37 -38.60 -13.79
CA SER C 93 17.85 -39.32 -12.65
C SER C 93 18.74 -39.14 -11.43
N VAL C 94 18.14 -39.25 -10.25
CA VAL C 94 18.93 -39.36 -9.02
C VAL C 94 19.68 -40.68 -8.93
N TYR C 95 19.32 -41.67 -9.76
CA TYR C 95 19.89 -43.02 -9.66
C TYR C 95 21.12 -43.14 -10.56
N ASN C 96 22.27 -42.78 -9.98
CA ASN C 96 23.59 -43.04 -10.55
C ASN C 96 23.82 -42.52 -11.97
N PRO C 97 23.48 -41.27 -12.25
CA PRO C 97 23.69 -40.74 -13.60
C PRO C 97 25.15 -40.37 -13.82
N PRO C 98 25.62 -40.41 -15.06
CA PRO C 98 27.01 -40.01 -15.36
C PRO C 98 27.23 -38.51 -15.37
N ILE C 99 26.14 -37.72 -15.33
CA ILE C 99 26.20 -36.29 -15.09
C ILE C 99 24.96 -35.95 -14.30
N ALA C 100 25.06 -34.91 -13.47
CA ALA C 100 23.89 -34.41 -12.76
C ALA C 100 23.79 -32.90 -12.94
N HIS C 101 22.88 -32.26 -12.22
CA HIS C 101 22.40 -30.96 -12.68
C HIS C 101 23.41 -29.83 -12.50
N TYR C 102 24.02 -29.67 -11.32
CA TYR C 102 24.99 -28.60 -11.18
C TYR C 102 26.25 -28.87 -11.99
N THR C 103 26.64 -30.15 -12.15
CA THR C 103 27.76 -30.44 -13.04
C THR C 103 27.46 -30.03 -14.48
N ARG C 104 26.19 -30.07 -14.90
CA ARG C 104 25.85 -29.54 -16.23
C ARG C 104 26.17 -28.05 -16.32
N ALA C 105 25.74 -27.25 -15.35
CA ALA C 105 26.03 -25.83 -15.40
C ALA C 105 27.53 -25.58 -15.47
N TRP C 106 28.28 -26.25 -14.59
CA TRP C 106 29.73 -26.03 -14.55
C TRP C 106 30.37 -26.46 -15.86
N MET C 107 29.95 -27.60 -16.38
CA MET C 107 30.46 -28.07 -17.67
C MET C 107 30.11 -27.11 -18.79
N TYR C 108 28.85 -26.67 -18.85
CA TYR C 108 28.43 -25.80 -19.94
C TYR C 108 29.25 -24.51 -19.95
N HIS C 109 29.42 -23.89 -18.78
CA HIS C 109 30.18 -22.66 -18.66
C HIS C 109 31.66 -22.84 -18.91
N ASN C 110 32.17 -24.07 -18.83
CA ASN C 110 33.57 -24.32 -19.12
C ASN C 110 33.82 -24.79 -20.54
N ARG C 111 32.83 -25.40 -21.21
CA ARG C 111 33.04 -26.04 -22.52
C ARG C 111 32.37 -25.32 -23.68
N PHE C 112 31.30 -24.55 -23.46
CA PHE C 112 30.53 -23.93 -24.53
C PHE C 112 30.55 -22.41 -24.44
N ARG C 113 30.73 -21.75 -25.58
CA ARG C 113 30.71 -20.28 -25.63
C ARG C 113 29.29 -19.76 -25.81
N GLY C 114 29.01 -18.63 -25.17
CA GLY C 114 27.80 -17.89 -25.46
C GLY C 114 26.51 -18.54 -24.99
N ILE C 115 26.43 -18.87 -23.70
CA ILE C 115 25.32 -19.67 -23.18
C ILE C 115 24.45 -18.91 -22.19
N ASP C 116 23.22 -19.38 -22.11
CA ASP C 116 22.31 -19.18 -21.00
C ASP C 116 21.96 -20.57 -20.50
N ASN C 117 21.72 -20.71 -19.19
CA ASN C 117 21.58 -22.05 -18.61
C ASN C 117 20.95 -21.93 -17.24
N GLY C 118 19.93 -22.73 -16.99
CA GLY C 118 19.27 -22.79 -15.70
C GLY C 118 19.33 -24.18 -15.10
N VAL C 119 19.60 -24.25 -13.80
CA VAL C 119 19.61 -25.49 -13.05
C VAL C 119 18.39 -25.54 -12.15
N TYR C 120 17.70 -26.66 -12.21
CA TYR C 120 16.51 -26.95 -11.42
C TYR C 120 16.70 -28.36 -10.87
N SER C 121 15.90 -28.75 -9.89
CA SER C 121 16.03 -30.11 -9.40
C SER C 121 15.63 -31.13 -10.46
N GLY C 122 14.66 -30.78 -11.30
CA GLY C 122 14.09 -31.75 -12.21
C GLY C 122 14.49 -31.62 -13.65
N ARG C 123 15.25 -30.58 -14.01
CA ARG C 123 15.67 -30.36 -15.38
C ARG C 123 16.80 -29.35 -15.39
N VAL C 124 17.48 -29.26 -16.53
CA VAL C 124 18.50 -28.25 -16.77
C VAL C 124 18.29 -27.71 -18.17
N THR C 125 18.21 -26.38 -18.30
CA THR C 125 18.09 -25.72 -19.58
C THR C 125 19.45 -25.28 -20.10
N LEU C 126 19.57 -25.29 -21.42
CA LEU C 126 20.69 -24.68 -22.12
C LEU C 126 20.08 -23.90 -23.27
N GLU C 127 20.43 -22.61 -23.38
CA GLU C 127 19.78 -21.72 -24.33
C GLU C 127 20.87 -20.99 -25.09
N MET C 128 20.91 -21.20 -26.40
CA MET C 128 22.00 -20.70 -27.24
C MET C 128 21.43 -20.37 -28.62
N ARG C 129 22.14 -19.52 -29.34
CA ARG C 129 21.82 -19.33 -30.76
C ARG C 129 21.67 -20.70 -31.41
N GLU C 130 20.66 -20.84 -32.29
CA GLU C 130 20.23 -22.16 -32.74
C GLU C 130 21.39 -23.03 -33.26
N ARG C 131 22.21 -22.51 -34.19
CA ARG C 131 23.24 -23.39 -34.72
C ARG C 131 24.31 -23.70 -33.68
N ASP C 132 24.55 -22.79 -32.74
CA ASP C 132 25.48 -23.07 -31.64
C ASP C 132 24.91 -24.16 -30.73
N LEU C 133 23.60 -24.12 -30.49
CA LEU C 133 22.94 -25.13 -29.66
C LEU C 133 23.08 -26.51 -30.29
N GLU C 134 22.89 -26.59 -31.61
CA GLU C 134 23.04 -27.86 -32.30
C GLU C 134 24.43 -28.45 -32.08
N GLU C 135 25.46 -27.61 -32.16
CA GLU C 135 26.81 -28.12 -31.94
C GLU C 135 26.98 -28.64 -30.52
N ALA C 136 26.48 -27.89 -29.54
CA ALA C 136 26.59 -28.32 -28.14
C ALA C 136 25.86 -29.63 -27.90
N CYS C 137 24.69 -29.81 -28.54
CA CYS C 137 23.89 -31.02 -28.32
C CYS C 137 24.58 -32.28 -28.80
N ARG C 138 25.55 -32.19 -29.72
CA ARG C 138 26.31 -33.38 -30.06
C ARG C 138 27.01 -33.94 -28.82
N THR C 139 27.59 -33.06 -28.00
CA THR C 139 28.19 -33.51 -26.75
C THR C 139 27.14 -34.03 -25.78
N LEU C 140 26.03 -33.31 -25.63
CA LEU C 140 25.03 -33.69 -24.65
C LEU C 140 24.40 -35.03 -24.96
N PHE C 141 24.24 -35.37 -26.24
CA PHE C 141 23.46 -36.55 -26.62
C PHE C 141 24.31 -37.76 -26.96
N GLU C 142 25.57 -37.57 -27.42
CA GLU C 142 26.32 -38.66 -28.02
C GLU C 142 27.46 -39.19 -27.17
N THR C 143 27.82 -38.49 -26.09
CA THR C 143 29.01 -38.84 -25.32
C THR C 143 28.65 -39.56 -24.03
N GLU C 144 29.70 -39.92 -23.30
CA GLU C 144 29.57 -40.69 -22.06
CA GLU C 144 29.57 -40.69 -22.06
C GLU C 144 28.76 -39.98 -20.97
N ILE C 145 28.43 -38.69 -21.16
CA ILE C 145 27.55 -38.02 -20.19
C ILE C 145 26.08 -38.24 -20.50
N CYS C 146 25.75 -39.04 -21.50
CA CYS C 146 24.35 -39.37 -21.78
C CYS C 146 24.20 -40.89 -21.74
N ASP C 147 23.73 -41.39 -20.61
CA ASP C 147 23.19 -42.74 -20.57
C ASP C 147 21.73 -42.67 -20.98
N ALA C 148 21.35 -43.50 -21.94
CA ALA C 148 20.04 -43.31 -22.55
C ALA C 148 18.89 -43.53 -21.58
N SER C 149 19.10 -44.30 -20.51
N SER C 149 19.10 -44.30 -20.51
CA SER C 149 18.01 -44.60 -19.54
CA SER C 149 18.01 -44.60 -19.54
C SER C 149 17.95 -43.56 -18.41
C SER C 149 17.97 -43.65 -18.34
N ARG C 150 19.05 -42.89 -18.11
CA ARG C 150 19.09 -42.00 -16.94
C ARG C 150 19.25 -40.52 -17.26
N ASP C 151 19.59 -40.16 -18.49
CA ASP C 151 19.78 -38.75 -18.88
C ASP C 151 18.97 -38.54 -20.14
N GLN C 152 17.82 -37.88 -20.00
CA GLN C 152 16.85 -37.81 -21.11
C GLN C 152 16.49 -36.37 -21.50
N VAL C 153 16.04 -36.24 -22.75
CA VAL C 153 15.71 -34.95 -23.36
C VAL C 153 14.21 -34.75 -23.25
N ARG C 154 13.79 -33.59 -22.72
CA ARG C 154 12.37 -33.35 -22.46
C ARG C 154 12.13 -31.86 -22.22
N GLN C 155 11.31 -31.24 -23.08
CA GLN C 155 11.16 -29.77 -23.06
C GLN C 155 10.14 -29.28 -22.04
N TYR C 156 9.30 -30.16 -21.52
CA TYR C 156 8.24 -29.84 -20.58
C TYR C 156 7.63 -31.17 -20.15
N THR C 157 6.81 -31.10 -19.11
CA THR C 157 6.29 -32.28 -18.41
C THR C 157 7.45 -33.22 -18.06
N CYS C 158 8.34 -32.69 -17.23
CA CYS C 158 9.69 -33.23 -17.06
C CYS C 158 9.84 -34.11 -15.84
N THR C 159 8.79 -34.29 -15.04
CA THR C 159 8.85 -35.11 -13.83
C THR C 159 9.46 -36.47 -14.13
N GLY C 160 10.32 -36.93 -13.23
CA GLY C 160 10.91 -38.24 -13.35
C GLY C 160 12.25 -38.37 -12.67
N HIS C 161 12.98 -37.26 -12.44
CA HIS C 161 14.32 -37.37 -11.89
C HIS C 161 14.33 -38.14 -10.58
N SER C 162 13.31 -37.92 -9.76
CA SER C 162 13.22 -38.47 -8.42
C SER C 162 12.22 -39.60 -8.31
N CYS C 163 11.60 -39.99 -9.43
CA CYS C 163 10.65 -41.08 -9.39
C CYS C 163 11.40 -42.41 -9.40
N ARG C 164 10.71 -43.44 -8.89
CA ARG C 164 11.28 -44.78 -8.96
C ARG C 164 11.49 -45.15 -10.41
N LEU C 165 12.53 -45.94 -10.65
CA LEU C 165 12.80 -46.42 -12.00
C LEU C 165 11.71 -47.38 -12.44
N ASP C 166 11.45 -47.39 -13.74
CA ASP C 166 10.45 -48.28 -14.28
C ASP C 166 10.99 -49.71 -14.29
N PRO C 167 10.18 -50.70 -14.68
CA PRO C 167 10.63 -52.10 -14.55
C PRO C 167 11.83 -52.45 -15.40
N ASP C 168 12.18 -51.64 -16.39
CA ASP C 168 13.35 -51.85 -17.20
C ASP C 168 14.53 -51.00 -16.77
N GLY C 169 14.43 -50.30 -15.65
CA GLY C 169 15.48 -49.43 -15.19
C GLY C 169 15.51 -48.09 -15.88
N MET C 170 14.48 -47.81 -16.63
CA MET C 170 14.38 -46.47 -17.28
CA MET C 170 14.35 -46.48 -17.30
C MET C 170 13.61 -45.37 -16.44
N MET C 171 14.16 -44.18 -16.50
CA MET C 171 13.52 -43.05 -15.82
C MET C 171 12.16 -42.77 -16.45
N PHE C 172 11.18 -42.52 -15.58
CA PHE C 172 9.82 -42.16 -15.96
C PHE C 172 9.78 -40.90 -16.83
N ASP C 173 8.92 -40.92 -17.83
CA ASP C 173 8.58 -39.76 -18.64
C ASP C 173 7.07 -39.69 -18.78
N PRO C 174 6.41 -38.69 -18.21
CA PRO C 174 4.95 -38.62 -18.35
C PRO C 174 4.45 -38.69 -19.79
N ILE C 175 5.19 -38.11 -20.74
CA ILE C 175 4.79 -38.07 -22.14
C ILE C 175 5.30 -39.28 -22.91
N GLU C 176 6.12 -40.12 -22.30
CA GLU C 176 6.64 -41.34 -22.92
CA GLU C 176 6.58 -41.34 -22.96
C GLU C 176 7.35 -41.06 -24.24
N ARG C 177 8.22 -40.05 -24.20
N ARG C 177 8.17 -40.01 -24.21
CA ARG C 177 9.08 -39.81 -25.35
CA ARG C 177 9.06 -39.76 -25.37
C ARG C 177 10.05 -40.96 -25.56
C ARG C 177 10.14 -40.83 -25.36
N CYS C 178 10.38 -41.68 -24.48
N CYS C 178 10.69 -41.13 -24.19
CA CYS C 178 11.30 -42.83 -24.59
CA CYS C 178 11.80 -42.10 -24.05
C CYS C 178 10.60 -44.16 -24.29
C CYS C 178 11.23 -43.43 -23.54
N ILE C 179 11.01 -45.20 -25.02
N ILE C 179 11.49 -44.49 -24.32
CA ILE C 179 10.49 -46.57 -24.77
CA ILE C 179 10.99 -45.89 -24.08
C ILE C 179 11.68 -47.54 -24.88
C ILE C 179 12.08 -46.92 -24.43
N MET C 180 11.65 -48.61 -24.09
N MET C 180 11.82 -48.20 -24.08
CA MET C 180 12.70 -49.65 -24.19
CA MET C 180 12.73 -49.35 -24.34
C MET C 180 12.18 -50.64 -25.23
C MET C 180 12.09 -50.29 -25.37
N SER C 181 12.89 -50.75 -26.35
CA SER C 181 12.47 -51.57 -27.47
C SER C 181 13.62 -52.49 -27.82
N GLY C 182 13.44 -53.79 -27.56
CA GLY C 182 14.47 -54.77 -27.89
C GLY C 182 15.78 -54.52 -27.19
N GLY C 183 15.74 -54.08 -25.92
CA GLY C 183 16.94 -53.78 -25.18
C GLY C 183 17.55 -52.42 -25.47
N ASN C 184 17.07 -51.71 -26.49
CA ASN C 184 17.56 -50.39 -26.81
C ASN C 184 16.62 -49.33 -26.26
N VAL C 185 17.18 -48.18 -25.89
CA VAL C 185 16.38 -47.01 -25.60
C VAL C 185 16.12 -46.30 -26.91
N VAL C 186 14.86 -46.00 -27.19
CA VAL C 186 14.50 -45.25 -28.39
C VAL C 186 13.60 -44.09 -28.03
N TYR C 187 13.77 -42.99 -28.76
CA TYR C 187 12.82 -41.88 -28.69
C TYR C 187 11.74 -42.13 -29.74
N GLN C 188 10.52 -42.42 -29.27
CA GLN C 188 9.37 -42.58 -30.14
C GLN C 188 8.62 -41.28 -30.37
N LYS C 189 8.99 -40.23 -29.63
CA LYS C 189 8.52 -38.87 -29.84
C LYS C 189 9.72 -37.96 -29.67
N ASP C 190 9.61 -36.73 -30.18
CA ASP C 190 10.72 -35.78 -30.05
C ASP C 190 10.71 -35.16 -28.65
N SER C 191 11.65 -34.24 -28.41
CA SER C 191 11.80 -33.63 -27.09
C SER C 191 10.54 -32.89 -26.66
N PHE C 192 9.75 -32.43 -27.63
CA PHE C 192 8.49 -31.72 -27.43
C PHE C 192 7.29 -32.65 -27.31
N GLY C 193 7.50 -33.96 -27.36
CA GLY C 193 6.39 -34.89 -27.31
C GLY C 193 5.64 -35.05 -28.61
N ASN C 194 6.18 -34.56 -29.72
CA ASN C 194 5.52 -34.65 -31.01
C ASN C 194 5.90 -35.92 -31.73
N PRO C 195 5.06 -36.36 -32.67
CA PRO C 195 5.35 -37.58 -33.42
C PRO C 195 6.62 -37.44 -34.25
N VAL C 196 7.31 -38.56 -34.41
CA VAL C 196 8.47 -38.63 -35.28
C VAL C 196 8.19 -39.69 -36.33
N ASP C 197 8.74 -39.46 -37.52
CA ASP C 197 8.51 -40.39 -38.63
CA ASP C 197 8.51 -40.39 -38.63
C ASP C 197 9.08 -41.77 -38.32
N THR C 198 10.29 -41.79 -37.76
N THR C 198 10.30 -41.79 -37.78
CA THR C 198 10.91 -43.08 -37.36
CA THR C 198 10.95 -43.07 -37.39
C THR C 198 11.54 -42.90 -35.99
C THR C 198 11.56 -42.90 -35.99
N PRO C 199 11.44 -43.86 -35.07
CA PRO C 199 12.02 -43.68 -33.75
C PRO C 199 13.53 -43.53 -33.80
N ILE C 200 14.06 -42.79 -32.84
CA ILE C 200 15.49 -42.49 -32.77
C ILE C 200 16.13 -43.45 -31.80
N ASN C 201 16.98 -44.33 -32.31
CA ASN C 201 17.62 -45.36 -31.51
C ASN C 201 18.84 -44.77 -30.79
N MET C 202 18.82 -44.84 -29.46
CA MET C 202 19.95 -44.40 -28.65
C MET C 202 20.86 -45.55 -28.24
N GLY C 203 20.52 -46.78 -28.60
CA GLY C 203 21.34 -47.90 -28.22
C GLY C 203 21.06 -48.37 -26.79
N LYS C 204 22.02 -49.14 -26.27
CA LYS C 204 21.81 -49.83 -25.01
C LYS C 204 22.11 -48.93 -23.82
N PRO C 205 21.39 -49.12 -22.72
CA PRO C 205 21.78 -48.46 -21.47
C PRO C 205 23.08 -49.07 -20.94
N LEU C 206 23.79 -48.27 -20.16
CA LEU C 206 24.94 -48.79 -19.43
C LEU C 206 24.47 -49.73 -18.34
N SER C 207 25.33 -50.69 -18.01
CA SER C 207 25.05 -51.60 -16.90
C SER C 207 25.04 -50.85 -15.58
N GLU C 208 24.47 -51.50 -14.57
N GLU C 208 24.42 -51.45 -14.56
CA GLU C 208 24.42 -50.90 -13.21
CA GLU C 208 24.41 -50.79 -13.22
C GLU C 208 25.86 -50.70 -12.75
C GLU C 208 25.87 -50.68 -12.75
N GLU C 209 26.72 -51.67 -13.04
N GLU C 209 26.72 -51.67 -13.03
CA GLU C 209 28.13 -51.57 -12.60
CA GLU C 209 28.15 -51.58 -12.59
C GLU C 209 28.81 -50.37 -13.26
C GLU C 209 28.82 -50.38 -13.26
N GLU C 210 28.57 -50.18 -14.56
CA GLU C 210 29.15 -49.05 -15.27
C GLU C 210 28.60 -47.74 -14.73
N LEU C 211 27.29 -47.70 -14.44
CA LEU C 211 26.70 -46.46 -13.91
C LEU C 211 27.35 -46.09 -12.58
N ILE C 212 27.51 -47.06 -11.68
CA ILE C 212 28.13 -46.76 -10.39
C ILE C 212 29.57 -46.30 -10.57
N GLU C 213 30.31 -46.94 -11.48
CA GLU C 213 31.69 -46.53 -11.74
C GLU C 213 31.77 -45.07 -12.16
N ARG C 214 30.84 -44.65 -13.03
CA ARG C 214 30.92 -43.31 -13.68
C ARG C 214 30.06 -42.22 -13.02
N THR C 215 29.34 -42.54 -11.96
CA THR C 215 28.38 -41.55 -11.49
C THR C 215 29.06 -40.39 -10.75
N VAL C 216 28.40 -39.23 -10.83
CA VAL C 216 28.85 -38.02 -10.16
C VAL C 216 28.10 -37.75 -8.86
N VAL C 217 27.07 -38.53 -8.54
CA VAL C 217 26.27 -38.27 -7.34
C VAL C 217 26.76 -39.15 -6.19
N TYR C 218 26.72 -38.62 -4.98
CA TYR C 218 26.84 -39.43 -3.79
C TYR C 218 25.49 -40.05 -3.48
N ARG C 219 25.50 -41.31 -3.03
CA ARG C 219 24.26 -42.00 -2.62
C ARG C 219 24.55 -42.84 -1.38
N THR C 220 23.75 -42.66 -0.35
CA THR C 220 23.95 -43.35 0.92
C THR C 220 23.69 -44.85 0.78
N ASP C 221 22.70 -45.24 -0.04
CA ASP C 221 22.32 -46.64 -0.13
C ASP C 221 23.40 -47.51 -0.76
N ARG C 222 24.32 -46.85 -1.49
N ARG C 222 24.32 -46.91 -1.52
CA ARG C 222 25.48 -47.45 -2.23
CA ARG C 222 25.41 -47.73 -2.11
C ARG C 222 26.70 -47.51 -1.31
C ARG C 222 26.68 -47.64 -1.26
N GLY C 223 26.58 -47.02 -0.07
CA GLY C 223 27.71 -46.91 0.82
C GLY C 223 28.60 -45.74 0.55
N GLU C 224 28.12 -44.75 -0.20
CA GLU C 224 28.93 -43.60 -0.62
C GLU C 224 28.15 -42.30 -0.42
N PRO C 225 27.74 -42.00 0.81
CA PRO C 225 27.14 -40.69 1.10
C PRO C 225 28.21 -39.61 1.11
N MET C 226 27.82 -38.36 0.86
CA MET C 226 28.78 -37.27 1.05
C MET C 226 29.27 -37.24 2.49
N THR C 227 28.35 -37.36 3.45
CA THR C 227 28.64 -37.29 4.87
C THR C 227 28.42 -38.67 5.44
N ARG C 228 29.48 -39.26 5.97
CA ARG C 228 29.41 -40.57 6.57
C ARG C 228 29.06 -40.47 8.06
N GLU C 229 28.55 -41.57 8.60
CA GLU C 229 28.28 -41.62 10.03
C GLU C 229 29.57 -41.29 10.77
N GLY C 230 29.48 -40.40 11.75
CA GLY C 230 30.63 -40.00 12.52
C GLY C 230 31.41 -38.83 11.94
N ASP C 231 31.19 -38.46 10.68
CA ASP C 231 31.81 -37.28 10.09
C ASP C 231 31.32 -35.99 10.75
N PRO C 232 30.04 -35.86 11.11
CA PRO C 232 29.56 -34.59 11.66
C PRO C 232 30.40 -34.17 12.86
N GLY C 233 30.96 -32.95 12.79
CA GLY C 233 31.80 -32.41 13.82
C GLY C 233 33.22 -32.96 13.86
N ALA C 234 33.54 -34.01 13.11
CA ALA C 234 34.89 -34.57 13.14
C ALA C 234 35.86 -33.58 12.49
N PRO C 235 37.15 -33.66 12.84
CA PRO C 235 38.14 -32.79 12.20
C PRO C 235 38.13 -32.93 10.69
N ASP C 236 38.53 -31.84 10.01
CA ASP C 236 38.56 -31.83 8.56
C ASP C 236 39.28 -33.04 7.99
N GLU C 237 40.41 -33.43 8.58
CA GLU C 237 41.23 -34.49 8.01
C GLU C 237 40.54 -35.85 8.07
N GLU C 238 39.44 -35.95 8.83
CA GLU C 238 38.71 -37.24 8.96
C GLU C 238 37.46 -37.28 8.07
N VAL C 239 37.20 -36.26 7.25
CA VAL C 239 35.98 -36.20 6.44
C VAL C 239 36.34 -35.99 4.97
N ARG C 240 35.34 -36.15 4.10
CA ARG C 240 35.59 -36.03 2.67
C ARG C 240 36.01 -34.60 2.32
N GLU C 241 36.79 -34.46 1.25
CA GLU C 241 37.22 -33.12 0.86
C GLU C 241 36.05 -32.23 0.47
N ALA C 242 34.96 -32.80 -0.07
CA ALA C 242 33.79 -31.98 -0.40
C ALA C 242 33.20 -31.36 0.87
N LEU C 243 33.25 -32.08 1.99
CA LEU C 243 32.77 -31.52 3.25
C LEU C 243 33.76 -30.52 3.84
N GLN C 244 35.07 -30.79 3.72
CA GLN C 244 36.06 -29.81 4.13
C GLN C 244 35.84 -28.49 3.39
N TRP C 245 35.61 -28.58 2.09
CA TRP C 245 35.36 -27.40 1.26
C TRP C 245 34.08 -26.69 1.69
N SER C 246 33.01 -27.46 1.94
CA SER C 246 31.73 -26.87 2.34
C SER C 246 31.87 -26.10 3.66
N ARG C 247 32.56 -26.70 4.62
CA ARG C 247 32.82 -26.04 5.90
C ARG C 247 33.56 -24.74 5.70
N ARG C 248 34.59 -24.75 4.85
CA ARG C 248 35.38 -23.56 4.62
C ARG C 248 34.54 -22.45 4.02
N ILE C 249 33.74 -22.76 3.01
CA ILE C 249 32.91 -21.74 2.39
C ILE C 249 31.96 -21.13 3.41
N GLN C 250 31.36 -21.95 4.27
CA GLN C 250 30.45 -21.40 5.28
C GLN C 250 31.18 -20.51 6.27
N TRP C 251 32.33 -20.96 6.80
CA TRP C 251 33.07 -20.13 7.74
C TRP C 251 33.47 -18.80 7.10
N LEU C 252 33.94 -18.83 5.86
CA LEU C 252 34.44 -17.60 5.26
C LEU C 252 33.32 -16.67 4.80
N ARG C 253 32.18 -17.22 4.35
CA ARG C 253 31.04 -16.35 4.07
C ARG C 253 30.54 -15.69 5.35
N MET C 254 30.47 -16.45 6.45
CA MET C 254 29.94 -15.90 7.69
C MET C 254 30.87 -14.83 8.25
N LEU C 255 32.17 -15.15 8.34
CA LEU C 255 33.10 -14.20 8.94
C LEU C 255 33.34 -13.00 8.03
N GLY C 256 33.46 -13.23 6.74
CA GLY C 256 33.73 -12.14 5.81
C GLY C 256 32.57 -11.16 5.73
N ASN C 257 31.34 -11.67 5.80
CA ASN C 257 30.18 -10.80 5.76
C ASN C 257 29.91 -10.17 7.12
N MET C 258 30.58 -10.62 8.17
CA MET C 258 30.56 -9.90 9.43
C MET C 258 31.48 -8.68 9.35
N VAL C 259 32.77 -8.91 9.09
CA VAL C 259 33.72 -7.85 8.76
C VAL C 259 34.70 -8.43 7.76
N PRO C 260 34.88 -7.84 6.57
CA PRO C 260 35.73 -8.53 5.57
C PRO C 260 37.12 -8.87 6.05
N ASP C 261 37.75 -7.97 6.81
CA ASP C 261 39.12 -8.21 7.26
C ASP C 261 39.24 -9.44 8.14
N LYS C 262 38.13 -9.95 8.70
CA LYS C 262 38.22 -11.10 9.59
C LYS C 262 38.72 -12.36 8.89
N ILE C 263 38.59 -12.44 7.56
CA ILE C 263 39.04 -13.64 6.86
C ILE C 263 40.46 -13.50 6.30
N LYS C 264 41.13 -12.40 6.64
N LYS C 264 41.14 -12.41 6.65
CA LYS C 264 42.51 -12.23 6.09
CA LYS C 264 42.50 -12.23 6.10
C LYS C 264 43.40 -13.37 6.59
C LYS C 264 43.38 -13.38 6.59
N GLY C 265 44.03 -14.07 5.65
CA GLY C 265 44.98 -15.14 5.97
C GLY C 265 44.31 -16.42 6.46
N MET C 266 42.97 -16.47 6.43
N MET C 266 42.97 -16.47 6.43
CA MET C 266 42.25 -17.69 6.91
CA MET C 266 42.25 -17.68 6.91
C MET C 266 42.07 -18.72 5.78
C MET C 266 42.07 -18.71 5.78
N LYS D 3 -45.13 24.92 -15.00
CA LYS D 3 -45.04 24.00 -16.18
C LYS D 3 -44.34 22.70 -15.73
N TYR D 4 -44.38 22.42 -14.44
CA TYR D 4 -43.70 21.23 -13.87
C TYR D 4 -44.68 20.09 -13.54
N PRO D 5 -44.33 18.84 -13.88
CA PRO D 5 -45.23 17.72 -13.60
C PRO D 5 -45.27 17.36 -12.12
N LYS D 6 -46.28 16.56 -11.81
CA LYS D 6 -46.30 15.99 -10.40
CA LYS D 6 -46.35 16.04 -10.39
C LYS D 6 -45.03 15.26 -9.98
N GLN D 7 -44.60 15.56 -8.77
CA GLN D 7 -43.31 15.07 -8.31
C GLN D 7 -43.24 13.55 -8.32
N LEU D 8 -42.11 13.02 -8.81
CA LEU D 8 -41.98 11.57 -8.94
C LEU D 8 -42.00 10.87 -7.59
N PHE D 9 -41.57 11.55 -6.52
CA PHE D 9 -41.58 10.97 -5.18
C PHE D 9 -42.97 10.87 -4.57
N LEU D 10 -43.97 11.53 -5.19
CA LEU D 10 -45.37 11.36 -4.82
C LEU D 10 -46.12 10.46 -5.78
N GLU D 11 -45.60 10.26 -7.00
CA GLU D 11 -46.28 9.44 -7.99
C GLU D 11 -45.24 8.92 -8.99
N SER D 12 -44.86 7.66 -8.84
CA SER D 12 -43.95 7.09 -9.81
C SER D 12 -44.63 7.06 -11.18
N LYS D 13 -43.83 7.13 -12.23
CA LYS D 13 -44.38 7.48 -13.54
C LYS D 13 -45.36 6.45 -14.06
N ASN D 14 -45.07 5.16 -13.86
CA ASN D 14 -45.88 4.09 -14.40
C ASN D 14 -46.70 3.37 -13.34
N SER D 15 -46.09 3.01 -12.21
CA SER D 15 -46.85 2.29 -11.19
C SER D 15 -47.65 3.22 -10.28
N LYS D 16 -47.41 4.52 -10.34
CA LYS D 16 -48.20 5.51 -9.60
C LYS D 16 -48.08 5.35 -8.09
N MET D 17 -46.96 4.78 -7.61
CA MET D 17 -46.74 4.64 -6.19
C MET D 17 -46.31 5.97 -5.60
N ASN D 18 -46.73 6.22 -4.35
CA ASN D 18 -46.35 7.43 -3.61
C ASN D 18 -45.28 7.00 -2.62
N SER D 19 -44.03 7.18 -3.02
CA SER D 19 -42.91 6.61 -2.26
C SER D 19 -42.82 7.21 -0.87
N ILE D 20 -43.14 8.49 -0.73
CA ILE D 20 -43.03 9.12 0.59
C ILE D 20 -44.23 8.76 1.46
N GLU D 21 -45.45 8.84 0.91
CA GLU D 21 -46.63 8.48 1.69
C GLU D 21 -46.54 7.05 2.21
N MET D 22 -46.00 6.14 1.41
CA MET D 22 -45.90 4.72 1.77
CA MET D 22 -46.01 4.75 1.86
C MET D 22 -45.08 4.50 3.04
N LYS D 23 -44.19 5.44 3.38
CA LYS D 23 -43.36 5.29 4.60
C LYS D 23 -44.23 5.45 5.84
N TYR D 24 -45.31 6.26 5.72
CA TYR D 24 -46.08 6.68 6.93
C TYR D 24 -47.59 6.35 6.96
N GLY D 25 -48.24 6.08 5.84
CA GLY D 25 -49.70 5.98 5.83
C GLY D 25 -50.34 7.30 6.17
N GLN D 26 -49.63 8.40 5.92
CA GLN D 26 -50.16 9.73 6.18
CA GLN D 26 -50.13 9.73 6.20
C GLN D 26 -49.68 10.66 5.07
N ASP D 27 -50.47 11.68 4.79
CA ASP D 27 -50.12 12.66 3.77
C ASP D 27 -48.78 13.31 4.11
N PRO D 28 -47.77 13.23 3.24
CA PRO D 28 -46.46 13.79 3.58
C PRO D 28 -46.41 15.31 3.63
N ALA D 29 -47.48 16.00 3.22
CA ALA D 29 -47.56 17.44 3.36
C ALA D 29 -47.90 17.89 4.78
N ILE D 30 -48.32 16.98 5.66
CA ILE D 30 -48.78 17.35 6.98
C ILE D 30 -47.63 17.36 7.97
N ASN D 31 -47.45 18.49 8.66
CA ASN D 31 -46.40 18.62 9.68
C ASN D 31 -46.90 18.20 11.05
N ARG D 32 -47.10 16.90 11.19
CA ARG D 32 -47.56 16.33 12.44
CA ARG D 32 -47.58 16.33 12.45
C ARG D 32 -47.22 14.86 12.46
N ALA D 33 -46.73 14.40 13.60
CA ALA D 33 -46.41 12.98 13.77
C ALA D 33 -46.50 12.64 15.26
N GLU D 34 -46.81 11.38 15.56
CA GLU D 34 -46.77 10.90 16.94
C GLU D 34 -45.43 10.18 17.09
N PHE D 35 -44.81 10.30 18.26
CA PHE D 35 -43.51 9.65 18.51
C PHE D 35 -43.64 8.78 19.77
N HIS D 36 -42.75 7.81 19.86
CA HIS D 36 -42.67 6.92 21.02
C HIS D 36 -43.83 5.94 21.08
N VAL D 37 -44.43 5.62 19.94
CA VAL D 37 -45.62 4.77 19.87
C VAL D 37 -45.42 3.57 18.95
N TYR D 38 -44.18 3.26 18.55
CA TYR D 38 -43.92 2.26 17.54
C TYR D 38 -43.35 0.96 18.09
N GLY D 39 -43.14 0.85 19.40
CA GLY D 39 -42.53 -0.33 19.97
C GLY D 39 -41.03 -0.44 19.75
N GLY D 40 -40.36 0.68 19.49
CA GLY D 40 -38.92 0.64 19.31
C GLY D 40 -38.56 -0.18 18.09
N VAL D 41 -37.61 -1.10 18.26
CA VAL D 41 -37.18 -1.93 17.13
C VAL D 41 -38.20 -2.97 16.74
N ARG D 42 -39.25 -3.17 17.55
CA ARG D 42 -40.26 -4.15 17.19
CA ARG D 42 -40.27 -4.14 17.19
C ARG D 42 -40.96 -3.79 15.88
N GLN D 43 -40.91 -2.53 15.47
CA GLN D 43 -41.49 -2.12 14.20
C GLN D 43 -40.71 -2.64 13.00
N SER D 44 -39.46 -3.09 13.21
CA SER D 44 -38.58 -3.54 12.13
C SER D 44 -38.52 -5.06 12.11
N LYS D 45 -38.83 -5.65 10.97
CA LYS D 45 -38.69 -7.09 10.81
CA LYS D 45 -38.70 -7.09 10.82
C LYS D 45 -37.24 -7.52 10.96
N ARG D 46 -36.33 -6.82 10.29
CA ARG D 46 -34.93 -7.24 10.33
C ARG D 46 -34.33 -7.10 11.72
N LYS D 47 -34.60 -5.99 12.41
CA LYS D 47 -34.00 -5.80 13.73
C LYS D 47 -34.64 -6.74 14.75
N SER D 48 -35.94 -7.02 14.62
CA SER D 48 -36.58 -7.98 15.51
C SER D 48 -36.01 -9.39 15.28
N GLU D 49 -35.88 -9.79 14.01
CA GLU D 49 -35.27 -11.07 13.70
CA GLU D 49 -35.27 -11.08 13.71
C GLU D 49 -33.83 -11.14 14.20
N ALA D 50 -33.10 -10.04 14.06
CA ALA D 50 -31.73 -9.96 14.52
C ALA D 50 -31.62 -10.16 16.02
N TRP D 51 -32.57 -9.59 16.78
CA TRP D 51 -32.52 -9.76 18.23
C TRP D 51 -32.70 -11.23 18.61
N GLU D 52 -33.62 -11.92 17.93
CA GLU D 52 -33.80 -13.34 18.22
C GLU D 52 -32.58 -14.17 17.83
N ALA D 53 -31.98 -13.87 16.68
CA ALA D 53 -30.76 -14.57 16.28
C ALA D 53 -29.65 -14.32 17.28
N ALA D 54 -29.54 -13.09 17.76
CA ALA D 54 -28.47 -12.72 18.68
C ALA D 54 -28.54 -13.54 19.95
N LYS D 55 -29.75 -13.86 20.43
CA LYS D 55 -29.89 -14.67 21.63
C LYS D 55 -29.31 -16.05 21.42
N ARG D 56 -29.56 -16.64 20.25
CA ARG D 56 -28.99 -17.94 19.94
CA ARG D 56 -28.99 -17.95 19.96
C ARG D 56 -27.47 -17.87 19.87
N ILE D 57 -26.95 -16.83 19.22
CA ILE D 57 -25.51 -16.66 19.07
C ILE D 57 -24.83 -16.51 20.43
N THR D 58 -25.43 -15.71 21.32
CA THR D 58 -24.87 -15.54 22.66
C THR D 58 -24.77 -16.87 23.37
N LYS D 59 -25.83 -17.66 23.28
N LYS D 59 -25.83 -17.68 23.28
CA LYS D 59 -25.83 -18.99 23.97
CA LYS D 59 -25.83 -18.99 23.96
C LYS D 59 -24.78 -19.94 23.38
C LYS D 59 -24.72 -19.88 23.38
N GLU D 60 -24.58 -19.89 22.06
CA GLU D 60 -23.61 -20.78 21.43
CA GLU D 60 -23.61 -20.82 21.47
C GLU D 60 -22.18 -20.39 21.76
N ARG D 61 -21.87 -19.09 21.68
CA ARG D 61 -20.45 -18.66 21.80
C ARG D 61 -20.03 -18.19 23.19
N GLY D 62 -20.99 -17.92 24.07
CA GLY D 62 -20.65 -17.46 25.41
C GLY D 62 -20.23 -16.02 25.53
N ILE D 63 -20.60 -15.16 24.59
CA ILE D 63 -20.33 -13.73 24.65
C ILE D 63 -21.57 -13.04 24.11
N PRO D 64 -22.12 -12.03 24.80
CA PRO D 64 -23.30 -11.36 24.28
C PRO D 64 -22.91 -10.56 23.01
N ASN D 65 -23.92 -10.28 22.19
CA ASN D 65 -23.73 -9.53 20.93
C ASN D 65 -24.82 -8.45 20.82
N TYR D 66 -25.59 -8.47 19.73
CA TYR D 66 -26.66 -7.49 19.48
C TYR D 66 -27.66 -7.51 20.63
N ASN D 67 -27.93 -6.33 21.15
CA ASN D 67 -28.86 -6.16 22.26
C ASN D 67 -29.45 -4.75 22.19
N PRO D 68 -30.59 -4.60 21.50
CA PRO D 68 -31.22 -3.28 21.36
C PRO D 68 -31.49 -2.55 22.66
N ASP D 69 -31.60 -3.27 23.78
CA ASP D 69 -31.86 -2.58 25.04
C ASP D 69 -30.65 -1.86 25.61
N LEU D 70 -29.49 -1.94 24.97
CA LEU D 70 -28.36 -1.11 25.36
C LEU D 70 -28.48 0.32 24.87
N HIS D 71 -29.42 0.62 23.96
CA HIS D 71 -29.52 1.96 23.40
C HIS D 71 -29.65 2.99 24.52
N LEU D 72 -28.98 4.13 24.33
N LEU D 72 -28.98 4.12 24.34
CA LEU D 72 -28.74 5.08 25.45
CA LEU D 72 -28.74 5.09 25.44
C LEU D 72 -29.98 5.54 26.22
C LEU D 72 -29.97 5.56 26.21
N LYS D 73 -29.83 5.50 27.55
CA LYS D 73 -30.77 6.14 28.47
C LYS D 73 -32.18 5.58 28.33
N GLY D 74 -32.26 4.28 28.06
CA GLY D 74 -33.52 3.57 28.07
C GLY D 74 -34.38 3.80 26.86
N ALA D 75 -33.86 4.45 25.82
CA ALA D 75 -34.63 4.74 24.62
C ALA D 75 -34.14 3.81 23.53
N GLN D 76 -34.92 2.77 23.23
CA GLN D 76 -34.60 1.91 22.10
CA GLN D 76 -34.61 1.91 22.11
C GLN D 76 -34.61 2.73 20.82
N MET D 77 -33.82 2.28 19.85
CA MET D 77 -33.98 2.81 18.50
C MET D 77 -35.43 2.60 18.08
N GLY D 78 -35.93 3.50 17.24
CA GLY D 78 -37.30 3.39 16.78
C GLY D 78 -38.31 4.17 17.60
N GLN D 79 -37.90 5.31 18.17
CA GLN D 79 -38.83 6.25 18.76
C GLN D 79 -39.58 7.06 17.72
N LYS D 80 -39.07 7.09 16.50
CA LYS D 80 -39.77 7.55 15.32
C LYS D 80 -39.93 6.38 14.37
N VAL D 81 -40.63 6.62 13.26
CA VAL D 81 -40.75 5.60 12.23
C VAL D 81 -39.37 5.26 11.69
N LEU D 82 -39.07 3.96 11.62
CA LEU D 82 -37.88 3.44 10.95
C LEU D 82 -38.37 3.12 9.54
N GLN D 83 -38.08 4.03 8.60
CA GLN D 83 -38.77 4.01 7.32
C GLN D 83 -38.33 2.85 6.44
N THR D 84 -39.22 2.43 5.57
CA THR D 84 -38.87 1.57 4.45
C THR D 84 -38.61 2.41 3.21
N TYR D 85 -38.09 1.74 2.18
CA TYR D 85 -37.63 2.39 0.97
C TYR D 85 -38.08 1.66 -0.29
N ARG D 86 -38.28 2.44 -1.36
CA ARG D 86 -38.59 1.93 -2.68
C ARG D 86 -37.45 2.30 -3.63
N ILE D 87 -36.96 1.33 -4.40
CA ILE D 87 -35.90 1.61 -5.37
C ILE D 87 -36.45 2.53 -6.45
N THR D 88 -35.73 3.61 -6.73
CA THR D 88 -36.19 4.54 -7.76
C THR D 88 -36.22 3.90 -9.14
N GLY D 89 -37.28 4.19 -9.89
CA GLY D 89 -37.28 4.05 -11.33
C GLY D 89 -37.53 2.67 -11.90
N LEU D 90 -37.70 1.66 -11.06
CA LEU D 90 -37.81 0.30 -11.60
C LEU D 90 -39.07 0.13 -12.44
N ASP D 91 -40.10 0.92 -12.19
CA ASP D 91 -41.33 0.86 -12.98
C ASP D 91 -41.18 1.45 -14.37
N ARG D 92 -40.06 2.12 -14.66
CA ARG D 92 -39.80 2.72 -15.96
C ARG D 92 -38.78 1.92 -16.77
N GLU D 93 -38.37 0.76 -16.30
CA GLU D 93 -37.53 -0.13 -17.10
C GLU D 93 -38.39 -1.06 -17.93
N TRP D 94 -37.89 -1.41 -19.12
CA TRP D 94 -38.57 -2.35 -19.99
C TRP D 94 -37.64 -3.40 -20.59
N ALA D 95 -36.33 -3.32 -20.36
CA ALA D 95 -35.38 -4.26 -20.92
C ALA D 95 -34.53 -4.86 -19.79
N GLY D 96 -33.60 -5.74 -20.16
CA GLY D 96 -32.74 -6.38 -19.19
C GLY D 96 -33.35 -7.55 -18.46
N GLY D 97 -34.26 -8.28 -19.08
CA GLY D 97 -34.94 -9.39 -18.45
C GLY D 97 -34.23 -10.73 -18.53
N GLU D 98 -32.96 -10.76 -18.93
CA GLU D 98 -32.24 -12.01 -19.09
C GLU D 98 -31.85 -12.62 -17.74
N ASP D 99 -31.81 -13.95 -17.69
CA ASP D 99 -31.21 -14.60 -16.54
C ASP D 99 -29.76 -14.17 -16.41
N THR D 100 -29.30 -14.01 -15.17
CA THR D 100 -27.90 -13.64 -14.94
C THR D 100 -27.26 -14.72 -14.07
N PRO D 101 -25.95 -14.68 -13.86
CA PRO D 101 -25.33 -15.67 -12.97
C PRO D 101 -25.80 -15.58 -11.54
N ALA D 102 -26.37 -14.45 -11.13
CA ALA D 102 -26.75 -14.22 -9.74
C ALA D 102 -28.24 -14.39 -9.48
N HIS D 103 -29.08 -14.35 -10.51
CA HIS D 103 -30.51 -14.45 -10.30
C HIS D 103 -31.21 -14.72 -11.62
N LYS D 104 -32.38 -15.33 -11.52
N LYS D 104 -32.39 -15.32 -11.52
CA LYS D 104 -33.20 -15.53 -12.74
CA LYS D 104 -33.20 -15.53 -12.73
C LYS D 104 -33.63 -14.14 -13.23
C LYS D 104 -33.67 -14.16 -13.22
N GLY D 105 -34.02 -14.09 -14.50
CA GLY D 105 -34.37 -12.81 -15.08
C GLY D 105 -35.37 -12.00 -14.30
N TRP D 106 -35.05 -10.73 -14.07
CA TRP D 106 -35.99 -9.77 -13.52
C TRP D 106 -37.06 -9.47 -14.57
N LYS D 107 -38.29 -9.32 -14.13
CA LYS D 107 -39.33 -8.86 -15.05
C LYS D 107 -39.26 -7.34 -15.14
N PRO D 108 -38.76 -6.77 -16.23
CA PRO D 108 -38.58 -5.33 -16.27
C PRO D 108 -39.89 -4.60 -16.02
N GLY D 109 -39.83 -3.56 -15.19
CA GLY D 109 -40.98 -2.78 -14.81
C GLY D 109 -41.50 -3.11 -13.43
N THR D 110 -41.00 -4.18 -12.82
CA THR D 110 -41.42 -4.59 -11.49
C THR D 110 -40.74 -3.72 -10.44
N ASP D 111 -41.52 -3.18 -9.51
CA ASP D 111 -41.03 -2.36 -8.41
C ASP D 111 -40.44 -3.24 -7.31
N ILE D 112 -39.55 -2.61 -6.52
CA ILE D 112 -39.05 -3.18 -5.26
C ILE D 112 -39.30 -2.12 -4.20
N ALA D 113 -40.32 -2.32 -3.38
CA ALA D 113 -40.70 -1.37 -2.36
C ALA D 113 -40.72 -2.07 -1.00
N GLY D 114 -40.75 -1.27 0.06
CA GLY D 114 -40.81 -1.83 1.39
C GLY D 114 -39.52 -2.41 1.91
N LEU D 115 -38.39 -2.10 1.28
CA LEU D 115 -37.11 -2.55 1.80
C LEU D 115 -36.81 -1.85 3.10
N GLU D 116 -36.24 -2.57 4.06
CA GLU D 116 -35.76 -1.93 5.28
C GLU D 116 -34.34 -1.41 5.08
N MET D 117 -33.96 -0.46 5.94
CA MET D 117 -32.62 0.11 5.86
C MET D 117 -31.56 -1.00 5.88
N ASP D 118 -31.76 -2.03 6.70
CA ASP D 118 -30.73 -3.03 6.85
C ASP D 118 -30.59 -3.90 5.60
N ASP D 119 -31.62 -3.94 4.76
CA ASP D 119 -31.53 -4.66 3.49
C ASP D 119 -30.60 -3.97 2.49
N LEU D 120 -30.33 -2.69 2.69
CA LEU D 120 -29.47 -1.90 1.81
C LEU D 120 -28.18 -1.48 2.51
N ASN D 121 -27.80 -2.23 3.53
CA ASN D 121 -26.50 -2.09 4.17
C ASN D 121 -25.51 -2.96 3.39
N TYR D 122 -24.39 -2.35 2.97
CA TYR D 122 -23.34 -3.08 2.27
C TYR D 122 -22.96 -4.37 2.99
N GLU D 123 -22.93 -4.34 4.33
CA GLU D 123 -22.56 -5.54 5.08
C GLU D 123 -23.55 -6.68 4.84
N ASN D 124 -24.83 -6.35 4.66
CA ASN D 124 -25.89 -7.33 4.52
C ASN D 124 -26.29 -7.61 3.08
N ASN D 125 -25.68 -6.96 2.10
CA ASN D 125 -26.18 -6.95 0.73
C ASN D 125 -25.14 -7.51 -0.23
N PRO D 126 -25.27 -8.77 -0.64
CA PRO D 126 -24.24 -9.38 -1.49
C PRO D 126 -24.19 -8.80 -2.89
N ALA D 127 -25.25 -8.16 -3.38
CA ALA D 127 -25.18 -7.53 -4.69
C ALA D 127 -24.17 -6.38 -4.67
N MET D 128 -24.15 -5.62 -3.58
CA MET D 128 -23.22 -4.51 -3.47
C MET D 128 -21.79 -5.02 -3.35
N GLN D 129 -21.57 -6.03 -2.51
CA GLN D 129 -20.25 -6.61 -2.37
C GLN D 129 -19.76 -7.18 -3.70
N GLN D 130 -20.64 -7.88 -4.41
CA GLN D 130 -20.23 -8.49 -5.68
C GLN D 130 -19.94 -7.45 -6.75
N CYS D 131 -20.64 -6.33 -6.74
CA CYS D 131 -20.31 -5.25 -7.67
C CYS D 131 -18.85 -4.85 -7.53
N TYR D 132 -18.42 -4.60 -6.30
CA TYR D 132 -17.02 -4.27 -6.08
C TYR D 132 -16.10 -5.42 -6.46
N ASP D 133 -16.45 -6.64 -6.04
CA ASP D 133 -15.57 -7.77 -6.34
C ASP D 133 -15.40 -7.95 -7.85
N ASP D 134 -16.45 -7.75 -8.63
CA ASP D 134 -16.35 -7.89 -10.09
C ASP D 134 -15.40 -6.82 -10.65
N MET D 135 -15.44 -5.60 -10.12
CA MET D 135 -14.49 -4.58 -10.55
C MET D 135 -13.07 -5.03 -10.27
N ARG D 136 -12.81 -5.43 -9.03
CA ARG D 136 -11.42 -5.57 -8.60
C ARG D 136 -10.78 -6.88 -9.05
N ARG D 137 -11.57 -7.90 -9.38
CA ARG D 137 -11.06 -9.18 -9.87
C ARG D 137 -10.80 -9.15 -11.37
N THR D 138 -11.02 -8.01 -12.02
CA THR D 138 -10.83 -7.86 -13.46
C THR D 138 -9.40 -7.43 -13.81
N ALA D 139 -8.82 -8.10 -14.79
CA ALA D 139 -7.51 -7.77 -15.36
C ALA D 139 -7.67 -7.62 -16.86
N ILE D 140 -7.11 -6.55 -17.40
CA ILE D 140 -7.27 -6.18 -18.80
C ILE D 140 -5.90 -5.96 -19.41
N ASN D 141 -5.67 -6.55 -20.59
CA ASN D 141 -4.36 -6.44 -21.23
C ASN D 141 -4.49 -6.42 -22.74
N GLY D 142 -3.60 -5.67 -23.39
CA GLY D 142 -3.38 -5.89 -24.81
C GLY D 142 -2.52 -7.13 -24.96
N LEU D 143 -2.79 -7.91 -26.01
CA LEU D 143 -1.99 -9.11 -26.27
C LEU D 143 -0.94 -8.93 -27.35
N SER D 144 -0.89 -7.75 -27.99
N SER D 144 -0.88 -7.76 -27.98
CA SER D 144 0.01 -7.56 -29.16
CA SER D 144 0.01 -7.55 -29.16
C SER D 144 1.47 -7.89 -28.86
C SER D 144 1.47 -7.88 -28.87
N ILE D 145 1.96 -7.52 -27.68
CA ILE D 145 3.39 -7.74 -27.41
C ILE D 145 3.67 -9.21 -27.16
N ALA D 146 2.76 -9.89 -26.48
CA ALA D 146 2.93 -11.33 -26.27
C ALA D 146 2.96 -12.05 -27.62
N HIS D 147 2.09 -11.66 -28.54
CA HIS D 147 2.09 -12.29 -29.86
C HIS D 147 3.33 -11.93 -30.64
N GLU D 148 3.82 -10.71 -30.49
CA GLU D 148 5.05 -10.31 -31.16
C GLU D 148 6.24 -11.13 -30.65
N THR D 149 6.31 -11.35 -29.33
N THR D 149 6.32 -11.31 -29.33
CA THR D 149 7.41 -12.12 -28.71
CA THR D 149 7.46 -12.10 -28.79
C THR D 149 7.39 -13.56 -29.25
C THR D 149 7.40 -13.55 -29.31
N ILE D 150 6.21 -14.15 -29.36
CA ILE D 150 6.08 -15.51 -29.89
C ILE D 150 6.53 -15.57 -31.33
N GLU D 151 6.11 -14.60 -32.15
CA GLU D 151 6.44 -14.65 -33.58
C GLU D 151 7.91 -14.41 -33.83
N ARG D 152 8.53 -13.46 -33.12
CA ARG D 152 9.92 -13.11 -33.43
C ARG D 152 10.93 -13.85 -32.56
N ARG D 153 10.75 -13.85 -31.24
CA ARG D 153 11.76 -14.46 -30.38
C ARG D 153 11.66 -15.97 -30.43
N PHE D 154 10.45 -16.51 -30.35
CA PHE D 154 10.29 -17.95 -30.32
C PHE D 154 10.24 -18.56 -31.72
N GLY D 155 9.58 -17.88 -32.65
CA GLY D 155 9.52 -18.30 -34.04
C GLY D 155 8.30 -19.11 -34.42
N LYS D 156 7.13 -18.75 -33.91
CA LYS D 156 5.90 -19.47 -34.21
CA LYS D 156 5.89 -19.47 -34.21
C LYS D 156 4.80 -18.48 -34.56
N GLU D 157 4.00 -18.83 -35.59
CA GLU D 157 2.95 -17.95 -36.07
C GLU D 157 1.75 -17.96 -35.13
N VAL D 158 1.17 -16.78 -34.93
CA VAL D 158 -0.07 -16.61 -34.17
C VAL D 158 -1.22 -16.50 -35.16
N THR D 159 -2.26 -17.30 -34.96
CA THR D 159 -3.42 -17.35 -35.86
C THR D 159 -4.69 -17.37 -35.02
N PRO D 160 -5.86 -17.20 -35.63
CA PRO D 160 -7.10 -17.36 -34.85
C PRO D 160 -7.18 -18.71 -34.17
N GLU D 161 -6.66 -19.75 -34.81
CA GLU D 161 -6.69 -21.08 -34.22
CA GLU D 161 -6.70 -21.09 -34.21
C GLU D 161 -5.82 -21.17 -32.97
N THR D 162 -4.62 -20.58 -33.02
CA THR D 162 -3.76 -20.64 -31.82
C THR D 162 -4.32 -19.77 -30.71
N ILE D 163 -4.91 -18.63 -31.07
CA ILE D 163 -5.57 -17.78 -30.07
C ILE D 163 -6.73 -18.53 -29.41
N ASN D 164 -7.51 -19.26 -30.20
CA ASN D 164 -8.62 -20.01 -29.63
C ASN D 164 -8.12 -21.07 -28.66
N LEU D 165 -7.03 -21.76 -29.01
CA LEU D 165 -6.47 -22.76 -28.09
C LEU D 165 -5.97 -22.08 -26.82
N TYR D 166 -5.26 -20.96 -26.97
CA TYR D 166 -4.81 -20.19 -25.83
C TYR D 166 -5.96 -19.86 -24.90
N PHE D 167 -7.09 -19.37 -25.44
CA PHE D 167 -8.22 -19.00 -24.59
C PHE D 167 -8.89 -20.23 -23.98
N GLU D 168 -8.95 -21.34 -24.70
CA GLU D 168 -9.49 -22.54 -24.10
C GLU D 168 -8.62 -22.98 -22.91
N MET D 169 -7.31 -22.90 -23.07
CA MET D 169 -6.40 -23.27 -21.99
C MET D 169 -6.48 -22.28 -20.82
N LEU D 170 -6.56 -20.99 -21.11
CA LEU D 170 -6.68 -19.99 -20.05
C LEU D 170 -7.99 -20.18 -19.29
N ASN D 171 -9.06 -20.58 -19.97
CA ASN D 171 -10.31 -20.83 -19.25
C ASN D 171 -10.27 -22.11 -18.42
N HIS D 172 -9.39 -23.05 -18.78
CA HIS D 172 -9.16 -24.22 -17.94
C HIS D 172 -8.33 -23.86 -16.71
N ASN D 173 -7.29 -23.03 -16.85
CA ASN D 173 -6.37 -22.81 -15.74
C ASN D 173 -6.64 -21.55 -14.92
N ILE D 174 -7.48 -20.63 -15.37
CA ILE D 174 -7.59 -19.38 -14.61
C ILE D 174 -8.18 -19.63 -13.25
N GLY D 175 -9.15 -20.53 -13.18
CA GLY D 175 -9.75 -20.93 -11.93
C GLY D 175 -9.30 -22.28 -11.41
N ALA D 176 -9.33 -23.30 -12.28
CA ALA D 176 -9.34 -24.68 -11.79
C ALA D 176 -8.09 -25.50 -12.03
N GLY D 177 -7.52 -25.53 -13.24
CA GLY D 177 -6.70 -26.64 -13.67
C GLY D 177 -5.25 -26.34 -14.01
N ALA D 178 -4.54 -27.43 -14.29
CA ALA D 178 -3.16 -27.46 -14.74
C ALA D 178 -3.07 -28.15 -16.11
N ILE D 179 -2.00 -27.85 -16.86
CA ILE D 179 -1.87 -28.30 -18.25
C ILE D 179 -0.52 -28.95 -18.52
N MET D 180 0.55 -28.30 -18.05
N MET D 180 0.56 -28.31 -18.06
CA MET D 180 1.93 -28.74 -18.38
CA MET D 180 1.94 -28.74 -18.39
C MET D 180 2.54 -29.78 -17.42
C MET D 180 2.59 -29.75 -17.41
N MET D 181 2.17 -29.76 -16.14
CA MET D 181 2.90 -30.53 -15.15
C MET D 181 2.17 -31.76 -14.66
N GLU D 182 2.96 -32.78 -14.33
CA GLU D 182 2.51 -33.91 -13.57
C GLU D 182 2.28 -33.51 -12.11
N HIS D 183 1.42 -34.27 -11.43
CA HIS D 183 1.28 -34.27 -9.97
C HIS D 183 1.14 -32.85 -9.39
N THR D 184 0.12 -32.13 -9.89
CA THR D 184 -0.11 -30.75 -9.55
C THR D 184 -1.51 -30.57 -8.96
N ALA D 185 -1.57 -29.85 -7.85
CA ALA D 185 -2.84 -29.57 -7.22
C ALA D 185 -3.67 -28.60 -8.05
N GLU D 186 -4.98 -28.70 -7.90
CA GLU D 186 -5.96 -27.97 -8.68
C GLU D 186 -7.06 -27.49 -7.74
N THR D 187 -7.87 -26.56 -8.22
CA THR D 187 -8.95 -25.95 -7.45
C THR D 187 -10.28 -26.56 -7.85
N ASN D 188 -11.13 -26.78 -6.87
CA ASN D 188 -12.47 -27.29 -7.10
C ASN D 188 -13.23 -26.37 -8.05
N PRO D 189 -13.68 -26.85 -9.23
CA PRO D 189 -14.34 -25.94 -10.18
C PRO D 189 -15.55 -25.23 -9.61
N GLU D 190 -16.23 -25.81 -8.62
CA GLU D 190 -17.40 -25.19 -8.04
C GLU D 190 -17.04 -23.87 -7.36
N LEU D 191 -15.82 -23.77 -6.83
CA LEU D 191 -15.41 -22.58 -6.10
C LEU D 191 -15.04 -21.44 -7.02
N VAL D 192 -14.85 -21.69 -8.31
CA VAL D 192 -14.25 -20.74 -9.22
C VAL D 192 -15.05 -20.61 -10.52
N LYS D 193 -16.32 -21.01 -10.49
CA LYS D 193 -17.14 -21.01 -11.70
C LYS D 193 -17.42 -19.61 -12.23
N ASP D 194 -17.16 -18.57 -11.42
CA ASP D 194 -17.27 -17.17 -11.82
C ASP D 194 -16.01 -16.63 -12.49
N SER D 195 -14.94 -17.41 -12.59
CA SER D 195 -13.68 -16.98 -13.15
C SER D 195 -13.55 -17.51 -14.58
N TYR D 196 -13.12 -16.64 -15.50
CA TYR D 196 -13.07 -16.95 -16.93
C TYR D 196 -12.29 -15.83 -17.60
N ALA D 197 -12.04 -16.01 -18.90
CA ALA D 197 -11.32 -15.01 -19.69
C ALA D 197 -11.92 -14.92 -21.09
N LYS D 198 -12.00 -13.69 -21.57
CA LYS D 198 -12.52 -13.36 -22.89
C LYS D 198 -11.61 -12.34 -23.54
N CYS D 199 -11.94 -11.99 -24.78
CA CYS D 199 -11.23 -10.94 -25.49
C CYS D 199 -12.19 -10.14 -26.34
N PHE D 200 -11.72 -8.98 -26.80
CA PHE D 200 -12.46 -8.19 -27.78
C PHE D 200 -11.47 -7.56 -28.74
N THR D 201 -12.00 -7.13 -29.89
CA THR D 201 -11.19 -6.54 -30.94
C THR D 201 -12.06 -5.63 -31.79
N GLY D 202 -11.44 -4.61 -32.37
CA GLY D 202 -12.13 -3.77 -33.32
C GLY D 202 -12.17 -4.30 -34.73
N ASN D 203 -11.47 -5.41 -34.98
CA ASN D 203 -11.39 -6.02 -36.31
C ASN D 203 -12.49 -7.08 -36.39
N ASP D 204 -13.52 -6.80 -37.19
CA ASP D 204 -14.68 -7.69 -37.24
C ASP D 204 -14.34 -9.02 -37.87
N GLU D 205 -13.42 -9.06 -38.83
CA GLU D 205 -13.04 -10.34 -39.42
CA GLU D 205 -13.00 -10.29 -39.50
C GLU D 205 -12.34 -11.24 -38.40
N LEU D 206 -11.47 -10.66 -37.57
CA LEU D 206 -10.86 -11.43 -36.50
C LEU D 206 -11.91 -11.89 -35.49
N ALA D 207 -12.80 -10.98 -35.09
CA ALA D 207 -13.82 -11.35 -34.12
C ALA D 207 -14.62 -12.55 -34.61
N ASP D 208 -14.97 -12.56 -35.89
CA ASP D 208 -15.76 -13.65 -36.44
C ASP D 208 -14.97 -14.95 -36.52
N ALA D 209 -13.65 -14.87 -36.62
CA ALA D 209 -12.81 -16.07 -36.70
C ALA D 209 -12.54 -16.70 -35.34
N LEU D 210 -12.79 -15.98 -34.26
CA LEU D 210 -12.55 -16.52 -32.94
C LEU D 210 -13.74 -17.33 -32.44
N ASP D 211 -13.46 -18.20 -31.48
CA ASP D 211 -14.52 -18.96 -30.80
C ASP D 211 -15.37 -17.97 -30.00
N GLN D 212 -16.65 -17.87 -30.34
CA GLN D 212 -17.50 -16.81 -29.77
C GLN D 212 -17.68 -16.96 -28.27
N ARG D 213 -17.45 -18.15 -27.71
CA ARG D 213 -17.54 -18.32 -26.27
C ARG D 213 -16.52 -17.46 -25.54
N PHE D 214 -15.42 -17.11 -26.20
CA PHE D 214 -14.34 -16.34 -25.60
C PHE D 214 -14.39 -14.86 -25.98
N LEU D 215 -15.47 -14.41 -26.63
CA LEU D 215 -15.53 -13.07 -27.21
C LEU D 215 -16.51 -12.19 -26.45
N ILE D 216 -16.07 -10.99 -26.09
CA ILE D 216 -16.96 -9.88 -25.78
C ILE D 216 -17.27 -9.23 -27.13
N ASP D 217 -18.52 -9.34 -27.57
CA ASP D 217 -18.90 -8.97 -28.93
C ASP D 217 -19.40 -7.53 -28.90
N ILE D 218 -18.54 -6.59 -29.34
CA ILE D 218 -18.88 -5.18 -29.29
C ILE D 218 -20.08 -4.89 -30.17
N ASN D 219 -20.17 -5.55 -31.33
CA ASN D 219 -21.29 -5.33 -32.23
C ASN D 219 -22.62 -5.77 -31.61
N LYS D 220 -22.61 -6.84 -30.83
CA LYS D 220 -23.84 -7.30 -30.19
CA LYS D 220 -23.80 -7.25 -30.27
C LYS D 220 -24.19 -6.49 -28.96
N MET D 221 -23.20 -6.07 -28.17
CA MET D 221 -23.48 -5.45 -26.88
CA MET D 221 -23.50 -5.46 -26.88
C MET D 221 -23.89 -3.99 -26.98
N PHE D 222 -23.43 -3.29 -28.02
CA PHE D 222 -23.60 -1.83 -28.12
C PHE D 222 -24.46 -1.46 -29.31
N PRO D 223 -25.22 -0.36 -29.22
CA PRO D 223 -25.88 0.16 -30.42
C PRO D 223 -24.84 0.61 -31.43
N LYS D 224 -25.25 0.70 -32.70
N LYS D 224 -25.25 0.72 -32.70
CA LYS D 224 -24.25 0.88 -33.79
CA LYS D 224 -24.27 0.89 -33.80
C LYS D 224 -23.36 2.12 -33.59
C LYS D 224 -23.37 2.12 -33.63
N TYR D 225 -23.91 3.25 -33.21
CA TYR D 225 -23.06 4.44 -33.09
C TYR D 225 -22.00 4.25 -32.00
N GLN D 226 -22.36 3.57 -30.92
CA GLN D 226 -21.41 3.34 -29.84
C GLN D 226 -20.39 2.28 -30.22
N ALA D 227 -20.84 1.20 -30.87
CA ALA D 227 -19.90 0.20 -31.37
C ALA D 227 -18.88 0.84 -32.30
N ASP D 228 -19.35 1.72 -33.19
CA ASP D 228 -18.44 2.39 -34.12
C ASP D 228 -17.36 3.17 -33.37
N GLN D 229 -17.76 3.92 -32.34
CA GLN D 229 -16.81 4.72 -31.58
CA GLN D 229 -16.81 4.73 -31.59
C GLN D 229 -15.82 3.84 -30.84
N ILE D 230 -16.30 2.78 -30.19
CA ILE D 230 -15.42 1.91 -29.42
C ILE D 230 -14.47 1.17 -30.34
N LYS D 231 -14.99 0.63 -31.45
CA LYS D 231 -14.14 -0.11 -32.37
C LYS D 231 -13.09 0.78 -33.01
N ALA D 232 -13.40 2.05 -33.24
CA ALA D 232 -12.42 2.97 -33.81
C ALA D 232 -11.24 3.16 -32.87
N GLU D 233 -11.51 3.17 -31.56
CA GLU D 233 -10.45 3.31 -30.58
C GLU D 233 -9.66 2.01 -30.39
N VAL D 234 -10.36 0.88 -30.31
CA VAL D 234 -9.67 -0.40 -30.14
C VAL D 234 -8.82 -0.72 -31.37
N GLY D 235 -9.38 -0.51 -32.55
CA GLY D 235 -8.68 -0.77 -33.78
C GLY D 235 -8.41 -2.23 -34.00
N ASP D 236 -7.38 -2.48 -34.81
CA ASP D 236 -6.96 -3.84 -35.16
CA ASP D 236 -6.95 -3.82 -35.18
C ASP D 236 -6.00 -4.37 -34.10
N ARG D 237 -6.56 -4.50 -32.91
CA ARG D 237 -5.88 -5.00 -31.74
C ARG D 237 -6.80 -5.93 -30.99
N ILE D 238 -6.18 -6.83 -30.22
N ILE D 238 -6.18 -6.82 -30.20
CA ILE D 238 -6.93 -7.75 -29.34
CA ILE D 238 -6.91 -7.77 -29.33
C ILE D 238 -6.62 -7.41 -27.87
C ILE D 238 -6.62 -7.40 -27.87
N PHE D 239 -7.69 -7.22 -27.10
CA PHE D 239 -7.58 -7.00 -25.67
C PHE D 239 -8.19 -8.18 -24.95
N GLN D 240 -7.49 -8.67 -23.94
CA GLN D 240 -7.98 -9.71 -23.07
C GLN D 240 -8.62 -9.10 -21.82
N VAL D 241 -9.74 -9.69 -21.42
CA VAL D 241 -10.44 -9.35 -20.19
C VAL D 241 -10.57 -10.63 -19.39
N ALA D 242 -9.88 -10.70 -18.27
CA ALA D 242 -9.87 -11.90 -17.45
C ALA D 242 -10.44 -11.54 -16.10
N ARG D 243 -11.24 -12.44 -15.54
CA ARG D 243 -11.80 -12.25 -14.22
C ARG D 243 -11.33 -13.40 -13.35
N ILE D 244 -10.54 -13.07 -12.34
CA ILE D 244 -10.03 -14.10 -11.43
C ILE D 244 -11.13 -14.46 -10.44
N PRO D 245 -10.98 -15.52 -9.65
CA PRO D 245 -12.08 -15.92 -8.78
C PRO D 245 -12.42 -14.85 -7.76
N THR D 246 -13.72 -14.63 -7.56
CA THR D 246 -14.17 -13.77 -6.46
C THR D 246 -13.61 -14.27 -5.13
N MET D 247 -13.63 -15.58 -4.91
CA MET D 247 -13.09 -16.11 -3.66
C MET D 247 -11.64 -15.68 -3.47
N ALA D 248 -10.85 -15.65 -4.55
CA ALA D 248 -9.44 -15.31 -4.43
C ALA D 248 -9.24 -13.86 -3.98
N VAL D 249 -9.96 -12.89 -4.58
CA VAL D 249 -9.78 -11.52 -4.10
C VAL D 249 -10.25 -11.37 -2.67
N ARG D 250 -11.23 -12.17 -2.24
CA ARG D 250 -11.71 -12.12 -0.87
C ARG D 250 -10.73 -12.71 0.14
N THR D 251 -9.69 -13.41 -0.31
CA THR D 251 -8.59 -13.82 0.55
C THR D 251 -7.45 -12.81 0.56
N SER D 252 -7.56 -11.76 -0.25
CA SER D 252 -6.41 -10.88 -0.44
CA SER D 252 -6.42 -10.95 -0.64
C SER D 252 -6.88 -9.53 -0.96
N ASP D 253 -6.49 -9.10 -2.16
CA ASP D 253 -6.84 -7.77 -2.65
C ASP D 253 -6.99 -7.84 -4.16
N GLY D 254 -7.51 -6.75 -4.75
CA GLY D 254 -7.61 -6.64 -6.19
C GLY D 254 -6.28 -6.60 -6.90
N GLY D 255 -5.21 -6.27 -6.18
CA GLY D 255 -3.88 -6.32 -6.75
C GLY D 255 -3.46 -7.73 -7.12
N LEU D 256 -4.13 -8.73 -6.56
CA LEU D 256 -3.89 -10.11 -6.99
C LEU D 256 -4.18 -10.29 -8.47
N SER D 257 -5.17 -9.57 -9.00
CA SER D 257 -5.68 -9.90 -10.32
C SER D 257 -4.60 -9.89 -11.39
N ARG D 258 -3.81 -8.80 -11.49
CA ARG D 258 -2.82 -8.78 -12.57
C ARG D 258 -1.73 -9.80 -12.34
N ALA D 259 -1.40 -10.08 -11.08
CA ALA D 259 -0.39 -11.08 -10.79
C ALA D 259 -0.88 -12.47 -11.18
N TRP D 260 -2.12 -12.80 -10.79
CA TRP D 260 -2.73 -14.10 -11.04
C TRP D 260 -2.85 -14.35 -12.53
N VAL D 261 -3.40 -13.38 -13.26
CA VAL D 261 -3.49 -13.51 -14.71
C VAL D 261 -2.09 -13.55 -15.33
N GLY D 262 -1.12 -12.86 -14.74
CA GLY D 262 0.23 -12.99 -15.22
C GLY D 262 0.71 -14.43 -15.19
N GLN D 263 0.42 -15.15 -14.10
CA GLN D 263 0.81 -16.55 -14.01
C GLN D 263 0.08 -17.38 -15.05
N GLN D 264 -1.24 -17.25 -15.09
CA GLN D 264 -2.06 -18.20 -15.82
C GLN D 264 -2.02 -17.92 -17.32
N ALA D 265 -2.01 -16.66 -17.70
CA ALA D 265 -1.82 -16.33 -19.12
C ALA D 265 -0.45 -16.77 -19.60
N SER D 266 0.61 -16.57 -18.81
CA SER D 266 1.92 -17.04 -19.22
C SER D 266 1.88 -18.54 -19.48
N LEU D 267 1.26 -19.30 -18.58
CA LEU D 267 1.15 -20.74 -18.77
C LEU D 267 0.36 -21.08 -20.03
N ALA D 268 -0.74 -20.38 -20.27
CA ALA D 268 -1.54 -20.66 -21.45
C ALA D 268 -0.76 -20.38 -22.73
N PHE D 269 0.11 -19.36 -22.73
CA PHE D 269 1.00 -19.14 -23.88
C PHE D 269 1.99 -20.28 -24.03
N LEU D 270 2.63 -20.69 -22.93
CA LEU D 270 3.59 -21.80 -23.01
C LEU D 270 2.93 -23.05 -23.58
N CYS D 271 1.71 -23.31 -23.14
CA CYS D 271 1.05 -24.57 -23.47
C CYS D 271 0.38 -24.52 -24.83
N ALA D 272 -0.14 -23.38 -25.27
CA ALA D 272 -0.75 -23.31 -26.60
C ALA D 272 0.29 -23.25 -27.70
N TYR D 273 1.50 -22.79 -27.39
CA TYR D 273 2.55 -22.60 -28.38
C TYR D 273 3.72 -23.57 -28.22
N ASP D 274 3.64 -24.49 -27.26
CA ASP D 274 4.67 -25.53 -27.04
C ASP D 274 6.05 -24.92 -26.80
N ILE D 275 6.13 -24.02 -25.83
CA ILE D 275 7.37 -23.34 -25.49
C ILE D 275 8.08 -24.12 -24.38
N PRO D 276 9.38 -24.39 -24.49
CA PRO D 276 10.07 -25.13 -23.44
C PRO D 276 9.97 -24.45 -22.08
N ALA D 277 9.88 -25.29 -21.04
CA ALA D 277 9.78 -24.81 -19.66
C ALA D 277 11.10 -24.19 -19.22
N GLY D 278 11.10 -22.88 -19.02
CA GLY D 278 12.29 -22.14 -18.71
C GLY D 278 12.89 -21.37 -19.86
N ASP D 279 12.26 -21.37 -21.03
CA ASP D 279 12.71 -20.50 -22.10
C ASP D 279 12.62 -19.04 -21.67
N ALA D 280 13.61 -18.23 -22.07
CA ALA D 280 13.65 -16.83 -21.69
C ALA D 280 12.41 -16.05 -22.12
N VAL D 281 11.73 -16.47 -23.18
N VAL D 281 11.72 -16.48 -23.17
CA VAL D 281 10.55 -15.67 -23.65
CA VAL D 281 10.56 -15.68 -23.66
C VAL D 281 9.49 -15.61 -22.55
C VAL D 281 9.48 -15.62 -22.56
N THR D 282 9.47 -16.60 -21.67
CA THR D 282 8.41 -16.68 -20.66
C THR D 282 8.25 -15.38 -19.91
N SER D 283 9.37 -14.72 -19.58
CA SER D 283 9.32 -13.53 -18.75
C SER D 283 8.68 -12.36 -19.46
N ASP D 284 8.68 -12.35 -20.80
CA ASP D 284 7.95 -11.32 -21.53
C ASP D 284 6.45 -11.42 -21.29
N PHE D 285 5.92 -12.64 -21.12
CA PHE D 285 4.48 -12.77 -20.95
C PHE D 285 4.04 -12.14 -19.63
N VAL D 286 4.64 -12.58 -18.52
CA VAL D 286 4.23 -12.03 -17.23
C VAL D 286 4.49 -10.53 -17.17
N PHE D 287 5.63 -10.07 -17.70
CA PHE D 287 5.88 -8.63 -17.68
C PHE D 287 4.83 -7.87 -18.47
N THR D 288 4.41 -8.39 -19.62
CA THR D 288 3.36 -7.75 -20.41
C THR D 288 2.06 -7.66 -19.62
N ILE D 289 1.70 -8.74 -18.94
CA ILE D 289 0.43 -8.77 -18.23
C ILE D 289 0.46 -7.86 -17.00
N LYS D 290 1.58 -7.81 -16.28
CA LYS D 290 1.65 -7.05 -15.03
C LYS D 290 1.99 -5.59 -15.22
N GLY D 292 3.62 -4.24 -18.89
CA GLY D 292 3.96 -3.73 -20.22
C GLY D 292 2.79 -3.27 -21.08
N ASP D 293 1.63 -3.92 -20.95
CA ASP D 293 0.46 -3.52 -21.75
C ASP D 293 -0.77 -3.88 -20.94
N VAL D 294 -1.07 -3.02 -19.97
CA VAL D 294 -2.04 -3.35 -18.93
C VAL D 294 -2.93 -2.15 -18.65
N VAL D 295 -4.21 -2.43 -18.42
CA VAL D 295 -5.20 -1.45 -17.99
C VAL D 295 -5.71 -1.94 -16.65
N PHE D 296 -5.69 -1.06 -15.65
CA PHE D 296 -6.14 -1.39 -14.31
C PHE D 296 -7.45 -0.66 -14.04
N MET D 297 -8.29 -1.24 -13.20
CA MET D 297 -9.45 -0.45 -12.73
C MET D 297 -8.96 0.67 -11.80
N GLY D 298 -7.95 0.36 -11.02
N GLY D 298 -7.98 0.35 -10.96
CA GLY D 298 -7.41 1.36 -10.07
CA GLY D 298 -7.42 1.29 -9.96
C GLY D 298 -5.89 1.42 -10.05
C GLY D 298 -5.89 1.38 -9.89
N THR D 299 -5.37 2.61 -9.75
CA THR D 299 -3.95 2.88 -9.60
C THR D 299 -3.56 2.78 -8.11
N GLN D 300 -2.26 2.63 -7.86
CA GLN D 300 -1.76 2.51 -6.50
C GLN D 300 -2.01 3.78 -5.69
N LEU D 301 -2.04 3.61 -4.36
CA LEU D 301 -2.25 4.68 -3.40
C LEU D 301 -1.03 4.87 -2.50
N PRO D 302 -0.84 6.09 -1.99
CA PRO D 302 0.33 6.42 -1.17
C PRO D 302 0.20 5.88 0.25
N TYR D 303 1.27 6.08 1.02
CA TYR D 303 1.54 5.24 2.18
C TYR D 303 0.42 5.27 3.22
N ARG D 304 -0.13 6.47 3.52
CA ARG D 304 -1.13 6.52 4.61
C ARG D 304 -2.30 5.58 4.30
N ALA D 306 -2.10 2.98 1.87
CA ALA D 306 -1.33 2.19 0.90
C ALA D 306 -2.13 1.09 0.24
N GLN D 307 -2.11 1.05 -1.08
CA GLN D 307 -2.71 -0.04 -1.83
C GLN D 307 -1.94 -0.30 -3.12
N ARG D 308 -1.91 -1.57 -3.51
CA ARG D 308 -1.57 -1.97 -4.85
C ARG D 308 -2.69 -1.57 -5.81
N ASN D 309 -2.54 -1.95 -7.07
CA ASN D 309 -3.56 -1.68 -8.07
C ASN D 309 -4.90 -2.33 -7.66
N ASN D 310 -5.98 -1.79 -8.21
CA ASN D 310 -7.30 -2.40 -8.15
C ASN D 310 -7.92 -2.38 -6.75
N SER D 311 -7.62 -1.36 -5.96
CA SER D 311 -8.46 -1.00 -4.82
C SER D 311 -9.46 0.08 -5.25
N ALA D 312 -10.58 0.14 -4.54
CA ALA D 312 -11.59 1.14 -4.85
C ALA D 312 -11.04 2.56 -4.81
N GLY D 313 -10.09 2.83 -3.91
CA GLY D 313 -9.57 4.17 -3.79
C GLY D 313 -8.72 4.61 -4.96
N GLY D 314 -8.20 3.67 -5.74
CA GLY D 314 -7.43 3.98 -6.91
C GLY D 314 -8.23 4.11 -8.18
N ILE D 315 -9.53 3.86 -8.14
CA ILE D 315 -10.34 3.86 -9.36
C ILE D 315 -10.74 5.30 -9.65
N ALA D 316 -10.34 5.80 -10.83
CA ALA D 316 -10.72 7.12 -11.25
C ALA D 316 -12.24 7.23 -11.39
N LEU D 317 -12.77 8.42 -11.11
CA LEU D 317 -14.21 8.63 -11.24
C LEU D 317 -14.71 8.18 -12.59
N GLY D 318 -14.01 8.53 -13.67
CA GLY D 318 -14.44 8.17 -14.99
C GLY D 318 -14.37 6.69 -15.30
N TYR D 319 -13.52 5.95 -14.57
CA TYR D 319 -13.53 4.50 -14.69
C TYR D 319 -14.76 3.90 -14.00
N TYR D 320 -15.15 4.43 -12.84
CA TYR D 320 -16.44 4.09 -12.28
C TYR D 320 -17.56 4.42 -13.25
N SER D 321 -17.48 5.57 -13.92
CA SER D 321 -18.50 5.95 -14.89
C SER D 321 -18.60 4.92 -16.01
N ASP D 322 -17.43 4.50 -16.53
CA ASP D 322 -17.41 3.70 -17.74
C ASP D 322 -17.62 2.21 -17.49
N CYS D 323 -17.36 1.76 -16.26
N CYS D 323 -17.35 1.74 -16.26
CA CYS D 323 -17.68 0.35 -15.92
CA CYS D 323 -17.70 0.32 -15.98
C CYS D 323 -19.21 0.18 -15.94
C CYS D 323 -19.23 0.19 -15.97
N ASN D 324 -19.94 1.21 -15.48
CA ASN D 324 -21.39 1.17 -15.57
C ASN D 324 -21.80 0.98 -17.03
N GLN D 325 -22.87 0.23 -17.24
CA GLN D 325 -23.29 -0.17 -18.58
C GLN D 325 -24.68 0.36 -18.92
N THR D 326 -25.21 1.27 -18.13
CA THR D 326 -26.52 1.83 -18.43
C THR D 326 -26.50 2.57 -19.76
N SER D 327 -25.35 3.12 -20.15
CA SER D 327 -25.20 3.85 -21.40
C SER D 327 -25.60 3.05 -22.64
N ARG D 328 -25.57 1.72 -22.59
CA ARG D 328 -25.92 0.90 -23.74
C ARG D 328 -27.30 0.25 -23.61
N THR D 329 -28.12 0.67 -22.64
CA THR D 329 -29.45 0.10 -22.46
C THR D 329 -30.50 0.84 -23.29
N PRO D 330 -31.58 0.14 -23.65
CA PRO D 330 -32.68 0.85 -24.33
C PRO D 330 -33.20 2.03 -23.53
N GLU D 331 -33.25 1.89 -22.21
CA GLU D 331 -33.75 3.00 -21.38
C GLU D 331 -32.91 4.26 -21.57
N ALA D 332 -31.59 4.12 -21.69
CA ALA D 332 -30.71 5.25 -21.91
C ALA D 332 -30.71 5.73 -23.34
N LEU D 333 -31.10 4.89 -24.29
CA LEU D 333 -31.02 5.24 -25.70
C LEU D 333 -32.31 5.83 -26.23
N GLU D 334 -33.45 5.45 -25.65
CA GLU D 334 -34.77 5.90 -26.17
C GLU D 334 -35.74 6.34 -25.06
N GLY D 335 -35.29 6.49 -23.82
CA GLY D 335 -36.22 6.70 -22.72
C GLY D 335 -36.82 8.09 -22.62
N LEU D 336 -36.27 9.10 -23.31
CA LEU D 336 -36.90 10.45 -23.37
C LEU D 336 -37.73 10.59 -24.64
N ASP D 337 -38.90 9.98 -24.63
CA ASP D 337 -39.79 9.97 -25.80
C ASP D 337 -39.02 9.71 -27.09
N GLY D 338 -38.26 8.63 -27.07
CA GLY D 338 -37.47 8.21 -28.21
C GLY D 338 -36.08 8.78 -28.25
N GLY D 339 -35.77 9.75 -27.41
CA GLY D 339 -34.45 10.33 -27.37
C GLY D 339 -33.59 9.72 -26.29
N ILE D 340 -32.29 9.97 -26.42
CA ILE D 340 -31.38 9.52 -25.38
C ILE D 340 -31.75 10.14 -24.04
N ASP D 341 -31.49 9.39 -22.98
CA ASP D 341 -31.80 9.81 -21.61
C ASP D 341 -30.52 9.80 -20.78
N PRO D 342 -29.76 10.89 -20.82
CA PRO D 342 -28.57 10.95 -19.97
C PRO D 342 -28.89 10.99 -18.50
N VAL D 343 -30.09 11.41 -18.10
CA VAL D 343 -30.43 11.38 -16.68
C VAL D 343 -30.45 9.96 -16.16
N LYS D 344 -31.05 9.03 -16.92
CA LYS D 344 -31.04 7.62 -16.54
C LYS D 344 -29.62 7.11 -16.36
N VAL D 345 -28.71 7.52 -17.25
CA VAL D 345 -27.32 7.14 -17.11
C VAL D 345 -26.73 7.69 -15.81
N ILE D 346 -26.96 8.97 -15.54
CA ILE D 346 -26.42 9.62 -14.35
C ILE D 346 -26.89 8.89 -13.09
N VAL D 347 -28.19 8.66 -12.98
CA VAL D 347 -28.76 8.20 -11.73
C VAL D 347 -28.44 6.73 -11.48
N GLU D 348 -28.22 5.96 -12.55
CA GLU D 348 -27.73 4.59 -12.40
C GLU D 348 -26.25 4.57 -12.09
N ALA D 349 -25.43 5.29 -12.86
CA ALA D 349 -23.99 5.24 -12.63
C ALA D 349 -23.61 5.75 -11.25
N LEU D 350 -24.35 6.73 -10.71
CA LEU D 350 -24.04 7.22 -9.38
C LEU D 350 -24.38 6.21 -8.29
N THR D 351 -25.15 5.17 -8.61
CA THR D 351 -25.57 4.23 -7.57
C THR D 351 -24.41 3.34 -7.14
N PRO D 352 -23.71 2.58 -8.02
CA PRO D 352 -22.47 1.93 -7.60
C PRO D 352 -21.43 3.01 -7.26
N GLY D 353 -21.44 4.14 -7.96
CA GLY D 353 -20.46 5.16 -7.66
C GLY D 353 -20.45 5.52 -6.19
N VAL D 355 -22.30 3.84 -3.63
CA VAL D 355 -22.23 2.70 -2.73
C VAL D 355 -20.81 2.16 -2.64
N ILE D 356 -20.11 2.01 -3.76
CA ILE D 356 -18.77 1.46 -3.72
C ILE D 356 -17.78 2.46 -3.09
N THR D 357 -17.82 3.72 -3.50
CA THR D 357 -16.85 4.65 -2.90
C THR D 357 -17.13 4.92 -1.43
N ASP D 358 -18.40 5.01 -1.04
CA ASP D 358 -18.71 5.39 0.34
C ASP D 358 -18.82 4.18 1.27
N GLN D 359 -19.56 3.14 0.87
CA GLN D 359 -19.71 1.96 1.72
C GLN D 359 -18.59 0.95 1.48
N GLY D 360 -18.27 0.68 0.22
CA GLY D 360 -17.23 -0.29 -0.07
C GLY D 360 -15.85 0.18 0.32
N TRP D 361 -15.58 1.49 0.19
CA TRP D 361 -14.23 2.04 0.34
C TRP D 361 -14.10 2.90 1.59
N LEU D 362 -14.76 4.05 1.66
CA LEU D 362 -14.59 4.89 2.83
C LEU D 362 -14.96 4.13 4.11
N HIS D 363 -16.05 3.37 4.07
CA HIS D 363 -16.48 2.61 5.23
C HIS D 363 -15.67 1.32 5.37
N ASN D 364 -15.76 0.41 4.38
CA ASN D 364 -15.15 -0.91 4.54
C ASN D 364 -13.66 -0.98 4.30
N TYR D 365 -12.98 0.13 3.98
CA TYR D 365 -11.53 0.20 4.13
C TYR D 365 -11.10 1.24 5.14
N LEU D 366 -11.61 2.47 5.07
CA LEU D 366 -10.99 3.54 5.84
C LEU D 366 -11.57 3.74 7.24
N ALA D 367 -12.75 3.21 7.52
CA ALA D 367 -13.39 3.47 8.81
C ALA D 367 -14.11 2.22 9.28
N GLY D 368 -15.43 2.15 9.13
CA GLY D 368 -16.14 0.91 9.32
C GLY D 368 -17.13 0.89 10.46
N GLY D 369 -17.49 -0.32 10.86
CA GLY D 369 -18.49 -0.54 11.89
C GLY D 369 -19.76 -1.16 11.32
N SER D 370 -20.76 -1.27 12.17
CA SER D 370 -21.90 -2.12 11.86
C SER D 370 -22.96 -1.46 11.00
N SER D 371 -22.88 -0.16 10.73
CA SER D 371 -23.97 0.53 10.07
C SER D 371 -23.87 0.57 8.56
N GLY D 372 -22.67 0.45 8.01
CA GLY D 372 -22.45 0.75 6.60
C GLY D 372 -22.78 2.16 6.18
N TRP D 373 -23.01 3.08 7.13
CA TRP D 373 -23.48 4.43 6.81
C TRP D 373 -24.64 4.38 5.82
N SER D 374 -25.53 3.41 5.99
CA SER D 374 -26.41 3.01 4.90
C SER D 374 -27.48 4.04 4.59
N ASN D 375 -28.17 4.58 5.61
CA ASN D 375 -29.22 5.55 5.30
C ASN D 375 -28.68 6.77 4.59
N TYR D 376 -27.45 7.20 4.89
CA TYR D 376 -26.87 8.33 4.16
C TYR D 376 -27.03 8.13 2.65
N ILE D 378 -28.52 5.36 0.89
CA ILE D 378 -29.78 4.85 0.36
C ILE D 378 -30.58 5.99 -0.26
N SER D 379 -30.50 7.17 0.36
CA SER D 379 -31.28 8.32 -0.07
C SER D 379 -31.06 8.71 -1.54
N VAL D 380 -29.93 8.36 -2.15
CA VAL D 380 -29.65 8.82 -3.50
C VAL D 380 -30.21 7.92 -4.59
N TYR D 381 -30.80 6.77 -4.23
CA TYR D 381 -31.30 5.86 -5.26
C TYR D 381 -32.67 5.29 -4.91
N THR D 382 -33.39 5.95 -4.00
CA THR D 382 -34.69 5.50 -3.56
C THR D 382 -35.70 6.63 -3.61
N ASP D 383 -36.95 6.23 -3.74
CA ASP D 383 -38.12 7.07 -3.54
C ASP D 383 -38.28 8.20 -4.56
N GLU D 384 -37.49 8.20 -5.64
CA GLU D 384 -37.62 9.12 -6.76
C GLU D 384 -37.31 10.57 -6.38
N VAL D 385 -36.61 10.82 -5.27
CA VAL D 385 -36.42 12.20 -4.82
C VAL D 385 -35.35 12.88 -5.67
N LEU D 386 -34.14 12.36 -5.65
CA LEU D 386 -33.09 12.87 -6.53
C LEU D 386 -33.55 12.81 -7.99
N GLU D 387 -34.30 11.77 -8.33
CA GLU D 387 -34.80 11.59 -9.69
C GLU D 387 -35.65 12.78 -10.10
N ASP D 388 -36.61 13.15 -9.26
CA ASP D 388 -37.47 14.27 -9.59
C ASP D 388 -36.66 15.55 -9.77
N TYR D 389 -35.72 15.80 -8.86
CA TYR D 389 -34.98 17.05 -8.91
C TYR D 389 -34.08 17.13 -10.14
N GLY D 390 -33.46 16.00 -10.52
CA GLY D 390 -32.60 15.99 -11.69
C GLY D 390 -33.37 16.18 -12.97
N TYR D 391 -34.48 15.45 -13.15
CA TYR D 391 -35.30 15.68 -14.32
C TYR D 391 -35.87 17.09 -14.33
N HIS D 392 -36.15 17.65 -13.16
CA HIS D 392 -36.67 19.01 -13.11
C HIS D 392 -35.72 19.97 -13.81
N GLY D 393 -34.43 19.86 -13.51
CA GLY D 393 -33.47 20.75 -14.14
C GLY D 393 -33.39 20.57 -15.63
N ALA D 394 -33.48 19.32 -16.10
CA ALA D 394 -33.48 19.06 -17.53
C ALA D 394 -34.70 19.67 -18.20
N ILE D 395 -35.88 19.49 -17.61
CA ILE D 395 -37.11 20.07 -18.16
C ILE D 395 -36.97 21.59 -18.24
N TYR D 396 -36.55 22.20 -17.14
CA TYR D 396 -36.37 23.65 -17.09
C TYR D 396 -35.44 24.11 -18.20
N ALA D 397 -34.31 23.42 -18.36
CA ALA D 397 -33.28 23.89 -19.28
C ALA D 397 -33.69 23.69 -20.73
N MET D 398 -34.30 22.53 -21.01
CA MET D 398 -34.72 22.27 -22.40
C MET D 398 -35.72 23.35 -22.82
N ASP D 399 -36.63 23.74 -21.92
CA ASP D 399 -37.59 24.78 -22.25
C ASP D 399 -36.92 26.15 -22.38
N LYS D 400 -35.97 26.45 -21.51
CA LYS D 400 -35.41 27.79 -21.47
C LYS D 400 -34.50 28.04 -22.66
N TRP D 401 -33.65 27.06 -23.00
CA TRP D 401 -32.68 27.21 -24.07
C TRP D 401 -33.13 26.59 -25.39
N LYS D 402 -34.33 25.99 -25.43
CA LYS D 402 -34.91 25.48 -26.66
C LYS D 402 -33.94 24.58 -27.41
N CYS D 403 -33.45 23.57 -26.71
CA CYS D 403 -32.47 22.67 -27.28
C CYS D 403 -32.60 21.32 -26.62
N GLY D 404 -31.82 20.35 -27.10
CA GLY D 404 -31.81 19.03 -26.53
C GLY D 404 -30.73 18.87 -25.47
N VAL D 405 -30.62 17.64 -24.96
CA VAL D 405 -29.56 17.34 -24.01
C VAL D 405 -28.19 17.56 -24.66
N GLY D 406 -27.25 17.99 -23.86
CA GLY D 406 -25.88 18.20 -24.32
C GLY D 406 -25.65 19.44 -25.13
N GLU D 407 -26.64 20.33 -25.22
CA GLU D 407 -26.59 21.42 -26.20
C GLU D 407 -26.72 22.81 -25.61
N VAL D 408 -26.97 22.95 -24.32
CA VAL D 408 -26.93 24.28 -23.70
C VAL D 408 -25.50 24.76 -23.71
N PRO D 409 -25.22 25.99 -24.15
CA PRO D 409 -23.83 26.47 -24.13
C PRO D 409 -23.22 26.33 -22.74
N ASN D 410 -21.98 25.88 -22.71
CA ASN D 410 -21.32 25.53 -21.45
C ASN D 410 -20.64 26.74 -20.82
N THR D 411 -21.43 27.78 -20.59
CA THR D 411 -20.94 28.99 -19.95
C THR D 411 -21.13 28.90 -18.44
N TYR D 412 -20.31 29.67 -17.72
CA TYR D 412 -20.43 29.70 -16.27
C TYR D 412 -21.78 30.26 -15.85
N GLU D 413 -22.26 31.25 -16.60
N GLU D 413 -22.25 31.25 -16.62
CA GLU D 413 -23.57 31.89 -16.30
CA GLU D 413 -23.56 31.89 -16.32
C GLU D 413 -24.69 30.85 -16.44
C GLU D 413 -24.69 30.86 -16.46
N ASN D 414 -24.64 30.00 -17.47
CA ASN D 414 -25.69 29.02 -17.67
C ASN D 414 -25.65 27.97 -16.57
N MET D 415 -24.46 27.56 -16.16
CA MET D 415 -24.33 26.64 -15.03
C MET D 415 -25.00 27.22 -13.79
N MET D 416 -24.74 28.51 -13.50
CA MET D 416 -25.27 29.10 -12.29
C MET D 416 -26.78 29.22 -12.33
N THR D 417 -27.35 29.52 -13.50
CA THR D 417 -28.79 29.62 -13.64
C THR D 417 -29.45 28.27 -13.36
N ILE D 418 -28.96 27.20 -13.99
CA ILE D 418 -29.55 25.90 -13.78
C ILE D 418 -29.42 25.47 -12.32
N ALA D 419 -28.24 25.67 -11.73
CA ALA D 419 -28.04 25.32 -10.33
C ALA D 419 -29.01 26.08 -9.42
N GLU D 420 -29.21 27.38 -9.68
CA GLU D 420 -30.13 28.16 -8.86
C GLU D 420 -31.55 27.59 -8.93
N GLU D 421 -31.99 27.17 -10.11
CA GLU D 421 -33.34 26.61 -10.23
C GLU D 421 -33.44 25.23 -9.57
N VAL D 422 -32.43 24.38 -9.73
CA VAL D 422 -32.52 23.03 -9.15
C VAL D 422 -32.42 23.08 -7.64
N SER D 423 -31.51 23.92 -7.12
CA SER D 423 -31.48 24.19 -5.69
C SER D 423 -32.84 24.67 -5.20
N ARG D 424 -33.43 25.65 -5.91
CA ARG D 424 -34.72 26.18 -5.54
C ARG D 424 -35.77 25.08 -5.46
N TRP D 425 -35.82 24.22 -6.47
CA TRP D 425 -36.82 23.15 -6.53
C TRP D 425 -36.61 22.15 -5.40
N SER D 426 -35.37 21.77 -5.15
CA SER D 426 -35.06 20.85 -4.06
C SER D 426 -35.57 21.41 -2.74
N GLN D 427 -35.26 22.68 -2.48
CA GLN D 427 -35.66 23.33 -1.25
C GLN D 427 -37.18 23.47 -1.17
N LYS D 428 -37.80 23.79 -2.30
CA LYS D 428 -39.28 23.91 -2.28
C LYS D 428 -39.89 22.58 -1.80
N ASN D 429 -39.39 21.45 -2.29
CA ASN D 429 -39.98 20.16 -1.94
C ASN D 429 -39.65 19.74 -0.52
N TYR D 430 -38.42 19.93 -0.06
CA TYR D 430 -38.12 19.61 1.33
C TYR D 430 -38.91 20.50 2.28
N ASP D 431 -39.14 21.75 1.89
CA ASP D 431 -39.90 22.68 2.74
C ASP D 431 -41.40 22.38 2.72
N GLU D 432 -41.94 21.97 1.58
CA GLU D 432 -43.37 21.79 1.44
C GLU D 432 -43.86 20.41 1.87
N TYR D 433 -42.96 19.45 2.04
CA TYR D 433 -43.33 18.08 2.40
C TYR D 433 -42.61 17.68 3.68
N PRO D 434 -43.20 17.97 4.84
CA PRO D 434 -42.61 17.52 6.11
C PRO D 434 -42.28 16.03 6.15
N GLY D 435 -43.07 15.18 5.52
CA GLY D 435 -42.75 13.76 5.50
C GLY D 435 -41.49 13.45 4.70
N LEU D 436 -41.21 14.25 3.68
CA LEU D 436 -39.96 14.10 2.92
C LEU D 436 -38.76 14.64 3.70
N MET D 437 -38.93 15.79 4.36
CA MET D 437 -37.89 16.31 5.22
CA MET D 437 -37.92 16.32 5.25
C MET D 437 -37.54 15.31 6.32
N GLU D 438 -38.53 14.63 6.89
CA GLU D 438 -38.26 13.62 7.91
C GLU D 438 -37.66 12.35 7.30
N ALA D 439 -38.05 11.98 6.09
CA ALA D 439 -37.46 10.81 5.44
C ALA D 439 -35.97 11.02 5.25
N HIS D 440 -35.60 12.17 4.67
CA HIS D 440 -34.19 12.53 4.49
C HIS D 440 -33.75 13.40 5.66
N PHE D 441 -33.75 12.76 6.84
CA PHE D 441 -33.60 13.50 8.09
C PHE D 441 -32.21 14.08 8.28
N GLY D 442 -31.18 13.52 7.66
CA GLY D 442 -29.84 14.06 7.79
C GLY D 442 -29.62 15.17 6.78
N GLY D 443 -29.14 16.32 7.26
CA GLY D 443 -28.87 17.41 6.35
C GLY D 443 -27.95 17.02 5.21
N SER D 444 -27.00 16.12 5.45
CA SER D 444 -26.11 15.72 4.36
C SER D 444 -26.87 15.16 3.17
N ARG D 446 -29.93 15.79 2.22
CA ARG D 446 -30.67 16.88 1.53
C ARG D 446 -29.73 17.79 0.74
N TYR D 447 -28.55 18.03 1.31
CA TYR D 447 -27.55 18.90 0.71
C TYR D 447 -26.90 18.20 -0.50
N SER D 448 -26.41 16.97 -0.31
CA SER D 448 -25.90 16.22 -1.44
C SER D 448 -26.93 16.08 -2.54
N ILE D 449 -28.21 15.87 -2.17
CA ILE D 449 -29.22 15.65 -3.20
C ILE D 449 -29.44 16.92 -4.04
N GLN D 450 -29.50 18.11 -3.42
CA GLN D 450 -29.66 19.29 -4.26
C GLN D 450 -28.42 19.55 -5.11
N ALA D 451 -27.23 19.28 -4.56
CA ALA D 451 -26.01 19.46 -5.31
C ALA D 451 -25.92 18.45 -6.46
N ALA D 452 -26.26 17.18 -6.19
CA ALA D 452 -26.23 16.15 -7.22
C ALA D 452 -27.23 16.44 -8.32
N ALA D 453 -28.44 16.85 -7.96
CA ALA D 453 -29.45 17.15 -8.96
C ALA D 453 -29.00 18.30 -9.83
N SER D 454 -28.38 19.31 -9.23
CA SER D 454 -27.90 20.45 -9.98
C SER D 454 -26.81 20.05 -10.96
N GLY D 455 -25.83 19.30 -10.47
CA GLY D 455 -24.76 18.83 -11.34
C GLY D 455 -25.26 17.89 -12.42
N ALA D 456 -26.23 17.02 -12.07
CA ALA D 456 -26.82 16.14 -13.06
C ALA D 456 -27.45 16.96 -14.18
N ALA D 457 -28.25 17.97 -13.82
CA ALA D 457 -28.89 18.81 -14.82
C ALA D 457 -27.86 19.54 -15.67
N VAL D 458 -26.86 20.15 -15.06
CA VAL D 458 -25.87 20.89 -15.84
C VAL D 458 -25.06 19.95 -16.73
N GLY D 459 -24.64 18.82 -16.19
CA GLY D 459 -23.87 17.87 -17.00
C GLY D 459 -24.67 17.32 -18.16
N ALA D 460 -25.91 16.91 -17.88
CA ALA D 460 -26.76 16.38 -18.94
C ALA D 460 -27.08 17.44 -19.98
N MET D 461 -27.24 18.70 -19.57
CA MET D 461 -27.69 19.71 -20.49
C MET D 461 -26.57 20.38 -21.26
N THR D 462 -25.33 20.37 -20.77
CA THR D 462 -24.21 20.98 -21.46
C THR D 462 -23.22 19.98 -22.05
N GLY D 463 -23.24 18.73 -21.60
CA GLY D 463 -22.23 17.78 -22.00
C GLY D 463 -20.86 17.98 -21.38
N ASP D 464 -20.72 18.93 -20.46
CA ASP D 464 -19.42 19.32 -19.93
C ASP D 464 -19.28 18.79 -18.51
N PRO D 465 -18.42 17.80 -18.28
CA PRO D 465 -18.38 17.15 -16.95
C PRO D 465 -17.77 18.01 -15.88
N ASP D 466 -16.78 18.84 -16.21
CA ASP D 466 -16.22 19.72 -15.20
C ASP D 466 -17.23 20.79 -14.81
N LEU D 467 -17.97 21.32 -15.78
CA LEU D 467 -18.95 22.35 -15.47
C LEU D 467 -20.13 21.76 -14.71
N GLY D 468 -20.54 20.53 -15.05
CA GLY D 468 -21.57 19.88 -14.30
C GLY D 468 -21.18 19.74 -12.84
N ASN D 469 -19.94 19.32 -12.59
CA ASN D 469 -19.50 19.18 -11.22
C ASN D 469 -19.24 20.53 -10.55
N ALA D 470 -18.90 21.58 -11.31
CA ALA D 470 -18.87 22.92 -10.74
C ALA D 470 -20.21 23.30 -10.12
N ALA D 471 -21.30 22.89 -10.75
CA ALA D 471 -22.63 23.21 -10.25
C ALA D 471 -22.88 22.56 -8.90
N TRP D 472 -22.30 21.38 -8.66
CA TRP D 472 -22.40 20.75 -7.35
C TRP D 472 -21.92 21.72 -6.29
N HIS D 473 -20.71 22.23 -6.44
CA HIS D 473 -20.11 23.04 -5.38
C HIS D 473 -20.81 24.36 -5.20
N TYR D 474 -21.35 24.94 -6.28
CA TYR D 474 -22.09 26.19 -6.15
C TYR D 474 -23.32 26.04 -5.26
N ASN D 475 -23.82 24.82 -5.09
CA ASN D 475 -24.94 24.61 -4.18
C ASN D 475 -24.61 24.90 -2.73
N THR D 476 -23.33 25.03 -2.36
CA THR D 476 -22.99 25.29 -0.96
C THR D 476 -23.64 26.56 -0.42
N PRO D 477 -23.40 27.74 -0.99
CA PRO D 477 -24.09 28.93 -0.43
C PRO D 477 -25.59 28.87 -0.64
N LEU D 478 -26.05 28.28 -1.74
CA LEU D 478 -27.48 28.23 -2.03
C LEU D 478 -28.20 27.42 -0.97
N CYS D 479 -27.56 26.37 -0.47
CA CYS D 479 -28.13 25.54 0.60
C CYS D 479 -27.94 26.21 1.95
N LYS D 480 -26.74 26.64 2.24
CA LYS D 480 -26.42 27.18 3.57
C LYS D 480 -27.19 28.45 3.87
N GLU D 481 -27.31 29.36 2.91
CA GLU D 481 -27.95 30.65 3.17
C GLU D 481 -29.46 30.54 3.24
N HIS D 482 -30.04 29.44 2.76
CA HIS D 482 -31.48 29.18 2.90
C HIS D 482 -31.79 28.55 4.26
N TYR D 483 -31.22 27.38 4.53
CA TYR D 483 -31.53 26.62 5.73
C TYR D 483 -30.74 27.05 6.96
N LEU D 484 -29.55 27.63 6.77
CA LEU D 484 -28.59 27.85 7.86
C LEU D 484 -28.14 26.55 8.53
N ARG D 485 -28.11 25.49 7.73
CA ARG D 485 -27.44 24.24 8.09
C ARG D 485 -27.08 23.57 6.77
N LEU D 486 -26.05 22.71 6.82
CA LEU D 486 -25.59 21.97 5.65
C LEU D 486 -25.71 20.48 5.96
N GLY D 487 -24.58 19.80 6.14
CA GLY D 487 -24.59 18.37 6.40
C GLY D 487 -23.91 18.04 7.72
N PHE D 488 -23.33 16.85 7.79
CA PHE D 488 -22.57 16.45 8.96
C PHE D 488 -21.36 17.37 9.10
N TYR D 489 -20.70 17.26 10.26
CA TYR D 489 -19.65 18.20 10.68
C TYR D 489 -18.64 18.43 9.56
N ASP D 492 -18.66 19.61 4.15
CA ASP D 492 -18.35 20.62 3.14
C ASP D 492 -16.86 20.97 2.96
N LEU D 493 -15.94 20.11 3.42
CA LEU D 493 -14.55 20.27 3.04
C LEU D 493 -14.45 20.45 1.53
N GLN D 494 -14.89 19.44 0.78
CA GLN D 494 -14.64 19.46 -0.65
C GLN D 494 -15.52 20.47 -1.35
N ASP D 495 -16.73 20.69 -0.86
CA ASP D 495 -17.63 21.64 -1.50
C ASP D 495 -17.06 23.05 -1.39
N GLN D 496 -16.64 23.45 -0.18
CA GLN D 496 -16.06 24.78 -0.03
C GLN D 496 -14.85 24.93 -0.93
N GLN D 497 -13.94 23.95 -0.88
CA GLN D 497 -12.67 24.01 -1.60
CA GLN D 497 -12.70 24.19 -1.59
C GLN D 497 -12.87 24.04 -3.11
N ASN D 498 -13.80 23.22 -3.59
CA ASN D 498 -13.93 23.04 -5.03
C ASN D 498 -14.73 24.14 -5.69
N MET D 499 -15.34 25.03 -4.91
CA MET D 499 -15.77 26.30 -5.47
C MET D 499 -14.59 27.04 -6.08
N GLY D 500 -13.38 26.85 -5.53
CA GLY D 500 -12.15 27.37 -6.09
C GLY D 500 -11.32 26.39 -6.90
N HIS D 501 -11.27 25.12 -6.50
CA HIS D 501 -10.34 24.20 -7.15
C HIS D 501 -10.80 23.75 -8.53
N THR D 502 -12.09 23.81 -8.85
CA THR D 502 -12.55 23.17 -10.08
C THR D 502 -11.78 23.66 -11.29
N TYR D 503 -11.51 24.97 -11.36
CA TYR D 503 -10.81 25.58 -12.48
C TYR D 503 -9.48 26.20 -12.08
N SER D 504 -8.89 25.67 -11.01
CA SER D 504 -7.51 25.92 -10.65
C SER D 504 -6.59 24.99 -11.44
N TYR D 505 -5.35 25.42 -11.60
CA TYR D 505 -4.31 24.55 -12.14
C TYR D 505 -3.12 24.40 -11.19
N ARG D 506 -3.28 24.73 -9.92
CA ARG D 506 -2.22 24.49 -8.95
C ARG D 506 -1.95 22.98 -8.83
N SER D 507 -0.79 22.64 -8.26
CA SER D 507 -0.22 21.30 -8.45
C SER D 507 -1.23 20.19 -8.16
N ASP D 508 -1.75 20.15 -6.93
CA ASP D 508 -2.67 19.12 -6.48
C ASP D 508 -4.10 19.61 -6.44
N GLN D 509 -4.40 20.71 -7.14
CA GLN D 509 -5.76 21.21 -7.26
C GLN D 509 -6.36 20.91 -8.62
N GLY D 510 -5.65 21.20 -9.70
CA GLY D 510 -6.21 20.99 -11.03
C GLY D 510 -6.11 19.55 -11.48
N ILE D 511 -7.16 19.08 -12.16
CA ILE D 511 -7.23 17.72 -12.71
C ILE D 511 -8.64 17.55 -13.29
N PRO D 512 -8.82 17.00 -14.50
N PRO D 512 -8.82 16.99 -14.52
CA PRO D 512 -10.16 16.85 -15.05
CA PRO D 512 -10.16 16.84 -15.05
C PRO D 512 -10.97 15.85 -14.20
C PRO D 512 -10.97 15.85 -14.20
N TYR D 513 -12.27 16.08 -14.11
CA TYR D 513 -13.11 15.20 -13.28
C TYR D 513 -12.98 13.73 -13.67
N GLU D 514 -12.82 13.43 -14.97
CA GLU D 514 -12.69 12.04 -15.41
C GLU D 514 -11.59 11.31 -14.66
N LEU D 515 -10.50 12.01 -14.32
CA LEU D 515 -9.32 11.38 -13.76
C LEU D 515 -9.12 11.67 -12.29
N LYS D 516 -9.98 12.49 -11.68
CA LYS D 516 -10.06 12.58 -10.24
C LYS D 516 -10.48 11.20 -9.73
N GLY D 517 -10.46 11.05 -8.41
CA GLY D 517 -10.88 9.83 -7.76
C GLY D 517 -10.72 9.98 -6.27
N PRO D 518 -10.81 8.87 -5.52
CA PRO D 518 -10.75 8.94 -4.05
C PRO D 518 -9.39 9.31 -3.49
N ASN D 519 -8.36 9.44 -4.32
CA ASN D 519 -7.06 9.91 -3.87
C ASN D 519 -6.83 11.38 -4.21
N TYR D 520 -7.72 12.02 -4.98
CA TYR D 520 -7.70 13.47 -5.06
C TYR D 520 -7.92 13.96 -3.63
N PRO D 521 -7.03 14.79 -3.08
CA PRO D 521 -7.03 14.95 -1.61
C PRO D 521 -8.32 15.48 -1.06
N ASP D 522 -9.01 16.34 -1.80
CA ASP D 522 -10.27 16.91 -1.35
C ASP D 522 -11.32 15.83 -1.11
N PHE D 523 -11.24 14.74 -1.86
CA PHE D 523 -12.26 13.70 -1.89
C PHE D 523 -11.92 12.51 -1.02
N ALA D 524 -10.77 12.51 -0.37
CA ALA D 524 -10.22 11.27 0.17
C ALA D 524 -10.89 10.79 1.44
N MET D 525 -11.79 11.59 2.05
CA MET D 525 -12.32 11.28 3.38
C MET D 525 -13.83 11.13 3.49
N ASN D 526 -14.63 11.79 2.66
CA ASN D 526 -16.02 12.05 3.06
C ASN D 526 -17.08 11.44 2.15
N VAL D 527 -18.14 10.97 2.79
CA VAL D 527 -19.29 10.37 2.11
C VAL D 527 -20.10 11.40 1.35
N GLY D 528 -20.97 10.89 0.48
CA GLY D 528 -22.02 11.70 -0.08
C GLY D 528 -21.67 12.52 -1.29
N HIS D 529 -20.53 12.27 -1.92
CA HIS D 529 -20.06 13.11 -3.02
C HIS D 529 -19.62 12.34 -4.26
N MET D 530 -18.63 11.44 -4.11
CA MET D 530 -17.92 10.94 -5.28
C MET D 530 -18.84 10.27 -6.29
N GLY D 531 -19.81 9.49 -5.81
CA GLY D 531 -20.72 8.83 -6.74
C GLY D 531 -21.52 9.81 -7.58
N GLY D 532 -21.89 10.95 -6.98
CA GLY D 532 -22.58 11.98 -7.75
C GLY D 532 -21.73 12.45 -8.91
N TYR D 533 -20.46 12.75 -8.64
CA TYR D 533 -19.56 13.18 -9.71
C TYR D 533 -19.45 12.12 -10.79
N ILE D 534 -19.36 10.86 -10.37
CA ILE D 534 -19.29 9.72 -11.29
C ILE D 534 -20.48 9.70 -12.22
N GLY D 535 -21.68 9.85 -11.67
CA GLY D 535 -22.86 9.88 -12.51
C GLY D 535 -22.83 11.04 -13.49
N ILE D 536 -22.44 12.21 -13.02
CA ILE D 536 -22.42 13.40 -13.84
C ILE D 536 -21.46 13.24 -15.01
N ILE D 537 -20.29 12.66 -14.75
CA ILE D 537 -19.32 12.39 -15.82
C ILE D 537 -19.93 11.47 -16.88
N ALA D 538 -20.58 10.40 -16.45
CA ALA D 538 -21.17 9.46 -17.39
C ALA D 538 -22.26 10.12 -18.23
N GLY D 539 -23.13 10.90 -17.58
CA GLY D 539 -24.23 11.53 -18.30
C GLY D 539 -23.79 12.63 -19.23
N ALA D 540 -22.77 13.39 -18.84
CA ALA D 540 -22.26 14.44 -19.71
C ALA D 540 -21.77 13.85 -21.03
N ALA D 541 -21.03 12.74 -20.95
CA ALA D 541 -20.56 12.09 -22.17
C ALA D 541 -21.72 11.54 -22.98
N HIS D 542 -22.69 10.90 -22.32
CA HIS D 542 -23.84 10.36 -23.02
C HIS D 542 -24.58 11.46 -23.77
N ALA D 543 -24.77 12.60 -23.12
CA ALA D 543 -25.57 13.69 -23.66
C ALA D 543 -24.95 14.30 -24.91
N ARG D 544 -23.63 14.31 -25.03
CA ARG D 544 -22.97 14.90 -26.19
C ARG D 544 -22.74 13.89 -27.30
N GLY D 545 -23.22 12.66 -27.15
CA GLY D 545 -23.18 11.67 -28.19
C GLY D 545 -22.07 10.64 -28.08
N ALA D 546 -21.37 10.58 -26.97
CA ALA D 546 -20.27 9.65 -26.79
C ALA D 546 -20.73 8.33 -26.19
N ALA D 547 -19.93 7.30 -26.42
CA ALA D 547 -20.21 5.95 -25.95
C ALA D 547 -19.60 5.66 -24.58
N TYR D 548 -18.78 6.57 -24.08
CA TYR D 548 -18.03 6.40 -22.84
C TYR D 548 -17.48 7.79 -22.51
N SER D 549 -16.96 7.93 -21.30
CA SER D 549 -16.44 9.22 -20.84
C SER D 549 -14.93 9.30 -20.78
N THR D 550 -14.25 8.18 -20.54
CA THR D 550 -12.88 8.21 -20.05
C THR D 550 -11.99 7.14 -20.67
N ASN D 551 -12.51 5.92 -20.85
CA ASN D 551 -11.64 4.85 -21.30
C ASN D 551 -12.49 3.83 -22.07
N PRO D 552 -12.35 3.76 -23.39
CA PRO D 552 -13.17 2.84 -24.17
C PRO D 552 -12.88 1.39 -23.85
N ILE D 553 -11.66 1.08 -23.41
CA ILE D 553 -11.29 -0.27 -23.03
C ILE D 553 -12.08 -0.72 -21.80
N ILE D 554 -12.22 0.17 -20.82
CA ILE D 554 -13.03 -0.12 -19.63
C ILE D 554 -14.50 -0.33 -20.03
N LYS D 555 -15.02 0.56 -20.87
CA LYS D 555 -16.43 0.42 -21.26
C LYS D 555 -16.69 -0.94 -21.91
N ALA D 556 -15.84 -1.33 -22.86
CA ALA D 556 -16.02 -2.61 -23.53
C ALA D 556 -15.81 -3.77 -22.57
N ALA D 557 -14.84 -3.64 -21.65
CA ALA D 557 -14.48 -4.75 -20.79
C ALA D 557 -15.59 -5.14 -19.83
N PHE D 558 -16.53 -4.23 -19.55
CA PHE D 558 -17.64 -4.55 -18.65
C PHE D 558 -18.94 -4.86 -19.39
N ALA D 559 -18.89 -5.00 -20.71
CA ALA D 559 -20.07 -5.34 -21.52
C ALA D 559 -20.08 -6.86 -21.70
N ASP D 560 -20.46 -7.54 -20.61
CA ASP D 560 -20.18 -8.96 -20.51
C ASP D 560 -21.26 -9.63 -19.68
N PRO D 561 -22.15 -10.42 -20.29
CA PRO D 561 -23.24 -11.03 -19.52
CA PRO D 561 -23.25 -11.05 -19.54
C PRO D 561 -22.79 -12.11 -18.54
N ASN D 562 -21.54 -12.56 -18.60
CA ASN D 562 -21.06 -13.54 -17.62
C ASN D 562 -20.61 -12.90 -16.32
N LEU D 563 -20.60 -11.57 -16.24
CA LEU D 563 -20.32 -10.90 -14.96
C LEU D 563 -21.38 -11.29 -13.94
N GLN D 564 -20.96 -11.40 -12.69
CA GLN D 564 -21.89 -11.82 -11.63
C GLN D 564 -22.91 -10.73 -11.34
N PHE D 565 -22.46 -9.48 -11.31
CA PHE D 565 -23.30 -8.30 -11.12
C PHE D 565 -23.72 -7.75 -12.49
N ASP D 566 -24.97 -7.31 -12.60
CA ASP D 566 -25.50 -6.73 -13.83
C ASP D 566 -25.21 -5.23 -13.85
N PHE D 567 -24.10 -4.86 -14.49
CA PHE D 567 -23.63 -3.47 -14.53
C PHE D 567 -24.56 -2.55 -15.32
N ARG D 568 -25.55 -3.09 -16.04
CA ARG D 568 -26.50 -2.25 -16.76
C ARG D 568 -27.56 -1.65 -15.86
N TYR D 569 -27.94 -2.33 -14.77
CA TYR D 569 -29.12 -1.98 -13.98
C TYR D 569 -28.78 -2.04 -12.50
N PRO D 570 -27.85 -1.21 -12.04
CA PRO D 570 -27.37 -1.37 -10.66
C PRO D 570 -28.40 -1.07 -9.59
N ARG D 571 -29.30 -0.10 -9.79
CA ARG D 571 -30.31 0.14 -8.75
C ARG D 571 -31.15 -1.10 -8.53
N ARG D 572 -31.60 -1.70 -9.63
CA ARG D 572 -32.32 -2.97 -9.59
C ARG D 572 -31.51 -4.05 -8.87
N GLU D 573 -30.24 -4.20 -9.24
CA GLU D 573 -29.42 -5.24 -8.63
C GLU D 573 -29.32 -5.06 -7.12
N PHE D 574 -29.08 -3.82 -6.67
CA PHE D 574 -29.01 -3.58 -5.23
C PHE D 574 -30.33 -3.91 -4.56
N GLY D 575 -31.45 -3.60 -5.21
CA GLY D 575 -32.75 -4.01 -4.69
C GLY D 575 -32.91 -5.52 -4.59
N ILE D 576 -32.44 -6.24 -5.61
CA ILE D 576 -32.50 -7.71 -5.60
C ILE D 576 -31.67 -8.26 -4.45
N GLY D 577 -30.50 -7.68 -4.20
CA GLY D 577 -29.74 -8.04 -3.01
C GLY D 577 -30.48 -7.71 -1.73
N GLY D 578 -31.25 -6.62 -1.73
CA GLY D 578 -32.08 -6.27 -0.58
C GLY D 578 -33.17 -7.27 -0.30
N LEU D 579 -33.67 -7.93 -1.34
CA LEU D 579 -34.63 -9.03 -1.25
C LEU D 579 -33.96 -10.35 -0.89
N ARG D 580 -32.64 -10.38 -0.74
CA ARG D 580 -31.88 -11.60 -0.50
C ARG D 580 -31.98 -12.57 -1.66
N GLN D 581 -32.13 -12.02 -2.87
CA GLN D 581 -32.32 -12.81 -4.08
C GLN D 581 -31.11 -12.75 -5.00
N PHE D 582 -30.00 -12.19 -4.54
CA PHE D 582 -28.79 -12.10 -5.35
C PHE D 582 -27.81 -13.16 -4.84
N MET D 583 -27.48 -14.14 -5.69
CA MET D 583 -26.49 -15.15 -5.33
C MET D 583 -25.11 -14.64 -5.72
N PRO D 584 -24.25 -14.28 -4.79
CA PRO D 584 -22.89 -13.85 -5.13
C PRO D 584 -22.03 -15.03 -5.51
N ALA D 585 -20.86 -14.71 -6.05
CA ALA D 585 -19.79 -15.66 -6.22
C ALA D 585 -18.92 -15.67 -4.96
N GLY D 586 -18.00 -16.62 -4.91
CA GLY D 586 -16.99 -16.64 -3.88
C GLY D 586 -17.32 -17.40 -2.62
N GLU D 587 -18.53 -17.94 -2.49
CA GLU D 587 -18.88 -18.72 -1.31
C GLU D 587 -18.20 -20.10 -1.36
N ARG D 588 -18.04 -20.69 -0.18
CA ARG D 588 -17.19 -21.87 -0.03
C ARG D 588 -18.00 -23.13 0.25
N ASP D 589 -19.26 -23.13 -0.16
CA ASP D 589 -20.17 -24.26 0.06
C ASP D 589 -19.60 -25.60 -0.34
N ALA D 590 -18.85 -25.65 -1.44
CA ALA D 590 -18.38 -26.93 -1.95
C ALA D 590 -17.47 -27.66 -0.97
N VAL D 591 -16.83 -26.94 -0.04
CA VAL D 591 -15.77 -27.53 0.77
C VAL D 591 -15.99 -27.31 2.26
N ILE D 592 -17.23 -27.05 2.65
CA ILE D 592 -17.57 -26.85 4.06
C ILE D 592 -18.72 -27.77 4.43
N PRO D 593 -18.93 -28.03 5.73
CA PRO D 593 -19.97 -28.95 6.15
C PRO D 593 -21.38 -28.45 5.79
N PRO D 594 -22.40 -29.33 5.91
CA PRO D 594 -23.80 -28.90 5.74
C PRO D 594 -24.07 -27.76 6.74
N HIS D 595 -25.03 -26.94 5.92
N HIS D 595 -24.75 -26.69 6.32
CA HIS D 595 -25.63 -25.78 6.63
CA HIS D 595 -24.93 -25.53 7.23
C HIS D 595 -26.89 -25.34 5.88
C HIS D 595 -26.27 -24.82 6.98
N ALA E 2 10.39 37.42 -12.48
CA ALA E 2 11.00 38.70 -12.12
C ALA E 2 11.06 38.81 -10.60
N TYR E 3 11.93 39.67 -10.07
CA TYR E 3 12.07 39.73 -8.63
C TYR E 3 10.84 40.37 -7.99
N LEU E 4 10.52 39.90 -6.79
CA LEU E 4 9.44 40.44 -5.96
C LEU E 4 10.03 41.62 -5.21
N THR E 5 10.01 42.79 -5.85
CA THR E 5 10.72 43.95 -5.33
C THR E 5 9.95 44.76 -4.30
N GLU E 6 8.67 44.48 -4.09
CA GLU E 6 7.91 45.31 -3.17
C GLU E 6 8.49 45.20 -1.75
N LYS E 7 8.53 46.36 -1.07
N LYS E 7 8.52 46.36 -1.08
CA LYS E 7 9.18 46.45 0.25
CA LYS E 7 9.18 46.45 0.25
C LYS E 7 8.23 46.21 1.41
C LYS E 7 8.22 46.18 1.40
N ILE E 8 8.69 45.38 2.36
CA ILE E 8 7.99 45.09 3.59
C ILE E 8 8.94 45.36 4.74
N ASP E 9 8.37 45.58 5.93
CA ASP E 9 9.15 45.63 7.17
C ASP E 9 8.89 44.34 7.94
N LEU E 10 9.95 43.80 8.53
CA LEU E 10 9.86 42.58 9.31
C LEU E 10 9.91 42.95 10.79
N TYR E 11 8.88 42.54 11.53
CA TYR E 11 8.74 42.86 12.95
C TYR E 11 8.88 41.60 13.78
N GLY E 12 9.44 41.76 14.98
CA GLY E 12 9.53 40.68 15.91
C GLY E 12 8.24 40.45 16.65
N ASP E 13 8.21 39.40 17.47
CA ASP E 13 6.97 39.05 18.16
C ASP E 13 6.65 40.00 19.31
N ASN E 14 7.57 40.90 19.66
CA ASN E 14 7.29 41.96 20.61
C ASN E 14 6.77 43.23 19.94
N GLY E 15 6.51 43.18 18.63
CA GLY E 15 5.92 44.32 17.96
C GLY E 15 6.90 45.42 17.60
N LYS E 16 8.20 45.18 17.73
CA LYS E 16 9.23 46.13 17.36
CA LYS E 16 9.23 46.13 17.36
C LYS E 16 9.89 45.67 16.06
N VAL E 17 10.28 46.64 15.23
CA VAL E 17 10.85 46.31 13.93
C VAL E 17 12.19 45.59 14.10
N LEU E 18 12.38 44.53 13.31
CA LEU E 18 13.66 43.85 13.18
C LEU E 18 14.47 44.43 12.03
N GLU E 19 13.88 44.48 10.84
CA GLU E 19 14.55 45.04 9.67
C GLU E 19 13.52 45.74 8.82
N SER E 20 13.88 46.89 8.28
CA SER E 20 13.00 47.71 7.45
CA SER E 20 12.96 47.64 7.44
C SER E 20 13.42 47.63 5.99
N ASP E 21 12.47 47.93 5.11
CA ASP E 21 12.77 48.13 3.70
CA ASP E 21 12.76 48.13 3.69
C ASP E 21 13.33 46.88 3.05
N ILE E 22 12.68 45.74 3.31
CA ILE E 22 13.11 44.44 2.83
C ILE E 22 12.29 44.09 1.59
N PRO E 23 12.92 43.79 0.43
N PRO E 23 12.91 43.80 0.43
CA PRO E 23 12.14 43.35 -0.73
CA PRO E 23 12.13 43.35 -0.72
C PRO E 23 11.57 41.96 -0.40
C PRO E 23 11.57 41.96 -0.40
N LEU E 24 10.31 41.73 -0.76
CA LEU E 24 9.67 40.44 -0.53
C LEU E 24 10.55 39.29 -1.01
N GLU E 25 11.23 39.50 -2.14
CA GLU E 25 12.14 38.49 -2.69
C GLU E 25 13.11 37.95 -1.64
N ALA E 26 13.55 38.80 -0.72
CA ALA E 26 14.61 38.44 0.21
C ALA E 26 14.18 37.51 1.34
N VAL E 27 12.88 37.28 1.56
CA VAL E 27 12.43 36.31 2.55
C VAL E 27 12.06 34.98 1.94
N THR E 28 12.07 34.86 0.60
CA THR E 28 11.58 33.66 -0.03
C THR E 28 12.56 32.50 0.18
N PRO E 29 12.06 31.27 0.20
CA PRO E 29 12.98 30.14 0.40
C PRO E 29 14.03 30.00 -0.68
N VAL E 30 13.72 30.43 -1.92
CA VAL E 30 14.69 30.31 -2.99
C VAL E 30 15.87 31.28 -2.84
N GLN E 31 15.76 32.29 -1.97
CA GLN E 31 16.81 33.28 -1.79
C GLN E 31 17.38 33.34 -0.38
N ASN E 32 16.56 33.25 0.65
CA ASN E 32 16.98 33.65 2.00
C ASN E 32 17.91 32.62 2.62
N PRO E 33 19.14 32.99 3.00
CA PRO E 33 20.06 31.97 3.51
C PRO E 33 19.60 31.29 4.80
N ALA E 34 18.90 31.99 5.69
CA ALA E 34 18.46 31.35 6.92
C ALA E 34 17.35 30.34 6.67
N VAL E 35 16.41 30.66 5.78
CA VAL E 35 15.38 29.69 5.42
C VAL E 35 16.03 28.45 4.83
N ARG E 36 17.00 28.66 3.95
CA ARG E 36 17.67 27.53 3.31
C ARG E 36 18.46 26.72 4.32
N GLU E 37 19.10 27.38 5.29
CA GLU E 37 19.82 26.66 6.33
CA GLU E 37 19.82 26.66 6.33
C GLU E 37 18.87 25.87 7.22
N LEU E 38 17.65 26.36 7.44
CA LEU E 38 16.67 25.61 8.21
C LEU E 38 16.38 24.27 7.54
N ALA E 39 16.10 24.28 6.24
CA ALA E 39 15.91 23.03 5.52
C ALA E 39 17.13 22.13 5.65
N SER E 40 18.31 22.72 5.49
CA SER E 40 19.55 21.95 5.53
C SER E 40 19.76 21.28 6.88
N ILE E 41 19.46 22.00 7.97
CA ILE E 41 19.63 21.43 9.34
CA ILE E 41 19.67 21.48 9.26
C ILE E 41 18.63 20.28 9.57
N PHE E 42 17.39 20.43 9.09
CA PHE E 42 16.43 19.33 9.21
C PHE E 42 16.93 18.10 8.45
N LYS E 43 17.48 18.34 7.25
CA LYS E 43 18.00 17.22 6.41
C LYS E 43 19.22 16.54 7.06
N ARG E 44 20.11 17.30 7.71
CA ARG E 44 21.41 16.78 8.10
C ARG E 44 21.52 16.37 9.56
N SER E 45 20.49 16.76 10.32
CA SER E 45 20.58 16.40 11.81
CA SER E 45 20.62 16.41 11.80
C SER E 45 19.76 15.15 12.23
N VAL E 46 20.37 14.39 13.10
CA VAL E 46 19.67 13.29 13.74
C VAL E 46 20.10 13.23 15.20
N ALA E 47 19.34 12.49 15.99
CA ALA E 47 19.70 12.19 17.37
C ALA E 47 19.88 10.70 17.54
N VAL E 48 20.90 10.31 18.31
CA VAL E 48 21.14 8.91 18.66
C VAL E 48 20.79 8.75 20.12
N ASN E 49 19.84 7.87 20.39
CA ASN E 49 19.41 7.61 21.78
C ASN E 49 20.23 6.45 22.34
N LEU E 50 21.39 6.79 22.89
CA LEU E 50 22.26 5.79 23.49
C LEU E 50 21.59 5.10 24.67
N GLY E 51 20.87 5.86 25.50
CA GLY E 51 20.20 5.23 26.62
C GLY E 51 19.17 4.21 26.15
N GLY E 52 18.44 4.55 25.09
CA GLY E 52 17.45 3.63 24.55
C GLY E 52 18.08 2.40 23.95
N ALA E 53 19.19 2.55 23.22
CA ALA E 53 19.85 1.40 22.64
C ALA E 53 20.41 0.49 23.73
N GLN E 54 21.00 1.07 24.75
CA GLN E 54 21.57 0.30 25.84
C GLN E 54 20.50 -0.51 26.55
N LYS E 55 19.39 0.19 26.82
CA LYS E 55 18.26 -0.50 27.48
CA LYS E 55 18.27 -0.52 27.50
C LYS E 55 17.66 -1.72 26.69
N ALA E 56 17.53 -1.47 25.37
CA ALA E 56 16.99 -2.52 24.50
C ALA E 56 17.88 -3.75 24.53
N LEU E 57 19.18 -3.56 24.38
CA LEU E 57 20.12 -4.68 24.40
C LEU E 57 20.09 -5.40 25.75
N SER E 58 20.00 -4.63 26.83
CA SER E 58 20.11 -5.21 28.16
C SER E 58 18.91 -6.06 28.51
N THR E 59 17.70 -5.56 28.22
CA THR E 59 16.48 -6.19 28.65
C THR E 59 15.81 -7.05 27.59
N GLY E 60 16.17 -6.88 26.32
CA GLY E 60 15.49 -7.56 25.25
C GLY E 60 14.24 -6.86 24.77
N HIS E 61 13.96 -5.68 25.32
CA HIS E 61 12.82 -4.87 24.83
C HIS E 61 13.28 -4.07 23.61
N TYR E 62 13.47 -4.78 22.51
CA TYR E 62 13.87 -4.18 21.24
C TYR E 62 12.66 -3.53 20.57
N ALA E 63 12.94 -2.54 19.73
CA ALA E 63 11.94 -1.94 18.85
C ALA E 63 10.73 -1.43 19.66
N ASN E 64 9.53 -1.57 19.12
CA ASN E 64 8.30 -0.97 19.65
C ASN E 64 7.28 -2.07 19.97
N GLU E 65 6.02 -1.66 20.19
CA GLU E 65 4.88 -2.58 20.30
CA GLU E 65 4.89 -2.59 20.26
C GLU E 65 5.01 -3.58 21.42
N TYR E 66 5.75 -3.25 22.47
CA TYR E 66 5.90 -4.15 23.61
C TYR E 66 6.67 -5.42 23.27
N ILE E 67 7.45 -5.38 22.18
CA ILE E 67 8.32 -6.48 21.83
C ILE E 67 9.26 -6.80 22.97
N HIS E 68 9.51 -8.09 23.16
CA HIS E 68 10.43 -8.57 24.18
C HIS E 68 10.98 -9.91 23.73
N PHE E 69 12.31 -9.97 23.53
CA PHE E 69 12.96 -11.26 23.23
C PHE E 69 13.39 -11.77 24.61
N PRO E 70 12.75 -12.83 25.15
CA PRO E 70 13.06 -13.22 26.50
C PRO E 70 14.26 -14.12 26.75
N ASP E 71 15.10 -13.67 27.68
CA ASP E 71 16.13 -14.52 28.25
C ASP E 71 15.66 -14.91 29.65
N ILE E 72 15.81 -16.19 29.96
CA ILE E 72 15.22 -16.81 31.14
C ILE E 72 16.34 -17.26 32.07
N PRO E 73 16.63 -16.51 33.13
CA PRO E 73 17.80 -16.83 33.96
C PRO E 73 17.54 -17.85 35.06
N ASN E 74 16.29 -18.29 35.22
CA ASN E 74 15.88 -19.14 36.33
C ASN E 74 15.19 -20.41 35.84
N LYS E 75 15.73 -21.01 34.77
CA LYS E 75 15.04 -22.11 34.11
C LYS E 75 14.79 -23.29 35.05
N ASP E 76 15.69 -23.53 36.00
CA ASP E 76 15.51 -24.65 36.92
C ASP E 76 14.48 -24.39 38.01
N LYS E 77 13.87 -23.20 38.05
CA LYS E 77 12.87 -22.85 39.05
C LYS E 77 11.46 -22.80 38.46
N LEU E 78 11.29 -23.17 37.20
CA LEU E 78 10.03 -22.99 36.49
C LEU E 78 9.06 -24.14 36.68
N GLY E 79 9.47 -25.24 37.30
CA GLY E 79 8.61 -26.39 37.44
C GLY E 79 8.51 -27.25 36.22
N ILE E 80 9.45 -27.10 35.29
CA ILE E 80 9.47 -27.88 34.06
C ILE E 80 10.68 -28.78 34.07
N LYS E 81 10.57 -29.86 33.31
CA LYS E 81 11.71 -30.68 32.94
C LYS E 81 12.07 -30.33 31.50
N SER E 82 13.36 -30.22 31.24
CA SER E 82 13.84 -29.93 29.89
C SER E 82 14.59 -31.12 29.30
N SER E 83 14.61 -32.24 30.00
N SER E 83 14.59 -32.22 30.02
CA SER E 83 15.23 -33.46 29.55
CA SER E 83 15.23 -33.44 29.49
C SER E 83 14.22 -34.58 29.72
C SER E 83 14.25 -34.58 29.72
N PRO E 84 14.17 -35.54 28.80
CA PRO E 84 13.27 -36.69 29.00
C PRO E 84 13.49 -37.32 30.36
N GLY E 85 12.40 -37.55 31.09
CA GLY E 85 12.47 -38.13 32.42
C GLY E 85 13.17 -37.27 33.46
N GLY E 86 13.49 -36.02 33.12
CA GLY E 86 14.30 -35.21 34.01
C GLY E 86 15.71 -35.75 34.21
N LYS E 87 16.27 -36.41 33.21
CA LYS E 87 17.61 -37.00 33.34
C LYS E 87 18.66 -35.94 33.68
N TYR E 88 18.60 -34.80 33.01
CA TYR E 88 19.56 -33.73 33.23
C TYR E 88 18.83 -32.49 33.75
N PRO E 89 19.31 -31.87 34.83
CA PRO E 89 18.59 -30.73 35.39
C PRO E 89 18.61 -29.54 34.44
N PRO E 90 17.60 -28.69 34.48
CA PRO E 90 17.55 -27.57 33.53
C PRO E 90 18.68 -26.57 33.77
N LYS E 91 19.23 -26.04 32.67
CA LYS E 91 20.29 -25.05 32.70
C LYS E 91 19.86 -23.84 31.89
N SER E 92 19.97 -22.65 32.47
CA SER E 92 19.61 -21.42 31.79
C SER E 92 20.70 -21.00 30.81
N VAL E 93 20.26 -20.33 29.74
CA VAL E 93 21.15 -19.73 28.77
C VAL E 93 20.78 -18.26 28.62
N LYS E 94 21.67 -17.48 28.01
CA LYS E 94 21.46 -16.06 27.76
CA LYS E 94 21.46 -16.06 27.76
C LYS E 94 21.88 -15.79 26.32
N VAL E 95 20.90 -15.59 25.44
CA VAL E 95 21.16 -15.62 24.01
C VAL E 95 20.60 -14.45 23.21
N ARG E 96 19.81 -13.56 23.83
CA ARG E 96 19.19 -12.45 23.09
C ARG E 96 19.56 -11.07 23.62
N THR E 97 20.37 -10.99 24.68
CA THR E 97 20.58 -9.75 25.42
C THR E 97 22.05 -9.62 25.82
N MET E 98 22.46 -8.39 26.08
CA MET E 98 23.82 -8.10 26.52
C MET E 98 23.85 -6.71 27.15
N ASP E 99 24.82 -6.50 28.04
CA ASP E 99 25.00 -5.24 28.75
CA ASP E 99 24.99 -5.23 28.72
C ASP E 99 26.22 -4.54 28.18
N LEU E 100 26.01 -3.41 27.49
CA LEU E 100 27.08 -2.57 26.97
C LEU E 100 26.97 -1.19 27.63
N PRO E 101 28.08 -0.61 28.09
CA PRO E 101 28.03 0.68 28.81
C PRO E 101 28.02 1.89 27.87
N LEU E 102 27.00 1.95 27.01
CA LEU E 102 26.99 2.97 25.95
C LEU E 102 26.92 4.37 26.54
N VAL E 103 26.03 4.59 27.52
CA VAL E 103 25.87 5.92 28.09
C VAL E 103 27.15 6.36 28.80
N ASP E 104 27.75 5.46 29.58
CA ASP E 104 28.99 5.78 30.26
CA ASP E 104 28.99 5.77 30.27
C ASP E 104 30.11 6.07 29.28
N ASP E 105 30.07 5.47 28.09
CA ASP E 105 31.11 5.63 27.08
C ASP E 105 30.73 6.65 26.01
N ALA E 106 29.75 7.51 26.28
CA ALA E 106 29.20 8.37 25.24
C ALA E 106 30.25 9.26 24.60
N ASP E 107 31.20 9.79 25.39
CA ASP E 107 32.18 10.72 24.81
C ASP E 107 33.04 10.02 23.77
N ASP E 108 33.53 8.82 24.09
CA ASP E 108 34.34 8.08 23.13
C ASP E 108 33.51 7.64 21.94
N ILE E 109 32.29 7.18 22.20
CA ILE E 109 31.38 6.80 21.11
C ILE E 109 31.16 7.98 20.16
N ALA E 110 30.97 9.18 20.71
CA ALA E 110 30.76 10.36 19.86
C ALA E 110 31.96 10.61 18.98
N ALA E 111 33.17 10.43 19.52
CA ALA E 111 34.38 10.63 18.73
C ALA E 111 34.49 9.59 17.61
N ARG E 112 34.18 8.33 17.92
CA ARG E 112 34.23 7.31 16.88
C ARG E 112 33.17 7.53 15.83
N LEU E 113 31.99 7.99 16.25
CA LEU E 113 30.92 8.27 15.29
C LEU E 113 31.32 9.39 14.36
N LYS E 114 31.84 10.49 14.93
CA LYS E 114 32.23 11.62 14.10
C LYS E 114 33.26 11.20 13.06
N GLU E 115 34.24 10.39 13.46
CA GLU E 115 35.28 9.99 12.53
CA GLU E 115 35.28 9.98 12.54
C GLU E 115 34.70 9.17 11.38
N ARG E 116 33.69 8.34 11.65
CA ARG E 116 33.07 7.57 10.58
C ARG E 116 32.22 8.44 9.64
N LEU E 117 31.57 9.46 10.17
CA LEU E 117 30.70 10.30 9.36
C LEU E 117 31.47 11.35 8.58
N GLN E 118 32.57 11.85 9.13
CA GLN E 118 33.30 12.93 8.49
C GLN E 118 33.91 12.46 7.17
N VAL E 119 33.84 13.34 6.17
CA VAL E 119 34.41 13.10 4.84
C VAL E 119 35.78 13.73 4.71
N ASN E 120 35.92 14.99 5.11
CA ASN E 120 37.21 15.69 5.11
C ASN E 120 37.34 16.48 6.39
N PRO E 121 38.56 16.71 6.87
CA PRO E 121 38.74 17.58 8.03
C PRO E 121 38.06 18.92 7.79
N ASP E 122 37.46 19.44 8.85
CA ASP E 122 36.87 20.78 8.83
CA ASP E 122 36.83 20.76 8.86
C ASP E 122 35.62 20.86 7.96
N ASP E 123 34.98 19.73 7.66
CA ASP E 123 33.84 19.74 6.74
C ASP E 123 32.52 20.11 7.42
N GLY E 124 32.53 20.33 8.73
CA GLY E 124 31.33 20.73 9.43
C GLY E 124 30.58 19.62 10.13
N THR E 125 31.05 18.37 10.02
CA THR E 125 30.46 17.27 10.78
C THR E 125 30.53 17.60 12.25
N GLU E 126 29.40 17.40 12.93
N GLU E 126 29.40 17.38 12.94
CA GLU E 126 29.34 17.67 14.39
CA GLU E 126 29.33 17.67 14.39
C GLU E 126 28.64 16.52 15.13
C GLU E 126 28.63 16.55 15.15
N VAL E 127 29.21 16.13 16.27
CA VAL E 127 28.53 15.22 17.20
C VAL E 127 28.66 15.81 18.58
N ARG E 128 27.51 16.01 19.24
CA ARG E 128 27.47 16.62 20.59
CA ARG E 128 27.51 16.63 20.58
C ARG E 128 26.82 15.66 21.59
N VAL E 129 27.49 15.43 22.72
CA VAL E 129 26.93 14.60 23.78
C VAL E 129 25.94 15.43 24.57
N MET E 130 24.74 14.91 24.77
CA MET E 130 23.68 15.59 25.51
C MET E 130 23.10 14.65 26.56
N LYS E 131 22.30 15.23 27.46
CA LYS E 131 21.59 14.45 28.48
C LYS E 131 22.54 13.52 29.24
N LYS E 132 23.70 14.06 29.59
CA LYS E 132 24.69 13.34 30.40
C LYS E 132 25.10 12.02 29.78
N GLY E 133 25.10 11.96 28.45
CA GLY E 133 25.51 10.78 27.72
C GLY E 133 24.37 9.97 27.15
N ASN E 134 23.12 10.28 27.49
CA ASN E 134 22.03 9.47 26.99
C ASN E 134 21.69 9.71 25.54
N VAL E 135 22.04 10.87 24.99
CA VAL E 135 21.66 11.23 23.63
C VAL E 135 22.85 11.91 22.95
N LEU E 136 23.07 11.58 21.68
CA LEU E 136 23.99 12.33 20.84
C LEU E 136 23.19 13.15 19.84
N TYR E 137 23.55 14.43 19.68
CA TYR E 137 23.09 15.22 18.56
C TYR E 137 24.13 15.11 17.45
N VAL E 138 23.66 14.81 16.25
CA VAL E 138 24.54 14.57 15.11
C VAL E 138 24.12 15.50 13.98
N LYS E 139 25.12 16.18 13.40
N LYS E 139 25.12 16.18 13.40
CA LYS E 139 24.87 16.93 12.15
CA LYS E 139 24.86 16.93 12.15
C LYS E 139 25.94 16.54 11.13
C LYS E 139 25.94 16.52 11.14
N ILE E 140 25.52 15.90 10.04
CA ILE E 140 26.50 15.50 9.04
C ILE E 140 26.89 16.72 8.21
N SER E 141 28.03 16.60 7.55
CA SER E 141 28.52 17.64 6.66
C SER E 141 27.63 17.81 5.43
N GLU E 142 27.71 19.00 4.86
N GLU E 142 27.71 19.00 4.86
CA GLU E 142 27.03 19.24 3.56
CA GLU E 142 27.03 19.24 3.56
C GLU E 142 27.71 18.31 2.55
C GLU E 142 27.71 18.31 2.55
N GLN E 143 29.03 18.13 2.67
CA GLN E 143 29.74 17.26 1.74
C GLN E 143 29.11 15.87 1.70
N LEU E 144 28.92 15.25 2.86
CA LEU E 144 28.28 13.95 2.88
C LEU E 144 26.84 14.03 2.40
N ALA E 145 26.08 14.98 2.94
CA ALA E 145 24.64 15.04 2.70
C ALA E 145 24.31 15.23 1.23
N ASN E 146 25.17 15.94 0.51
N ASN E 146 25.17 15.94 0.52
CA ASN E 146 24.93 16.30 -0.91
CA ASN E 146 24.91 16.30 -0.90
C ASN E 146 25.49 15.26 -1.90
C ASN E 146 25.51 15.29 -1.89
N THR E 147 25.99 14.12 -1.44
CA THR E 147 26.66 13.15 -2.32
C THR E 147 25.67 12.65 -3.36
N GLY E 148 24.47 12.26 -2.94
CA GLY E 148 23.47 11.77 -3.86
C GLY E 148 22.31 12.71 -3.96
N VAL E 149 21.10 12.19 -3.95
CA VAL E 149 19.91 13.00 -4.21
C VAL E 149 18.94 13.03 -3.04
N GLU E 150 19.13 12.23 -2.00
CA GLU E 150 18.11 12.01 -0.97
C GLU E 150 18.40 12.81 0.28
N TYR E 151 17.37 12.99 1.12
CA TYR E 151 17.54 13.70 2.38
CA TYR E 151 17.50 13.70 2.38
C TYR E 151 17.81 12.79 3.56
N THR E 152 17.84 11.48 3.36
CA THR E 152 17.93 10.50 4.43
C THR E 152 19.36 10.09 4.79
N THR E 153 20.38 10.74 4.22
CA THR E 153 21.74 10.24 4.39
C THR E 153 22.22 10.38 5.83
N ALA E 154 21.83 11.44 6.53
CA ALA E 154 22.22 11.52 7.94
C ALA E 154 21.65 10.35 8.74
N LEU E 155 20.38 10.01 8.49
CA LEU E 155 19.75 8.89 9.18
C LEU E 155 20.46 7.58 8.88
N THR E 156 20.69 7.30 7.60
CA THR E 156 21.20 5.98 7.23
C THR E 156 22.67 5.82 7.62
N THR E 157 23.50 6.85 7.40
CA THR E 157 24.91 6.74 7.76
C THR E 157 25.09 6.67 9.26
N THR E 158 24.29 7.42 10.01
CA THR E 158 24.44 7.39 11.46
C THR E 158 24.08 6.03 12.02
N ALA E 159 22.98 5.43 11.54
CA ALA E 159 22.61 4.11 12.03
C ALA E 159 23.69 3.07 11.74
N GLN E 160 24.25 3.07 10.53
CA GLN E 160 25.28 2.09 10.22
C GLN E 160 26.57 2.36 10.99
N ALA E 161 26.96 3.65 11.09
CA ALA E 161 28.17 4.00 11.80
C ALA E 161 28.08 3.62 13.27
N MET E 162 26.91 3.85 13.89
CA MET E 162 26.74 3.45 15.29
C MET E 162 26.85 1.93 15.44
N THR E 163 26.24 1.19 14.52
CA THR E 163 26.26 -0.27 14.60
C THR E 163 27.69 -0.79 14.45
N ASP E 164 28.40 -0.31 13.43
CA ASP E 164 29.78 -0.71 13.19
C ASP E 164 30.67 -0.35 14.37
N LEU E 165 30.56 0.88 14.88
CA LEU E 165 31.50 1.30 15.91
C LEU E 165 31.26 0.56 17.22
N VAL E 166 30.01 0.23 17.53
CA VAL E 166 29.74 -0.53 18.74
C VAL E 166 30.26 -1.95 18.61
N MET E 167 30.02 -2.60 17.46
CA MET E 167 30.58 -3.93 17.21
C MET E 167 32.10 -3.93 17.36
N GLU E 168 32.77 -2.90 16.86
CA GLU E 168 34.22 -2.83 16.93
C GLU E 168 34.69 -2.50 18.34
N LYS E 169 34.12 -1.48 18.95
CA LYS E 169 34.63 -0.96 20.22
C LYS E 169 34.62 -2.04 21.29
N TYR E 170 33.56 -2.83 21.35
CA TYR E 170 33.42 -3.87 22.36
C TYR E 170 33.85 -5.23 21.82
N ASP E 171 34.41 -5.28 20.62
CA ASP E 171 34.91 -6.51 19.99
C ASP E 171 33.90 -7.63 20.12
N LEU E 172 32.68 -7.36 19.70
CA LEU E 172 31.58 -8.29 19.93
C LEU E 172 31.64 -9.46 18.97
N ASP E 173 31.05 -10.57 19.40
CA ASP E 173 31.03 -11.78 18.61
C ASP E 173 29.92 -11.75 17.55
N PHE E 174 29.91 -12.79 16.71
CA PHE E 174 28.99 -12.83 15.58
C PHE E 174 27.55 -12.74 16.03
N HIS E 175 27.21 -13.34 17.18
CA HIS E 175 25.82 -13.32 17.66
C HIS E 175 25.31 -11.91 17.81
N ALA E 176 26.19 -10.97 18.13
CA ALA E 176 25.77 -9.60 18.43
C ALA E 176 25.34 -8.82 17.20
N SER E 177 25.79 -9.20 16.00
CA SER E 177 25.50 -8.39 14.82
C SER E 177 24.02 -8.06 14.66
N PRO E 178 23.10 -9.03 14.65
CA PRO E 178 21.70 -8.66 14.47
C PRO E 178 21.16 -7.83 15.61
N LEU E 179 21.63 -8.08 16.83
CA LEU E 179 21.09 -7.43 18.00
C LEU E 179 21.52 -5.98 18.09
N VAL E 180 22.82 -5.72 17.85
CA VAL E 180 23.30 -4.33 17.81
C VAL E 180 22.66 -3.59 16.64
N HIS E 181 22.53 -4.25 15.49
CA HIS E 181 21.80 -3.63 14.38
C HIS E 181 20.40 -3.22 14.84
N CYS E 182 19.69 -4.13 15.51
CA CYS E 182 18.33 -3.85 15.97
C CYS E 182 18.30 -2.70 16.97
N ALA E 183 19.32 -2.61 17.83
CA ALA E 183 19.38 -1.54 18.82
C ALA E 183 19.33 -0.16 18.17
N PHE E 184 19.91 -0.02 16.97
CA PHE E 184 19.91 1.28 16.29
C PHE E 184 18.83 1.40 15.23
N TYR E 185 18.62 0.36 14.42
CA TYR E 185 17.71 0.37 13.29
C TYR E 185 16.29 -0.08 13.64
N GLY E 186 16.07 -0.67 14.79
CA GLY E 186 14.77 -1.23 15.11
C GLY E 186 14.41 -2.37 14.18
N ARG E 187 13.25 -2.27 13.53
CA ARG E 187 12.71 -3.33 12.69
C ARG E 187 13.15 -3.22 11.23
N TYR E 188 14.02 -2.29 10.89
CA TYR E 188 14.52 -2.19 9.51
C TYR E 188 15.41 -3.41 9.23
N PRO E 189 15.27 -4.06 8.05
CA PRO E 189 14.48 -3.68 6.88
C PRO E 189 13.14 -4.39 6.72
N GLN E 190 12.67 -5.15 7.73
CA GLN E 190 11.30 -5.65 7.64
C GLN E 190 10.31 -4.51 7.53
N THR E 191 10.58 -3.41 8.23
CA THR E 191 9.89 -2.13 8.02
C THR E 191 10.78 -1.18 7.21
N TYR E 192 10.15 -0.30 6.42
CA TYR E 192 10.92 0.74 5.73
C TYR E 192 11.50 1.73 6.73
N GLU E 193 10.71 2.08 7.74
CA GLU E 193 11.17 2.92 8.82
C GLU E 193 12.22 2.20 9.65
N PHE E 194 13.04 2.98 10.36
CA PHE E 194 13.89 2.42 11.40
C PHE E 194 13.04 2.28 12.68
N MET E 195 12.02 1.43 12.57
CA MET E 195 10.88 1.47 13.49
C MET E 195 11.27 0.94 14.85
N GLY E 196 11.08 1.76 15.87
CA GLY E 196 11.48 1.39 17.21
C GLY E 196 12.97 1.44 17.45
N GLY E 197 13.74 2.02 16.52
CA GLY E 197 15.17 2.16 16.64
C GLY E 197 15.54 3.35 17.50
N ASN E 198 16.82 3.72 17.42
CA ASN E 198 17.38 4.75 18.29
C ASN E 198 18.18 5.78 17.51
N VAL E 199 17.82 5.98 16.23
CA VAL E 199 18.33 7.08 15.43
C VAL E 199 17.12 7.83 14.91
N ILE E 200 17.01 9.11 15.28
CA ILE E 200 15.79 9.90 15.14
CA ILE E 200 15.78 9.89 15.13
C ILE E 200 16.06 11.10 14.25
N SER E 201 15.19 11.32 13.26
CA SER E 201 15.20 12.51 12.42
C SER E 201 13.95 13.32 12.68
N LEU E 202 14.06 14.66 12.49
CA LEU E 202 12.87 15.51 12.50
C LEU E 202 11.94 15.21 11.32
N LEU E 203 12.49 14.67 10.24
CA LEU E 203 11.73 14.32 9.04
C LEU E 203 11.17 12.92 9.18
N ALA E 204 10.06 12.68 8.51
CA ALA E 204 9.46 11.37 8.46
C ALA E 204 10.23 10.45 7.51
N ALA E 205 9.90 9.16 7.56
CA ALA E 205 10.48 8.21 6.62
C ALA E 205 10.14 8.62 5.19
N SER E 206 11.06 8.34 4.27
CA SER E 206 10.91 8.84 2.91
C SER E 206 9.92 8.04 2.07
N CYS E 207 9.20 7.09 2.66
CA CYS E 207 8.07 6.43 2.02
C CYS E 207 6.76 7.17 2.25
N ALA E 208 6.73 8.20 3.09
CA ALA E 208 5.47 8.63 3.69
C ALA E 208 4.84 9.89 3.09
N ASN E 209 5.40 10.46 2.03
CA ASN E 209 4.82 11.67 1.45
C ASN E 209 3.43 11.41 0.87
N GLU E 210 2.61 12.46 0.91
CA GLU E 210 1.35 12.49 0.16
C GLU E 210 1.55 12.79 -1.32
N GLY E 211 2.65 13.43 -1.68
CA GLY E 211 2.96 13.74 -3.06
C GLY E 211 4.40 14.19 -3.13
N PRO E 212 4.89 14.44 -4.33
CA PRO E 212 6.27 14.92 -4.47
C PRO E 212 6.42 16.33 -3.90
N GLY E 213 7.45 16.51 -3.08
CA GLY E 213 7.72 17.79 -2.46
C GLY E 213 7.13 17.99 -1.09
N PHE E 214 6.49 16.98 -0.51
CA PHE E 214 5.81 17.10 0.78
C PHE E 214 6.69 16.84 2.00
N ALA E 215 7.98 16.53 1.85
CA ALA E 215 8.75 16.11 3.02
C ALA E 215 8.81 17.17 4.12
N MET E 216 9.01 18.43 3.77
CA MET E 216 9.05 19.50 4.77
CA MET E 216 9.05 19.48 4.80
C MET E 216 7.67 19.80 5.35
N ARG E 217 6.63 19.16 4.83
CA ARG E 217 5.30 19.29 5.37
C ARG E 217 4.94 18.18 6.32
N ASN E 218 5.71 17.09 6.35
CA ASN E 218 5.38 15.93 7.19
C ASN E 218 6.05 16.05 8.56
N ILE E 219 5.70 17.13 9.25
CA ILE E 219 6.26 17.51 10.54
C ILE E 219 5.10 17.97 11.39
N MET E 220 4.80 17.24 12.47
CA MET E 220 3.59 17.57 13.19
CA MET E 220 3.64 17.51 13.30
C MET E 220 3.75 18.88 13.96
N ALA E 221 2.61 19.55 14.14
CA ALA E 221 2.57 20.78 14.92
C ALA E 221 3.20 20.61 16.30
N ASN E 222 2.99 19.45 16.95
CA ASN E 222 3.61 19.22 18.25
C ASN E 222 5.13 19.31 18.19
N HIS E 223 5.75 18.82 17.11
CA HIS E 223 7.21 18.91 16.99
C HIS E 223 7.64 20.38 16.93
N ILE E 224 6.91 21.17 16.16
CA ILE E 224 7.21 22.59 15.97
C ILE E 224 7.08 23.34 17.28
N VAL E 225 6.00 23.07 18.01
CA VAL E 225 5.78 23.73 19.29
C VAL E 225 6.84 23.32 20.29
N ALA E 226 7.20 22.04 20.34
CA ALA E 226 8.23 21.59 21.27
C ALA E 226 9.56 22.24 20.94
N ALA E 227 9.90 22.34 19.67
CA ALA E 227 11.19 22.87 19.27
C ALA E 227 11.33 24.36 19.54
N THR E 228 10.22 25.10 19.50
CA THR E 228 10.20 26.53 19.78
C THR E 228 9.80 26.81 21.23
N ARG E 229 9.60 25.77 22.03
CA ARG E 229 9.31 25.88 23.45
C ARG E 229 8.10 26.79 23.69
N LYS E 230 7.12 26.58 22.82
CA LYS E 230 5.78 27.26 23.02
CA LYS E 230 5.82 27.24 22.99
C LYS E 230 5.72 28.81 22.88
N ARG E 231 6.81 29.40 22.33
CA ARG E 231 6.77 30.83 22.10
C ARG E 231 5.97 31.07 20.81
N THR E 232 4.72 31.49 20.98
CA THR E 232 3.69 31.43 19.95
C THR E 232 4.14 31.85 18.56
N LEU E 233 4.61 33.09 18.40
N LEU E 233 4.58 33.10 18.39
CA LEU E 233 4.92 33.55 17.02
CA LEU E 233 4.93 33.55 17.01
C LEU E 233 6.17 32.87 16.45
C LEU E 233 6.16 32.82 16.44
N GLU E 234 7.10 32.40 17.29
CA GLU E 234 8.23 31.64 16.77
C GLU E 234 7.76 30.28 16.25
N ALA E 235 6.81 29.64 16.96
CA ALA E 235 6.19 28.43 16.45
C ALA E 235 5.48 28.71 15.12
N VAL E 236 4.75 29.83 15.05
CA VAL E 236 4.11 30.22 13.80
C VAL E 236 5.14 30.40 12.70
N ALA E 237 6.24 31.09 13.00
CA ALA E 237 7.27 31.34 12.00
C ALA E 237 7.94 30.05 11.52
N LEU E 238 8.22 29.14 12.45
CA LEU E 238 8.83 27.87 12.06
C LEU E 238 7.87 27.08 11.17
N SER E 239 6.62 26.94 11.58
CA SER E 239 5.64 26.23 10.79
C SER E 239 5.46 26.88 9.42
N SER E 240 5.28 28.20 9.41
CA SER E 240 5.03 28.90 8.15
C SER E 240 6.22 28.76 7.21
N THR E 241 7.43 28.80 7.75
CA THR E 241 8.63 28.68 6.92
C THR E 241 8.81 27.27 6.38
N LEU E 242 8.54 26.25 7.21
CA LEU E 242 8.54 24.88 6.70
C LEU E 242 7.50 24.74 5.61
N GLU E 243 6.30 25.28 5.81
CA GLU E 243 5.29 25.25 4.76
C GLU E 243 5.75 25.98 3.51
N ALA E 244 6.46 27.09 3.68
CA ALA E 244 6.90 27.86 2.52
C ALA E 244 7.92 27.08 1.71
N ILE E 245 8.87 26.43 2.38
CA ILE E 245 9.82 25.56 1.71
C ILE E 245 9.08 24.43 1.01
N GLY E 246 8.15 23.79 1.72
CA GLY E 246 7.38 22.71 1.13
C GLY E 246 6.66 23.13 -0.13
N HIS E 247 6.05 24.31 -0.14
CA HIS E 247 5.33 24.75 -1.32
C HIS E 247 6.26 25.09 -2.48
N VAL E 248 7.50 25.53 -2.23
CA VAL E 248 8.47 25.58 -3.32
C VAL E 248 8.70 24.18 -3.87
N GLU E 249 8.95 23.22 -2.99
CA GLU E 249 9.27 21.87 -3.44
C GLU E 249 8.08 21.19 -4.13
N MET E 250 6.84 21.59 -3.79
CA MET E 250 5.66 21.09 -4.48
C MET E 250 5.49 21.69 -5.86
N GLY E 251 6.24 22.75 -6.18
CA GLY E 251 6.14 23.44 -7.45
C GLY E 251 5.13 24.56 -7.49
N ASP E 252 4.60 24.98 -6.34
CA ASP E 252 3.51 25.94 -6.30
C ASP E 252 3.96 27.37 -6.03
N ALA E 253 5.25 27.62 -5.89
CA ALA E 253 5.76 28.99 -5.75
C ALA E 253 6.35 29.47 -7.07
N ILE E 254 5.51 29.32 -8.10
N ILE E 254 5.51 29.32 -8.10
CA ILE E 254 5.99 29.62 -9.48
CA ILE E 254 5.94 29.51 -9.50
C ILE E 254 5.00 30.46 -10.25
C ILE E 254 5.00 30.43 -10.27
N GLY E 255 5.59 31.25 -11.14
CA GLY E 255 4.80 31.95 -12.13
C GLY E 255 3.78 32.86 -11.49
N ARG E 256 2.55 32.81 -11.99
CA ARG E 256 1.52 33.74 -11.55
C ARG E 256 1.02 33.46 -10.14
N TRP E 257 1.46 32.37 -9.51
CA TRP E 257 1.16 32.06 -8.13
C TRP E 257 2.29 32.42 -7.17
N ARG E 258 3.47 32.80 -7.66
CA ARG E 258 4.64 32.95 -6.79
C ARG E 258 4.44 34.06 -5.76
N ARG E 259 3.96 35.23 -6.19
CA ARG E 259 3.78 36.34 -5.27
C ARG E 259 2.76 36.00 -4.19
N TRP E 260 1.63 35.39 -4.59
CA TRP E 260 0.61 34.97 -3.64
C TRP E 260 1.21 34.08 -2.56
N GLN E 261 2.01 33.10 -2.98
CA GLN E 261 2.59 32.14 -2.07
C GLN E 261 3.62 32.79 -1.16
N ALA E 262 4.42 33.71 -1.70
CA ALA E 262 5.43 34.40 -0.90
C ALA E 262 4.78 35.29 0.15
N LEU E 263 3.65 35.91 -0.18
CA LEU E 263 2.97 36.80 0.75
C LEU E 263 2.30 36.04 1.89
N VAL E 264 1.81 34.82 1.65
CA VAL E 264 1.31 34.01 2.75
C VAL E 264 2.40 33.85 3.82
N HIS E 265 3.59 33.47 3.38
CA HIS E 265 4.72 33.29 4.29
C HIS E 265 5.08 34.60 5.01
N ALA E 266 5.25 35.67 4.26
CA ALA E 266 5.70 36.93 4.87
C ALA E 266 4.67 37.47 5.86
N CYS E 267 3.40 37.49 5.46
CA CYS E 267 2.38 38.16 6.26
C CYS E 267 1.91 37.29 7.42
N GLN E 268 1.66 36.01 7.18
CA GLN E 268 1.21 35.17 8.28
C GLN E 268 2.36 34.68 9.12
N GLY E 269 3.50 34.39 8.50
CA GLY E 269 4.59 33.71 9.17
C GLY E 269 5.66 34.59 9.77
N LEU E 270 5.88 35.77 9.19
CA LEU E 270 6.98 36.65 9.56
C LEU E 270 6.50 38.00 10.07
N ASN E 271 5.21 38.10 10.45
CA ASN E 271 4.69 39.33 11.05
C ASN E 271 5.05 40.54 10.20
N ALA E 272 4.95 40.41 8.88
CA ALA E 272 5.31 41.51 8.00
C ALA E 272 4.44 42.71 8.29
N ASN E 273 5.09 43.87 8.36
CA ASN E 273 4.45 45.15 8.63
C ASN E 273 3.71 45.15 9.97
N ASN E 274 4.05 44.22 10.85
CA ASN E 274 3.48 44.09 12.19
C ASN E 274 1.98 43.77 12.16
N VAL E 275 1.46 43.24 11.05
CA VAL E 275 0.01 43.07 10.94
C VAL E 275 -0.49 42.08 12.01
N VAL E 276 0.13 40.91 12.11
CA VAL E 276 -0.33 39.93 13.09
C VAL E 276 -0.33 40.51 14.49
N TYR E 277 0.79 41.13 14.87
CA TYR E 277 0.90 41.68 16.24
C TYR E 277 -0.16 42.77 16.44
N ASP E 278 -0.32 43.65 15.44
CA ASP E 278 -1.27 44.74 15.57
C ASP E 278 -2.70 44.23 15.71
N LEU E 279 -3.05 43.16 14.98
CA LEU E 279 -4.41 42.64 15.06
C LEU E 279 -4.67 42.03 16.42
N VAL E 280 -3.71 41.26 16.95
CA VAL E 280 -3.86 40.70 18.28
C VAL E 280 -3.95 41.80 19.32
N LYS E 281 -3.11 42.82 19.16
CA LYS E 281 -3.14 43.90 20.16
C LYS E 281 -4.51 44.60 20.16
N GLU E 282 -5.04 44.88 18.97
CA GLU E 282 -6.32 45.57 18.89
C GLU E 282 -7.46 44.73 19.47
N ALA E 283 -7.48 43.44 19.16
CA ALA E 283 -8.65 42.62 19.40
C ALA E 283 -8.48 41.64 20.55
N GLY E 284 -7.32 41.63 21.22
CA GLY E 284 -7.00 40.57 22.15
C GLY E 284 -7.93 40.45 23.35
N HIS E 285 -8.58 41.54 23.74
CA HIS E 285 -9.53 41.47 24.85
C HIS E 285 -10.91 41.01 24.42
N GLY E 286 -11.08 40.69 23.14
CA GLY E 286 -12.36 40.30 22.61
C GLY E 286 -12.41 38.88 22.09
N CYS E 287 -13.14 38.71 21.00
CA CYS E 287 -13.55 37.44 20.42
C CYS E 287 -13.02 37.33 19.00
N THR E 288 -13.23 36.16 18.38
CA THR E 288 -12.89 35.99 16.97
C THR E 288 -13.41 37.15 16.13
N GLY E 289 -14.65 37.56 16.38
CA GLY E 289 -15.24 38.60 15.54
C GLY E 289 -14.55 39.95 15.65
N ASP E 290 -13.95 40.24 16.81
CA ASP E 290 -13.16 41.45 16.95
C ASP E 290 -11.92 41.41 16.07
N VAL E 291 -11.37 40.22 15.84
CA VAL E 291 -10.27 40.10 14.88
C VAL E 291 -10.77 40.26 13.45
N VAL E 292 -11.98 39.79 13.16
CA VAL E 292 -12.57 40.05 11.84
C VAL E 292 -12.63 41.56 11.60
N ALA E 293 -13.16 42.30 12.56
CA ALA E 293 -13.25 43.75 12.42
C ALA E 293 -11.88 44.37 12.23
N ALA E 294 -10.90 43.93 13.02
CA ALA E 294 -9.56 44.49 12.92
C ALA E 294 -8.92 44.21 11.57
N THR E 295 -9.17 43.01 11.02
CA THR E 295 -8.57 42.61 9.76
C THR E 295 -9.13 43.43 8.61
N VAL E 296 -10.46 43.56 8.55
CA VAL E 296 -11.07 44.36 7.49
C VAL E 296 -10.64 45.81 7.62
N GLY E 297 -10.60 46.33 8.85
CA GLY E 297 -10.16 47.70 9.05
C GLY E 297 -8.73 47.92 8.58
N ARG E 298 -7.84 46.97 8.85
CA ARG E 298 -6.44 47.11 8.46
C ARG E 298 -6.29 47.02 6.94
N ALA E 299 -7.05 46.12 6.31
CA ALA E 299 -7.04 46.03 4.86
C ALA E 299 -7.51 47.33 4.23
N LEU E 300 -8.54 47.96 4.80
CA LEU E 300 -9.00 49.24 4.29
C LEU E 300 -7.96 50.33 4.52
N GLU E 301 -7.39 50.38 5.72
CA GLU E 301 -6.39 51.40 6.06
C GLU E 301 -5.22 51.35 5.09
N ASP E 302 -4.79 50.16 4.71
CA ASP E 302 -3.63 49.99 3.85
C ASP E 302 -3.98 50.00 2.37
N GLY E 303 -5.24 50.23 2.01
CA GLY E 303 -5.64 50.36 0.62
C GLY E 303 -5.76 49.05 -0.14
N ILE E 304 -5.77 47.92 0.57
CA ILE E 304 -5.83 46.59 -0.05
C ILE E 304 -7.20 46.31 -0.62
N ILE E 305 -8.25 46.82 0.01
CA ILE E 305 -9.63 46.66 -0.42
C ILE E 305 -10.29 48.03 -0.37
N SER E 306 -11.40 48.14 -1.11
N SER E 306 -11.40 48.12 -1.11
CA SER E 306 -12.22 49.37 -1.17
CA SER E 306 -12.22 49.37 -1.12
C SER E 306 -13.68 48.95 -1.35
C SER E 306 -13.67 48.98 -1.40
N VAL E 307 -14.59 49.85 -1.01
CA VAL E 307 -16.00 49.61 -1.31
C VAL E 307 -16.19 49.53 -2.82
N LYS E 308 -16.84 48.46 -3.28
CA LYS E 308 -17.17 48.26 -4.68
C LYS E 308 -18.58 48.72 -5.04
N LYS E 309 -19.54 48.29 -4.22
CA LYS E 309 -20.97 48.57 -4.50
C LYS E 309 -21.71 48.60 -3.18
N THR E 310 -22.68 49.50 -3.04
CA THR E 310 -23.57 49.51 -1.89
C THR E 310 -24.94 49.02 -2.36
N LEU E 311 -25.38 47.92 -1.77
CA LEU E 311 -26.70 47.33 -2.12
C LEU E 311 -27.79 48.19 -1.50
N PRO E 312 -29.05 48.03 -1.94
CA PRO E 312 -30.12 48.89 -1.41
C PRO E 312 -30.30 48.83 0.10
N SER E 313 -29.99 47.70 0.74
CA SER E 313 -30.09 47.60 2.18
C SER E 313 -29.04 48.42 2.91
N GLY E 314 -28.00 48.85 2.21
CA GLY E 314 -26.86 49.47 2.83
C GLY E 314 -25.66 48.56 2.96
N TYR E 315 -25.83 47.25 2.70
CA TYR E 315 -24.71 46.32 2.73
C TYR E 315 -23.74 46.66 1.61
N LYS E 316 -22.45 46.62 1.95
N LYS E 316 -22.45 46.63 1.96
CA LYS E 316 -21.40 46.99 0.98
CA LYS E 316 -21.39 46.99 0.99
C LYS E 316 -20.55 45.80 0.54
C LYS E 316 -20.57 45.78 0.54
N PHE E 317 -20.48 45.59 -0.78
CA PHE E 317 -19.49 44.65 -1.29
C PHE E 317 -18.17 45.39 -1.35
N TYR E 318 -17.10 44.73 -0.93
CA TYR E 318 -15.74 45.23 -1.07
C TYR E 318 -15.06 44.54 -2.24
N THR E 319 -14.16 45.27 -2.90
CA THR E 319 -13.31 44.74 -3.95
C THR E 319 -11.86 44.71 -3.46
N ALA E 320 -11.12 43.72 -3.97
CA ALA E 320 -9.70 43.60 -3.68
C ALA E 320 -8.92 44.40 -4.71
N ASN E 321 -8.30 45.48 -4.25
CA ASN E 321 -7.40 46.21 -5.13
C ASN E 321 -6.12 45.43 -5.37
N ASP E 322 -5.76 44.55 -4.44
CA ASP E 322 -4.59 43.69 -4.55
C ASP E 322 -5.01 42.32 -4.04
N PRO E 323 -5.51 41.45 -4.93
CA PRO E 323 -6.04 40.14 -4.48
C PRO E 323 -5.07 39.28 -3.69
N SER E 324 -3.82 39.18 -4.10
CA SER E 324 -2.87 38.36 -3.36
C SER E 324 -2.58 38.96 -1.98
N MET E 325 -2.51 40.28 -1.88
CA MET E 325 -2.31 40.91 -0.58
C MET E 325 -3.55 40.76 0.30
N TRP E 326 -4.74 40.87 -0.28
CA TRP E 326 -5.95 40.60 0.50
C TRP E 326 -5.91 39.19 1.07
N ASN E 327 -5.58 38.21 0.24
CA ASN E 327 -5.49 36.84 0.74
C ASN E 327 -4.50 36.76 1.90
N ALA E 328 -3.35 37.40 1.76
CA ALA E 328 -2.33 37.37 2.79
C ALA E 328 -2.81 38.05 4.07
N TYR E 329 -3.56 39.15 3.96
CA TYR E 329 -4.12 39.79 5.14
C TYR E 329 -5.14 38.90 5.84
N VAL E 330 -5.95 38.16 5.07
CA VAL E 330 -6.85 37.20 5.69
C VAL E 330 -6.06 36.13 6.42
N CYS E 331 -4.94 35.68 5.83
CA CYS E 331 -4.10 34.70 6.52
C CYS E 331 -3.51 35.25 7.81
N ALA E 332 -3.05 36.50 7.80
CA ALA E 332 -2.56 37.14 9.01
C ALA E 332 -3.68 37.26 10.05
N GLY E 333 -4.85 37.69 9.62
CA GLY E 333 -5.98 37.76 10.53
C GLY E 333 -6.36 36.41 11.10
N LEU E 334 -6.21 35.37 10.27
CA LEU E 334 -6.57 34.01 10.72
C LEU E 334 -5.66 33.56 11.88
N VAL E 335 -4.35 33.80 11.79
CA VAL E 335 -3.51 33.41 12.91
C VAL E 335 -3.78 34.31 14.13
N ALA E 336 -4.03 35.60 13.90
CA ALA E 336 -4.41 36.47 15.01
C ALA E 336 -5.69 36.00 15.68
N ALA E 337 -6.66 35.53 14.89
CA ALA E 337 -7.93 35.09 15.45
C ALA E 337 -7.76 33.87 16.34
N VAL E 338 -6.94 32.91 15.90
CA VAL E 338 -6.65 31.76 16.74
C VAL E 338 -5.96 32.20 18.02
N ILE E 339 -5.00 33.12 17.91
CA ILE E 339 -4.31 33.60 19.10
C ILE E 339 -5.31 34.23 20.08
N VAL E 340 -6.24 35.05 19.59
CA VAL E 340 -7.22 35.67 20.48
C VAL E 340 -8.20 34.64 21.06
N ASN E 341 -8.73 33.77 20.21
CA ASN E 341 -9.78 32.86 20.65
C ASN E 341 -9.21 31.71 21.50
N GLN E 342 -8.27 30.96 20.93
CA GLN E 342 -7.63 29.90 21.69
C GLN E 342 -6.75 30.45 22.81
N GLY E 343 -6.19 31.65 22.62
CA GLY E 343 -5.45 32.27 23.70
C GLY E 343 -6.32 32.63 24.90
N ALA E 344 -7.54 33.11 24.66
CA ALA E 344 -8.41 33.43 25.80
C ALA E 344 -8.71 32.18 26.61
N ALA E 345 -8.98 31.07 25.94
CA ALA E 345 -9.28 29.82 26.61
C ALA E 345 -8.04 29.11 27.14
N ARG E 346 -6.86 29.51 26.64
CA ARG E 346 -5.62 28.74 26.83
C ARG E 346 -5.84 27.25 26.56
N ALA E 347 -6.57 26.96 25.48
CA ALA E 347 -6.98 25.59 25.16
C ALA E 347 -7.02 25.49 23.64
N ALA E 348 -6.28 24.53 23.10
CA ALA E 348 -6.07 24.48 21.65
C ALA E 348 -7.28 24.03 20.85
N GLN E 349 -8.21 23.27 21.43
CA GLN E 349 -9.15 22.50 20.62
C GLN E 349 -9.99 23.37 19.68
N GLY E 350 -10.35 24.59 20.07
CA GLY E 350 -11.18 25.42 19.21
C GLY E 350 -10.47 25.99 18.00
N VAL E 351 -9.18 25.71 17.83
CA VAL E 351 -8.47 26.20 16.64
C VAL E 351 -9.20 25.84 15.36
N SER E 352 -9.77 24.62 15.30
CA SER E 352 -10.42 24.18 14.07
C SER E 352 -11.67 25.01 13.78
N SER E 353 -12.39 25.39 14.83
CA SER E 353 -13.57 26.23 14.70
C SER E 353 -13.18 27.63 14.28
N THR E 354 -12.13 28.19 14.86
CA THR E 354 -11.68 29.52 14.45
C THR E 354 -11.24 29.51 12.99
N LEU E 355 -10.53 28.46 12.57
CA LEU E 355 -10.11 28.36 11.18
C LEU E 355 -11.32 28.46 10.25
N LEU E 356 -12.33 27.67 10.59
CA LEU E 356 -13.60 27.77 9.76
CA LEU E 356 -13.59 27.74 9.80
C LEU E 356 -14.37 29.15 9.80
N TYR E 357 -14.61 29.58 11.05
CA TYR E 357 -15.53 30.71 11.20
C TYR E 357 -14.87 32.07 11.06
N PHE E 358 -13.57 32.21 11.32
CA PHE E 358 -12.93 33.47 10.96
C PHE E 358 -13.10 33.71 9.45
N ASN E 359 -12.83 32.69 8.65
CA ASN E 359 -12.98 32.80 7.21
C ASN E 359 -14.43 33.00 6.79
N ASP E 360 -15.38 32.28 7.39
CA ASP E 360 -16.79 32.43 7.05
C ASP E 360 -17.28 33.83 7.41
N LEU E 361 -16.89 34.33 8.58
CA LEU E 361 -17.27 35.68 8.97
C LEU E 361 -16.67 36.71 8.02
N ILE E 362 -15.41 36.54 7.63
CA ILE E 362 -14.78 37.45 6.67
C ILE E 362 -15.61 37.55 5.38
N GLU E 363 -16.03 36.42 4.83
CA GLU E 363 -16.80 36.46 3.58
C GLU E 363 -18.14 37.15 3.78
N HIS E 364 -18.86 36.82 4.86
CA HIS E 364 -20.14 37.46 5.09
C HIS E 364 -19.98 38.95 5.36
N GLU E 365 -18.85 39.35 5.94
CA GLU E 365 -18.59 40.75 6.28
C GLU E 365 -18.24 41.58 5.04
N THR E 366 -17.62 40.97 4.02
CA THR E 366 -17.02 41.74 2.95
C THR E 366 -17.52 41.43 1.55
N GLY E 367 -18.03 40.23 1.29
CA GLY E 367 -18.27 39.84 -0.08
C GLY E 367 -17.01 39.53 -0.85
N LEU E 368 -15.90 39.28 -0.16
CA LEU E 368 -14.65 38.87 -0.77
C LEU E 368 -14.31 37.43 -0.36
N PRO E 369 -13.56 36.70 -1.19
CA PRO E 369 -13.23 35.33 -0.85
C PRO E 369 -12.21 35.24 0.27
N HIS E 370 -12.36 34.20 1.08
CA HIS E 370 -11.49 33.97 2.21
C HIS E 370 -10.16 33.33 1.77
N ALA E 371 -9.33 32.99 2.75
CA ALA E 371 -8.00 32.45 2.49
C ALA E 371 -8.06 31.19 1.64
N GLY E 372 -7.34 31.20 0.53
CA GLY E 372 -7.27 30.03 -0.32
C GLY E 372 -8.53 29.74 -1.10
N TYR E 373 -9.46 30.68 -1.21
CA TYR E 373 -10.59 30.56 -2.15
C TYR E 373 -11.48 29.36 -1.86
N GLY E 374 -11.55 28.94 -0.60
CA GLY E 374 -12.25 27.72 -0.25
C GLY E 374 -11.48 26.82 0.69
N ASP E 375 -10.15 26.82 0.60
CA ASP E 375 -9.37 25.91 1.41
C ASP E 375 -9.41 26.26 2.90
N GLY E 376 -9.45 27.54 3.26
CA GLY E 376 -9.47 27.88 4.67
C GLY E 376 -10.71 27.35 5.36
N MET E 377 -11.86 27.58 4.76
CA MET E 377 -13.09 27.02 5.31
C MET E 377 -13.10 25.50 5.16
N GLY E 378 -12.67 24.98 4.02
CA GLY E 378 -12.68 23.55 3.82
C GLY E 378 -11.89 22.83 4.89
N ASN E 379 -10.66 23.32 5.17
CA ASN E 379 -9.87 22.70 6.21
C ASN E 379 -10.41 23.02 7.61
N GLY E 380 -11.04 24.18 7.80
CA GLY E 380 -11.78 24.36 9.04
C GLY E 380 -12.78 23.24 9.27
N VAL E 381 -13.50 22.89 8.21
CA VAL E 381 -14.48 21.79 8.27
C VAL E 381 -13.80 20.45 8.54
N SER E 382 -12.80 20.08 7.73
CA SER E 382 -12.21 18.75 7.85
C SER E 382 -11.49 18.61 9.19
N PHE E 383 -10.72 19.62 9.56
CA PHE E 383 -9.97 19.58 10.82
C PHE E 383 -10.90 19.58 12.02
N SER E 384 -11.98 20.34 11.98
CA SER E 384 -12.94 20.31 13.08
C SER E 384 -13.51 18.90 13.23
N PHE E 385 -14.01 18.36 12.13
CA PHE E 385 -14.58 17.01 12.11
C PHE E 385 -13.61 15.99 12.69
N PHE E 386 -12.40 15.95 12.16
CA PHE E 386 -11.43 14.93 12.51
C PHE E 386 -10.64 15.26 13.78
N SER E 387 -11.07 16.24 14.55
CA SER E 387 -10.57 16.43 15.90
C SER E 387 -11.68 16.32 16.95
N HIS E 388 -12.89 15.91 16.53
CA HIS E 388 -14.04 15.79 17.44
C HIS E 388 -14.96 14.62 17.08
N ALA E 389 -14.49 13.59 16.38
CA ALA E 389 -15.36 12.54 15.89
C ALA E 389 -14.68 11.17 16.01
N ILE E 390 -15.45 10.12 15.72
CA ILE E 390 -14.94 8.76 15.90
C ILE E 390 -14.06 8.28 14.77
N TYR E 391 -13.94 9.04 13.66
CA TYR E 391 -13.55 8.46 12.36
C TYR E 391 -12.06 8.33 12.14
N GLY E 392 -11.29 9.22 12.74
CA GLY E 392 -9.86 9.32 12.52
C GLY E 392 -9.37 10.61 13.13
N GLY E 393 -8.18 11.02 12.75
CA GLY E 393 -7.65 12.27 13.26
C GLY E 393 -7.08 12.17 14.65
N GLY E 394 -7.31 13.18 15.48
CA GLY E 394 -6.67 13.26 16.77
C GLY E 394 -6.72 14.69 17.29
N SER E 395 -5.91 14.93 18.30
CA SER E 395 -5.91 16.29 18.80
CA SER E 395 -5.67 16.23 18.93
C SER E 395 -5.06 17.20 17.91
N PRO E 396 -5.22 18.52 18.07
CA PRO E 396 -4.62 19.45 17.09
C PRO E 396 -3.15 19.20 16.80
N GLY E 397 -2.36 18.89 17.81
CA GLY E 397 -0.93 18.83 17.65
C GLY E 397 -0.41 17.68 16.80
N ILE E 398 -1.25 16.69 16.49
CA ILE E 398 -0.74 15.56 15.66
C ILE E 398 -0.90 15.83 14.17
N PHE E 399 -1.53 16.94 13.78
CA PHE E 399 -1.70 17.26 12.37
C PHE E 399 -0.43 17.92 11.81
N SER E 400 -0.35 17.94 10.49
CA SER E 400 0.81 18.46 9.76
C SER E 400 0.35 18.82 8.36
N GLY E 401 1.24 19.46 7.62
CA GLY E 401 0.96 19.75 6.22
C GLY E 401 0.88 18.52 5.33
N ASN E 402 1.36 17.37 5.80
CA ASN E 402 1.24 16.12 5.06
C ASN E 402 0.10 15.25 5.54
N HIS E 403 -0.61 15.64 6.59
CA HIS E 403 -1.73 14.83 7.05
C HIS E 403 -2.88 15.02 6.07
N ILE E 404 -3.55 13.93 5.71
CA ILE E 404 -4.63 13.99 4.75
C ILE E 404 -5.72 14.98 5.17
N VAL E 405 -5.93 15.16 6.46
CA VAL E 405 -7.02 16.04 6.92
C VAL E 405 -6.70 17.50 6.66
N THR E 406 -5.43 17.88 6.78
CA THR E 406 -5.02 19.28 6.87
C THR E 406 -4.08 19.72 5.76
N ARG E 407 -3.80 18.89 4.77
CA ARG E 407 -2.81 19.22 3.74
C ARG E 407 -3.25 20.30 2.76
N HIS E 408 -4.56 20.50 2.58
CA HIS E 408 -5.04 21.14 1.36
C HIS E 408 -4.66 22.61 1.29
N SER E 409 -4.84 23.34 2.38
CA SER E 409 -4.55 24.77 2.37
C SER E 409 -3.11 25.00 1.95
N LYS E 410 -2.92 26.00 1.11
CA LYS E 410 -1.61 26.28 0.53
C LYS E 410 -0.76 27.13 1.48
N GLY E 411 -0.48 26.56 2.64
CA GLY E 411 0.58 27.03 3.52
C GLY E 411 0.15 27.83 4.73
N PHE E 412 -1.15 28.11 4.88
CA PHE E 412 -1.63 29.05 5.90
C PHE E 412 -2.45 28.37 7.00
N ALA E 413 -2.56 27.05 6.99
CA ALA E 413 -3.32 26.33 8.02
C ALA E 413 -2.45 25.83 9.17
N ILE E 414 -1.36 25.10 8.89
CA ILE E 414 -0.60 24.50 9.99
C ILE E 414 -0.07 25.58 10.94
N PRO E 415 0.35 26.75 10.48
CA PRO E 415 0.87 27.73 11.45
C PRO E 415 -0.14 28.12 12.51
N VAL E 416 -1.44 28.09 12.20
CA VAL E 416 -2.42 28.45 13.23
C VAL E 416 -2.57 27.32 14.24
N ILE E 417 -2.35 26.08 13.81
CA ILE E 417 -2.30 24.96 14.75
C ILE E 417 -1.13 25.13 15.70
N ALA E 418 0.03 25.47 15.16
CA ALA E 418 1.20 25.73 16.00
C ALA E 418 0.91 26.83 17.02
N ALA E 419 0.22 27.89 16.61
CA ALA E 419 -0.12 28.95 17.56
C ALA E 419 -1.01 28.41 18.68
N ALA E 420 -2.06 27.69 18.32
CA ALA E 420 -3.03 27.21 19.30
C ALA E 420 -2.39 26.24 20.28
N VAL E 421 -1.58 25.32 19.78
CA VAL E 421 -0.93 24.34 20.66
C VAL E 421 0.09 25.04 21.57
N SER E 422 0.78 26.06 21.07
CA SER E 422 1.69 26.84 21.93
C SER E 422 0.95 27.45 23.12
N LEU E 423 -0.29 27.88 22.91
CA LEU E 423 -1.07 28.58 23.92
C LEU E 423 -1.78 27.65 24.88
N ASP E 424 -1.78 26.35 24.62
CA ASP E 424 -2.56 25.41 25.41
C ASP E 424 -1.92 25.18 26.78
N SER E 425 -2.77 25.11 27.81
CA SER E 425 -2.32 25.02 29.20
C SER E 425 -2.13 23.59 29.68
N GLY E 426 -2.21 22.60 28.79
CA GLY E 426 -2.09 21.20 29.17
C GLY E 426 -3.44 20.51 29.18
N THR E 427 -4.29 20.81 28.20
CA THR E 427 -5.62 20.23 28.14
C THR E 427 -5.67 18.93 27.34
N ALA E 428 -4.55 18.60 26.68
CA ALA E 428 -4.44 17.41 25.79
C ALA E 428 -3.82 16.23 26.54
N VAL E 429 -3.95 15.06 25.93
N VAL E 429 -3.97 15.05 25.95
CA VAL E 429 -3.23 13.85 26.39
CA VAL E 429 -3.20 13.86 26.41
C VAL E 429 -2.22 13.48 25.29
C VAL E 429 -2.09 13.66 25.36
N TYR E 430 -2.31 14.13 24.13
CA TYR E 430 -1.32 13.91 23.04
C TYR E 430 -0.76 15.28 22.71
N GLY E 431 -0.22 15.92 23.74
CA GLY E 431 0.42 17.25 23.65
C GLY E 431 1.87 17.09 23.25
N PRO E 432 2.59 18.22 23.08
CA PRO E 432 4.00 18.18 22.69
C PRO E 432 4.87 17.39 23.65
N GLU E 433 4.55 17.41 24.94
CA GLU E 433 5.34 16.64 25.90
C GLU E 433 5.21 15.15 25.63
N ALA E 434 4.03 14.70 25.20
CA ALA E 434 3.77 13.28 24.98
C ALA E 434 4.35 12.78 23.67
N THR E 435 4.26 13.55 22.60
CA THR E 435 4.66 13.07 21.28
C THR E 435 6.04 13.54 20.86
N SER E 436 6.57 14.60 21.49
CA SER E 436 7.69 15.33 20.92
C SER E 436 8.68 15.77 21.98
N GLY E 437 8.74 15.10 23.13
CA GLY E 437 9.60 15.54 24.21
C GLY E 437 11.07 15.54 23.84
N LEU E 438 11.56 14.42 23.29
CA LEU E 438 12.96 14.37 22.90
C LEU E 438 13.25 15.37 21.80
N VAL E 439 12.35 15.47 20.82
CA VAL E 439 12.52 16.43 19.74
C VAL E 439 12.72 17.83 20.30
N GLY E 440 11.86 18.23 21.23
CA GLY E 440 11.97 19.57 21.79
C GLY E 440 13.23 19.76 22.60
N ASP E 441 13.60 18.74 23.38
CA ASP E 441 14.77 18.86 24.25
C ASP E 441 16.07 18.92 23.45
N ILE E 442 16.16 18.16 22.36
CA ILE E 442 17.40 18.01 21.62
C ILE E 442 17.44 19.01 20.47
N PHE E 443 16.49 18.92 19.54
CA PHE E 443 16.53 19.81 18.38
C PHE E 443 16.17 21.25 18.74
N GLY E 444 15.42 21.46 19.82
CA GLY E 444 15.14 22.80 20.29
C GLY E 444 16.38 23.55 20.75
N GLU E 445 17.50 22.87 20.96
CA GLU E 445 18.74 23.57 21.29
C GLU E 445 19.35 24.28 20.08
N VAL E 446 18.90 23.90 18.88
CA VAL E 446 19.43 24.56 17.65
C VAL E 446 18.75 25.92 17.56
N ASP E 447 19.54 27.00 17.62
CA ASP E 447 18.95 28.34 17.70
C ASP E 447 18.07 28.66 16.50
N LEU E 448 18.49 28.24 15.31
CA LEU E 448 17.74 28.56 14.10
C LEU E 448 16.36 27.90 14.11
N ILE E 449 16.27 26.68 14.65
CA ILE E 449 14.99 25.99 14.75
C ILE E 449 14.12 26.63 15.82
N ARG E 450 14.70 26.91 16.98
CA ARG E 450 13.93 27.43 18.10
C ARG E 450 13.48 28.86 17.87
N ARG E 451 14.28 29.68 17.19
CA ARG E 451 14.07 31.12 17.11
C ARG E 451 14.33 31.60 15.67
N PRO E 452 13.55 31.12 14.71
CA PRO E 452 13.84 31.49 13.32
C PRO E 452 13.60 32.95 12.93
N MET E 453 12.70 33.69 13.60
CA MET E 453 12.29 35.00 13.07
C MET E 453 13.48 35.93 12.88
N GLU E 454 14.27 36.12 13.93
CA GLU E 454 15.37 37.08 13.83
CA GLU E 454 15.37 37.07 13.84
C GLU E 454 16.40 36.62 12.82
N ALA E 455 16.63 35.30 12.71
CA ALA E 455 17.61 34.81 11.75
C ALA E 455 17.16 35.09 10.33
N ILE E 456 15.89 34.85 10.04
CA ILE E 456 15.36 35.11 8.71
C ILE E 456 15.45 36.59 8.37
N ALA E 457 15.10 37.45 9.33
CA ALA E 457 15.14 38.89 9.08
C ALA E 457 16.57 39.37 8.85
N SER E 458 17.51 38.91 9.67
CA SER E 458 18.90 39.31 9.48
CA SER E 458 18.90 39.31 9.48
C SER E 458 19.42 38.83 8.14
N ALA E 459 19.09 37.61 7.74
CA ALA E 459 19.56 37.11 6.45
C ALA E 459 18.93 37.89 5.31
N ALA E 460 17.68 38.30 5.46
CA ALA E 460 17.04 39.10 4.42
C ALA E 460 17.74 40.43 4.27
N ALA E 461 18.11 41.05 5.39
CA ALA E 461 18.78 42.34 5.31
C ALA E 461 20.14 42.21 4.64
N GLU E 462 20.82 41.07 4.79
CA GLU E 462 22.12 40.90 4.16
C GLU E 462 22.03 40.88 2.64
N ILE E 463 20.92 40.39 2.08
CA ILE E 463 20.79 40.26 0.64
C ILE E 463 19.87 41.29 0.03
N LYS E 464 19.36 42.24 0.81
N LYS E 464 19.35 42.21 0.83
CA LYS E 464 18.28 43.09 0.32
CA LYS E 464 18.27 43.11 0.34
C LYS E 464 18.69 43.89 -0.90
C LYS E 464 18.66 44.02 -0.82
N ASP E 465 19.96 44.29 -0.97
CA ASP E 465 20.42 45.15 -2.10
C ASP E 465 20.61 44.38 -3.41
N LYS E 466 20.31 43.08 -3.40
N LYS E 466 20.37 43.07 -3.39
CA LYS E 466 20.49 42.27 -4.64
CA LYS E 466 20.50 42.24 -4.62
C LYS E 466 19.25 42.33 -5.52
C LYS E 466 19.30 42.45 -5.56
N PHE E 467 18.17 42.88 -4.99
CA PHE E 467 16.89 42.98 -5.73
C PHE E 467 16.37 44.40 -5.89
N VAL F 2 -11.71 52.00 15.20
CA VAL F 2 -12.04 50.57 14.91
C VAL F 2 -13.14 50.51 13.84
N TYR F 3 -13.01 49.57 12.88
CA TYR F 3 -13.98 49.42 11.76
C TYR F 3 -15.35 48.95 12.27
N GLN F 4 -16.46 49.40 11.67
CA GLN F 4 -17.79 49.01 12.15
C GLN F 4 -18.37 47.90 11.27
N ARG F 5 -18.56 46.72 11.85
CA ARG F 5 -18.99 45.57 11.08
C ARG F 5 -20.43 45.71 10.60
N GLN F 6 -20.68 45.17 9.41
CA GLN F 6 -22.02 45.01 8.86
C GLN F 6 -22.55 43.58 8.94
N PHE F 7 -21.66 42.61 9.17
CA PHE F 7 -21.97 41.21 9.48
C PHE F 7 -22.43 40.38 8.29
N LEU F 8 -23.51 40.78 7.63
CA LEU F 8 -24.07 40.01 6.52
C LEU F 8 -25.14 40.87 5.84
N PRO F 9 -25.50 40.56 4.60
CA PRO F 9 -26.56 41.34 3.94
C PRO F 9 -27.88 41.11 4.65
N ALA F 10 -28.59 42.21 4.93
CA ALA F 10 -29.82 42.15 5.70
C ALA F 10 -30.89 42.98 5.00
N ASP F 11 -31.51 42.40 3.97
CA ASP F 11 -32.47 43.10 3.13
C ASP F 11 -33.92 42.75 3.42
N ASP F 12 -34.18 41.93 4.43
CA ASP F 12 -35.54 41.48 4.72
C ASP F 12 -35.60 41.04 6.18
N ARG F 13 -36.80 40.65 6.63
CA ARG F 13 -36.98 40.31 8.04
C ARG F 13 -36.07 39.15 8.46
N VAL F 14 -36.00 38.11 7.62
CA VAL F 14 -35.23 36.92 7.93
C VAL F 14 -33.77 37.28 8.15
N THR F 15 -33.17 38.02 7.23
CA THR F 15 -31.76 38.35 7.35
C THR F 15 -31.50 39.45 8.39
N LYS F 16 -32.45 40.36 8.60
CA LYS F 16 -32.32 41.27 9.73
C LYS F 16 -32.36 40.53 11.06
N ASN F 17 -33.17 39.46 11.14
CA ASN F 17 -33.15 38.62 12.34
C ASN F 17 -31.78 37.97 12.52
N ARG F 18 -31.16 37.50 11.42
CA ARG F 18 -29.80 36.96 11.50
C ARG F 18 -28.83 38.00 12.02
N LYS F 19 -28.91 39.22 11.51
CA LYS F 19 -27.96 40.26 11.91
C LYS F 19 -28.10 40.57 13.39
N LYS F 20 -29.34 40.60 13.88
N LYS F 20 -29.34 40.60 13.88
CA LYS F 20 -29.55 40.89 15.33
CA LYS F 20 -29.55 40.89 15.33
C LYS F 20 -28.89 39.80 16.19
C LYS F 20 -28.88 39.80 16.19
N VAL F 21 -29.04 38.54 15.79
CA VAL F 21 -28.48 37.44 16.59
C VAL F 21 -26.96 37.54 16.66
N VAL F 22 -26.31 37.87 15.54
CA VAL F 22 -24.86 37.79 15.47
C VAL F 22 -24.15 39.06 15.89
N ASP F 23 -24.85 40.20 15.99
CA ASP F 23 -24.23 41.48 16.28
C ASP F 23 -24.09 41.64 17.79
N PRO F 24 -22.87 41.62 18.33
CA PRO F 24 -22.70 41.61 19.78
C PRO F 24 -23.12 42.91 20.45
N SER F 25 -23.34 43.97 19.69
CA SER F 25 -23.84 45.22 20.27
C SER F 25 -25.34 45.20 20.49
N VAL F 26 -26.05 44.18 20.03
CA VAL F 26 -27.49 44.09 20.19
C VAL F 26 -27.79 43.14 21.35
N LYS F 27 -28.44 43.67 22.39
CA LYS F 27 -28.79 42.84 23.55
C LYS F 27 -29.90 41.87 23.18
N LEU F 28 -29.69 40.60 23.53
CA LEU F 28 -30.71 39.59 23.36
C LEU F 28 -31.63 39.61 24.58
N GLU F 29 -32.92 39.80 24.35
CA GLU F 29 -33.87 40.01 25.44
C GLU F 29 -34.05 38.72 26.25
N LYS F 30 -34.06 38.87 27.57
CA LYS F 30 -34.32 37.77 28.47
C LYS F 30 -35.82 37.48 28.49
N ILE F 31 -36.21 36.24 28.25
CA ILE F 31 -37.61 35.86 28.16
C ILE F 31 -38.02 34.81 29.19
N ARG F 32 -37.07 34.30 29.98
CA ARG F 32 -37.41 33.37 31.05
C ARG F 32 -36.33 33.46 32.11
N THR F 33 -36.69 33.00 33.30
CA THR F 33 -35.81 32.97 34.44
C THR F 33 -35.61 31.50 34.84
N LEU F 34 -34.37 31.12 35.08
CA LEU F 34 -34.04 29.80 35.60
C LEU F 34 -33.28 29.94 36.91
N SER F 35 -33.70 29.17 37.92
CA SER F 35 -32.96 29.12 39.16
C SER F 35 -31.56 28.57 38.89
N ASP F 36 -30.62 28.92 39.77
CA ASP F 36 -29.27 28.41 39.58
C ASP F 36 -29.24 26.90 39.65
N LYS F 37 -30.02 26.32 40.56
CA LYS F 37 -30.08 24.86 40.67
C LYS F 37 -30.62 24.24 39.39
N ASP F 38 -31.72 24.77 38.85
CA ASP F 38 -32.31 24.21 37.63
C ASP F 38 -31.39 24.39 36.43
N PHE F 39 -30.78 25.57 36.32
CA PHE F 39 -29.85 25.87 35.24
C PHE F 39 -28.70 24.87 35.20
N LEU F 40 -28.05 24.64 36.36
CA LEU F 40 -26.95 23.70 36.40
C LEU F 40 -27.41 22.27 36.20
N THR F 41 -28.61 21.93 36.70
CA THR F 41 -29.14 20.59 36.49
C THR F 41 -29.37 20.32 35.02
N LEU F 42 -29.90 21.31 34.29
CA LEU F 42 -30.15 21.12 32.86
C LEU F 42 -28.86 20.88 32.11
N ILE F 43 -27.83 21.69 32.38
CA ILE F 43 -26.53 21.50 31.73
C ILE F 43 -25.99 20.10 32.03
N GLY F 44 -25.98 19.72 33.30
CA GLY F 44 -25.71 18.36 33.68
C GLY F 44 -24.25 18.02 33.90
N HIS F 45 -23.37 19.02 33.94
CA HIS F 45 -21.95 18.80 34.17
C HIS F 45 -21.55 18.93 35.64
N ARG F 46 -22.27 19.74 36.41
CA ARG F 46 -21.95 20.08 37.79
C ARG F 46 -23.25 20.53 38.43
N HIS F 47 -23.45 20.20 39.69
CA HIS F 47 -24.63 20.67 40.40
C HIS F 47 -24.29 21.81 41.35
N LEU F 48 -25.33 22.53 41.76
CA LEU F 48 -25.16 23.69 42.63
C LEU F 48 -24.34 23.33 43.85
N GLY F 49 -23.31 24.14 44.10
CA GLY F 49 -22.46 23.97 45.27
C GLY F 49 -21.28 23.05 45.06
N GLU F 50 -21.28 22.29 43.96
N GLU F 50 -21.29 22.29 43.95
CA GLU F 50 -20.18 21.35 43.66
CA GLU F 50 -20.16 21.35 43.67
C GLU F 50 -18.96 22.11 43.14
C GLU F 50 -18.95 22.12 43.14
N ALA F 51 -17.75 21.74 43.61
CA ALA F 51 -16.53 22.38 43.16
C ALA F 51 -16.29 22.11 41.68
N TYR F 52 -15.70 23.09 41.01
CA TYR F 52 -15.26 22.88 39.64
C TYR F 52 -14.13 21.86 39.58
N ARG F 53 -14.24 20.95 38.63
CA ARG F 53 -13.16 20.04 38.29
C ARG F 53 -12.13 20.76 37.42
N SER F 54 -10.90 20.28 37.46
CA SER F 54 -9.83 20.88 36.67
CA SER F 54 -9.81 20.87 36.70
C SER F 54 -9.24 19.85 35.72
N VAL F 55 -8.77 20.34 34.58
CA VAL F 55 -8.00 19.54 33.65
C VAL F 55 -6.50 19.83 33.78
N ASN F 56 -6.13 20.99 34.29
CA ASN F 56 -4.74 21.33 34.50
C ASN F 56 -4.66 22.27 35.70
N PRO F 57 -3.46 22.49 36.24
CA PRO F 57 -3.34 23.38 37.40
C PRO F 57 -3.70 24.80 37.04
N PRO F 58 -3.94 25.65 38.03
CA PRO F 58 -4.22 27.06 37.72
C PRO F 58 -3.14 27.64 36.83
N LEU F 59 -3.56 28.51 35.92
CA LEU F 59 -2.68 29.02 34.87
C LEU F 59 -1.41 29.62 35.46
N ALA F 60 -1.52 30.32 36.59
CA ALA F 60 -0.36 30.96 37.18
C ALA F 60 0.67 29.96 37.68
N GLU F 61 0.32 28.69 37.77
CA GLU F 61 1.22 27.67 38.29
C GLU F 61 1.89 26.82 37.22
N ILE F 62 1.51 26.97 35.94
CA ILE F 62 2.00 26.06 34.91
C ILE F 62 3.26 26.54 34.22
N GLY F 63 3.76 27.72 34.55
CA GLY F 63 5.01 28.20 33.98
C GLY F 63 4.92 28.56 32.50
N GLU F 64 3.94 29.39 32.13
CA GLU F 64 3.85 29.85 30.75
C GLU F 64 5.16 30.52 30.34
N PRO F 65 5.61 30.32 29.11
CA PRO F 65 6.87 30.94 28.67
C PRO F 65 6.70 32.43 28.49
N GLU F 66 7.82 33.14 28.58
CA GLU F 66 7.85 34.52 28.11
C GLU F 66 7.36 34.55 26.68
N ASP F 67 6.40 35.40 26.40
CA ASP F 67 5.73 35.35 25.12
C ASP F 67 4.93 36.63 24.97
N PRO F 68 5.45 37.65 24.27
CA PRO F 68 4.79 38.94 24.21
C PRO F 68 3.39 38.89 23.60
N ILE F 69 3.17 37.96 22.67
N ILE F 69 3.17 37.98 22.64
CA ILE F 69 1.85 37.86 21.98
CA ILE F 69 1.84 37.88 21.98
C ILE F 69 0.78 37.36 22.96
C ILE F 69 0.78 37.37 22.96
N ARG F 70 1.13 36.34 23.73
N ARG F 70 1.14 36.35 23.73
CA ARG F 70 0.22 35.74 24.71
CA ARG F 70 0.24 35.73 24.73
C ARG F 70 -0.14 36.84 25.71
C ARG F 70 -0.15 36.84 25.72
N GLU F 71 0.77 37.78 25.97
N GLU F 71 0.75 37.79 25.97
CA GLU F 71 0.49 38.85 26.96
CA GLU F 71 0.49 38.87 26.96
C GLU F 71 -0.73 39.68 26.55
C GLU F 71 -0.73 39.69 26.56
N LEU F 72 -0.91 39.86 25.24
CA LEU F 72 -1.95 40.72 24.69
C LEU F 72 -3.35 40.12 24.82
N VAL F 73 -3.48 38.87 25.25
CA VAL F 73 -4.74 38.14 25.26
C VAL F 73 -5.04 37.71 26.69
N PRO F 74 -5.90 38.44 27.43
N PRO F 74 -5.90 38.45 27.42
CA PRO F 74 -6.15 38.07 28.81
CA PRO F 74 -6.18 38.09 28.79
C PRO F 74 -6.96 36.78 28.87
C PRO F 74 -6.96 36.77 28.86
N PRO F 75 -6.50 35.80 29.67
CA PRO F 75 -7.26 34.57 29.85
C PRO F 75 -8.64 34.79 30.45
N THR F 76 -9.58 33.92 30.08
CA THR F 76 -10.88 33.93 30.73
C THR F 76 -10.72 33.43 32.17
N GLU F 77 -11.78 33.63 32.97
CA GLU F 77 -11.73 33.14 34.35
C GLU F 77 -11.59 31.62 34.39
N GLY F 78 -12.24 30.91 33.47
CA GLY F 78 -12.11 29.47 33.44
C GLY F 78 -10.70 29.04 33.08
N ALA F 79 -10.05 29.77 32.18
CA ALA F 79 -8.66 29.48 31.84
C ALA F 79 -7.73 29.74 33.03
N LYS F 80 -7.98 30.85 33.74
CA LYS F 80 -7.12 31.12 34.92
C LYS F 80 -7.24 29.98 35.93
N ALA F 81 -8.44 29.42 36.09
CA ALA F 81 -8.68 28.41 37.11
C ALA F 81 -8.22 27.01 36.68
N GLY F 82 -8.03 26.79 35.38
CA GLY F 82 -7.72 25.46 34.89
C GLY F 82 -8.90 24.53 34.75
N ASP F 83 -10.12 25.07 34.61
CA ASP F 83 -11.32 24.26 34.48
C ASP F 83 -11.20 23.29 33.32
N ARG F 84 -11.92 22.17 33.45
CA ARG F 84 -12.01 21.27 32.28
C ARG F 84 -12.83 22.00 31.22
N VAL F 85 -12.61 21.62 29.97
CA VAL F 85 -13.37 22.14 28.84
C VAL F 85 -14.58 21.23 28.66
N CYS F 86 -15.77 21.80 28.78
CA CYS F 86 -17.02 21.06 28.75
C CYS F 86 -17.84 21.44 27.54
N THR F 87 -18.71 20.54 27.10
CA THR F 87 -19.52 20.71 25.90
C THR F 87 -20.99 20.86 26.26
N ILE F 88 -21.67 21.80 25.61
CA ILE F 88 -23.13 21.85 25.60
C ILE F 88 -23.59 21.81 24.16
N ILE F 89 -24.72 21.14 23.94
CA ILE F 89 -25.24 20.90 22.60
C ILE F 89 -26.68 21.35 22.54
N MET F 90 -27.02 22.09 21.50
CA MET F 90 -28.40 22.47 21.22
C MET F 90 -28.74 22.13 19.78
N THR F 91 -30.04 21.97 19.56
CA THR F 91 -30.61 21.64 18.26
C THR F 91 -31.76 22.60 17.98
N ASP F 92 -31.78 23.17 16.78
CA ASP F 92 -32.86 24.05 16.32
C ASP F 92 -33.64 23.34 15.22
N SER F 93 -34.96 23.26 15.40
CA SER F 93 -35.83 22.71 14.38
C SER F 93 -35.68 23.46 13.06
N VAL F 94 -35.97 22.77 11.96
CA VAL F 94 -36.13 23.44 10.68
C VAL F 94 -37.37 24.31 10.64
N TYR F 95 -38.31 24.14 11.57
CA TYR F 95 -39.60 24.83 11.55
C TYR F 95 -39.49 26.14 12.33
N ASN F 96 -39.03 27.19 11.63
CA ASN F 96 -39.09 28.58 12.08
C ASN F 96 -38.42 28.88 13.42
N PRO F 97 -37.19 28.42 13.65
CA PRO F 97 -36.55 28.72 14.94
C PRO F 97 -36.00 30.13 14.98
N PRO F 98 -35.87 30.72 16.19
CA PRO F 98 -35.32 32.08 16.32
C PRO F 98 -33.81 32.13 16.14
N ILE F 99 -33.15 30.98 16.16
CA ILE F 99 -31.75 30.87 15.79
C ILE F 99 -31.62 29.53 15.09
N ALA F 100 -30.66 29.45 14.18
CA ALA F 100 -30.37 28.19 13.50
C ALA F 100 -28.87 27.94 13.54
N HIS F 101 -28.40 26.92 12.83
CA HIS F 101 -27.12 26.32 13.20
C HIS F 101 -25.92 27.19 12.82
N TYR F 102 -25.84 27.69 11.58
CA TYR F 102 -24.69 28.54 11.27
C TYR F 102 -24.75 29.89 11.99
N THR F 103 -25.95 30.42 12.21
CA THR F 103 -26.05 31.64 13.04
C THR F 103 -25.53 31.41 14.46
N ARG F 104 -25.65 30.20 15.00
CA ARG F 104 -25.03 29.92 16.29
C ARG F 104 -23.52 30.10 16.21
N ALA F 105 -22.87 29.50 15.22
CA ALA F 105 -21.42 29.64 15.11
C ALA F 105 -21.02 31.11 15.00
N TRP F 106 -21.70 31.85 14.12
CA TRP F 106 -21.35 33.25 13.94
C TRP F 106 -21.58 34.03 15.22
N MET F 107 -22.70 33.80 15.88
CA MET F 107 -22.98 34.45 17.15
C MET F 107 -21.94 34.11 18.20
N TYR F 108 -21.62 32.83 18.34
CA TYR F 108 -20.69 32.41 19.38
C TYR F 108 -19.35 33.10 19.20
N HIS F 109 -18.84 33.12 17.95
CA HIS F 109 -17.54 33.71 17.64
C HIS F 109 -17.56 35.23 17.76
N ASN F 110 -18.74 35.84 17.76
CA ASN F 110 -18.83 37.29 17.93
C ASN F 110 -19.12 37.70 19.38
N ARG F 111 -19.75 36.85 20.19
CA ARG F 111 -20.21 37.23 21.53
C ARG F 111 -19.44 36.60 22.68
N PHE F 112 -18.83 35.44 22.48
CA PHE F 112 -18.21 34.69 23.57
C PHE F 112 -16.70 34.55 23.32
N ARG F 113 -15.91 34.77 24.36
CA ARG F 113 -14.46 34.59 24.29
C ARG F 113 -14.06 33.14 24.55
N GLY F 114 -13.03 32.66 23.85
CA GLY F 114 -12.40 31.40 24.20
C GLY F 114 -13.23 30.17 23.92
N ILE F 115 -13.67 30.01 22.68
CA ILE F 115 -14.62 28.97 22.32
C ILE F 115 -14.04 27.93 21.36
N ASP F 116 -14.65 26.75 21.43
CA ASP F 116 -14.66 25.75 20.39
C ASP F 116 -16.12 25.50 20.05
N ASN F 117 -16.41 25.18 18.81
CA ASN F 117 -17.80 25.10 18.36
C ASN F 117 -17.87 24.36 17.03
N GLY F 118 -18.77 23.40 16.95
CA GLY F 118 -19.03 22.66 15.73
C GLY F 118 -20.46 22.81 15.27
N VAL F 119 -20.63 22.97 13.97
CA VAL F 119 -21.93 23.03 13.33
C VAL F 119 -22.19 21.76 12.56
N TYR F 120 -23.37 21.19 12.79
CA TYR F 120 -23.85 20.01 12.13
C TYR F 120 -25.28 20.28 11.69
N SER F 121 -25.84 19.43 10.82
CA SER F 121 -27.24 19.67 10.46
C SER F 121 -28.16 19.49 11.66
N GLY F 122 -27.84 18.57 12.55
CA GLY F 122 -28.75 18.15 13.58
C GLY F 122 -28.45 18.66 14.97
N ARG F 123 -27.32 19.35 15.16
CA ARG F 123 -26.93 19.87 16.47
C ARG F 123 -25.82 20.88 16.27
N VAL F 124 -25.54 21.63 17.33
CA VAL F 124 -24.40 22.55 17.39
C VAL F 124 -23.75 22.40 18.76
N THR F 125 -22.44 22.19 18.77
CA THR F 125 -21.68 22.10 20.01
C THR F 125 -21.06 23.44 20.34
N LEU F 126 -20.91 23.69 21.64
CA LEU F 126 -20.14 24.79 22.18
C LEU F 126 -19.31 24.21 23.31
N GLU F 127 -17.99 24.41 23.25
CA GLU F 127 -17.07 23.77 24.18
C GLU F 127 -16.17 24.84 24.75
N MET F 128 -16.23 25.02 26.07
CA MET F 128 -15.55 26.12 26.75
C MET F 128 -15.15 25.64 28.14
N ARG F 129 -14.17 26.31 28.73
CA ARG F 129 -13.87 26.09 30.14
C ARG F 129 -15.17 26.15 30.92
N GLU F 130 -15.31 25.24 31.88
CA GLU F 130 -16.61 24.99 32.51
C GLU F 130 -17.30 26.27 32.99
N ARG F 131 -16.63 27.09 33.80
CA ARG F 131 -17.32 28.31 34.33
C ARG F 131 -17.69 29.26 33.17
N ASP F 132 -16.83 29.32 32.14
CA ASP F 132 -17.13 30.18 31.00
C ASP F 132 -18.37 29.65 30.25
N LEU F 133 -18.48 28.33 30.13
CA LEU F 133 -19.62 27.71 29.47
C LEU F 133 -20.90 28.04 30.21
N GLU F 134 -20.86 27.99 31.55
CA GLU F 134 -22.04 28.33 32.33
C GLU F 134 -22.51 29.74 32.01
N GLU F 135 -21.58 30.70 31.96
CA GLU F 135 -21.99 32.09 31.64
C GLU F 135 -22.62 32.16 30.24
N ALA F 136 -22.05 31.45 29.27
CA ALA F 136 -22.58 31.51 27.91
C ALA F 136 -23.98 30.90 27.88
N CYS F 137 -24.20 29.82 28.63
CA CYS F 137 -25.48 29.14 28.60
C CYS F 137 -26.62 29.99 29.13
N ARG F 138 -26.34 31.00 29.97
CA ARG F 138 -27.42 31.90 30.35
C ARG F 138 -28.02 32.56 29.10
N THR F 139 -27.17 32.99 28.17
CA THR F 139 -27.68 33.54 26.92
C THR F 139 -28.39 32.48 26.09
N LEU F 140 -27.81 31.28 26.00
CA LEU F 140 -28.38 30.25 25.14
C LEU F 140 -29.74 29.78 25.63
N PHE F 141 -29.98 29.77 26.94
CA PHE F 141 -31.19 29.16 27.49
C PHE F 141 -32.27 30.17 27.86
N GLU F 142 -31.90 31.41 28.18
CA GLU F 142 -32.83 32.34 28.81
C GLU F 142 -33.31 33.45 27.90
N THR F 143 -32.70 33.64 26.75
CA THR F 143 -33.02 34.78 25.92
C THR F 143 -33.88 34.37 24.73
N GLU F 144 -34.21 35.37 23.91
N GLU F 144 -34.16 35.38 23.90
CA GLU F 144 -35.10 35.25 22.77
CA GLU F 144 -35.09 35.26 22.76
C GLU F 144 -34.60 34.28 21.72
C GLU F 144 -34.63 34.20 21.75
N ILE F 145 -33.35 33.84 21.79
CA ILE F 145 -32.86 32.79 20.87
C ILE F 145 -33.21 31.39 21.33
N CYS F 146 -33.95 31.23 22.42
CA CYS F 146 -34.38 29.91 22.87
C CYS F 146 -35.90 29.91 22.99
N ASP F 147 -36.56 29.41 21.97
CA ASP F 147 -37.94 29.01 22.08
C ASP F 147 -37.95 27.60 22.60
N ALA F 148 -38.69 27.38 23.68
CA ALA F 148 -38.66 26.07 24.39
C ALA F 148 -39.03 24.92 23.45
N SER F 149 -39.94 25.13 22.50
N SER F 149 -39.94 25.13 22.50
N SER F 149 -39.94 25.12 22.50
CA SER F 149 -40.39 24.02 21.62
CA SER F 149 -40.38 24.02 21.65
CA SER F 149 -40.37 24.00 21.64
C SER F 149 -39.47 23.79 20.42
C SER F 149 -39.55 23.83 20.35
C SER F 149 -39.48 23.79 20.41
N ARG F 150 -38.67 24.78 20.00
CA ARG F 150 -37.90 24.60 18.76
C ARG F 150 -36.39 24.62 18.92
N ASP F 151 -35.89 25.01 20.10
CA ASP F 151 -34.45 25.09 20.35
C ASP F 151 -34.21 24.36 21.65
N GLN F 152 -33.66 23.14 21.52
N GLN F 152 -33.67 23.13 21.53
CA GLN F 152 -33.58 22.26 22.72
CA GLN F 152 -33.61 22.25 22.71
C GLN F 152 -32.16 21.80 23.00
C GLN F 152 -32.18 21.79 23.01
N VAL F 153 -31.97 21.44 24.27
CA VAL F 153 -30.67 21.03 24.79
C VAL F 153 -30.61 19.50 24.81
N ARG F 154 -29.56 18.94 24.21
CA ARG F 154 -29.48 17.49 24.06
C ARG F 154 -28.07 17.07 23.71
N GLN F 155 -27.44 16.26 24.57
CA GLN F 155 -26.02 15.95 24.45
C GLN F 155 -25.72 14.81 23.48
N TYR F 156 -26.73 14.03 23.12
CA TYR F 156 -26.62 12.86 22.24
C TYR F 156 -28.03 12.35 22.00
N THR F 157 -28.15 11.43 21.05
CA THR F 157 -29.44 10.99 20.51
C THR F 157 -30.27 12.21 20.14
N CYS F 158 -29.74 12.97 19.18
CA CYS F 158 -30.17 14.34 18.92
C CYS F 158 -31.16 14.49 17.78
N THR F 159 -31.51 13.41 17.11
CA THR F 159 -32.42 13.46 15.98
C THR F 159 -33.70 14.22 16.37
N GLY F 160 -34.17 15.03 15.42
CA GLY F 160 -35.40 15.75 15.59
C GLY F 160 -35.46 17.04 14.81
N HIS F 161 -34.31 17.64 14.45
CA HIS F 161 -34.35 18.95 13.79
C HIS F 161 -35.23 18.91 12.56
N SER F 162 -35.21 17.80 11.82
CA SER F 162 -35.88 17.65 10.54
C SER F 162 -37.12 16.78 10.64
N CYS F 163 -37.45 16.26 11.81
CA CYS F 163 -38.64 15.46 11.97
C CYS F 163 -39.88 16.33 12.01
N ARG F 164 -41.01 15.73 11.67
CA ARG F 164 -42.27 16.41 11.80
C ARG F 164 -42.50 16.79 13.26
N LEU F 165 -43.18 17.90 13.48
CA LEU F 165 -43.52 18.34 14.82
C LEU F 165 -44.55 17.40 15.42
N ASP F 166 -44.48 17.26 16.73
CA ASP F 166 -45.45 16.42 17.43
C ASP F 166 -46.80 17.15 17.52
N PRO F 167 -47.83 16.50 18.05
CA PRO F 167 -49.16 17.12 18.02
C PRO F 167 -49.27 18.43 18.76
N ASP F 168 -48.35 18.72 19.67
CA ASP F 168 -48.33 19.98 20.40
C ASP F 168 -47.39 21.01 19.78
N GLY F 169 -46.82 20.72 18.62
CA GLY F 169 -45.88 21.64 18.02
C GLY F 169 -44.47 21.54 18.57
N MET F 170 -44.17 20.49 19.31
CA MET F 170 -42.85 20.35 19.88
CA MET F 170 -42.86 20.28 19.92
C MET F 170 -41.96 19.48 19.00
N MET F 171 -40.69 19.84 18.95
CA MET F 171 -39.71 19.04 18.24
C MET F 171 -39.48 17.71 18.97
N PHE F 172 -39.39 16.64 18.18
CA PHE F 172 -39.10 15.29 18.64
C PHE F 172 -37.78 15.21 19.39
N ASP F 173 -37.80 14.41 20.46
CA ASP F 173 -36.59 14.03 21.18
C ASP F 173 -36.67 12.54 21.45
N PRO F 174 -35.80 11.72 20.86
CA PRO F 174 -35.86 10.28 21.14
C PRO F 174 -35.85 9.92 22.62
N ILE F 175 -35.09 10.67 23.43
CA ILE F 175 -34.95 10.40 24.86
C ILE F 175 -36.03 11.08 25.68
N GLU F 176 -36.85 11.94 25.07
CA GLU F 176 -37.95 12.64 25.72
CA GLU F 176 -37.95 12.57 25.78
C GLU F 176 -37.47 13.42 26.95
N ARG F 177 -36.39 14.19 26.76
CA ARG F 177 -35.95 15.08 27.85
C ARG F 177 -36.97 16.23 28.01
N CYS F 178 -37.65 16.64 26.95
N CYS F 178 -37.29 16.83 26.85
CA CYS F 178 -38.73 17.61 27.13
CA CYS F 178 -38.22 17.97 26.66
C CYS F 178 -40.10 17.00 26.98
C CYS F 178 -39.65 17.47 26.36
N ILE F 179 -41.05 17.59 27.71
N ILE F 179 -40.66 17.93 27.14
CA ILE F 179 -42.48 17.20 27.61
CA ILE F 179 -42.10 17.50 27.05
C ILE F 179 -43.32 18.47 27.73
C ILE F 179 -43.07 18.68 27.32
N MET F 180 -44.47 18.49 27.09
N MET F 180 -44.35 18.53 26.99
CA MET F 180 -45.36 19.67 27.22
CA MET F 180 -45.32 19.62 27.22
C MET F 180 -46.34 19.35 28.36
C MET F 180 -46.07 19.24 28.50
N SER F 181 -46.38 20.22 29.35
CA SER F 181 -47.10 19.96 30.61
C SER F 181 -47.88 21.23 30.94
N GLY F 182 -49.21 21.13 30.93
CA GLY F 182 -50.00 22.31 31.24
C GLY F 182 -49.70 23.51 30.38
N GLY F 183 -49.37 23.28 29.11
CA GLY F 183 -49.05 24.37 28.21
C GLY F 183 -47.62 24.86 28.28
N ASN F 184 -46.84 24.41 29.26
CA ASN F 184 -45.44 24.76 29.40
C ASN F 184 -44.56 23.65 28.86
N VAL F 185 -43.40 24.04 28.34
CA VAL F 185 -42.35 23.09 28.03
C VAL F 185 -41.54 22.88 29.31
N VAL F 186 -41.34 21.61 29.66
N VAL F 186 -41.34 21.61 29.66
CA VAL F 186 -40.53 21.32 30.87
CA VAL F 186 -40.53 21.31 30.87
C VAL F 186 -39.54 20.17 30.58
C VAL F 186 -39.54 20.17 30.58
N TYR F 187 -38.29 20.36 31.02
CA TYR F 187 -37.29 19.29 30.94
C TYR F 187 -37.55 18.34 32.11
N GLN F 188 -38.01 17.13 31.78
CA GLN F 188 -38.18 16.07 32.78
C GLN F 188 -36.93 15.22 32.93
N LYS F 189 -35.93 15.44 32.09
CA LYS F 189 -34.61 14.82 32.21
C LYS F 189 -33.61 15.90 31.86
N ASP F 190 -32.37 15.72 32.28
CA ASP F 190 -31.33 16.70 31.95
C ASP F 190 -30.85 16.50 30.51
N SER F 191 -29.87 17.31 30.11
CA SER F 191 -29.40 17.28 28.72
C SER F 191 -28.82 15.93 28.36
N PHE F 192 -28.33 15.18 29.34
CA PHE F 192 -27.77 13.86 29.20
C PHE F 192 -28.83 12.75 29.27
N GLY F 193 -30.09 13.11 29.43
CA GLY F 193 -31.13 12.11 29.54
C GLY F 193 -31.24 11.48 30.91
N ASN F 194 -30.59 12.07 31.91
CA ASN F 194 -30.60 11.53 33.29
C ASN F 194 -31.78 12.06 34.07
N PRO F 195 -32.15 11.36 35.17
CA PRO F 195 -33.25 11.80 36.00
C PRO F 195 -32.96 13.14 36.68
N VAL F 196 -34.01 13.95 36.81
CA VAL F 196 -33.91 15.18 37.57
C VAL F 196 -34.88 15.11 38.73
N ASP F 197 -34.48 15.71 39.85
CA ASP F 197 -35.31 15.65 41.06
CA ASP F 197 -35.31 15.65 41.06
C ASP F 197 -36.66 16.33 40.84
N THR F 198 -36.66 17.47 40.13
CA THR F 198 -37.89 18.18 39.80
C THR F 198 -37.77 18.70 38.37
N PRO F 199 -38.84 18.67 37.58
CA PRO F 199 -38.73 19.12 36.18
C PRO F 199 -38.40 20.60 36.10
N ILE F 200 -37.72 20.98 35.03
CA ILE F 200 -37.26 22.34 34.81
C ILE F 200 -38.23 23.03 33.87
N ASN F 201 -38.99 23.97 34.43
N ASN F 201 -39.00 23.97 34.43
CA ASN F 201 -40.02 24.67 33.64
CA ASN F 201 -40.03 24.67 33.63
C ASN F 201 -39.39 25.75 32.76
C ASN F 201 -39.38 25.74 32.77
N MET F 202 -39.58 25.64 31.45
CA MET F 202 -39.13 26.64 30.49
C MET F 202 -40.21 27.63 30.12
N GLY F 203 -41.43 27.43 30.59
CA GLY F 203 -42.50 28.34 30.24
C GLY F 203 -43.13 28.01 28.90
N LYS F 204 -43.89 28.98 28.43
CA LYS F 204 -44.70 28.75 27.21
C LYS F 204 -43.88 28.85 25.95
N PRO F 205 -44.19 28.02 24.95
CA PRO F 205 -43.61 28.21 23.62
C PRO F 205 -44.33 29.33 22.87
N LEU F 206 -43.66 29.85 21.84
CA LEU F 206 -44.26 30.83 20.95
C LEU F 206 -45.18 30.15 19.94
N SER F 207 -46.19 30.89 19.49
CA SER F 207 -47.07 30.42 18.42
C SER F 207 -46.34 30.47 17.09
N GLU F 208 -46.93 29.81 16.07
CA GLU F 208 -46.24 29.75 14.78
C GLU F 208 -46.06 31.13 14.17
N GLU F 209 -47.07 32.01 14.24
CA GLU F 209 -46.88 33.32 13.64
C GLU F 209 -45.81 34.13 14.38
N GLU F 210 -45.71 33.97 15.70
N GLU F 210 -45.71 33.97 15.70
CA GLU F 210 -44.64 34.66 16.48
CA GLU F 210 -44.64 34.66 16.48
C GLU F 210 -43.26 34.08 16.09
C GLU F 210 -43.26 34.09 16.07
N LEU F 211 -43.18 32.76 15.93
CA LEU F 211 -41.91 32.17 15.50
C LEU F 211 -41.53 32.71 14.13
N ILE F 212 -42.50 32.81 13.22
CA ILE F 212 -42.17 33.27 11.88
C ILE F 212 -41.67 34.71 11.91
N GLU F 213 -42.24 35.53 12.76
N GLU F 213 -42.25 35.53 12.76
CA GLU F 213 -41.80 36.95 12.82
CA GLU F 213 -41.79 36.94 12.81
C GLU F 213 -40.31 36.98 13.20
C GLU F 213 -40.31 36.97 13.20
N ARG F 214 -39.88 36.08 14.11
N ARG F 214 -39.89 36.08 14.10
CA ARG F 214 -38.49 36.10 14.65
CA ARG F 214 -38.49 36.10 14.65
C ARG F 214 -37.53 35.08 14.01
C ARG F 214 -37.54 35.08 14.01
N THR F 215 -37.93 34.37 12.96
CA THR F 215 -37.10 33.28 12.50
C THR F 215 -35.97 33.78 11.61
N VAL F 216 -34.86 33.03 11.64
CA VAL F 216 -33.69 33.28 10.80
C VAL F 216 -33.64 32.40 9.56
N VAL F 217 -34.53 31.43 9.42
CA VAL F 217 -34.48 30.50 8.28
C VAL F 217 -35.43 30.99 7.20
N TYR F 218 -35.04 30.78 5.94
CA TYR F 218 -35.97 30.90 4.83
C TYR F 218 -36.73 29.58 4.70
N ARG F 219 -38.01 29.66 4.34
CA ARG F 219 -38.83 28.48 4.10
C ARG F 219 -39.78 28.75 2.94
N THR F 220 -39.79 27.83 1.98
CA THR F 220 -40.61 28.00 0.78
C THR F 220 -42.10 27.92 1.09
N ASP F 221 -42.48 27.03 2.02
CA ASP F 221 -43.89 26.75 2.24
C ASP F 221 -44.63 27.96 2.78
N ARG F 222 -43.96 28.79 3.57
CA ARG F 222 -44.61 29.97 4.13
C ARG F 222 -44.52 31.16 3.20
N GLY F 223 -43.89 31.00 2.04
CA GLY F 223 -43.79 32.06 1.06
C GLY F 223 -42.50 32.86 1.09
N GLU F 224 -41.48 32.39 1.80
CA GLU F 224 -40.23 33.12 1.95
C GLU F 224 -39.04 32.21 1.67
N PRO F 225 -38.91 31.70 0.45
CA PRO F 225 -37.71 30.95 0.08
C PRO F 225 -36.55 31.90 -0.13
N MET F 226 -35.32 31.39 0.02
CA MET F 226 -34.18 32.22 -0.36
C MET F 226 -34.26 32.59 -1.84
N THR F 227 -34.58 31.61 -2.69
CA THR F 227 -34.64 31.75 -4.14
C THR F 227 -36.11 31.68 -4.54
N ARG F 228 -36.62 32.80 -5.05
CA ARG F 228 -38.03 32.81 -5.50
C ARG F 228 -38.11 32.25 -6.91
N GLU F 229 -39.33 31.90 -7.32
N GLU F 229 -39.34 31.98 -7.36
CA GLU F 229 -39.49 31.50 -8.74
CA GLU F 229 -39.53 31.34 -8.69
C GLU F 229 -39.16 32.77 -9.54
C GLU F 229 -38.91 32.20 -9.80
N GLY F 230 -38.43 32.67 -10.64
N GLY F 230 -38.97 33.53 -9.69
CA GLY F 230 -38.11 33.92 -11.34
CA GLY F 230 -38.43 34.33 -10.80
C GLY F 230 -36.84 34.58 -10.83
C GLY F 230 -37.01 34.80 -10.53
N ASP F 231 -36.20 34.02 -9.79
CA ASP F 231 -34.88 34.57 -9.39
C ASP F 231 -33.78 33.84 -10.18
N PRO F 232 -33.85 32.53 -10.49
CA PRO F 232 -32.72 31.88 -11.17
C PRO F 232 -32.34 32.57 -12.47
N GLY F 233 -31.05 32.92 -12.57
CA GLY F 233 -30.51 33.63 -13.70
C GLY F 233 -30.92 35.08 -13.86
N ALA F 234 -31.83 35.61 -13.02
CA ALA F 234 -32.25 36.99 -13.15
C ALA F 234 -31.11 37.92 -12.71
N PRO F 235 -31.10 39.18 -13.16
CA PRO F 235 -30.05 40.09 -12.72
C PRO F 235 -30.02 40.24 -11.20
N ASP F 236 -28.84 40.56 -10.67
CA ASP F 236 -28.68 40.73 -9.23
C ASP F 236 -29.73 41.66 -8.65
N GLU F 237 -30.04 42.75 -9.34
CA GLU F 237 -30.95 43.75 -8.78
C GLU F 237 -32.36 43.21 -8.60
N GLU F 238 -32.68 42.06 -9.19
CA GLU F 238 -33.99 41.45 -9.12
C GLU F 238 -34.06 40.26 -8.17
N VAL F 239 -32.98 39.97 -7.42
CA VAL F 239 -32.97 38.82 -6.52
C VAL F 239 -32.62 39.28 -5.10
N ARG F 240 -32.78 38.37 -4.14
CA ARG F 240 -32.47 38.71 -2.76
C ARG F 240 -30.99 39.01 -2.58
N GLU F 241 -30.67 39.85 -1.61
CA GLU F 241 -29.27 40.16 -1.38
C GLU F 241 -28.46 38.93 -0.97
N ALA F 242 -29.07 37.95 -0.29
CA ALA F 242 -28.31 36.74 0.04
C ALA F 242 -27.89 35.98 -1.21
N LEU F 243 -28.71 36.02 -2.27
CA LEU F 243 -28.35 35.37 -3.53
C LEU F 243 -27.32 36.19 -4.29
N GLN F 244 -27.46 37.53 -4.26
CA GLN F 244 -26.42 38.38 -4.84
C GLN F 244 -25.06 38.09 -4.20
N TRP F 245 -25.05 37.96 -2.88
CA TRP F 245 -23.83 37.65 -2.15
C TRP F 245 -23.29 36.28 -2.55
N SER F 246 -24.18 35.28 -2.62
CA SER F 246 -23.77 33.91 -2.96
C SER F 246 -23.13 33.86 -4.33
N ARG F 247 -23.75 34.52 -5.32
CA ARG F 247 -23.20 34.58 -6.66
C ARG F 247 -21.81 35.21 -6.65
N ARG F 248 -21.65 36.31 -5.91
CA ARG F 248 -20.36 37.00 -5.88
C ARG F 248 -19.28 36.09 -5.31
N ILE F 249 -19.56 35.43 -4.19
CA ILE F 249 -18.56 34.54 -3.59
C ILE F 249 -18.15 33.45 -4.57
N GLN F 250 -19.11 32.87 -5.29
CA GLN F 250 -18.77 31.82 -6.25
C GLN F 250 -17.89 32.37 -7.38
N TRP F 251 -18.29 33.50 -7.97
CA TRP F 251 -17.49 34.07 -9.05
C TRP F 251 -16.07 34.36 -8.58
N LEU F 252 -15.93 34.95 -7.38
CA LEU F 252 -14.60 35.36 -6.95
C LEU F 252 -13.74 34.20 -6.49
N ARG F 253 -14.33 33.17 -5.87
CA ARG F 253 -13.55 31.98 -5.58
C ARG F 253 -13.09 31.30 -6.86
N MET F 254 -13.96 31.23 -7.87
CA MET F 254 -13.59 30.55 -9.11
C MET F 254 -12.50 31.30 -9.84
N LEU F 255 -12.69 32.60 -10.02
CA LEU F 255 -11.73 33.36 -10.80
C LEU F 255 -10.43 33.54 -10.02
N GLY F 256 -10.52 33.83 -8.72
CA GLY F 256 -9.33 34.06 -7.94
C GLY F 256 -8.45 32.81 -7.83
N ASN F 257 -9.07 31.64 -7.74
CA ASN F 257 -8.31 30.39 -7.67
C ASN F 257 -7.84 29.94 -9.05
N MET F 258 -8.33 30.57 -10.12
CA MET F 258 -7.73 30.38 -11.44
C MET F 258 -6.44 31.18 -11.56
N VAL F 259 -6.52 32.50 -11.38
CA VAL F 259 -5.33 33.36 -11.25
C VAL F 259 -5.72 34.49 -10.31
N PRO F 260 -5.01 34.73 -9.20
CA PRO F 260 -5.52 35.71 -8.22
C PRO F 260 -5.80 37.08 -8.81
N ASP F 261 -4.93 37.55 -9.69
CA ASP F 261 -5.09 38.88 -10.27
C ASP F 261 -6.39 39.04 -11.04
N LYS F 262 -7.02 37.94 -11.46
CA LYS F 262 -8.26 38.05 -12.22
C LYS F 262 -9.37 38.74 -11.45
N ILE F 263 -9.35 38.75 -10.11
CA ILE F 263 -10.41 39.39 -9.36
C ILE F 263 -10.07 40.81 -8.93
N LYS F 264 -8.95 41.35 -9.42
CA LYS F 264 -8.59 42.73 -9.03
C LYS F 264 -9.69 43.68 -9.51
N GLY F 265 -10.23 44.47 -8.59
CA GLY F 265 -11.23 45.46 -8.92
C GLY F 265 -12.61 44.91 -9.17
N MET F 266 -12.81 43.60 -9.05
N MET F 266 -12.81 43.61 -9.03
CA MET F 266 -14.13 42.99 -9.31
CA MET F 266 -14.13 42.99 -9.30
C MET F 266 -15.06 43.01 -8.07
C MET F 266 -15.06 43.00 -8.08
#